data_5EJ9
#
_entry.id   5EJ9
#
_cell.length_a   90.720
_cell.length_b   90.720
_cell.length_c   169.470
_cell.angle_alpha   76.06
_cell.angle_beta   83.35
_cell.angle_gamma   64.38
#
_symmetry.space_group_name_H-M   'P 1'
#
loop_
_entity.id
_entity.type
_entity.pdbx_description
1 polymer '2-succinyl-5-enolpyruvyl-6-hydroxy-3-cyclohexene-1-carboxylate synthase'
2 non-polymer 'THIAMINE DIPHOSPHATE'
3 non-polymer 'MANGANESE (II) ION'
4 non-polymer GLYCEROL
5 non-polymer 'FORMIC ACID'
6 water water
#
_entity_poly.entity_id   1
_entity_poly.type   'polypeptide(L)'
_entity_poly.pdbx_seq_one_letter_code
;MSVSAFNRRWAAVILEALTRHGVRHICIAPGSRSTPLTLAAAENSAFIHHTHFDERGLGHLALGLAKVSKQPVAVIVTSG
TAVANLYPALIEAGLTGEKLILLTADRPPELIDCGANQAIRQPGMFASHPTHSISLPRPTQDIPARWLVSTIDHALGTLH
AGGVHINCPFAEPLYGEMDDTGLSWQQRLGDWWQDDKPWLREAPRLESEKQRDWFFWRQKRGVVVAGRMSAEEGKKVALW
AQTLGWPLIGDVLSQTGQPLPCADLWLGNAKATSELQQAQIVVQLGSSLTGKRLLQWQASCEPEEYWIVDDIEGRLDPAH
HRGRRLIANIADWLELHPAEKRQPWCVEIPRLAEQAMQAVIARRDAFGEAQLAHRICDYLPEQGQLFVGNSLVVRLIDAL
SQLPAGYPVYSNRGASGIDGLLSTAAGVQRASGKPTLAIVGDLSALYDLNALALLRQVSAPLVLIVVNNNGGQIFSLLPT
PQSERERFYLMPQNVHFEHAAAMFELKYHRPQNWQELETAFADAWRTPTTTVIEMVVNDTDGAQTLQQLLAQVSHL
;
_entity_poly.pdbx_strand_id   A,B,C,D,E,F,G,H
#
loop_
_chem_comp.id
_chem_comp.type
_chem_comp.name
_chem_comp.formula
FMT non-polymer 'FORMIC ACID' 'C H2 O2'
GOL non-polymer GLYCEROL 'C3 H8 O3'
MN non-polymer 'MANGANESE (II) ION' 'Mn 2'
TPP non-polymer 'THIAMINE DIPHOSPHATE' 'C12 H19 N4 O7 P2 S 1'
#
# COMPACT_ATOMS: atom_id res chain seq x y z
N MET A 1 -2.18 41.05 3.60
CA MET A 1 -3.25 41.94 3.18
C MET A 1 -4.50 41.16 2.76
N SER A 2 -4.31 40.08 2.00
CA SER A 2 -5.42 39.29 1.48
C SER A 2 -5.94 38.28 2.50
N VAL A 3 -7.17 38.48 2.95
CA VAL A 3 -7.81 37.57 3.89
C VAL A 3 -8.01 36.18 3.27
N SER A 4 -8.41 36.15 2.00
CA SER A 4 -8.66 34.87 1.35
C SER A 4 -7.37 34.07 1.23
N ALA A 5 -6.28 34.76 0.88
CA ALA A 5 -4.97 34.12 0.78
C ALA A 5 -4.49 33.65 2.15
N PHE A 6 -4.64 34.48 3.17
CA PHE A 6 -4.14 34.04 4.48
C PHE A 6 -4.96 32.88 5.02
N ASN A 7 -6.27 32.91 4.78
CA ASN A 7 -7.11 31.78 5.16
C ASN A 7 -6.56 30.47 4.63
N ARG A 8 -6.12 30.49 3.38
CA ARG A 8 -5.66 29.25 2.76
C ARG A 8 -4.30 28.84 3.30
N ARG A 9 -3.47 29.81 3.65
CA ARG A 9 -2.16 29.51 4.26
C ARG A 9 -2.29 28.91 5.66
N TRP A 10 -3.23 29.45 6.44
CA TRP A 10 -3.58 28.94 7.75
C TRP A 10 -4.09 27.50 7.64
N ALA A 11 -5.02 27.29 6.72
CA ALA A 11 -5.56 25.97 6.48
C ALA A 11 -4.48 25.00 6.00
N ALA A 12 -3.53 25.48 5.20
CA ALA A 12 -2.48 24.61 4.67
C ALA A 12 -1.61 24.04 5.79
N VAL A 13 -1.38 24.83 6.85
CA VAL A 13 -0.61 24.37 8.00
C VAL A 13 -1.36 23.25 8.70
N ILE A 14 -2.66 23.46 8.89
CA ILE A 14 -3.50 22.46 9.53
C ILE A 14 -3.42 21.12 8.80
N LEU A 15 -3.61 21.15 7.49
N LEU A 15 -3.60 21.15 7.49
CA LEU A 15 -3.66 19.91 6.71
CA LEU A 15 -3.65 19.90 6.72
C LEU A 15 -2.29 19.23 6.62
C LEU A 15 -2.30 19.22 6.56
N GLU A 16 -1.24 20.02 6.42
CA GLU A 16 0.11 19.43 6.32
C GLU A 16 0.49 18.81 7.67
N ALA A 17 0.09 19.45 8.76
CA ALA A 17 0.35 18.92 10.08
C ALA A 17 -0.23 17.51 10.21
N LEU A 18 -1.43 17.29 9.69
CA LEU A 18 -2.08 15.99 9.81
C LEU A 18 -1.31 14.89 9.09
N THR A 19 -0.65 15.25 7.98
CA THR A 19 0.11 14.25 7.22
C THR A 19 1.26 13.67 8.05
N ARG A 20 1.68 14.38 9.10
CA ARG A 20 2.80 13.93 9.93
C ARG A 20 2.36 12.92 10.99
N HIS A 21 1.05 12.67 11.04
CA HIS A 21 0.47 11.74 12.02
C HIS A 21 -0.24 10.58 11.37
N GLY A 22 0.07 10.32 10.10
CA GLY A 22 -0.45 9.15 9.42
C GLY A 22 -1.79 9.35 8.74
N VAL A 23 -2.28 10.58 8.68
CA VAL A 23 -3.54 10.81 7.95
C VAL A 23 -3.27 10.70 6.46
N ARG A 24 -3.93 9.75 5.81
CA ARG A 24 -3.84 9.54 4.36
C ARG A 24 -5.20 9.79 3.70
N HIS A 25 -6.24 9.24 4.30
CA HIS A 25 -7.60 9.42 3.79
C HIS A 25 -8.25 10.69 4.31
N ILE A 26 -8.87 11.46 3.41
CA ILE A 26 -9.66 12.59 3.87
C ILE A 26 -11.00 12.58 3.15
N CYS A 27 -12.06 12.76 3.94
CA CYS A 27 -13.43 12.72 3.43
C CYS A 27 -14.04 14.11 3.44
N ILE A 28 -14.52 14.54 2.28
CA ILE A 28 -14.93 15.92 2.09
C ILE A 28 -16.37 16.02 1.59
N ALA A 29 -17.16 16.85 2.26
CA ALA A 29 -18.49 17.21 1.81
C ALA A 29 -18.44 18.63 1.27
N PRO A 30 -19.41 19.01 0.42
CA PRO A 30 -19.36 20.31 -0.27
C PRO A 30 -19.79 21.48 0.61
N GLY A 31 -19.26 22.66 0.33
CA GLY A 31 -19.63 23.84 1.08
C GLY A 31 -18.78 25.02 0.63
N SER A 32 -19.12 26.20 1.13
CA SER A 32 -18.36 27.41 0.81
C SER A 32 -17.44 27.82 1.94
N ARG A 33 -17.96 27.84 3.17
CA ARG A 33 -17.15 28.27 4.32
C ARG A 33 -15.95 27.34 4.51
N SER A 34 -16.08 26.10 4.07
CA SER A 34 -14.99 25.13 4.18
C SER A 34 -13.89 25.30 3.11
N THR A 35 -14.06 26.26 2.19
CA THR A 35 -13.13 26.41 1.08
C THR A 35 -11.64 26.38 1.48
N PRO A 36 -11.23 27.12 2.52
CA PRO A 36 -9.80 27.11 2.84
C PRO A 36 -9.26 25.71 3.17
N LEU A 37 -10.07 24.93 3.89
CA LEU A 37 -9.70 23.57 4.23
C LEU A 37 -9.72 22.66 3.00
N THR A 38 -10.80 22.75 2.24
CA THR A 38 -10.98 21.88 1.10
C THR A 38 -9.93 22.13 0.01
N LEU A 39 -9.61 23.40 -0.24
CA LEU A 39 -8.60 23.73 -1.23
C LEU A 39 -7.20 23.30 -0.74
N ALA A 40 -6.92 23.50 0.55
CA ALA A 40 -5.65 23.02 1.11
C ALA A 40 -5.53 21.50 0.94
N ALA A 41 -6.64 20.80 1.18
CA ALA A 41 -6.65 19.35 1.06
C ALA A 41 -6.46 18.92 -0.37
N ALA A 42 -7.18 19.57 -1.29
CA ALA A 42 -7.13 19.20 -2.70
C ALA A 42 -5.73 19.35 -3.24
N GLU A 43 -5.01 20.35 -2.74
CA GLU A 43 -3.69 20.68 -3.27
C GLU A 43 -2.59 19.80 -2.69
N ASN A 44 -2.90 19.11 -1.60
CA ASN A 44 -1.88 18.34 -0.87
C ASN A 44 -1.81 16.90 -1.38
N SER A 45 -0.68 16.54 -1.97
CA SER A 45 -0.53 15.27 -2.67
C SER A 45 -0.46 14.06 -1.74
N ALA A 46 -0.47 14.30 -0.43
CA ALA A 46 -0.38 13.23 0.54
C ALA A 46 -1.70 12.47 0.68
N PHE A 47 -2.80 13.11 0.28
CA PHE A 47 -4.12 12.56 0.61
C PHE A 47 -4.76 11.74 -0.49
N ILE A 48 -5.53 10.76 -0.05
CA ILE A 48 -6.55 10.10 -0.86
C ILE A 48 -7.87 10.79 -0.51
N HIS A 49 -8.54 11.40 -1.49
CA HIS A 49 -9.76 12.18 -1.22
C HIS A 49 -11.03 11.40 -1.54
N HIS A 50 -11.98 11.39 -0.60
CA HIS A 50 -13.31 10.80 -0.83
C HIS A 50 -14.35 11.90 -0.67
N THR A 51 -15.40 11.85 -1.48
CA THR A 51 -16.45 12.85 -1.36
C THR A 51 -17.83 12.21 -1.20
N HIS A 52 -18.74 12.93 -0.56
CA HIS A 52 -20.14 12.50 -0.45
C HIS A 52 -20.98 13.71 -0.09
N PHE A 53 -22.27 13.68 -0.42
CA PHE A 53 -23.16 14.82 -0.20
C PHE A 53 -23.90 14.79 1.13
N ASP A 54 -23.99 13.61 1.75
CA ASP A 54 -24.66 13.43 3.04
C ASP A 54 -23.58 13.37 4.11
N GLU A 55 -23.53 14.37 4.98
CA GLU A 55 -22.44 14.44 5.97
C GLU A 55 -22.56 13.32 7.01
N ARG A 56 -23.76 12.81 7.25
CA ARG A 56 -23.88 11.69 8.18
C ARG A 56 -23.19 10.46 7.56
N GLY A 57 -23.45 10.23 6.27
CA GLY A 57 -22.82 9.13 5.55
C GLY A 57 -21.31 9.36 5.43
N LEU A 58 -20.94 10.63 5.25
CA LEU A 58 -19.52 10.99 5.14
C LEU A 58 -18.78 10.61 6.42
N GLY A 59 -19.38 10.92 7.57
CA GLY A 59 -18.77 10.54 8.84
C GLY A 59 -18.61 9.04 8.95
N HIS A 60 -19.61 8.28 8.51
CA HIS A 60 -19.54 6.84 8.59
C HIS A 60 -18.59 6.25 7.53
N LEU A 61 -18.48 6.91 6.38
CA LEU A 61 -17.47 6.50 5.40
C LEU A 61 -16.09 6.59 6.04
N ALA A 62 -15.86 7.70 6.72
CA ALA A 62 -14.59 7.92 7.43
C ALA A 62 -14.40 6.88 8.53
N LEU A 63 -15.48 6.58 9.25
CA LEU A 63 -15.44 5.57 10.32
C LEU A 63 -14.96 4.23 9.76
N GLY A 64 -15.53 3.83 8.63
CA GLY A 64 -15.16 2.57 7.99
C GLY A 64 -13.72 2.54 7.53
N LEU A 65 -13.25 3.65 6.96
CA LEU A 65 -11.85 3.77 6.54
C LEU A 65 -10.90 3.63 7.73
N ALA A 66 -11.24 4.29 8.83
CA ALA A 66 -10.40 4.26 10.02
C ALA A 66 -10.42 2.89 10.68
N LYS A 67 -11.60 2.28 10.66
CA LYS A 67 -11.85 0.98 11.29
C LYS A 67 -10.89 -0.09 10.77
N VAL A 68 -10.71 -0.09 9.46
CA VAL A 68 -9.91 -1.09 8.79
C VAL A 68 -8.45 -0.69 8.77
N SER A 69 -8.16 0.57 8.46
CA SER A 69 -6.77 1.00 8.27
C SER A 69 -6.02 1.19 9.59
N LYS A 70 -6.76 1.42 10.67
CA LYS A 70 -6.15 1.68 11.98
C LYS A 70 -5.28 2.93 11.95
N GLN A 71 -5.68 3.86 11.06
N GLN A 71 -5.61 3.87 11.06
CA GLN A 71 -5.07 5.16 10.86
CA GLN A 71 -4.94 5.16 11.07
C GLN A 71 -6.05 6.25 11.26
C GLN A 71 -5.97 6.27 11.15
N PRO A 72 -5.55 7.45 11.61
CA PRO A 72 -6.50 8.55 11.75
C PRO A 72 -6.99 8.95 10.36
N VAL A 73 -8.27 9.28 10.25
CA VAL A 73 -8.87 9.71 8.99
C VAL A 73 -9.49 11.10 9.18
N ALA A 74 -9.26 12.02 8.24
CA ALA A 74 -9.76 13.39 8.39
C ALA A 74 -11.08 13.57 7.64
N VAL A 75 -11.88 14.52 8.13
CA VAL A 75 -13.16 14.86 7.54
C VAL A 75 -13.23 16.38 7.43
N ILE A 76 -13.71 16.89 6.30
CA ILE A 76 -13.95 18.31 6.16
C ILE A 76 -15.43 18.54 5.86
N VAL A 77 -16.06 19.41 6.66
CA VAL A 77 -17.42 19.83 6.38
C VAL A 77 -17.56 21.35 6.54
N THR A 78 -18.60 21.93 5.94
CA THR A 78 -18.85 23.35 6.08
C THR A 78 -19.59 23.62 7.40
N SER A 79 -19.85 24.88 7.70
CA SER A 79 -20.53 25.22 8.95
C SER A 79 -22.01 24.85 8.95
N GLY A 80 -22.61 24.74 10.13
CA GLY A 80 -24.05 24.52 10.23
C GLY A 80 -24.46 23.09 10.54
N THR A 81 -25.61 22.66 10.03
CA THR A 81 -26.08 21.32 10.36
C THR A 81 -25.17 20.26 9.73
N ALA A 82 -24.38 20.65 8.73
CA ALA A 82 -23.36 19.77 8.18
C ALA A 82 -22.49 19.20 9.31
N VAL A 83 -22.14 20.06 10.26
CA VAL A 83 -21.32 19.64 11.39
C VAL A 83 -22.10 18.68 12.28
N ALA A 84 -23.36 19.01 12.55
CA ALA A 84 -24.18 18.17 13.43
C ALA A 84 -24.34 16.74 12.92
N ASN A 85 -24.34 16.59 11.60
CA ASN A 85 -24.51 15.27 10.99
C ASN A 85 -23.32 14.35 11.22
N LEU A 86 -22.20 14.90 11.68
CA LEU A 86 -21.06 14.06 12.00
C LEU A 86 -21.24 13.38 13.35
N TYR A 87 -22.26 13.75 14.13
CA TYR A 87 -22.34 13.26 15.51
C TYR A 87 -22.37 11.75 15.64
N PRO A 88 -23.23 11.07 14.85
CA PRO A 88 -23.34 9.62 15.03
C PRO A 88 -22.00 8.88 14.87
N ALA A 89 -21.28 9.19 13.80
CA ALA A 89 -20.01 8.52 13.58
C ALA A 89 -19.00 8.85 14.68
N LEU A 90 -19.03 10.10 15.14
CA LEU A 90 -18.12 10.53 16.18
C LEU A 90 -18.39 9.78 17.49
N ILE A 91 -19.67 9.58 17.80
CA ILE A 91 -20.06 8.88 19.01
C ILE A 91 -19.58 7.43 18.94
N GLU A 92 -19.78 6.79 17.79
CA GLU A 92 -19.36 5.40 17.60
C GLU A 92 -17.85 5.28 17.73
N ALA A 93 -17.11 6.22 17.12
CA ALA A 93 -15.66 6.23 17.22
C ALA A 93 -15.20 6.38 18.69
N GLY A 94 -15.93 7.15 19.48
CA GLY A 94 -15.61 7.31 20.89
C GLY A 94 -15.69 6.00 21.64
N LEU A 95 -16.57 5.12 21.18
CA LEU A 95 -16.78 3.85 21.85
C LEU A 95 -15.84 2.75 21.36
N THR A 96 -15.52 2.73 20.07
CA THR A 96 -14.72 1.62 19.54
C THR A 96 -13.30 2.00 19.13
N GLY A 97 -12.98 3.28 19.13
CA GLY A 97 -11.59 3.72 19.08
C GLY A 97 -11.09 4.34 17.78
N GLU A 98 -11.89 4.31 16.74
CA GLU A 98 -11.49 4.92 15.45
C GLU A 98 -11.04 6.36 15.64
N LYS A 99 -9.94 6.72 14.97
CA LYS A 99 -9.43 8.09 15.09
C LYS A 99 -9.98 8.95 13.97
N LEU A 100 -11.05 9.67 14.26
CA LEU A 100 -11.65 10.55 13.28
C LEU A 100 -11.27 11.98 13.60
N ILE A 101 -10.66 12.67 12.64
CA ILE A 101 -10.26 14.06 12.85
C ILE A 101 -11.22 14.95 12.09
N LEU A 102 -12.11 15.61 12.82
CA LEU A 102 -13.18 16.39 12.18
C LEU A 102 -12.79 17.86 12.06
N LEU A 103 -12.52 18.28 10.82
CA LEU A 103 -12.22 19.68 10.55
C LEU A 103 -13.51 20.38 10.16
N THR A 104 -14.07 21.13 11.09
CA THR A 104 -15.39 21.71 10.86
C THR A 104 -15.29 23.23 10.63
N ALA A 105 -15.55 23.66 9.40
CA ALA A 105 -15.50 25.08 9.09
C ALA A 105 -16.52 25.85 9.92
N ASP A 106 -16.19 27.07 10.30
CA ASP A 106 -17.09 27.89 11.10
C ASP A 106 -17.11 29.34 10.58
N ARG A 107 -18.19 30.05 10.88
CA ARG A 107 -18.18 31.51 10.73
C ARG A 107 -17.20 32.08 11.75
N PRO A 108 -16.67 33.28 11.49
CA PRO A 108 -15.79 33.92 12.48
C PRO A 108 -16.65 34.42 13.65
N PRO A 109 -16.03 34.73 14.80
CA PRO A 109 -16.76 35.13 16.01
C PRO A 109 -17.75 36.29 15.80
N GLU A 110 -17.44 37.23 14.91
CA GLU A 110 -18.29 38.40 14.75
C GLU A 110 -19.62 38.07 14.04
N LEU A 111 -19.77 36.85 13.55
CA LEU A 111 -21.02 36.44 12.88
C LEU A 111 -21.78 35.35 13.64
N ILE A 112 -21.45 35.15 14.91
CA ILE A 112 -22.17 34.18 15.74
C ILE A 112 -23.21 34.89 16.61
N ASP A 113 -24.39 34.28 16.74
CA ASP A 113 -25.48 34.81 17.57
C ASP A 113 -25.96 36.19 17.12
N CYS A 114 -26.03 36.41 15.82
CA CYS A 114 -26.54 37.67 15.30
C CYS A 114 -27.44 37.44 14.09
N GLY A 115 -27.99 36.24 13.97
CA GLY A 115 -28.94 35.94 12.92
C GLY A 115 -28.35 35.76 11.53
N ALA A 116 -27.04 35.48 11.47
CA ALA A 116 -26.34 35.24 10.21
C ALA A 116 -26.70 33.88 9.64
N ASN A 117 -26.83 33.82 8.32
CA ASN A 117 -27.21 32.55 7.69
C ASN A 117 -26.17 31.47 7.94
N GLN A 118 -26.64 30.27 8.30
CA GLN A 118 -25.76 29.11 8.40
C GLN A 118 -24.69 29.28 9.47
N ALA A 119 -24.96 30.13 10.45
CA ALA A 119 -24.05 30.35 11.56
C ALA A 119 -24.67 29.82 12.85
N ILE A 120 -23.95 28.93 13.50
CA ILE A 120 -24.39 28.35 14.78
C ILE A 120 -23.25 28.29 15.78
N ARG A 121 -23.58 27.98 17.03
CA ARG A 121 -22.54 27.80 18.04
C ARG A 121 -21.89 26.42 17.92
N GLN A 122 -20.65 26.37 17.44
CA GLN A 122 -20.01 25.09 17.13
C GLN A 122 -19.00 24.58 18.15
N PRO A 123 -18.22 25.48 18.77
CA PRO A 123 -17.31 24.98 19.81
C PRO A 123 -18.07 24.24 20.93
N GLY A 124 -17.62 23.02 21.26
CA GLY A 124 -18.24 22.21 22.28
C GLY A 124 -19.54 21.54 21.86
N MET A 125 -19.93 21.64 20.59
CA MET A 125 -21.24 21.12 20.22
C MET A 125 -21.33 19.60 20.27
N PHE A 126 -20.18 18.92 20.34
CA PHE A 126 -20.18 17.46 20.48
C PHE A 126 -19.92 17.03 21.93
N ALA A 127 -19.96 18.01 22.85
CA ALA A 127 -19.90 17.73 24.29
C ALA A 127 -18.71 16.85 24.66
N SER A 128 -18.94 15.79 25.42
CA SER A 128 -17.81 14.98 25.89
C SER A 128 -17.41 13.86 24.93
N HIS A 129 -17.98 13.84 23.74
CA HIS A 129 -17.77 12.69 22.87
C HIS A 129 -16.44 12.66 22.11
N PRO A 130 -15.93 13.82 21.67
CA PRO A 130 -14.56 13.77 21.15
C PRO A 130 -13.56 13.49 22.26
N THR A 131 -12.48 12.78 21.92
CA THR A 131 -11.37 12.58 22.86
C THR A 131 -10.68 13.91 23.16
N HIS A 132 -10.49 14.70 22.10
N HIS A 132 -10.54 14.74 22.13
CA HIS A 132 -9.90 16.03 22.18
CA HIS A 132 -9.94 16.04 22.29
C HIS A 132 -10.76 17.02 21.42
C HIS A 132 -10.67 17.04 21.41
N SER A 133 -10.87 18.25 21.93
CA SER A 133 -11.55 19.31 21.19
C SER A 133 -10.64 20.52 21.10
N ILE A 134 -10.43 21.00 19.88
CA ILE A 134 -9.68 22.22 19.61
C ILE A 134 -10.61 23.26 18.99
N SER A 135 -10.76 24.41 19.66
N SER A 135 -10.76 24.40 19.67
CA SER A 135 -11.51 25.51 19.11
CA SER A 135 -11.52 25.52 19.11
C SER A 135 -10.52 26.55 18.60
C SER A 135 -10.55 26.58 18.59
N LEU A 136 -10.21 26.53 17.31
CA LEU A 136 -9.21 27.44 16.78
C LEU A 136 -9.70 28.88 16.78
N PRO A 137 -8.77 29.82 16.97
CA PRO A 137 -9.11 31.24 16.97
C PRO A 137 -9.31 31.76 15.56
N ARG A 138 -9.88 32.95 15.46
CA ARG A 138 -9.98 33.67 14.20
C ARG A 138 -8.58 33.80 13.61
N PRO A 139 -8.40 33.39 12.34
CA PRO A 139 -7.04 33.45 11.78
C PRO A 139 -6.41 34.83 11.83
N THR A 140 -5.14 34.87 12.24
CA THR A 140 -4.35 36.09 12.23
C THR A 140 -2.86 35.78 12.21
N GLN A 141 -2.10 36.61 11.51
CA GLN A 141 -0.65 36.46 11.47
C GLN A 141 -0.02 36.82 12.80
N ASP A 142 -0.80 37.40 13.70
CA ASP A 142 -0.28 37.75 15.01
C ASP A 142 -0.18 36.53 15.92
N ILE A 143 -0.77 35.41 15.48
CA ILE A 143 -0.54 34.14 16.14
C ILE A 143 0.40 33.34 15.26
N PRO A 144 1.57 32.94 15.80
CA PRO A 144 2.56 32.33 14.91
C PRO A 144 2.18 30.95 14.43
N ALA A 145 2.68 30.58 13.26
CA ALA A 145 2.42 29.26 12.69
C ALA A 145 2.84 28.13 13.65
N ARG A 146 3.90 28.36 14.41
N ARG A 146 3.92 28.34 14.39
CA ARG A 146 4.37 27.33 15.35
CA ARG A 146 4.37 27.32 15.33
C ARG A 146 3.34 27.01 16.43
C ARG A 146 3.32 27.00 16.39
N TRP A 147 2.52 27.99 16.79
CA TRP A 147 1.46 27.71 17.76
C TRP A 147 0.42 26.77 17.15
N LEU A 148 0.02 27.08 15.92
CA LEU A 148 -1.00 26.31 15.23
C LEU A 148 -0.58 24.85 15.01
N VAL A 149 0.64 24.64 14.52
CA VAL A 149 1.06 23.27 14.29
C VAL A 149 1.25 22.54 15.63
N SER A 150 1.74 23.25 16.64
CA SER A 150 1.92 22.63 17.97
C SER A 150 0.60 22.15 18.55
N THR A 151 -0.46 22.94 18.37
CA THR A 151 -1.76 22.56 18.91
C THR A 151 -2.30 21.32 18.19
N ILE A 152 -2.15 21.27 16.88
CA ILE A 152 -2.59 20.09 16.15
C ILE A 152 -1.73 18.87 16.55
N ASP A 153 -0.42 19.09 16.68
CA ASP A 153 0.50 18.02 17.05
C ASP A 153 0.23 17.44 18.44
N HIS A 154 -0.16 18.29 19.39
CA HIS A 154 -0.55 17.82 20.71
C HIS A 154 -1.78 16.93 20.62
N ALA A 155 -2.78 17.39 19.88
CA ALA A 155 -4.02 16.62 19.79
C ALA A 155 -3.82 15.26 19.12
N LEU A 156 -3.10 15.24 18.01
CA LEU A 156 -2.90 13.99 17.28
C LEU A 156 -1.88 13.08 17.98
N GLY A 157 -0.83 13.67 18.53
CA GLY A 157 0.20 12.88 19.18
C GLY A 157 -0.29 12.14 20.41
N THR A 158 -1.18 12.77 21.18
CA THR A 158 -1.62 12.19 22.45
C THR A 158 -2.92 11.40 22.32
N LEU A 159 -3.38 11.25 21.09
CA LEU A 159 -4.64 10.56 20.81
C LEU A 159 -4.47 9.04 20.89
N HIS A 160 -4.98 8.45 21.96
CA HIS A 160 -4.94 6.98 22.11
C HIS A 160 -5.99 6.34 21.22
N ALA A 161 -7.14 7.00 21.10
CA ALA A 161 -8.31 6.46 20.41
C ALA A 161 -9.38 7.52 20.33
N GLY A 162 -10.29 7.37 19.38
CA GLY A 162 -11.47 8.22 19.30
C GLY A 162 -11.29 9.49 18.47
N GLY A 163 -12.30 10.35 18.51
CA GLY A 163 -12.35 11.50 17.64
C GLY A 163 -11.73 12.78 18.16
N VAL A 164 -11.35 13.63 17.22
CA VAL A 164 -10.86 14.97 17.55
C VAL A 164 -11.71 15.98 16.81
N HIS A 165 -12.31 16.92 17.54
CA HIS A 165 -13.05 18.00 16.92
C HIS A 165 -12.16 19.22 16.80
N ILE A 166 -11.84 19.60 15.57
CA ILE A 166 -11.06 20.81 15.32
C ILE A 166 -11.99 21.83 14.65
N ASN A 167 -12.47 22.80 15.43
CA ASN A 167 -13.32 23.83 14.86
C ASN A 167 -12.49 24.94 14.20
N CYS A 168 -12.85 25.26 12.97
CA CYS A 168 -12.01 26.11 12.12
C CYS A 168 -12.75 27.35 11.56
N PRO A 169 -12.78 28.44 12.34
CA PRO A 169 -13.40 29.66 11.82
C PRO A 169 -12.60 30.31 10.69
N PHE A 170 -13.31 30.80 9.68
CA PHE A 170 -12.72 31.61 8.61
C PHE A 170 -13.63 32.78 8.27
N ALA A 171 -13.07 33.98 8.15
CA ALA A 171 -13.85 35.13 7.69
C ALA A 171 -13.76 35.28 6.18
N GLU A 172 -14.82 35.79 5.56
CA GLU A 172 -14.77 36.19 4.16
C GLU A 172 -13.87 37.40 4.02
N PRO A 173 -13.28 37.60 2.82
CA PRO A 173 -13.45 36.82 1.59
C PRO A 173 -12.80 35.44 1.63
N LEU A 174 -13.46 34.48 0.99
CA LEU A 174 -12.95 33.12 0.90
C LEU A 174 -12.29 32.85 -0.43
N TYR A 175 -12.67 33.63 -1.44
CA TYR A 175 -12.24 33.37 -2.81
C TYR A 175 -11.35 34.49 -3.31
N GLY A 176 -10.63 34.21 -4.39
CA GLY A 176 -9.69 35.16 -4.94
C GLY A 176 -8.38 34.46 -5.19
N GLU A 177 -7.57 35.05 -6.07
CA GLU A 177 -6.26 34.50 -6.40
C GLU A 177 -5.34 34.55 -5.19
N MET A 178 -4.47 33.56 -5.09
CA MET A 178 -3.47 33.55 -4.03
C MET A 178 -2.43 34.63 -4.30
N ASP A 179 -2.09 35.40 -3.27
CA ASP A 179 -0.92 36.26 -3.36
C ASP A 179 0.03 35.84 -2.23
N ASP A 180 1.02 36.68 -1.92
CA ASP A 180 2.06 36.28 -0.97
C ASP A 180 1.69 36.48 0.50
N THR A 181 0.45 36.88 0.77
CA THR A 181 0.01 37.06 2.15
C THR A 181 0.13 35.76 2.94
N GLY A 182 0.90 35.81 4.03
CA GLY A 182 1.07 34.65 4.90
C GLY A 182 2.24 33.76 4.54
N LEU A 183 2.92 34.06 3.44
CA LEU A 183 4.06 33.25 3.01
C LEU A 183 5.21 33.34 4.02
N SER A 184 5.60 34.55 4.38
CA SER A 184 6.70 34.70 5.32
C SER A 184 6.27 34.10 6.68
N TRP A 185 4.99 34.21 7.00
CA TRP A 185 4.41 33.61 8.22
C TRP A 185 4.60 32.09 8.23
N GLN A 186 4.28 31.45 7.10
CA GLN A 186 4.50 30.02 6.94
C GLN A 186 5.98 29.64 7.01
N GLN A 187 6.83 30.48 6.43
CA GLN A 187 8.24 30.17 6.31
C GLN A 187 8.98 30.22 7.66
N ARG A 188 8.32 30.74 8.69
CA ARG A 188 8.88 30.70 10.03
C ARG A 188 9.04 29.26 10.54
N LEU A 189 8.35 28.32 9.90
CA LEU A 189 8.49 26.91 10.24
C LEU A 189 9.73 26.29 9.59
N GLY A 190 10.40 27.05 8.71
CA GLY A 190 11.65 26.60 8.13
C GLY A 190 11.52 25.30 7.36
N ASP A 191 12.47 24.38 7.54
CA ASP A 191 12.46 23.16 6.75
C ASP A 191 11.53 22.10 7.35
N TRP A 192 10.71 22.49 8.31
CA TRP A 192 9.64 21.59 8.72
C TRP A 192 8.77 21.23 7.51
N TRP A 193 8.65 22.15 6.57
CA TRP A 193 7.82 21.90 5.39
C TRP A 193 8.34 20.74 4.54
N GLN A 194 9.64 20.44 4.62
CA GLN A 194 10.22 19.34 3.87
C GLN A 194 10.44 18.08 4.74
N ASP A 195 10.03 18.17 6.00
CA ASP A 195 10.25 17.12 6.99
C ASP A 195 9.14 16.07 6.91
N ASP A 196 9.32 14.95 7.60
CA ASP A 196 8.26 13.94 7.63
C ASP A 196 7.79 13.68 9.05
N LYS A 197 8.21 14.54 9.98
CA LYS A 197 7.84 14.38 11.37
C LYS A 197 7.02 15.57 11.84
N PRO A 198 6.32 15.40 12.98
CA PRO A 198 5.63 16.53 13.61
C PRO A 198 6.58 17.64 14.02
N TRP A 199 6.03 18.84 14.14
CA TRP A 199 6.79 19.97 14.69
C TRP A 199 7.08 19.70 16.17
N LEU A 200 6.02 19.35 16.88
CA LEU A 200 6.14 18.92 18.27
C LEU A 200 5.84 17.42 18.37
N ARG A 201 6.82 16.64 18.82
CA ARG A 201 6.58 15.21 19.02
C ARG A 201 6.16 14.94 20.45
N GLU A 202 4.88 14.62 20.63
CA GLU A 202 4.36 14.34 21.96
C GLU A 202 3.51 13.10 21.82
N ALA A 203 4.05 11.95 22.24
CA ALA A 203 3.36 10.70 21.95
C ALA A 203 3.51 9.68 23.07
N PRO A 204 3.06 10.06 24.27
CA PRO A 204 3.12 9.12 25.39
C PRO A 204 2.24 7.91 25.11
N ARG A 205 2.69 6.73 25.54
CA ARG A 205 1.93 5.50 25.36
C ARG A 205 1.17 5.17 26.63
N LEU A 206 -0.06 4.70 26.47
CA LEU A 206 -0.89 4.31 27.59
C LEU A 206 -1.01 2.81 27.61
N GLU A 207 -0.53 2.19 28.70
CA GLU A 207 -0.48 0.73 28.76
C GLU A 207 -0.43 0.24 30.21
N SER A 208 -1.21 -0.79 30.52
CA SER A 208 -1.15 -1.40 31.83
C SER A 208 0.13 -2.20 31.97
N GLU A 209 0.62 -2.33 33.19
CA GLU A 209 1.82 -3.13 33.44
C GLU A 209 1.45 -4.61 33.38
N LYS A 210 2.44 -5.46 33.10
CA LYS A 210 2.20 -6.89 33.14
C LYS A 210 1.79 -7.33 34.54
N GLN A 211 0.87 -8.28 34.61
CA GLN A 211 0.40 -8.81 35.87
C GLN A 211 1.36 -9.86 36.40
N ARG A 212 2.05 -9.51 37.49
CA ARG A 212 3.11 -10.36 37.99
C ARG A 212 2.62 -11.67 38.59
N ASP A 213 1.33 -11.75 38.90
CA ASP A 213 0.78 -12.97 39.50
C ASP A 213 0.02 -13.84 38.48
N TRP A 214 0.28 -13.60 37.20
CA TRP A 214 -0.33 -14.37 36.13
C TRP A 214 0.05 -15.84 36.19
N PHE A 215 1.29 -16.12 36.55
CA PHE A 215 1.76 -17.49 36.58
C PHE A 215 1.11 -18.28 37.72
N PHE A 216 0.61 -17.56 38.71
CA PHE A 216 -0.24 -18.14 39.75
C PHE A 216 -1.65 -18.40 39.17
N TRP A 217 -2.23 -17.37 38.57
CA TRP A 217 -3.62 -17.45 38.11
C TRP A 217 -3.84 -18.39 36.92
N ARG A 218 -2.82 -18.58 36.09
CA ARG A 218 -3.04 -19.42 34.92
C ARG A 218 -3.16 -20.89 35.30
N GLN A 219 -2.87 -21.21 36.56
CA GLN A 219 -2.97 -22.59 37.05
C GLN A 219 -4.38 -22.94 37.52
N LYS A 220 -5.22 -21.92 37.60
CA LYS A 220 -6.58 -22.09 38.08
C LYS A 220 -7.51 -22.52 36.96
N ARG A 221 -8.75 -22.87 37.33
CA ARG A 221 -9.78 -23.16 36.35
C ARG A 221 -10.30 -21.84 35.77
N GLY A 222 -9.88 -21.52 34.55
CA GLY A 222 -10.26 -20.26 33.95
C GLY A 222 -11.18 -20.42 32.75
N VAL A 223 -11.78 -19.30 32.35
CA VAL A 223 -12.58 -19.25 31.13
C VAL A 223 -12.05 -18.10 30.30
N VAL A 224 -11.92 -18.31 28.99
CA VAL A 224 -11.53 -17.23 28.09
C VAL A 224 -12.75 -16.77 27.33
N VAL A 225 -13.02 -15.47 27.37
CA VAL A 225 -14.08 -14.88 26.57
C VAL A 225 -13.43 -13.96 25.54
N ALA A 226 -13.71 -14.17 24.26
CA ALA A 226 -13.12 -13.36 23.21
C ALA A 226 -14.17 -12.48 22.56
N GLY A 227 -14.01 -11.16 22.69
CA GLY A 227 -14.90 -10.22 22.03
C GLY A 227 -14.26 -9.67 20.76
N ARG A 228 -14.58 -8.43 20.43
CA ARG A 228 -14.05 -7.80 19.21
C ARG A 228 -12.54 -7.59 19.34
N MET A 229 -11.82 -8.06 18.33
CA MET A 229 -10.37 -7.91 18.26
C MET A 229 -9.97 -8.03 16.79
N SER A 230 -8.67 -7.94 16.49
CA SER A 230 -8.23 -8.05 15.12
C SER A 230 -8.26 -9.51 14.67
N ALA A 231 -8.23 -9.71 13.36
CA ALA A 231 -8.26 -11.06 12.80
C ALA A 231 -7.08 -11.90 13.32
N GLU A 232 -5.90 -11.29 13.34
CA GLU A 232 -4.71 -12.00 13.81
C GLU A 232 -4.77 -12.27 15.31
N GLU A 233 -5.34 -11.33 16.06
CA GLU A 233 -5.49 -11.52 17.50
C GLU A 233 -6.41 -12.69 17.80
N GLY A 234 -7.47 -12.86 17.01
CA GLY A 234 -8.38 -13.99 17.19
C GLY A 234 -7.66 -15.31 17.09
N LYS A 235 -6.77 -15.44 16.10
CA LYS A 235 -6.02 -16.67 15.93
C LYS A 235 -5.10 -16.91 17.12
N LYS A 236 -4.49 -15.83 17.62
CA LYS A 236 -3.57 -15.97 18.75
C LYS A 236 -4.32 -16.34 20.03
N VAL A 237 -5.49 -15.73 20.23
CA VAL A 237 -6.28 -16.04 21.42
C VAL A 237 -6.74 -17.50 21.38
N ALA A 238 -7.16 -17.97 20.21
CA ALA A 238 -7.59 -19.37 20.08
C ALA A 238 -6.46 -20.34 20.50
N LEU A 239 -5.25 -20.09 20.03
CA LEU A 239 -4.12 -20.96 20.36
C LEU A 239 -3.80 -20.88 21.86
N TRP A 240 -3.86 -19.68 22.40
CA TRP A 240 -3.57 -19.44 23.81
C TRP A 240 -4.56 -20.18 24.72
N ALA A 241 -5.85 -20.03 24.43
CA ALA A 241 -6.87 -20.71 25.22
C ALA A 241 -6.70 -22.22 25.16
N GLN A 242 -6.41 -22.75 23.97
CA GLN A 242 -6.26 -24.19 23.80
C GLN A 242 -5.11 -24.71 24.67
N THR A 243 -4.02 -23.97 24.65
CA THR A 243 -2.84 -24.34 25.43
C THR A 243 -3.14 -24.32 26.92
N LEU A 244 -3.86 -23.29 27.38
CA LEU A 244 -4.25 -23.20 28.79
C LEU A 244 -5.16 -24.32 29.25
N GLY A 245 -5.86 -24.94 28.31
CA GLY A 245 -6.88 -25.93 28.63
C GLY A 245 -8.17 -25.30 29.16
N TRP A 246 -8.38 -24.03 28.83
CA TRP A 246 -9.57 -23.31 29.24
C TRP A 246 -10.58 -23.22 28.10
N PRO A 247 -11.88 -23.34 28.42
CA PRO A 247 -12.89 -23.15 27.37
C PRO A 247 -12.85 -21.75 26.81
N LEU A 248 -13.00 -21.65 25.50
CA LEU A 248 -13.01 -20.38 24.80
C LEU A 248 -14.43 -20.10 24.31
N ILE A 249 -15.04 -19.06 24.85
CA ILE A 249 -16.33 -18.57 24.35
C ILE A 249 -16.01 -17.43 23.38
N GLY A 250 -16.24 -17.67 22.10
CA GLY A 250 -15.82 -16.76 21.04
C GLY A 250 -16.98 -16.07 20.38
N ASP A 251 -16.94 -14.74 20.40
CA ASP A 251 -17.96 -13.91 19.78
C ASP A 251 -17.84 -13.97 18.27
N VAL A 252 -18.92 -13.65 17.57
CA VAL A 252 -18.86 -13.50 16.12
C VAL A 252 -17.79 -12.47 15.71
N LEU A 253 -17.53 -11.47 16.56
CA LEU A 253 -16.55 -10.44 16.23
C LEU A 253 -15.12 -10.84 16.57
N SER A 254 -14.92 -12.04 17.11
CA SER A 254 -13.58 -12.40 17.62
C SER A 254 -12.62 -13.02 16.60
N GLN A 255 -13.16 -13.67 15.56
CA GLN A 255 -12.33 -14.36 14.57
C GLN A 255 -11.42 -15.43 15.19
N THR A 256 -11.90 -16.06 16.27
CA THR A 256 -11.16 -17.12 16.96
C THR A 256 -11.40 -18.47 16.30
N GLY A 257 -12.38 -18.53 15.41
CA GLY A 257 -12.80 -19.81 14.85
C GLY A 257 -13.87 -20.48 15.70
N GLN A 258 -14.21 -19.87 16.82
CA GLN A 258 -15.31 -20.34 17.68
C GLN A 258 -15.33 -21.85 17.91
N PRO A 259 -14.28 -22.38 18.57
CA PRO A 259 -14.16 -23.81 18.82
C PRO A 259 -15.30 -24.42 19.62
N LEU A 260 -16.03 -23.62 20.39
CA LEU A 260 -17.24 -24.06 21.07
C LEU A 260 -18.42 -23.27 20.51
N PRO A 261 -18.79 -23.58 19.27
CA PRO A 261 -19.74 -22.74 18.54
C PRO A 261 -21.14 -22.77 19.15
N CYS A 262 -21.98 -21.83 18.71
CA CYS A 262 -23.37 -21.74 19.16
C CYS A 262 -23.49 -21.51 20.65
N ALA A 263 -22.57 -20.73 21.22
CA ALA A 263 -22.63 -20.44 22.65
C ALA A 263 -23.96 -19.80 23.06
N ASP A 264 -24.56 -19.00 22.18
CA ASP A 264 -25.83 -18.37 22.51
C ASP A 264 -26.88 -19.44 22.78
N LEU A 265 -26.68 -20.63 22.22
CA LEU A 265 -27.60 -21.72 22.48
C LEU A 265 -27.15 -22.55 23.70
N TRP A 266 -25.90 -23.02 23.72
CA TRP A 266 -25.56 -23.96 24.79
C TRP A 266 -25.37 -23.30 26.16
N LEU A 267 -25.17 -21.99 26.19
CA LEU A 267 -25.12 -21.27 27.46
C LEU A 267 -26.49 -21.27 28.14
N GLY A 268 -27.52 -21.61 27.37
CA GLY A 268 -28.87 -21.71 27.90
C GLY A 268 -29.12 -23.03 28.59
N ASN A 269 -28.15 -23.94 28.50
CA ASN A 269 -28.25 -25.26 29.13
C ASN A 269 -27.62 -25.27 30.52
N ALA A 270 -28.40 -25.71 31.51
CA ALA A 270 -27.98 -25.70 32.91
C ALA A 270 -26.72 -26.50 33.15
N LYS A 271 -26.49 -27.52 32.34
CA LYS A 271 -25.29 -28.34 32.48
C LYS A 271 -24.06 -27.50 32.18
N ALA A 272 -24.19 -26.59 31.22
CA ALA A 272 -23.10 -25.70 30.87
C ALA A 272 -22.83 -24.68 31.97
N THR A 273 -23.89 -24.03 32.46
CA THR A 273 -23.70 -23.01 33.48
C THR A 273 -23.20 -23.64 34.78
N SER A 274 -23.65 -24.86 35.06
CA SER A 274 -23.16 -25.57 36.24
C SER A 274 -21.65 -25.78 36.15
N GLU A 275 -21.18 -26.21 34.99
CA GLU A 275 -19.76 -26.45 34.81
C GLU A 275 -18.98 -25.14 34.91
N LEU A 276 -19.51 -24.08 34.29
CA LEU A 276 -18.84 -22.79 34.31
C LEU A 276 -18.80 -22.17 35.70
N GLN A 277 -19.66 -22.64 36.59
CA GLN A 277 -19.62 -22.15 37.97
C GLN A 277 -18.31 -22.51 38.66
N GLN A 278 -17.58 -23.47 38.12
CA GLN A 278 -16.31 -23.89 38.71
C GLN A 278 -15.18 -22.94 38.37
N ALA A 279 -15.40 -22.05 37.41
CA ALA A 279 -14.34 -21.13 37.00
C ALA A 279 -13.97 -20.15 38.11
N GLN A 280 -12.67 -20.07 38.40
CA GLN A 280 -12.15 -19.19 39.44
C GLN A 280 -11.68 -17.85 38.87
N ILE A 281 -11.39 -17.84 37.57
CA ILE A 281 -11.05 -16.61 36.90
C ILE A 281 -11.67 -16.59 35.50
N VAL A 282 -12.10 -15.41 35.07
CA VAL A 282 -12.49 -15.22 33.68
C VAL A 282 -11.57 -14.18 33.06
N VAL A 283 -10.91 -14.54 31.96
CA VAL A 283 -10.13 -13.55 31.23
C VAL A 283 -10.83 -13.24 29.93
N GLN A 284 -11.36 -12.03 29.82
CA GLN A 284 -12.03 -11.56 28.63
C GLN A 284 -11.07 -10.69 27.84
N LEU A 285 -10.89 -11.01 26.56
CA LEU A 285 -10.09 -10.20 25.66
C LEU A 285 -11.01 -9.63 24.60
N GLY A 286 -10.96 -8.32 24.40
CA GLY A 286 -11.92 -7.64 23.53
C GLY A 286 -13.21 -7.33 24.29
N SER A 287 -14.15 -6.69 23.62
CA SER A 287 -15.37 -6.31 24.32
C SER A 287 -16.53 -6.22 23.32
N SER A 288 -17.61 -5.52 23.71
CA SER A 288 -18.83 -5.45 22.90
C SER A 288 -19.35 -6.85 22.56
N LEU A 289 -19.52 -7.68 23.58
CA LEU A 289 -20.06 -9.02 23.38
C LEU A 289 -21.46 -8.96 22.79
N THR A 290 -21.76 -9.90 21.91
CA THR A 290 -22.97 -9.83 21.09
C THR A 290 -24.19 -10.51 21.69
N GLY A 291 -24.03 -11.79 22.07
CA GLY A 291 -25.17 -12.64 22.38
C GLY A 291 -25.83 -12.43 23.72
N LYS A 292 -27.15 -12.64 23.76
CA LYS A 292 -27.89 -12.41 24.98
C LYS A 292 -27.50 -13.40 26.07
N ARG A 293 -27.37 -14.67 25.70
CA ARG A 293 -27.01 -15.68 26.68
C ARG A 293 -25.61 -15.43 27.25
N LEU A 294 -24.68 -14.98 26.40
CA LEU A 294 -23.32 -14.66 26.85
C LEU A 294 -23.36 -13.45 27.79
N LEU A 295 -24.09 -12.41 27.40
CA LEU A 295 -24.23 -11.23 28.28
C LEU A 295 -24.89 -11.61 29.60
N GLN A 296 -25.88 -12.49 29.58
CA GLN A 296 -26.52 -12.90 30.83
C GLN A 296 -25.59 -13.73 31.70
N TRP A 297 -24.86 -14.65 31.08
CA TRP A 297 -23.90 -15.45 31.84
C TRP A 297 -22.82 -14.55 32.43
N GLN A 298 -22.33 -13.62 31.61
CA GLN A 298 -21.28 -12.71 32.07
C GLN A 298 -21.76 -11.96 33.30
N ALA A 299 -23.00 -11.49 33.25
CA ALA A 299 -23.56 -10.73 34.35
C ALA A 299 -23.74 -11.57 35.62
N SER A 300 -24.02 -12.87 35.48
CA SER A 300 -24.32 -13.73 36.60
C SER A 300 -23.11 -14.43 37.21
N CYS A 301 -22.04 -14.58 36.43
CA CYS A 301 -20.91 -15.40 36.89
C CYS A 301 -20.21 -14.71 38.06
N GLU A 302 -19.62 -15.51 38.93
CA GLU A 302 -18.99 -14.97 40.13
C GLU A 302 -17.61 -15.59 40.38
N PRO A 303 -16.70 -15.41 39.42
CA PRO A 303 -15.30 -15.84 39.64
C PRO A 303 -14.65 -14.97 40.69
N GLU A 304 -13.54 -15.45 41.25
CA GLU A 304 -12.77 -14.67 42.22
C GLU A 304 -12.33 -13.38 41.57
N GLU A 305 -11.87 -13.50 40.33
CA GLU A 305 -11.50 -12.32 39.55
C GLU A 305 -11.99 -12.36 38.12
N TYR A 306 -12.34 -11.19 37.61
CA TYR A 306 -12.75 -10.99 36.23
C TYR A 306 -11.78 -10.01 35.59
N TRP A 307 -11.08 -10.42 34.54
CA TRP A 307 -10.17 -9.50 33.84
C TRP A 307 -10.70 -9.14 32.46
N ILE A 308 -10.60 -7.87 32.09
CA ILE A 308 -10.83 -7.49 30.70
C ILE A 308 -9.61 -6.81 30.11
N VAL A 309 -9.07 -7.45 29.07
CA VAL A 309 -7.93 -6.95 28.29
C VAL A 309 -8.45 -6.36 26.98
N ASP A 310 -8.11 -5.10 26.71
CA ASP A 310 -8.51 -4.45 25.47
C ASP A 310 -7.70 -3.18 25.29
N ASP A 311 -7.62 -2.67 24.06
CA ASP A 311 -6.83 -1.46 23.86
C ASP A 311 -7.66 -0.19 24.00
N ILE A 312 -8.95 -0.34 24.31
CA ILE A 312 -9.75 0.85 24.56
C ILE A 312 -9.83 1.06 26.06
N GLU A 313 -10.01 2.33 26.44
CA GLU A 313 -9.95 2.73 27.84
C GLU A 313 -11.26 2.61 28.56
N GLY A 314 -11.17 2.65 29.89
CA GLY A 314 -12.35 2.78 30.73
C GLY A 314 -12.92 1.42 31.10
N ARG A 315 -13.93 1.45 31.95
CA ARG A 315 -14.59 0.21 32.36
C ARG A 315 -15.30 -0.44 31.17
N LEU A 316 -15.22 -1.76 31.09
CA LEU A 316 -15.81 -2.49 29.97
C LEU A 316 -16.68 -3.66 30.43
N ASP A 317 -16.85 -3.77 31.74
CA ASP A 317 -17.66 -4.82 32.35
C ASP A 317 -18.96 -4.23 32.89
N PRO A 318 -20.06 -4.46 32.17
CA PRO A 318 -21.34 -3.85 32.59
C PRO A 318 -21.96 -4.52 33.82
N ALA A 319 -21.30 -5.54 34.35
CA ALA A 319 -21.74 -6.17 35.59
C ALA A 319 -20.86 -5.81 36.79
N HIS A 320 -19.82 -5.01 36.53
CA HIS A 320 -18.99 -4.43 37.57
C HIS A 320 -18.33 -5.46 38.50
N HIS A 321 -17.77 -6.53 37.93
CA HIS A 321 -17.06 -7.56 38.73
C HIS A 321 -15.82 -7.04 39.43
N ARG A 322 -15.53 -7.63 40.58
CA ARG A 322 -14.23 -7.50 41.22
C ARG A 322 -13.18 -8.05 40.27
N GLY A 323 -12.11 -7.30 40.02
CA GLY A 323 -11.13 -7.77 39.06
C GLY A 323 -10.27 -6.67 38.49
N ARG A 324 -9.95 -6.80 37.21
CA ARG A 324 -8.93 -5.96 36.60
C ARG A 324 -9.36 -5.49 35.22
N ARG A 325 -8.99 -4.26 34.92
CA ARG A 325 -9.26 -3.63 33.62
C ARG A 325 -7.90 -3.27 33.06
N LEU A 326 -7.45 -4.06 32.09
CA LEU A 326 -6.09 -3.99 31.58
C LEU A 326 -6.04 -3.42 30.17
N ILE A 327 -5.37 -2.28 30.03
CA ILE A 327 -5.30 -1.57 28.76
C ILE A 327 -4.05 -2.03 28.04
N ALA A 328 -4.24 -2.66 26.89
CA ALA A 328 -3.11 -3.23 26.16
C ALA A 328 -3.53 -3.64 24.76
N ASN A 329 -2.57 -3.69 23.85
CA ASN A 329 -2.75 -4.39 22.58
C ASN A 329 -2.87 -5.88 22.92
N ILE A 330 -3.90 -6.54 22.42
CA ILE A 330 -4.19 -7.92 22.84
C ILE A 330 -3.03 -8.87 22.49
N ALA A 331 -2.48 -8.73 21.29
CA ALA A 331 -1.37 -9.60 20.89
C ALA A 331 -0.16 -9.40 21.80
N ASP A 332 0.18 -8.15 22.08
CA ASP A 332 1.27 -7.82 22.99
C ASP A 332 1.00 -8.41 24.37
N TRP A 333 -0.25 -8.30 24.82
CA TRP A 333 -0.61 -8.76 26.17
C TRP A 333 -0.40 -10.27 26.29
N LEU A 334 -0.78 -11.00 25.24
CA LEU A 334 -0.62 -12.45 25.23
C LEU A 334 0.85 -12.85 25.31
N GLU A 335 1.72 -12.06 24.69
CA GLU A 335 3.16 -12.37 24.78
C GLU A 335 3.67 -12.17 26.21
N LEU A 336 3.12 -11.19 26.91
CA LEU A 336 3.53 -10.88 28.28
C LEU A 336 2.94 -11.83 29.31
N HIS A 337 1.84 -12.48 28.94
CA HIS A 337 1.13 -13.40 29.82
C HIS A 337 0.90 -14.71 29.08
N PRO A 338 1.99 -15.44 28.82
CA PRO A 338 1.96 -16.64 27.98
C PRO A 338 1.24 -17.81 28.63
N ALA A 339 0.74 -18.71 27.78
CA ALA A 339 0.13 -19.94 28.24
C ALA A 339 1.17 -21.02 28.46
N GLU A 340 0.94 -21.89 29.43
CA GLU A 340 1.73 -23.11 29.50
C GLU A 340 0.76 -24.26 29.36
N LYS A 341 1.16 -25.30 28.63
CA LYS A 341 0.28 -26.43 28.34
C LYS A 341 -0.26 -27.08 29.62
N ARG A 342 -1.58 -27.17 29.72
CA ARG A 342 -2.22 -27.77 30.88
C ARG A 342 -3.45 -28.57 30.43
N GLN A 343 -3.76 -29.63 31.15
CA GLN A 343 -4.93 -30.47 30.84
C GLN A 343 -6.22 -29.65 30.94
N PRO A 344 -7.07 -29.74 29.91
CA PRO A 344 -8.37 -29.06 29.92
C PRO A 344 -9.24 -29.51 31.10
N TRP A 345 -9.98 -28.59 31.70
CA TRP A 345 -10.80 -28.95 32.87
C TRP A 345 -12.29 -29.12 32.54
N CYS A 346 -12.74 -28.59 31.40
CA CYS A 346 -14.14 -28.76 30.99
C CYS A 346 -14.40 -30.08 30.29
N VAL A 347 -15.47 -30.76 30.69
CA VAL A 347 -15.83 -32.05 30.09
C VAL A 347 -17.19 -32.01 29.40
N GLU A 348 -18.16 -31.32 29.99
CA GLU A 348 -19.53 -31.33 29.48
C GLU A 348 -19.75 -30.37 28.30
N ILE A 349 -19.11 -29.21 28.35
CA ILE A 349 -19.43 -28.15 27.40
C ILE A 349 -19.01 -28.48 25.95
N PRO A 350 -17.84 -29.09 25.75
CA PRO A 350 -17.51 -29.43 24.36
C PRO A 350 -18.57 -30.32 23.70
N ARG A 351 -19.14 -31.27 24.45
CA ARG A 351 -20.20 -32.12 23.95
C ARG A 351 -21.47 -31.33 23.64
N LEU A 352 -21.85 -30.44 24.55
CA LEU A 352 -23.06 -29.64 24.38
C LEU A 352 -22.95 -28.75 23.14
N ALA A 353 -21.77 -28.15 22.94
CA ALA A 353 -21.57 -27.27 21.79
C ALA A 353 -21.68 -28.04 20.48
N GLU A 354 -21.15 -29.26 20.44
CA GLU A 354 -21.26 -30.10 19.26
C GLU A 354 -22.71 -30.40 18.98
N GLN A 355 -23.42 -30.79 20.04
CA GLN A 355 -24.85 -31.11 19.94
C GLN A 355 -25.66 -29.90 19.51
N ALA A 356 -25.27 -28.73 20.01
CA ALA A 356 -25.95 -27.49 19.64
C ALA A 356 -25.81 -27.23 18.15
N MET A 357 -24.58 -27.32 17.65
CA MET A 357 -24.34 -27.11 16.22
C MET A 357 -25.10 -28.14 15.38
N GLN A 358 -25.15 -29.39 15.83
CA GLN A 358 -25.89 -30.42 15.11
C GLN A 358 -27.37 -30.07 15.01
N ALA A 359 -27.91 -29.48 16.06
CA ALA A 359 -29.31 -29.07 16.06
C ALA A 359 -29.57 -27.98 15.01
N VAL A 360 -28.62 -27.07 14.85
CA VAL A 360 -28.76 -26.02 13.86
C VAL A 360 -28.65 -26.60 12.46
N ILE A 361 -27.66 -27.47 12.26
CA ILE A 361 -27.45 -28.12 10.97
C ILE A 361 -28.69 -28.88 10.54
N ALA A 362 -29.38 -29.50 11.51
CA ALA A 362 -30.60 -30.23 11.18
C ALA A 362 -31.66 -29.33 10.56
N ARG A 363 -31.55 -28.02 10.78
CA ARG A 363 -32.55 -27.08 10.28
C ARG A 363 -32.02 -26.15 9.19
N ARG A 364 -30.98 -26.59 8.49
CA ARG A 364 -30.27 -25.74 7.55
C ARG A 364 -31.02 -25.51 6.22
N ASP A 365 -32.06 -26.29 5.97
CA ASP A 365 -32.66 -26.33 4.63
C ASP A 365 -33.62 -25.19 4.26
N ALA A 366 -34.42 -24.73 5.22
CA ALA A 366 -35.42 -23.70 4.93
C ALA A 366 -34.74 -22.44 4.38
N PHE A 367 -35.36 -21.79 3.39
CA PHE A 367 -34.77 -20.59 2.79
C PHE A 367 -35.12 -19.34 3.62
N GLY A 368 -34.54 -19.25 4.80
CA GLY A 368 -34.83 -18.16 5.73
C GLY A 368 -33.58 -17.48 6.23
N GLU A 369 -33.75 -16.41 6.99
CA GLU A 369 -32.59 -15.65 7.44
C GLU A 369 -31.77 -16.37 8.50
N ALA A 370 -32.40 -17.21 9.32
CA ALA A 370 -31.63 -17.99 10.30
C ALA A 370 -30.68 -18.94 9.57
N GLN A 371 -31.20 -19.55 8.52
CA GLN A 371 -30.44 -20.48 7.71
C GLN A 371 -29.34 -19.78 6.93
N LEU A 372 -29.63 -18.59 6.39
CA LEU A 372 -28.62 -17.80 5.72
C LEU A 372 -27.47 -17.51 6.69
N ALA A 373 -27.81 -17.09 7.90
CA ALA A 373 -26.78 -16.82 8.91
C ALA A 373 -25.96 -18.06 9.23
N HIS A 374 -26.64 -19.18 9.44
CA HIS A 374 -25.97 -20.42 9.75
C HIS A 374 -24.98 -20.79 8.65
N ARG A 375 -25.39 -20.56 7.40
CA ARG A 375 -24.57 -21.01 6.26
C ARG A 375 -23.60 -19.95 5.75
N ILE A 376 -23.54 -18.81 6.40
CA ILE A 376 -22.86 -17.66 5.80
C ILE A 376 -21.39 -17.96 5.50
N CYS A 377 -20.78 -18.86 6.26
N CYS A 377 -20.79 -18.88 6.24
CA CYS A 377 -19.39 -19.24 5.99
CA CYS A 377 -19.39 -19.24 6.02
C CYS A 377 -19.20 -19.74 4.56
C CYS A 377 -19.18 -19.82 4.62
N ASP A 378 -20.25 -20.36 4.03
CA ASP A 378 -20.18 -20.92 2.67
C ASP A 378 -20.10 -19.82 1.61
N TYR A 379 -20.39 -18.59 1.99
CA TYR A 379 -20.48 -17.52 1.01
C TYR A 379 -19.44 -16.41 1.21
N LEU A 380 -18.55 -16.58 2.18
CA LEU A 380 -17.49 -15.61 2.43
C LEU A 380 -16.54 -15.55 1.25
N PRO A 381 -16.24 -14.34 0.75
CA PRO A 381 -15.33 -14.23 -0.40
C PRO A 381 -13.90 -14.63 -0.03
N GLU A 382 -13.23 -15.37 -0.91
CA GLU A 382 -11.87 -15.76 -0.63
C GLU A 382 -10.96 -14.54 -0.52
N GLN A 383 -10.15 -14.55 0.54
CA GLN A 383 -9.22 -13.45 0.85
C GLN A 383 -9.97 -12.14 1.03
N GLY A 384 -11.20 -12.26 1.54
CA GLY A 384 -12.07 -11.12 1.74
C GLY A 384 -12.32 -10.76 3.19
N GLN A 385 -13.42 -10.03 3.40
CA GLN A 385 -13.81 -9.59 4.73
C GLN A 385 -15.33 -9.51 4.80
N LEU A 386 -15.84 -9.64 6.01
CA LEU A 386 -17.27 -9.60 6.28
C LEU A 386 -17.59 -8.33 7.06
N PHE A 387 -18.60 -7.57 6.61
CA PHE A 387 -19.14 -6.49 7.42
C PHE A 387 -20.53 -6.87 7.84
N VAL A 388 -20.73 -7.05 9.15
N VAL A 388 -20.73 -7.05 9.15
CA VAL A 388 -22.02 -7.52 9.65
CA VAL A 388 -22.02 -7.52 9.65
C VAL A 388 -22.81 -6.36 10.24
C VAL A 388 -22.81 -6.36 10.24
N GLY A 389 -24.06 -6.23 9.81
CA GLY A 389 -24.92 -5.17 10.29
C GLY A 389 -25.45 -5.46 11.68
N ASN A 390 -26.34 -4.58 12.12
CA ASN A 390 -26.91 -4.69 13.44
C ASN A 390 -28.32 -5.29 13.40
N SER A 391 -28.91 -5.44 14.58
CA SER A 391 -30.20 -6.07 14.79
C SER A 391 -30.07 -7.60 14.67
N LEU A 392 -30.95 -8.27 13.94
CA LEU A 392 -30.94 -9.74 13.97
C LEU A 392 -29.72 -10.38 13.33
N VAL A 393 -29.20 -9.80 12.24
CA VAL A 393 -28.19 -10.54 11.51
C VAL A 393 -26.96 -10.84 12.36
N VAL A 394 -26.47 -9.87 13.15
CA VAL A 394 -25.26 -10.13 13.93
C VAL A 394 -25.57 -11.18 15.01
N ARG A 395 -26.79 -11.16 15.53
CA ARG A 395 -27.20 -12.12 16.56
C ARG A 395 -27.37 -13.53 16.00
N LEU A 396 -27.94 -13.63 14.80
CA LEU A 396 -28.15 -14.93 14.16
C LEU A 396 -26.83 -15.57 13.74
N ILE A 397 -25.92 -14.79 13.17
CA ILE A 397 -24.62 -15.32 12.80
C ILE A 397 -23.87 -15.75 14.07
N ASP A 398 -23.91 -14.92 15.10
CA ASP A 398 -23.24 -15.25 16.37
C ASP A 398 -23.78 -16.56 16.98
N ALA A 399 -25.09 -16.76 16.92
CA ALA A 399 -25.71 -17.92 17.56
C ALA A 399 -25.61 -19.20 16.73
N LEU A 400 -25.64 -19.06 15.41
CA LEU A 400 -25.91 -20.19 14.54
C LEU A 400 -24.79 -20.59 13.60
N SER A 401 -23.78 -19.73 13.46
CA SER A 401 -22.70 -20.00 12.52
C SER A 401 -21.36 -20.14 13.24
N GLN A 402 -20.43 -20.84 12.60
CA GLN A 402 -19.07 -20.95 13.11
C GLN A 402 -18.15 -20.32 12.10
N LEU A 403 -17.73 -19.07 12.34
CA LEU A 403 -16.90 -18.36 11.38
C LEU A 403 -15.44 -18.77 11.49
N PRO A 404 -14.71 -18.78 10.37
CA PRO A 404 -13.32 -19.27 10.34
C PRO A 404 -12.36 -18.40 11.13
N ALA A 405 -11.41 -19.04 11.82
CA ALA A 405 -10.38 -18.30 12.53
C ALA A 405 -9.60 -17.41 11.56
N GLY A 406 -9.36 -16.16 11.97
CA GLY A 406 -8.58 -15.23 11.18
C GLY A 406 -9.27 -14.58 9.99
N TYR A 407 -10.53 -14.95 9.74
CA TYR A 407 -11.27 -14.30 8.65
C TYR A 407 -11.83 -12.97 9.15
N PRO A 408 -11.39 -11.84 8.55
CA PRO A 408 -11.73 -10.53 9.14
C PRO A 408 -13.24 -10.23 9.19
N VAL A 409 -13.70 -9.80 10.35
CA VAL A 409 -15.08 -9.34 10.55
C VAL A 409 -15.06 -7.90 11.06
N TYR A 410 -15.90 -7.06 10.46
CA TYR A 410 -16.04 -5.66 10.89
C TYR A 410 -17.50 -5.36 11.19
N SER A 411 -17.73 -4.35 12.02
CA SER A 411 -19.07 -4.04 12.49
C SER A 411 -19.10 -2.68 13.16
N ASN A 412 -20.31 -2.18 13.40
CA ASN A 412 -20.50 -0.99 14.23
C ASN A 412 -21.23 -1.38 15.51
N ARG A 413 -20.52 -1.99 16.46
CA ARG A 413 -21.16 -2.53 17.66
C ARG A 413 -20.83 -1.77 18.94
N GLY A 414 -20.39 -0.53 18.82
CA GLY A 414 -20.23 0.30 20.01
C GLY A 414 -21.60 0.75 20.47
N ALA A 415 -22.20 1.60 19.67
CA ALA A 415 -23.55 2.07 19.94
C ALA A 415 -24.58 1.27 19.15
N SER A 416 -24.09 0.43 18.24
CA SER A 416 -24.93 -0.45 17.43
C SER A 416 -26.01 0.30 16.66
N GLY A 417 -25.66 1.45 16.10
CA GLY A 417 -26.60 2.21 15.30
C GLY A 417 -26.97 1.53 13.99
N ILE A 418 -28.23 1.66 13.57
CA ILE A 418 -28.59 1.21 12.23
C ILE A 418 -28.57 2.35 11.23
N ASP A 419 -27.92 3.46 11.58
CA ASP A 419 -27.99 4.66 10.77
C ASP A 419 -26.85 4.87 9.75
N GLY A 420 -25.80 4.06 9.80
CA GLY A 420 -24.67 4.30 8.91
C GLY A 420 -24.00 3.07 8.36
N LEU A 421 -24.75 1.98 8.23
CA LEU A 421 -24.12 0.72 7.90
C LEU A 421 -23.65 0.61 6.45
N LEU A 422 -24.37 1.19 5.50
CA LEU A 422 -23.95 1.10 4.11
C LEU A 422 -22.70 1.97 3.84
N SER A 423 -22.69 3.18 4.39
CA SER A 423 -21.55 4.06 4.20
C SER A 423 -20.33 3.53 4.93
N THR A 424 -20.55 2.92 6.09
CA THR A 424 -19.43 2.33 6.81
C THR A 424 -18.83 1.19 5.98
N ALA A 425 -19.72 0.36 5.42
CA ALA A 425 -19.26 -0.77 4.62
C ALA A 425 -18.44 -0.30 3.43
N ALA A 426 -18.85 0.81 2.83
CA ALA A 426 -18.10 1.39 1.72
C ALA A 426 -16.68 1.75 2.15
N GLY A 427 -16.53 2.36 3.32
CA GLY A 427 -15.21 2.71 3.84
C GLY A 427 -14.38 1.49 4.18
N VAL A 428 -15.03 0.49 4.75
CA VAL A 428 -14.37 -0.78 5.08
C VAL A 428 -13.76 -1.40 3.81
N GLN A 429 -14.54 -1.41 2.73
CA GLN A 429 -14.07 -1.94 1.45
C GLN A 429 -12.90 -1.11 0.91
N ARG A 430 -13.07 0.20 0.86
CA ARG A 430 -12.07 1.06 0.23
C ARG A 430 -10.74 1.00 0.99
N ALA A 431 -10.82 0.87 2.32
CA ALA A 431 -9.60 0.88 3.13
C ALA A 431 -8.67 -0.28 2.80
N SER A 432 -9.24 -1.47 2.64
CA SER A 432 -8.41 -2.66 2.48
C SER A 432 -8.29 -3.09 1.03
N GLY A 433 -9.22 -2.65 0.20
CA GLY A 433 -9.24 -3.06 -1.19
C GLY A 433 -9.64 -4.52 -1.37
N LYS A 434 -10.24 -5.11 -0.32
CA LYS A 434 -10.61 -6.52 -0.38
C LYS A 434 -12.05 -6.74 -0.84
N PRO A 435 -12.32 -7.89 -1.48
CA PRO A 435 -13.71 -8.26 -1.75
C PRO A 435 -14.47 -8.36 -0.42
N THR A 436 -15.69 -7.84 -0.41
CA THR A 436 -16.40 -7.62 0.83
C THR A 436 -17.82 -8.15 0.77
N LEU A 437 -18.21 -8.87 1.82
CA LEU A 437 -19.61 -9.26 1.98
C LEU A 437 -20.19 -8.41 3.11
N ALA A 438 -21.24 -7.65 2.82
CA ALA A 438 -21.91 -6.83 3.84
C ALA A 438 -23.34 -7.31 3.96
N ILE A 439 -23.82 -7.49 5.19
CA ILE A 439 -25.17 -8.00 5.39
C ILE A 439 -25.95 -7.09 6.34
N VAL A 440 -27.09 -6.59 5.88
CA VAL A 440 -27.88 -5.66 6.70
C VAL A 440 -29.35 -5.97 6.58
N GLY A 441 -30.14 -5.41 7.50
CA GLY A 441 -31.59 -5.55 7.43
C GLY A 441 -32.25 -4.50 6.57
N ASP A 442 -33.56 -4.62 6.37
CA ASP A 442 -34.25 -3.69 5.46
C ASP A 442 -34.38 -2.26 6.02
N LEU A 443 -34.71 -2.11 7.30
CA LEU A 443 -34.79 -0.76 7.85
C LEU A 443 -33.41 -0.15 7.84
N SER A 444 -32.40 -0.97 8.12
CA SER A 444 -31.02 -0.50 8.06
C SER A 444 -30.66 0.01 6.67
N ALA A 445 -31.03 -0.73 5.63
CA ALA A 445 -30.74 -0.31 4.27
C ALA A 445 -31.50 0.96 3.89
N LEU A 446 -32.76 1.07 4.33
CA LEU A 446 -33.52 2.28 4.08
C LEU A 446 -32.89 3.49 4.75
N TYR A 447 -32.45 3.27 6.00
CA TYR A 447 -31.89 4.36 6.81
C TYR A 447 -30.75 5.04 6.05
N ASP A 448 -29.83 4.23 5.51
CA ASP A 448 -28.65 4.78 4.84
C ASP A 448 -28.75 4.56 3.33
N LEU A 449 -29.97 4.69 2.80
CA LEU A 449 -30.22 4.39 1.41
C LEU A 449 -29.34 5.19 0.45
N ASN A 450 -29.11 6.47 0.75
CA ASN A 450 -28.39 7.27 -0.24
C ASN A 450 -26.90 6.89 -0.29
N ALA A 451 -26.44 6.02 0.62
CA ALA A 451 -25.05 5.54 0.58
C ALA A 451 -24.82 4.57 -0.57
N LEU A 452 -25.90 4.11 -1.21
CA LEU A 452 -25.74 3.33 -2.43
C LEU A 452 -24.93 4.15 -3.47
N ALA A 453 -24.99 5.48 -3.36
CA ALA A 453 -24.19 6.35 -4.22
C ALA A 453 -22.70 6.05 -4.06
N LEU A 454 -22.29 5.86 -2.81
CA LEU A 454 -20.89 5.56 -2.51
C LEU A 454 -20.49 4.18 -3.02
N LEU A 455 -21.43 3.23 -2.95
CA LEU A 455 -21.11 1.86 -3.33
C LEU A 455 -20.96 1.71 -4.86
N ARG A 456 -21.23 2.79 -5.61
CA ARG A 456 -20.93 2.80 -7.03
C ARG A 456 -19.41 2.82 -7.31
N GLN A 457 -18.63 3.11 -6.27
CA GLN A 457 -17.17 3.09 -6.37
C GLN A 457 -16.53 2.22 -5.30
N VAL A 458 -16.26 0.96 -5.65
CA VAL A 458 -15.51 0.03 -4.81
C VAL A 458 -14.35 -0.53 -5.63
N SER A 459 -13.27 -0.93 -4.95
CA SER A 459 -12.06 -1.37 -5.65
C SER A 459 -12.00 -2.89 -5.86
N ALA A 460 -12.99 -3.59 -5.31
CA ALA A 460 -13.14 -5.03 -5.44
C ALA A 460 -14.62 -5.33 -5.30
N PRO A 461 -15.04 -6.53 -5.70
CA PRO A 461 -16.49 -6.78 -5.57
C PRO A 461 -17.00 -6.66 -4.14
N LEU A 462 -18.15 -6.02 -3.99
CA LEU A 462 -18.83 -5.96 -2.72
C LEU A 462 -20.24 -6.45 -2.92
N VAL A 463 -20.58 -7.48 -2.16
CA VAL A 463 -21.94 -7.98 -2.14
C VAL A 463 -22.67 -7.39 -0.94
N LEU A 464 -23.76 -6.69 -1.21
CA LEU A 464 -24.61 -6.17 -0.14
C LEU A 464 -25.86 -7.04 -0.08
N ILE A 465 -25.95 -7.89 0.94
CA ILE A 465 -27.17 -8.64 1.16
C ILE A 465 -28.10 -7.80 2.00
N VAL A 466 -29.32 -7.59 1.51
CA VAL A 466 -30.35 -6.93 2.30
C VAL A 466 -31.38 -7.99 2.67
N VAL A 467 -31.45 -8.32 3.95
CA VAL A 467 -32.46 -9.25 4.43
C VAL A 467 -33.76 -8.48 4.65
N ASN A 468 -34.77 -8.76 3.84
CA ASN A 468 -36.03 -8.02 3.90
C ASN A 468 -37.10 -8.86 4.59
N ASN A 469 -37.32 -8.62 5.89
CA ASN A 469 -38.37 -9.29 6.63
C ASN A 469 -39.45 -8.28 7.01
N ASN A 470 -39.48 -7.16 6.26
CA ASN A 470 -40.54 -6.17 6.37
C ASN A 470 -40.71 -5.58 7.77
N GLY A 471 -39.68 -4.86 8.21
CA GLY A 471 -39.71 -4.19 9.51
C GLY A 471 -38.53 -4.60 10.35
N GLY A 472 -38.47 -4.08 11.58
CA GLY A 472 -37.42 -4.43 12.52
C GLY A 472 -37.81 -5.66 13.33
N GLN A 473 -37.57 -6.84 12.78
CA GLN A 473 -38.09 -8.05 13.39
C GLN A 473 -37.36 -8.45 14.67
N ILE A 474 -36.31 -7.70 15.02
CA ILE A 474 -35.73 -7.88 16.35
C ILE A 474 -36.81 -7.64 17.41
N PHE A 475 -37.82 -6.85 17.06
CA PHE A 475 -38.90 -6.58 18.00
C PHE A 475 -39.97 -7.67 17.99
N SER A 476 -39.78 -8.68 17.16
CA SER A 476 -40.54 -9.93 17.25
C SER A 476 -39.81 -10.97 18.10
N LEU A 477 -38.52 -10.73 18.33
CA LEU A 477 -37.72 -11.56 19.22
C LEU A 477 -37.85 -11.08 20.66
N LEU A 478 -37.73 -9.77 20.85
CA LEU A 478 -38.01 -9.15 22.14
C LEU A 478 -39.49 -9.28 22.47
N PRO A 479 -39.82 -9.33 23.77
CA PRO A 479 -41.19 -9.52 24.26
C PRO A 479 -42.03 -8.24 24.21
N THR A 480 -42.02 -7.57 23.06
CA THR A 480 -42.80 -6.35 22.89
C THR A 480 -44.28 -6.69 22.90
N PRO A 481 -45.12 -5.75 23.36
CA PRO A 481 -46.57 -6.02 23.42
C PRO A 481 -47.17 -6.16 22.04
N GLN A 482 -47.97 -7.21 21.83
CA GLN A 482 -48.48 -7.52 20.50
C GLN A 482 -49.37 -6.41 19.93
N SER A 483 -50.13 -5.74 20.79
CA SER A 483 -51.08 -4.73 20.35
C SER A 483 -50.41 -3.55 19.64
N GLU A 484 -49.26 -3.13 20.18
CA GLU A 484 -48.53 -1.98 19.65
C GLU A 484 -47.36 -2.35 18.74
N ARG A 485 -47.10 -3.65 18.61
CA ARG A 485 -45.86 -4.11 17.97
C ARG A 485 -45.68 -3.65 16.52
N GLU A 486 -46.72 -3.81 15.69
CA GLU A 486 -46.53 -3.50 14.27
C GLU A 486 -46.33 -2.00 14.04
N ARG A 487 -47.23 -1.19 14.59
CA ARG A 487 -47.18 0.24 14.33
C ARG A 487 -45.99 0.94 15.00
N PHE A 488 -45.70 0.57 16.25
CA PHE A 488 -44.74 1.34 17.03
C PHE A 488 -43.38 0.67 17.25
N TYR A 489 -43.22 -0.57 16.79
CA TYR A 489 -41.94 -1.26 16.90
C TYR A 489 -41.42 -1.75 15.54
N LEU A 490 -42.16 -2.67 14.93
CA LEU A 490 -41.70 -3.29 13.67
C LEU A 490 -41.59 -2.26 12.56
N MET A 491 -42.60 -1.42 12.44
CA MET A 491 -42.69 -0.38 11.41
C MET A 491 -42.33 -0.90 10.01
N PRO A 492 -43.09 -1.90 9.52
CA PRO A 492 -42.88 -2.36 8.14
C PRO A 492 -43.05 -1.22 7.15
N GLN A 493 -42.16 -1.15 6.17
CA GLN A 493 -42.22 -0.08 5.17
C GLN A 493 -42.71 -0.61 3.82
N ASN A 494 -42.86 -1.93 3.72
CA ASN A 494 -43.41 -2.57 2.52
C ASN A 494 -42.76 -2.08 1.22
N VAL A 495 -41.45 -2.27 1.16
CA VAL A 495 -40.69 -1.90 -0.03
C VAL A 495 -39.85 -3.07 -0.50
N HIS A 496 -39.32 -2.94 -1.70
CA HIS A 496 -38.23 -3.78 -2.16
C HIS A 496 -37.08 -2.89 -2.63
N PHE A 497 -35.97 -3.50 -3.04
CA PHE A 497 -34.78 -2.72 -3.29
C PHE A 497 -34.31 -2.77 -4.75
N GLU A 498 -35.11 -3.35 -5.63
CA GLU A 498 -34.72 -3.42 -7.05
C GLU A 498 -34.60 -2.02 -7.65
N HIS A 499 -35.54 -1.12 -7.31
CA HIS A 499 -35.49 0.24 -7.86
C HIS A 499 -34.35 1.05 -7.25
N ALA A 500 -34.03 0.81 -5.97
CA ALA A 500 -32.86 1.46 -5.35
C ALA A 500 -31.58 1.05 -6.08
N ALA A 501 -31.41 -0.23 -6.36
CA ALA A 501 -30.25 -0.68 -7.09
C ALA A 501 -30.20 -0.03 -8.48
N ALA A 502 -31.34 -0.03 -9.17
CA ALA A 502 -31.41 0.51 -10.52
C ALA A 502 -31.05 2.01 -10.56
N MET A 503 -31.51 2.76 -9.56
CA MET A 503 -31.24 4.20 -9.50
C MET A 503 -29.75 4.48 -9.51
N PHE A 504 -28.99 3.60 -8.86
CA PHE A 504 -27.55 3.79 -8.74
C PHE A 504 -26.76 2.83 -9.65
N GLU A 505 -27.47 2.25 -10.60
CA GLU A 505 -26.85 1.43 -11.65
C GLU A 505 -26.05 0.30 -11.02
N LEU A 506 -26.58 -0.30 -9.97
CA LEU A 506 -25.96 -1.42 -9.30
C LEU A 506 -26.66 -2.71 -9.70
N LYS A 507 -25.88 -3.75 -9.97
CA LYS A 507 -26.46 -5.07 -10.25
C LYS A 507 -27.30 -5.55 -9.07
N TYR A 508 -28.40 -6.25 -9.41
CA TYR A 508 -29.38 -6.66 -8.42
C TYR A 508 -29.86 -8.08 -8.64
N HIS A 509 -30.01 -8.83 -7.54
CA HIS A 509 -30.59 -10.17 -7.59
C HIS A 509 -31.63 -10.32 -6.49
N ARG A 510 -32.74 -11.01 -6.78
CA ARG A 510 -33.67 -11.39 -5.73
C ARG A 510 -33.87 -12.90 -5.75
N PRO A 511 -32.90 -13.65 -5.21
CA PRO A 511 -32.95 -15.11 -5.29
C PRO A 511 -34.09 -15.72 -4.48
N GLN A 512 -34.70 -16.76 -5.01
CA GLN A 512 -35.87 -17.39 -4.39
C GLN A 512 -35.57 -18.73 -3.71
N ASN A 513 -34.35 -19.22 -3.92
CA ASN A 513 -33.91 -20.47 -3.32
C ASN A 513 -32.38 -20.52 -3.24
N TRP A 514 -31.84 -21.56 -2.62
CA TRP A 514 -30.40 -21.64 -2.41
C TRP A 514 -29.61 -21.66 -3.71
N GLN A 515 -30.14 -22.35 -4.72
CA GLN A 515 -29.45 -22.44 -6.02
C GLN A 515 -29.33 -21.06 -6.64
N GLU A 516 -30.41 -20.29 -6.62
CA GLU A 516 -30.37 -18.94 -7.17
C GLU A 516 -29.44 -18.02 -6.37
N LEU A 517 -29.37 -18.22 -5.06
CA LEU A 517 -28.44 -17.43 -4.24
C LEU A 517 -26.98 -17.73 -4.62
N GLU A 518 -26.69 -19.01 -4.81
CA GLU A 518 -25.33 -19.41 -5.18
C GLU A 518 -24.95 -18.85 -6.55
N THR A 519 -25.92 -18.86 -7.47
CA THR A 519 -25.72 -18.30 -8.80
C THR A 519 -25.48 -16.79 -8.72
N ALA A 520 -26.25 -16.11 -7.87
CA ALA A 520 -26.08 -14.66 -7.68
C ALA A 520 -24.67 -14.33 -7.16
N PHE A 521 -24.22 -15.06 -6.16
CA PHE A 521 -22.87 -14.84 -5.63
C PHE A 521 -21.83 -15.08 -6.72
N ALA A 522 -21.99 -16.17 -7.45
CA ALA A 522 -21.03 -16.50 -8.50
C ALA A 522 -20.92 -15.37 -9.51
N ASP A 523 -22.06 -14.80 -9.87
CA ASP A 523 -22.10 -13.64 -10.75
C ASP A 523 -21.41 -12.42 -10.10
N ALA A 524 -21.75 -12.18 -8.83
CA ALA A 524 -21.32 -10.96 -8.16
C ALA A 524 -19.81 -10.80 -7.99
N TRP A 525 -19.11 -11.88 -7.67
CA TRP A 525 -17.68 -11.77 -7.36
C TRP A 525 -16.80 -11.55 -8.59
N ARG A 526 -17.40 -11.51 -9.77
CA ARG A 526 -16.63 -11.46 -11.02
C ARG A 526 -16.04 -10.09 -11.35
N THR A 527 -16.63 -9.01 -10.81
CA THR A 527 -16.19 -7.68 -11.17
C THR A 527 -16.06 -6.77 -9.96
N PRO A 528 -15.19 -5.74 -10.04
CA PRO A 528 -14.99 -4.81 -8.91
C PRO A 528 -16.12 -3.82 -8.78
N THR A 529 -17.31 -4.33 -8.52
CA THR A 529 -18.51 -3.52 -8.37
C THR A 529 -19.37 -4.04 -7.23
N THR A 530 -20.34 -3.23 -6.83
CA THR A 530 -21.28 -3.63 -5.81
C THR A 530 -22.52 -4.30 -6.41
N THR A 531 -22.84 -5.48 -5.88
CA THR A 531 -24.08 -6.18 -6.24
C THR A 531 -25.00 -6.20 -5.03
N VAL A 532 -26.25 -5.83 -5.26
CA VAL A 532 -27.27 -5.91 -4.21
C VAL A 532 -28.03 -7.23 -4.35
N ILE A 533 -28.04 -8.04 -3.29
CA ILE A 533 -28.81 -9.28 -3.24
C ILE A 533 -29.87 -9.12 -2.17
N GLU A 534 -31.13 -9.05 -2.59
CA GLU A 534 -32.22 -8.91 -1.65
C GLU A 534 -32.78 -10.29 -1.33
N MET A 535 -32.72 -10.66 -0.06
CA MET A 535 -33.32 -11.92 0.38
C MET A 535 -34.64 -11.62 1.09
N VAL A 536 -35.73 -11.95 0.42
CA VAL A 536 -37.06 -11.71 0.99
C VAL A 536 -37.49 -12.93 1.79
N VAL A 537 -37.80 -12.70 3.06
CA VAL A 537 -38.17 -13.79 3.97
C VAL A 537 -39.42 -13.43 4.75
N ASN A 538 -40.10 -14.46 5.25
CA ASN A 538 -41.29 -14.27 6.07
C ASN A 538 -40.93 -13.56 7.38
N ASP A 539 -41.71 -12.54 7.73
CA ASP A 539 -41.37 -11.64 8.83
C ASP A 539 -40.74 -12.29 10.07
N THR A 540 -41.44 -13.23 10.71
CA THR A 540 -40.99 -13.70 12.03
C THR A 540 -40.25 -15.05 12.05
N ASP A 541 -40.00 -15.65 10.89
CA ASP A 541 -39.37 -16.96 10.87
C ASP A 541 -37.99 -16.96 11.52
N GLY A 542 -37.21 -15.93 11.28
CA GLY A 542 -35.87 -15.85 11.85
C GLY A 542 -35.90 -15.83 13.38
N ALA A 543 -36.70 -14.93 13.93
CA ALA A 543 -36.85 -14.83 15.38
C ALA A 543 -37.38 -16.13 16.00
N GLN A 544 -38.40 -16.72 15.38
CA GLN A 544 -38.98 -17.93 15.96
C GLN A 544 -38.01 -19.11 15.89
N THR A 545 -37.23 -19.18 14.82
CA THR A 545 -36.26 -20.25 14.67
C THR A 545 -35.20 -20.18 15.75
N LEU A 546 -34.74 -18.97 16.04
CA LEU A 546 -33.76 -18.78 17.10
C LEU A 546 -34.36 -19.23 18.43
N GLN A 547 -35.61 -18.83 18.68
CA GLN A 547 -36.25 -19.19 19.93
C GLN A 547 -36.42 -20.69 20.07
N GLN A 548 -36.81 -21.35 18.97
CA GLN A 548 -37.03 -22.80 19.00
C GLN A 548 -35.73 -23.53 19.26
N LEU A 549 -34.65 -23.06 18.63
CA LEU A 549 -33.34 -23.67 18.80
C LEU A 549 -32.80 -23.46 20.21
N LEU A 550 -33.02 -22.28 20.76
CA LEU A 550 -32.66 -21.99 22.14
C LEU A 550 -33.32 -23.00 23.08
N ALA A 551 -34.62 -23.19 22.90
CA ALA A 551 -35.40 -24.11 23.71
C ALA A 551 -34.94 -25.56 23.56
N GLN A 552 -34.68 -25.98 22.32
CA GLN A 552 -34.24 -27.35 22.06
C GLN A 552 -32.93 -27.65 22.77
N VAL A 553 -31.96 -26.74 22.64
CA VAL A 553 -30.64 -26.95 23.22
C VAL A 553 -30.66 -26.89 24.75
N SER A 554 -31.56 -26.08 25.30
CA SER A 554 -31.66 -25.96 26.75
C SER A 554 -32.14 -27.28 27.38
N HIS A 555 -32.74 -28.15 26.57
CA HIS A 555 -33.27 -29.42 27.07
C HIS A 555 -32.34 -30.60 26.80
N LEU A 556 -31.19 -30.33 26.18
CA LEU A 556 -30.22 -31.40 25.91
C LEU A 556 -29.58 -31.96 27.18
N MET B 1 -42.93 -2.31 43.36
CA MET B 1 -42.54 -3.68 43.07
C MET B 1 -42.04 -3.83 41.63
N SER B 2 -42.93 -3.69 40.65
CA SER B 2 -42.58 -3.92 39.25
C SER B 2 -41.91 -2.71 38.60
N VAL B 3 -40.63 -2.87 38.26
CA VAL B 3 -39.86 -1.81 37.59
C VAL B 3 -40.49 -1.47 36.24
N SER B 4 -40.91 -2.49 35.51
CA SER B 4 -41.46 -2.27 34.18
C SER B 4 -42.74 -1.45 34.29
N ALA B 5 -43.57 -1.78 35.28
CA ALA B 5 -44.83 -1.05 35.50
C ALA B 5 -44.56 0.38 35.94
N PHE B 6 -43.64 0.57 36.87
CA PHE B 6 -43.39 1.92 37.35
C PHE B 6 -42.76 2.79 36.27
N ASN B 7 -41.90 2.21 35.44
CA ASN B 7 -41.34 2.92 34.28
C ASN B 7 -42.46 3.55 33.45
N ARG B 8 -43.52 2.78 33.25
CA ARG B 8 -44.61 3.23 32.41
C ARG B 8 -45.46 4.30 33.10
N ARG B 9 -45.60 4.21 34.43
CA ARG B 9 -46.32 5.22 35.21
C ARG B 9 -45.57 6.57 35.24
N TRP B 10 -44.26 6.49 35.39
CA TRP B 10 -43.38 7.64 35.32
C TRP B 10 -43.51 8.30 33.94
N ALA B 11 -43.38 7.48 32.90
CA ALA B 11 -43.51 7.99 31.53
C ALA B 11 -44.90 8.58 31.27
N ALA B 12 -45.95 7.98 31.83
CA ALA B 12 -47.31 8.48 31.60
C ALA B 12 -47.49 9.90 32.15
N VAL B 13 -46.83 10.19 33.26
CA VAL B 13 -46.88 11.53 33.83
C VAL B 13 -46.23 12.51 32.87
N ILE B 14 -45.06 12.14 32.35
CA ILE B 14 -44.37 13.00 31.41
C ILE B 14 -45.26 13.32 30.20
N LEU B 15 -45.82 12.29 29.58
CA LEU B 15 -46.60 12.48 28.37
C LEU B 15 -47.91 13.24 28.64
N GLU B 16 -48.58 12.93 29.74
CA GLU B 16 -49.82 13.65 30.07
C GLU B 16 -49.54 15.14 30.33
N ALA B 17 -48.40 15.43 30.99
CA ALA B 17 -48.04 16.81 31.25
C ALA B 17 -47.97 17.59 29.95
N LEU B 18 -47.39 16.98 28.91
CA LEU B 18 -47.21 17.68 27.65
C LEU B 18 -48.53 18.09 27.02
N THR B 19 -49.57 17.29 27.24
CA THR B 19 -50.88 17.59 26.66
C THR B 19 -51.48 18.90 27.19
N ARG B 20 -51.00 19.35 28.34
CA ARG B 20 -51.52 20.55 28.98
C ARG B 20 -50.86 21.80 28.40
N HIS B 21 -49.88 21.58 27.52
CA HIS B 21 -49.15 22.69 26.91
C HIS B 21 -49.32 22.71 25.40
N GLY B 22 -50.37 22.07 24.91
CA GLY B 22 -50.71 22.17 23.50
C GLY B 22 -50.04 21.16 22.59
N VAL B 23 -49.32 20.19 23.16
CA VAL B 23 -48.71 19.14 22.33
C VAL B 23 -49.78 18.19 21.82
N ARG B 24 -49.94 18.13 20.49
CA ARG B 24 -50.94 17.22 19.92
C ARG B 24 -50.22 16.17 19.05
N HIS B 25 -49.24 16.61 18.28
CA HIS B 25 -48.44 15.69 17.46
C HIS B 25 -47.27 15.10 18.22
N ILE B 26 -47.08 13.80 18.08
CA ILE B 26 -45.89 13.18 18.62
C ILE B 26 -45.27 12.28 17.54
N CYS B 27 -43.95 12.41 17.34
CA CYS B 27 -43.23 11.66 16.30
C CYS B 27 -42.35 10.61 16.95
N ILE B 28 -42.52 9.36 16.56
CA ILE B 28 -41.90 8.23 17.26
C ILE B 28 -41.07 7.36 16.33
N ALA B 29 -39.82 7.11 16.73
CA ALA B 29 -38.94 6.15 16.04
C ALA B 29 -38.83 4.88 16.87
N PRO B 30 -38.46 3.75 16.23
CA PRO B 30 -38.54 2.47 16.95
C PRO B 30 -37.35 2.21 17.87
N GLY B 31 -37.58 1.43 18.92
CA GLY B 31 -36.52 1.08 19.82
C GLY B 31 -37.05 0.28 20.98
N SER B 32 -36.16 -0.21 21.83
CA SER B 32 -36.58 -0.96 23.01
C SER B 32 -36.49 -0.09 24.26
N ARG B 33 -35.39 0.64 24.43
CA ARG B 33 -35.22 1.45 25.63
C ARG B 33 -36.30 2.54 25.75
N SER B 34 -36.85 2.93 24.60
CA SER B 34 -37.91 3.96 24.55
C SER B 34 -39.28 3.41 24.90
N THR B 35 -39.36 2.11 25.16
CA THR B 35 -40.65 1.47 25.42
C THR B 35 -41.56 2.21 26.43
N PRO B 36 -41.03 2.64 27.59
CA PRO B 36 -41.94 3.31 28.54
C PRO B 36 -42.58 4.57 27.95
N LEU B 37 -41.79 5.34 27.21
CA LEU B 37 -42.28 6.55 26.56
C LEU B 37 -43.26 6.21 25.44
N THR B 38 -42.86 5.28 24.59
CA THR B 38 -43.66 4.94 23.42
C THR B 38 -44.99 4.29 23.78
N LEU B 39 -45.00 3.41 24.76
CA LEU B 39 -46.27 2.81 25.17
C LEU B 39 -47.17 3.84 25.88
N ALA B 40 -46.57 4.71 26.68
CA ALA B 40 -47.35 5.78 27.33
C ALA B 40 -47.96 6.67 26.25
N ALA B 41 -47.18 6.97 25.21
CA ALA B 41 -47.68 7.83 24.14
C ALA B 41 -48.78 7.13 23.37
N ALA B 42 -48.56 5.86 23.04
CA ALA B 42 -49.54 5.12 22.24
C ALA B 42 -50.89 5.01 22.95
N GLU B 43 -50.85 4.92 24.28
CA GLU B 43 -52.06 4.75 25.08
C GLU B 43 -52.79 6.05 25.32
N ASN B 44 -52.11 7.18 25.07
CA ASN B 44 -52.68 8.48 25.36
C ASN B 44 -53.43 9.00 24.14
N SER B 45 -54.75 9.09 24.26
CA SER B 45 -55.61 9.41 23.12
C SER B 45 -55.53 10.87 22.70
N ALA B 46 -54.77 11.67 23.44
CA ALA B 46 -54.66 13.08 23.11
C ALA B 46 -53.82 13.30 21.87
N PHE B 47 -52.97 12.33 21.54
CA PHE B 47 -51.95 12.53 20.49
C PHE B 47 -52.33 12.03 19.11
N ILE B 48 -51.80 12.73 18.10
CA ILE B 48 -51.72 12.21 16.74
C ILE B 48 -50.33 11.62 16.61
N HIS B 49 -50.23 10.33 16.32
CA HIS B 49 -48.92 9.67 16.30
C HIS B 49 -48.36 9.51 14.89
N HIS B 50 -47.11 9.94 14.69
CA HIS B 50 -46.38 9.76 13.43
C HIS B 50 -45.17 8.90 13.67
N THR B 51 -44.84 8.04 12.72
CA THR B 51 -43.66 7.19 12.84
C THR B 51 -42.73 7.33 11.66
N HIS B 52 -41.44 7.04 11.89
CA HIS B 52 -40.45 7.00 10.82
C HIS B 52 -39.24 6.24 11.35
N PHE B 53 -38.48 5.64 10.43
CA PHE B 53 -37.34 4.82 10.81
C PHE B 53 -36.02 5.60 10.85
N ASP B 54 -35.95 6.75 10.20
CA ASP B 54 -34.74 7.57 10.18
C ASP B 54 -34.93 8.72 11.18
N GLU B 55 -34.16 8.71 12.27
CA GLU B 55 -34.37 9.68 13.34
C GLU B 55 -34.03 11.11 12.91
N ARG B 56 -33.13 11.27 11.95
CA ARG B 56 -32.83 12.60 11.43
C ARG B 56 -34.07 13.11 10.70
N GLY B 57 -34.65 12.25 9.87
CA GLY B 57 -35.89 12.60 9.20
C GLY B 57 -37.05 12.79 10.16
N LEU B 58 -37.09 12.00 11.22
CA LEU B 58 -38.13 12.12 12.22
C LEU B 58 -38.09 13.50 12.86
N GLY B 59 -36.89 13.98 13.15
CA GLY B 59 -36.75 15.30 13.73
C GLY B 59 -37.25 16.40 12.81
N HIS B 60 -36.98 16.25 11.51
CA HIS B 60 -37.40 17.25 10.53
C HIS B 60 -38.90 17.14 10.27
N LEU B 61 -39.45 15.94 10.40
CA LEU B 61 -40.91 15.78 10.30
C LEU B 61 -41.58 16.61 11.41
N ALA B 62 -41.06 16.46 12.63
CA ALA B 62 -41.56 17.22 13.77
C ALA B 62 -41.35 18.71 13.56
N LEU B 63 -40.19 19.08 13.02
CA LEU B 63 -39.91 20.47 12.72
C LEU B 63 -40.99 21.06 11.79
N GLY B 64 -41.34 20.33 10.74
CA GLY B 64 -42.35 20.80 9.79
C GLY B 64 -43.73 20.91 10.40
N LEU B 65 -44.09 19.94 11.23
CA LEU B 65 -45.36 19.97 11.95
C LEU B 65 -45.44 21.21 12.84
N ALA B 66 -44.35 21.49 13.55
CA ALA B 66 -44.29 22.61 14.48
C ALA B 66 -44.28 23.94 13.74
N LYS B 67 -43.57 23.94 12.62
CA LYS B 67 -43.41 25.13 11.78
C LYS B 67 -44.77 25.67 11.36
N VAL B 68 -45.65 24.76 10.97
CA VAL B 68 -46.96 25.17 10.47
C VAL B 68 -47.96 25.37 11.62
N SER B 69 -47.98 24.43 12.56
CA SER B 69 -49.01 24.45 13.60
C SER B 69 -48.77 25.49 14.69
N LYS B 70 -47.52 25.93 14.84
CA LYS B 70 -47.15 26.90 15.86
C LYS B 70 -47.41 26.39 17.28
N GLN B 71 -47.41 25.06 17.44
CA GLN B 71 -47.51 24.43 18.75
C GLN B 71 -46.29 23.57 18.98
N PRO B 72 -46.01 23.24 20.24
CA PRO B 72 -44.91 22.30 20.48
C PRO B 72 -45.26 20.92 19.95
N VAL B 73 -44.25 20.24 19.43
CA VAL B 73 -44.38 18.90 18.88
C VAL B 73 -43.41 17.99 19.60
N ALA B 74 -43.85 16.81 20.05
CA ALA B 74 -42.96 15.94 20.81
C ALA B 74 -42.33 14.89 19.91
N VAL B 75 -41.15 14.41 20.34
CA VAL B 75 -40.43 13.39 19.62
C VAL B 75 -39.96 12.33 20.62
N ILE B 76 -40.11 11.07 20.27
CA ILE B 76 -39.56 9.99 21.09
C ILE B 76 -38.57 9.17 20.29
N VAL B 77 -37.38 9.00 20.85
CA VAL B 77 -36.38 8.11 20.26
C VAL B 77 -35.72 7.25 21.33
N THR B 78 -35.10 6.14 20.92
CA THR B 78 -34.39 5.29 21.86
C THR B 78 -32.97 5.83 22.12
N SER B 79 -32.21 5.16 22.98
CA SER B 79 -30.88 5.64 23.35
C SER B 79 -29.86 5.43 22.22
N GLY B 80 -28.73 6.15 22.29
CA GLY B 80 -27.64 5.92 21.35
C GLY B 80 -27.58 6.93 20.21
N THR B 81 -27.13 6.50 19.03
CA THR B 81 -27.01 7.44 17.92
C THR B 81 -28.38 7.92 17.44
N ALA B 82 -29.44 7.21 17.79
CA ALA B 82 -30.79 7.69 17.50
C ALA B 82 -30.95 9.11 18.04
N VAL B 83 -30.43 9.35 19.25
CA VAL B 83 -30.55 10.67 19.87
C VAL B 83 -29.72 11.68 19.07
N ALA B 84 -28.49 11.31 18.73
CA ALA B 84 -27.62 12.23 17.97
C ALA B 84 -28.24 12.67 16.67
N ASN B 85 -29.04 11.80 16.04
CA ASN B 85 -29.64 12.15 14.77
C ASN B 85 -30.68 13.27 14.84
N LEU B 86 -31.12 13.62 16.05
CA LEU B 86 -32.06 14.70 16.22
C LEU B 86 -31.40 16.08 16.16
N TYR B 87 -30.07 16.11 16.16
CA TYR B 87 -29.33 17.38 16.28
C TYR B 87 -29.65 18.38 15.19
N PRO B 88 -29.65 17.95 13.92
CA PRO B 88 -29.93 18.93 12.86
C PRO B 88 -31.26 19.67 13.05
N ALA B 89 -32.35 18.94 13.27
CA ALA B 89 -33.64 19.61 13.47
C ALA B 89 -33.65 20.46 14.74
N LEU B 90 -32.99 19.99 15.79
CA LEU B 90 -32.95 20.77 17.04
C LEU B 90 -32.22 22.11 16.82
N ILE B 91 -31.14 22.06 16.05
CA ILE B 91 -30.38 23.28 15.76
C ILE B 91 -31.20 24.27 14.94
N GLU B 92 -31.89 23.77 13.92
CA GLU B 92 -32.72 24.63 13.08
C GLU B 92 -33.83 25.27 13.93
N ALA B 93 -34.46 24.48 14.80
CA ALA B 93 -35.50 24.99 15.70
C ALA B 93 -34.96 26.05 16.64
N GLY B 94 -33.71 25.91 17.07
CA GLY B 94 -33.09 26.91 17.93
C GLY B 94 -33.02 28.25 17.24
N LEU B 95 -32.87 28.22 15.93
CA LEU B 95 -32.70 29.43 15.13
C LEU B 95 -34.02 30.07 14.68
N THR B 96 -35.01 29.26 14.36
CA THR B 96 -36.23 29.82 13.78
C THR B 96 -37.44 29.73 14.70
N GLY B 97 -37.31 29.04 15.83
CA GLY B 97 -38.30 29.14 16.89
C GLY B 97 -39.26 27.97 17.13
N GLU B 98 -39.23 26.97 16.26
CA GLU B 98 -40.08 25.79 16.44
C GLU B 98 -39.90 25.16 17.82
N LYS B 99 -41.01 24.80 18.46
CA LYS B 99 -40.90 24.18 19.77
C LYS B 99 -40.88 22.67 19.65
N LEU B 100 -39.68 22.10 19.68
CA LEU B 100 -39.55 20.65 19.58
C LEU B 100 -39.24 20.08 20.96
N ILE B 101 -40.07 19.16 21.40
CA ILE B 101 -39.84 18.53 22.70
C ILE B 101 -39.25 17.14 22.50
N LEU B 102 -37.96 16.99 22.79
CA LEU B 102 -37.27 15.74 22.51
C LEU B 102 -37.20 14.83 23.74
N LEU B 103 -37.99 13.76 23.73
CA LEU B 103 -37.97 12.76 24.80
C LEU B 103 -37.00 11.66 24.39
N THR B 104 -35.80 11.68 24.96
CA THR B 104 -34.75 10.78 24.51
C THR B 104 -34.50 9.71 25.58
N ALA B 105 -34.89 8.47 25.27
CA ALA B 105 -34.72 7.37 26.20
C ALA B 105 -33.24 7.15 26.46
N ASP B 106 -32.90 6.76 27.68
CA ASP B 106 -31.51 6.53 28.04
C ASP B 106 -31.35 5.27 28.88
N ARG B 107 -30.15 4.70 28.88
CA ARG B 107 -29.81 3.71 29.91
C ARG B 107 -29.79 4.39 31.27
N PRO B 108 -29.97 3.62 32.35
CA PRO B 108 -29.86 4.16 33.70
C PRO B 108 -28.39 4.42 34.04
N PRO B 109 -28.12 5.21 35.07
CA PRO B 109 -26.76 5.61 35.43
C PRO B 109 -25.78 4.45 35.58
N GLU B 110 -26.24 3.30 36.07
CA GLU B 110 -25.35 2.18 36.33
C GLU B 110 -24.88 1.48 35.04
N LEU B 111 -25.43 1.87 33.89
CA LEU B 111 -24.99 1.27 32.64
C LEU B 111 -24.29 2.26 31.69
N ILE B 112 -23.86 3.40 32.22
CA ILE B 112 -23.10 4.39 31.45
C ILE B 112 -21.59 4.26 31.71
N ASP B 113 -20.80 4.40 30.65
CA ASP B 113 -19.33 4.34 30.71
C ASP B 113 -18.83 2.99 31.27
N CYS B 114 -19.46 1.89 30.86
CA CYS B 114 -19.01 0.57 31.30
C CYS B 114 -19.06 -0.45 30.18
N GLY B 115 -19.07 0.03 28.94
CA GLY B 115 -19.03 -0.84 27.78
C GLY B 115 -20.35 -1.53 27.48
N ALA B 116 -21.44 -0.98 27.98
CA ALA B 116 -22.78 -1.51 27.69
C ALA B 116 -23.23 -1.14 26.28
N ASN B 117 -23.87 -2.08 25.59
CA ASN B 117 -24.32 -1.84 24.23
C ASN B 117 -25.31 -0.68 24.13
N GLN B 118 -25.09 0.21 23.16
CA GLN B 118 -26.05 1.27 22.85
C GLN B 118 -26.24 2.24 24.02
N ALA B 119 -25.22 2.32 24.86
CA ALA B 119 -25.23 3.26 25.99
C ALA B 119 -24.17 4.32 25.77
N ILE B 120 -24.60 5.58 25.76
CA ILE B 120 -23.67 6.70 25.58
C ILE B 120 -23.99 7.79 26.59
N ARG B 121 -23.12 8.79 26.69
CA ARG B 121 -23.37 9.92 27.58
C ARG B 121 -24.32 10.93 26.94
N GLN B 122 -25.56 10.96 27.42
CA GLN B 122 -26.60 11.75 26.75
C GLN B 122 -26.93 13.10 27.39
N PRO B 123 -26.91 13.19 28.73
CA PRO B 123 -27.18 14.53 29.28
C PRO B 123 -26.19 15.57 28.75
N GLY B 124 -26.70 16.70 28.29
CA GLY B 124 -25.87 17.76 27.75
C GLY B 124 -25.32 17.51 26.36
N MET B 125 -25.72 16.41 25.73
CA MET B 125 -25.10 16.11 24.43
C MET B 125 -25.48 17.11 23.31
N PHE B 126 -26.50 17.93 23.51
CA PHE B 126 -26.83 18.95 22.51
C PHE B 126 -26.32 20.33 22.90
N ALA B 127 -25.48 20.36 23.94
CA ALA B 127 -24.77 21.57 24.36
C ALA B 127 -25.74 22.74 24.57
N SER B 128 -25.47 23.90 23.98
CA SER B 128 -26.32 25.07 24.24
C SER B 128 -27.49 25.20 23.26
N HIS B 129 -27.71 24.20 22.43
CA HIS B 129 -28.71 24.36 21.37
C HIS B 129 -30.19 24.21 21.81
N PRO B 130 -30.49 23.32 22.78
CA PRO B 130 -31.86 23.40 23.30
C PRO B 130 -32.05 24.68 24.10
N THR B 131 -33.26 25.23 24.05
CA THR B 131 -33.61 26.35 24.91
C THR B 131 -33.59 25.94 26.38
N HIS B 132 -34.12 24.75 26.66
N HIS B 132 -34.05 24.74 26.65
CA HIS B 132 -34.14 24.17 28.00
CA HIS B 132 -34.07 24.21 28.00
C HIS B 132 -33.65 22.74 27.92
C HIS B 132 -33.72 22.74 27.97
N SER B 133 -32.91 22.30 28.93
CA SER B 133 -32.49 20.92 29.00
C SER B 133 -32.85 20.33 30.37
N ILE B 134 -33.54 19.20 30.35
CA ILE B 134 -33.90 18.46 31.55
C ILE B 134 -33.23 17.10 31.51
N SER B 135 -32.40 16.80 32.51
CA SER B 135 -31.82 15.48 32.64
C SER B 135 -32.54 14.77 33.78
N LEU B 136 -33.54 13.95 33.44
CA LEU B 136 -34.35 13.34 34.47
C LEU B 136 -33.56 12.31 35.25
N PRO B 137 -33.88 12.17 36.54
CA PRO B 137 -33.20 11.17 37.36
C PRO B 137 -33.69 9.75 37.07
N ARG B 138 -32.94 8.77 37.57
CA ARG B 138 -33.40 7.38 37.54
C ARG B 138 -34.79 7.29 38.19
N PRO B 139 -35.79 6.69 37.50
CA PRO B 139 -37.14 6.67 38.11
C PRO B 139 -37.20 6.04 39.51
N THR B 140 -37.93 6.68 40.41
CA THR B 140 -38.13 6.13 41.75
C THR B 140 -39.37 6.75 42.35
N GLN B 141 -40.13 5.97 43.14
CA GLN B 141 -41.31 6.48 43.81
C GLN B 141 -40.90 7.41 44.96
N ASP B 142 -39.61 7.46 45.29
CA ASP B 142 -39.15 8.34 46.36
C ASP B 142 -39.04 9.80 45.90
N ILE B 143 -39.16 10.02 44.59
CA ILE B 143 -39.32 11.36 44.03
C ILE B 143 -40.82 11.51 43.67
N PRO B 144 -41.50 12.51 44.25
CA PRO B 144 -42.96 12.56 44.03
C PRO B 144 -43.34 13.00 42.63
N ALA B 145 -44.50 12.54 42.16
CA ALA B 145 -45.00 12.89 40.84
C ALA B 145 -45.15 14.41 40.66
N ARG B 146 -45.45 15.12 41.73
N ARG B 146 -45.47 15.13 41.73
CA ARG B 146 -45.60 16.56 41.66
CA ARG B 146 -45.60 16.58 41.62
C ARG B 146 -44.29 17.24 41.25
C ARG B 146 -44.28 17.24 41.25
N TRP B 147 -43.16 16.63 41.62
CA TRP B 147 -41.87 17.17 41.17
C TRP B 147 -41.71 16.97 39.66
N LEU B 148 -42.02 15.77 39.18
CA LEU B 148 -41.84 15.43 37.78
C LEU B 148 -42.71 16.32 36.90
N VAL B 149 -43.98 16.48 37.26
CA VAL B 149 -44.85 17.29 36.42
C VAL B 149 -44.46 18.78 36.51
N SER B 150 -44.05 19.23 37.69
CA SER B 150 -43.63 20.63 37.84
C SER B 150 -42.41 20.96 37.00
N THR B 151 -41.47 20.02 36.91
CA THR B 151 -40.27 20.29 36.14
C THR B 151 -40.64 20.40 34.65
N ILE B 152 -41.51 19.53 34.18
N ILE B 152 -41.54 19.55 34.19
CA ILE B 152 -41.96 19.60 32.79
CA ILE B 152 -41.99 19.58 32.81
C ILE B 152 -42.76 20.88 32.55
C ILE B 152 -42.76 20.87 32.55
N ASP B 153 -43.63 21.24 33.50
CA ASP B 153 -44.43 22.45 33.38
C ASP B 153 -43.56 23.71 33.35
N HIS B 154 -42.48 23.71 34.13
CA HIS B 154 -41.56 24.84 34.10
C HIS B 154 -40.94 24.97 32.71
N ALA B 155 -40.47 23.86 32.17
CA ALA B 155 -39.78 23.87 30.87
C ALA B 155 -40.72 24.31 29.75
N LEU B 156 -41.94 23.77 29.73
CA LEU B 156 -42.86 24.10 28.65
C LEU B 156 -43.50 25.47 28.82
N GLY B 157 -43.79 25.81 30.07
CA GLY B 157 -44.46 27.07 30.36
C GLY B 157 -43.61 28.28 30.01
N THR B 158 -42.31 28.17 30.28
CA THR B 158 -41.39 29.30 30.06
C THR B 158 -40.71 29.25 28.69
N LEU B 159 -41.13 28.29 27.86
CA LEU B 159 -40.51 28.13 26.56
C LEU B 159 -41.02 29.18 25.57
N HIS B 160 -40.19 30.17 25.25
CA HIS B 160 -40.58 31.21 24.29
C HIS B 160 -40.50 30.65 22.88
N ALA B 161 -39.51 29.82 22.64
CA ALA B 161 -39.19 29.31 21.32
C ALA B 161 -38.10 28.26 21.43
N GLY B 162 -38.00 27.40 20.43
CA GLY B 162 -36.91 26.46 20.34
C GLY B 162 -37.16 25.13 21.03
N GLY B 163 -36.12 24.30 21.09
CA GLY B 163 -36.27 22.94 21.56
C GLY B 163 -36.06 22.70 23.05
N VAL B 164 -36.63 21.61 23.51
CA VAL B 164 -36.40 21.17 24.87
C VAL B 164 -35.88 19.73 24.82
N HIS B 165 -34.73 19.51 25.44
CA HIS B 165 -34.20 18.16 25.54
C HIS B 165 -34.58 17.57 26.89
N ILE B 166 -35.40 16.53 26.89
CA ILE B 166 -35.74 15.81 28.13
C ILE B 166 -35.13 14.41 28.07
N ASN B 167 -34.02 14.22 28.78
CA ASN B 167 -33.38 12.92 28.79
C ASN B 167 -34.05 12.03 29.80
N CYS B 168 -34.37 10.80 29.39
CA CYS B 168 -35.24 9.92 30.17
C CYS B 168 -34.63 8.54 30.40
N PRO B 169 -33.81 8.40 31.45
CA PRO B 169 -33.29 7.06 31.74
C PRO B 169 -34.38 6.11 32.24
N PHE B 170 -34.30 4.85 31.80
CA PHE B 170 -35.12 3.76 32.30
C PHE B 170 -34.27 2.50 32.48
N ALA B 171 -34.43 1.83 33.61
CA ALA B 171 -33.77 0.56 33.84
C ALA B 171 -34.67 -0.59 33.43
N GLU B 172 -34.06 -1.66 32.95
CA GLU B 172 -34.79 -2.91 32.72
C GLU B 172 -35.20 -3.53 34.06
N PRO B 173 -36.26 -4.35 34.06
CA PRO B 173 -37.06 -4.78 32.90
C PRO B 173 -37.96 -3.68 32.32
N LEU B 174 -38.11 -3.72 31.00
CA LEU B 174 -38.96 -2.77 30.31
C LEU B 174 -40.31 -3.37 29.93
N TYR B 175 -40.37 -4.69 29.89
CA TYR B 175 -41.57 -5.38 29.42
C TYR B 175 -42.22 -6.15 30.55
N GLY B 176 -43.48 -6.50 30.35
CA GLY B 176 -44.22 -7.20 31.40
C GLY B 176 -45.57 -6.56 31.60
N GLU B 177 -46.49 -7.32 32.18
CA GLU B 177 -47.84 -6.84 32.42
C GLU B 177 -47.86 -5.68 33.42
N MET B 178 -48.77 -4.74 33.20
CA MET B 178 -48.97 -3.65 34.14
C MET B 178 -49.61 -4.21 35.40
N ASP B 179 -49.10 -3.83 36.56
CA ASP B 179 -49.80 -4.08 37.81
C ASP B 179 -49.99 -2.73 38.47
N ASP B 180 -50.34 -2.70 39.76
CA ASP B 180 -50.67 -1.44 40.40
C ASP B 180 -49.45 -0.66 40.87
N THR B 181 -48.25 -1.14 40.58
CA THR B 181 -47.04 -0.44 40.99
C THR B 181 -47.06 0.98 40.45
N GLY B 182 -46.96 1.95 41.36
CA GLY B 182 -46.92 3.35 40.98
C GLY B 182 -48.30 4.01 40.86
N LEU B 183 -49.37 3.24 41.02
CA LEU B 183 -50.71 3.82 40.90
C LEU B 183 -50.98 4.85 42.00
N SER B 184 -50.68 4.50 43.26
CA SER B 184 -50.92 5.45 44.36
C SER B 184 -50.00 6.66 44.22
N TRP B 185 -48.80 6.42 43.70
CA TRP B 185 -47.84 7.50 43.41
C TRP B 185 -48.42 8.49 42.40
N GLN B 186 -49.04 7.98 41.34
CA GLN B 186 -49.73 8.83 40.36
C GLN B 186 -50.90 9.56 40.99
N GLN B 187 -51.62 8.87 41.84
CA GLN B 187 -52.86 9.40 42.41
C GLN B 187 -52.60 10.53 43.38
N ARG B 188 -51.34 10.75 43.75
CA ARG B 188 -51.01 11.90 44.58
C ARG B 188 -51.30 13.21 43.83
N LEU B 189 -51.41 13.15 42.50
CA LEU B 189 -51.76 14.34 41.73
C LEU B 189 -53.27 14.61 41.74
N GLY B 190 -54.05 13.72 42.34
CA GLY B 190 -55.48 13.96 42.50
C GLY B 190 -56.22 14.17 41.18
N ASP B 191 -57.11 15.16 41.14
CA ASP B 191 -57.91 15.33 39.94
C ASP B 191 -57.19 16.16 38.87
N TRP B 192 -55.88 16.37 39.02
CA TRP B 192 -55.10 16.94 37.92
C TRP B 192 -55.26 16.04 36.69
N TRP B 193 -55.41 14.74 36.92
CA TRP B 193 -55.55 13.79 35.82
C TRP B 193 -56.80 14.04 34.97
N GLN B 194 -57.81 14.69 35.56
CA GLN B 194 -59.04 15.00 34.82
C GLN B 194 -59.11 16.46 34.38
N ASP B 195 -58.06 17.23 34.67
CA ASP B 195 -57.98 18.67 34.39
C ASP B 195 -57.48 18.94 32.97
N ASP B 196 -57.56 20.20 32.53
CA ASP B 196 -57.03 20.55 31.22
C ASP B 196 -55.90 21.58 31.30
N LYS B 197 -55.40 21.79 32.51
CA LYS B 197 -54.35 22.77 32.76
C LYS B 197 -53.09 22.14 33.30
N PRO B 198 -51.98 22.86 33.21
CA PRO B 198 -50.75 22.40 33.86
C PRO B 198 -50.91 22.29 35.37
N TRP B 199 -50.07 21.47 35.99
CA TRP B 199 -49.99 21.40 37.44
C TRP B 199 -49.48 22.72 37.99
N LEU B 200 -48.34 23.13 37.45
CA LEU B 200 -47.78 24.44 37.75
C LEU B 200 -47.90 25.33 36.53
N ARG B 201 -48.60 26.45 36.67
CA ARG B 201 -48.72 27.42 35.58
C ARG B 201 -47.67 28.50 35.73
N GLU B 202 -46.69 28.46 34.84
CA GLU B 202 -45.59 29.42 34.81
C GLU B 202 -45.38 29.84 33.36
N ALA B 203 -45.89 31.01 33.01
CA ALA B 203 -45.87 31.42 31.61
C ALA B 203 -45.70 32.91 31.45
N PRO B 204 -44.59 33.45 31.97
CA PRO B 204 -44.34 34.89 31.80
C PRO B 204 -44.22 35.20 30.32
N ARG B 205 -44.69 36.38 29.91
CA ARG B 205 -44.59 36.82 28.53
C ARG B 205 -43.35 37.67 28.37
N LEU B 206 -42.63 37.47 27.26
CA LEU B 206 -41.45 38.27 26.94
C LEU B 206 -41.77 39.18 25.77
N GLU B 207 -41.71 40.50 26.00
CA GLU B 207 -42.13 41.42 24.96
C GLU B 207 -41.52 42.80 25.15
N SER B 208 -41.09 43.42 24.06
CA SER B 208 -40.59 44.79 24.15
C SER B 208 -41.73 45.77 24.39
N GLU B 209 -41.41 46.88 25.05
CA GLU B 209 -42.39 47.93 25.35
C GLU B 209 -42.66 48.78 24.12
N LYS B 210 -43.77 49.52 24.15
CA LYS B 210 -44.09 50.48 23.10
C LYS B 210 -42.94 51.49 22.97
N GLN B 211 -42.56 51.81 21.74
CA GLN B 211 -41.53 52.81 21.52
C GLN B 211 -42.16 54.21 21.54
N ARG B 212 -41.85 54.96 22.58
CA ARG B 212 -42.54 56.21 22.86
C ARG B 212 -42.27 57.32 21.83
N ASP B 213 -41.19 57.15 21.05
CA ASP B 213 -40.86 58.14 20.03
C ASP B 213 -41.22 57.67 18.62
N TRP B 214 -42.10 56.68 18.52
CA TRP B 214 -42.50 56.22 17.19
C TRP B 214 -43.16 57.33 16.36
N PHE B 215 -43.94 58.22 16.99
CA PHE B 215 -44.58 59.28 16.19
C PHE B 215 -43.55 60.23 15.58
N PHE B 216 -42.37 60.30 16.19
CA PHE B 216 -41.27 61.08 15.63
C PHE B 216 -40.66 60.36 14.42
N TRP B 217 -40.33 59.08 14.61
CA TRP B 217 -39.60 58.34 13.59
C TRP B 217 -40.45 58.01 12.37
N ARG B 218 -41.76 57.85 12.55
CA ARG B 218 -42.60 57.45 11.43
C ARG B 218 -42.78 58.56 10.42
N GLN B 219 -42.34 59.77 10.77
CA GLN B 219 -42.41 60.91 9.87
C GLN B 219 -41.12 61.10 9.06
N LYS B 220 -40.12 60.29 9.39
CA LYS B 220 -38.82 60.37 8.72
C LYS B 220 -38.79 59.56 7.42
N ARG B 221 -37.71 59.67 6.66
CA ARG B 221 -37.57 58.84 5.46
C ARG B 221 -37.18 57.43 5.86
N GLY B 222 -38.13 56.52 5.85
CA GLY B 222 -37.85 55.17 6.30
C GLY B 222 -37.88 54.16 5.17
N VAL B 223 -37.32 52.98 5.45
CA VAL B 223 -37.36 51.84 4.56
C VAL B 223 -37.90 50.66 5.35
N VAL B 224 -38.81 49.90 4.77
CA VAL B 224 -39.28 48.69 5.44
C VAL B 224 -38.64 47.47 4.78
N VAL B 225 -37.99 46.63 5.60
CA VAL B 225 -37.44 45.38 5.10
C VAL B 225 -38.26 44.25 5.73
N ALA B 226 -38.84 43.39 4.90
CA ALA B 226 -39.68 42.30 5.41
C ALA B 226 -39.02 40.96 5.17
N GLY B 227 -38.67 40.28 6.26
CA GLY B 227 -38.09 38.94 6.20
C GLY B 227 -39.16 37.90 6.47
N ARG B 228 -38.77 36.78 7.06
CA ARG B 228 -39.69 35.68 7.35
C ARG B 228 -40.70 36.09 8.40
N MET B 229 -41.97 35.85 8.09
CA MET B 229 -43.07 36.14 9.00
C MET B 229 -44.26 35.28 8.57
N SER B 230 -45.37 35.39 9.28
CA SER B 230 -46.56 34.61 8.90
C SER B 230 -47.23 35.22 7.67
N ALA B 231 -48.06 34.42 7.00
CA ALA B 231 -48.76 34.90 5.79
C ALA B 231 -49.60 36.14 6.09
N GLU B 232 -50.30 36.12 7.23
CA GLU B 232 -51.15 37.24 7.62
C GLU B 232 -50.32 38.46 7.96
N GLU B 233 -49.18 38.24 8.60
CA GLU B 233 -48.27 39.34 8.92
C GLU B 233 -47.75 40.03 7.65
N GLY B 234 -47.46 39.24 6.62
CA GLY B 234 -46.99 39.78 5.36
C GLY B 234 -47.99 40.77 4.76
N LYS B 235 -49.27 40.41 4.80
CA LYS B 235 -50.29 41.30 4.26
C LYS B 235 -50.37 42.59 5.09
N LYS B 236 -50.22 42.46 6.40
CA LYS B 236 -50.29 43.61 7.30
C LYS B 236 -49.10 44.53 7.11
N VAL B 237 -47.91 43.95 6.94
CA VAL B 237 -46.72 44.75 6.75
C VAL B 237 -46.80 45.50 5.41
N ALA B 238 -47.31 44.84 4.37
CA ALA B 238 -47.48 45.50 3.07
C ALA B 238 -48.35 46.75 3.17
N LEU B 239 -49.48 46.62 3.87
CA LEU B 239 -50.39 47.75 4.04
C LEU B 239 -49.76 48.86 4.86
N TRP B 240 -49.03 48.48 5.92
CA TRP B 240 -48.37 49.41 6.81
C TRP B 240 -47.30 50.20 6.07
N ALA B 241 -46.44 49.50 5.32
CA ALA B 241 -45.41 50.18 4.53
C ALA B 241 -46.05 51.11 3.50
N GLN B 242 -47.10 50.64 2.85
CA GLN B 242 -47.77 51.42 1.81
C GLN B 242 -48.34 52.72 2.39
N THR B 243 -48.94 52.62 3.57
CA THR B 243 -49.51 53.79 4.25
C THR B 243 -48.44 54.83 4.59
N LEU B 244 -47.32 54.37 5.15
CA LEU B 244 -46.19 55.25 5.48
C LEU B 244 -45.54 55.91 4.28
N GLY B 245 -45.68 55.32 3.10
CA GLY B 245 -45.00 55.82 1.92
C GLY B 245 -43.52 55.44 1.91
N TRP B 246 -43.20 54.39 2.65
CA TRP B 246 -41.82 53.90 2.68
C TRP B 246 -41.68 52.75 1.69
N PRO B 247 -40.55 52.67 0.99
CA PRO B 247 -40.34 51.52 0.11
C PRO B 247 -40.27 50.22 0.90
N LEU B 248 -40.88 49.18 0.35
CA LEU B 248 -40.88 47.88 1.00
C LEU B 248 -39.98 46.92 0.23
N ILE B 249 -38.90 46.48 0.86
CA ILE B 249 -38.09 45.42 0.30
C ILE B 249 -38.57 44.12 0.91
N GLY B 250 -39.22 43.29 0.11
CA GLY B 250 -39.89 42.10 0.61
C GLY B 250 -39.19 40.83 0.19
N ASP B 251 -38.81 40.03 1.17
CA ASP B 251 -38.15 38.75 0.95
C ASP B 251 -39.13 37.73 0.38
N VAL B 252 -38.61 36.72 -0.31
CA VAL B 252 -39.45 35.60 -0.73
C VAL B 252 -40.21 34.97 0.45
N LEU B 253 -39.62 35.04 1.65
CA LEU B 253 -40.27 34.44 2.82
C LEU B 253 -41.31 35.35 3.48
N SER B 254 -41.51 36.55 2.95
CA SER B 254 -42.31 37.55 3.65
C SER B 254 -43.81 37.50 3.39
N GLN B 255 -44.21 37.03 2.22
CA GLN B 255 -45.62 37.02 1.80
C GLN B 255 -46.24 38.42 1.79
N THR B 256 -45.42 39.42 1.48
CA THR B 256 -45.88 40.82 1.42
C THR B 256 -46.49 41.15 0.06
N GLY B 257 -46.29 40.27 -0.91
CA GLY B 257 -46.68 40.56 -2.28
C GLY B 257 -45.56 41.23 -3.05
N GLN B 258 -44.46 41.54 -2.37
CA GLN B 258 -43.26 42.11 -3.00
C GLN B 258 -43.56 43.21 -4.01
N PRO B 259 -44.07 44.35 -3.53
CA PRO B 259 -44.43 45.48 -4.40
C PRO B 259 -43.25 46.06 -5.19
N LEU B 260 -42.02 45.85 -4.72
CA LEU B 260 -40.82 46.24 -5.48
C LEU B 260 -40.02 44.99 -5.78
N PRO B 261 -40.52 44.16 -6.71
CA PRO B 261 -39.93 42.83 -6.91
C PRO B 261 -38.53 42.86 -7.54
N CYS B 262 -37.86 41.71 -7.50
CA CYS B 262 -36.53 41.56 -8.07
C CYS B 262 -35.53 42.45 -7.38
N ALA B 263 -35.69 42.63 -6.06
CA ALA B 263 -34.77 43.46 -5.30
C ALA B 263 -33.33 42.96 -5.42
N ASP B 264 -33.14 41.66 -5.56
CA ASP B 264 -31.80 41.10 -5.70
C ASP B 264 -31.13 41.65 -6.97
N LEU B 265 -31.94 42.09 -7.93
CA LEU B 265 -31.43 42.69 -9.16
C LEU B 265 -31.30 44.20 -9.02
N TRP B 266 -32.37 44.90 -8.64
CA TRP B 266 -32.30 46.36 -8.70
C TRP B 266 -31.45 46.95 -7.56
N LEU B 267 -31.23 46.20 -6.48
CA LEU B 267 -30.31 46.66 -5.44
C LEU B 267 -28.87 46.68 -5.94
N GLY B 268 -28.64 46.03 -7.08
CA GLY B 268 -27.31 46.03 -7.69
C GLY B 268 -27.06 47.29 -8.49
N ASN B 269 -28.09 48.12 -8.64
CA ASN B 269 -27.97 49.36 -9.39
C ASN B 269 -27.61 50.54 -8.48
N ALA B 270 -26.55 51.26 -8.85
CA ALA B 270 -26.03 52.34 -8.01
C ALA B 270 -27.08 53.43 -7.73
N LYS B 271 -28.00 53.64 -8.66
CA LYS B 271 -29.05 54.64 -8.45
C LYS B 271 -29.98 54.26 -7.30
N ALA B 272 -30.25 52.98 -7.16
CA ALA B 272 -31.09 52.52 -6.04
C ALA B 272 -30.34 52.71 -4.73
N THR B 273 -29.07 52.31 -4.71
CA THR B 273 -28.33 52.42 -3.47
C THR B 273 -28.14 53.89 -3.08
N SER B 274 -27.99 54.76 -4.08
CA SER B 274 -27.90 56.21 -3.85
C SER B 274 -29.19 56.76 -3.25
N GLU B 275 -30.33 56.33 -3.77
CA GLU B 275 -31.60 56.77 -3.21
C GLU B 275 -31.76 56.28 -1.78
N LEU B 276 -31.37 55.03 -1.52
CA LEU B 276 -31.52 54.47 -0.19
C LEU B 276 -30.60 55.15 0.84
N GLN B 277 -29.55 55.83 0.38
CA GLN B 277 -28.70 56.58 1.31
C GLN B 277 -29.49 57.68 2.03
N GLN B 278 -30.65 58.04 1.49
CA GLN B 278 -31.46 59.08 2.11
C GLN B 278 -32.24 58.55 3.32
N ALA B 279 -32.32 57.24 3.46
CA ALA B 279 -33.13 56.67 4.55
C ALA B 279 -32.54 57.04 5.90
N GLN B 280 -33.38 57.58 6.78
CA GLN B 280 -32.92 57.95 8.11
C GLN B 280 -33.19 56.82 9.10
N ILE B 281 -34.18 55.98 8.77
CA ILE B 281 -34.47 54.82 9.59
C ILE B 281 -34.79 53.63 8.71
N VAL B 282 -34.36 52.45 9.14
CA VAL B 282 -34.77 51.20 8.52
C VAL B 282 -35.51 50.38 9.56
N VAL B 283 -36.74 49.98 9.24
CA VAL B 283 -37.47 49.07 10.10
C VAL B 283 -37.58 47.74 9.42
N GLN B 284 -36.91 46.75 9.99
CA GLN B 284 -36.94 45.40 9.47
C GLN B 284 -37.90 44.58 10.32
N LEU B 285 -38.85 43.91 9.68
CA LEU B 285 -39.73 42.99 10.38
C LEU B 285 -39.45 41.59 9.86
N GLY B 286 -39.22 40.65 10.77
CA GLY B 286 -38.80 39.31 10.39
C GLY B 286 -37.29 39.26 10.18
N SER B 287 -36.75 38.10 9.84
CA SER B 287 -35.30 37.98 9.69
C SER B 287 -34.93 36.87 8.72
N SER B 288 -33.69 36.42 8.75
CA SER B 288 -33.19 35.43 7.78
C SER B 288 -33.39 35.91 6.34
N LEU B 289 -32.92 37.10 6.03
CA LEU B 289 -33.03 37.66 4.69
C LEU B 289 -32.31 36.75 3.69
N THR B 290 -32.86 36.63 2.49
CA THR B 290 -32.40 35.61 1.53
C THR B 290 -31.31 36.07 0.57
N GLY B 291 -31.58 37.16 -0.13
CA GLY B 291 -30.78 37.57 -1.27
C GLY B 291 -29.45 38.22 -0.95
N LYS B 292 -28.47 37.98 -1.81
CA LYS B 292 -27.12 38.51 -1.62
C LYS B 292 -27.07 40.04 -1.67
N ARG B 293 -27.76 40.64 -2.63
CA ARG B 293 -27.76 42.09 -2.78
C ARG B 293 -28.41 42.76 -1.58
N LEU B 294 -29.47 42.15 -1.05
CA LEU B 294 -30.13 42.69 0.14
C LEU B 294 -29.20 42.57 1.36
N LEU B 295 -28.58 41.42 1.53
CA LEU B 295 -27.64 41.25 2.64
C LEU B 295 -26.49 42.25 2.52
N GLN B 296 -26.02 42.50 1.31
CA GLN B 296 -24.94 43.47 1.10
C GLN B 296 -25.41 44.90 1.35
N TRP B 297 -26.62 45.24 0.87
CA TRP B 297 -27.12 46.59 1.14
C TRP B 297 -27.33 46.78 2.63
N GLN B 298 -27.89 45.77 3.28
CA GLN B 298 -28.15 45.86 4.70
C GLN B 298 -26.84 46.13 5.44
N ALA B 299 -25.81 45.41 5.04
CA ALA B 299 -24.51 45.54 5.67
C ALA B 299 -23.89 46.93 5.45
N SER B 300 -24.20 47.56 4.32
CA SER B 300 -23.56 48.82 3.95
C SER B 300 -24.30 50.07 4.40
N CYS B 301 -25.61 49.95 4.62
CA CYS B 301 -26.43 51.12 4.87
C CYS B 301 -26.13 51.74 6.23
N GLU B 302 -26.33 53.05 6.33
CA GLU B 302 -26.02 53.76 7.55
C GLU B 302 -27.13 54.72 7.95
N PRO B 303 -28.33 54.19 8.20
CA PRO B 303 -29.38 55.05 8.75
C PRO B 303 -29.05 55.46 10.17
N GLU B 304 -29.72 56.49 10.66
CA GLU B 304 -29.54 56.90 12.05
C GLU B 304 -29.88 55.77 12.98
N GLU B 305 -30.98 55.07 12.69
CA GLU B 305 -31.35 53.90 13.47
C GLU B 305 -31.83 52.76 12.59
N TYR B 306 -31.49 51.55 13.03
CA TYR B 306 -31.89 50.31 12.40
C TYR B 306 -32.67 49.53 13.44
N TRP B 307 -33.94 49.23 13.14
CA TRP B 307 -34.76 48.44 14.05
C TRP B 307 -35.05 47.06 13.48
N ILE B 308 -34.96 46.02 14.31
CA ILE B 308 -35.46 44.71 13.89
C ILE B 308 -36.54 44.24 14.85
N VAL B 309 -37.75 44.07 14.31
CA VAL B 309 -38.92 43.56 15.01
C VAL B 309 -39.13 42.09 14.67
N ASP B 310 -39.17 41.21 15.67
CA ASP B 310 -39.40 39.78 15.42
C ASP B 310 -39.72 39.10 16.74
N ASP B 311 -40.37 37.93 16.68
CA ASP B 311 -40.71 37.22 17.90
C ASP B 311 -39.61 36.24 18.31
N ILE B 312 -38.49 36.29 17.61
CA ILE B 312 -37.32 35.51 18.00
C ILE B 312 -36.42 36.40 18.85
N GLU B 313 -35.70 35.80 19.81
CA GLU B 313 -34.84 36.56 20.71
C GLU B 313 -33.45 36.75 20.14
N GLY B 314 -32.72 37.70 20.72
CA GLY B 314 -31.31 37.88 20.42
C GLY B 314 -31.04 38.85 19.27
N ARG B 315 -29.77 39.13 19.03
CA ARG B 315 -29.40 40.00 17.93
C ARG B 315 -29.73 39.32 16.61
N LEU B 316 -30.23 40.09 15.65
CA LEU B 316 -30.63 39.54 14.36
C LEU B 316 -30.06 40.32 13.18
N ASP B 317 -29.20 41.30 13.48
CA ASP B 317 -28.56 42.15 12.50
C ASP B 317 -27.08 41.78 12.36
N PRO B 318 -26.71 41.06 11.28
CA PRO B 318 -25.31 40.63 11.21
C PRO B 318 -24.33 41.75 10.88
N ALA B 319 -24.84 42.96 10.72
CA ALA B 319 -24.01 44.13 10.46
C ALA B 319 -23.89 45.03 11.70
N HIS B 320 -24.57 44.66 12.78
CA HIS B 320 -24.43 45.31 14.08
C HIS B 320 -24.69 46.83 14.05
N HIS B 321 -25.76 47.26 13.38
CA HIS B 321 -26.14 48.68 13.36
C HIS B 321 -26.55 49.25 14.73
N ARG B 322 -26.28 50.53 14.90
CA ARG B 322 -26.89 51.31 15.97
C ARG B 322 -28.41 51.29 15.77
N GLY B 323 -29.15 50.97 16.81
CA GLY B 323 -30.60 50.87 16.69
C GLY B 323 -31.25 50.05 17.80
N ARG B 324 -32.25 49.28 17.42
CA ARG B 324 -33.12 48.63 18.38
C ARG B 324 -33.44 47.22 17.94
N ARG B 325 -33.53 46.34 18.92
CA ARG B 325 -33.88 44.94 18.72
C ARG B 325 -35.16 44.72 19.53
N LEU B 326 -36.29 44.65 18.84
CA LEU B 326 -37.59 44.67 19.48
C LEU B 326 -38.26 43.30 19.38
N ILE B 327 -38.54 42.71 20.54
CA ILE B 327 -39.10 41.37 20.60
C ILE B 327 -40.62 41.45 20.72
N ALA B 328 -41.31 40.94 19.71
CA ALA B 328 -42.75 41.05 19.68
C ALA B 328 -43.35 40.19 18.58
N ASN B 329 -44.61 39.83 18.75
CA ASN B 329 -45.39 39.34 17.63
C ASN B 329 -45.55 40.48 16.63
N ILE B 330 -45.24 40.22 15.37
CA ILE B 330 -45.20 41.29 14.37
C ILE B 330 -46.56 41.98 14.19
N ALA B 331 -47.63 41.19 14.17
CA ALA B 331 -48.96 41.78 14.01
C ALA B 331 -49.28 42.68 15.20
N ASP B 332 -49.00 42.20 16.40
CA ASP B 332 -49.19 42.99 17.62
C ASP B 332 -48.36 44.28 17.55
N TRP B 333 -47.12 44.16 17.08
CA TRP B 333 -46.21 45.29 17.06
C TRP B 333 -46.71 46.40 16.15
N LEU B 334 -47.26 45.99 14.99
CA LEU B 334 -47.81 46.94 14.04
C LEU B 334 -49.02 47.70 14.63
N GLU B 335 -49.83 47.00 15.42
CA GLU B 335 -50.98 47.64 16.06
C GLU B 335 -50.53 48.64 17.13
N LEU B 336 -49.42 48.32 17.80
CA LEU B 336 -48.85 49.17 18.83
C LEU B 336 -48.13 50.39 18.24
N HIS B 337 -47.67 50.24 17.00
CA HIS B 337 -46.95 51.30 16.30
C HIS B 337 -47.56 51.51 14.93
N PRO B 338 -48.79 52.06 14.90
CA PRO B 338 -49.53 52.17 13.64
C PRO B 338 -48.89 53.17 12.68
N ALA B 339 -49.19 52.99 11.41
CA ALA B 339 -48.72 53.87 10.37
C ALA B 339 -49.56 55.14 10.32
N GLU B 340 -48.94 56.22 9.85
CA GLU B 340 -49.63 57.44 9.49
C GLU B 340 -49.57 57.61 7.98
N LYS B 341 -50.67 58.06 7.37
CA LYS B 341 -50.64 58.29 5.93
C LYS B 341 -49.65 59.39 5.56
N ARG B 342 -48.67 59.04 4.73
CA ARG B 342 -47.65 59.99 4.33
C ARG B 342 -47.27 59.80 2.87
N GLN B 343 -46.81 60.89 2.25
CA GLN B 343 -46.38 60.85 0.87
C GLN B 343 -45.14 59.98 0.67
N PRO B 344 -45.17 59.07 -0.32
CA PRO B 344 -43.98 58.27 -0.60
C PRO B 344 -42.81 59.16 -0.99
N TRP B 345 -41.61 58.82 -0.50
CA TRP B 345 -40.45 59.64 -0.77
C TRP B 345 -39.52 59.08 -1.84
N CYS B 346 -39.64 57.79 -2.14
CA CYS B 346 -38.81 57.17 -3.19
C CYS B 346 -39.37 57.38 -4.59
N VAL B 347 -38.51 57.76 -5.52
CA VAL B 347 -38.92 58.01 -6.90
C VAL B 347 -38.22 57.08 -7.88
N GLU B 348 -36.93 56.85 -7.67
CA GLU B 348 -36.11 56.11 -8.63
C GLU B 348 -36.33 54.61 -8.52
N ILE B 349 -36.49 54.12 -7.29
CA ILE B 349 -36.53 52.68 -7.08
C ILE B 349 -37.75 52.02 -7.71
N PRO B 350 -38.94 52.65 -7.59
CA PRO B 350 -40.09 52.07 -8.29
C PRO B 350 -39.84 51.90 -9.80
N ARG B 351 -39.12 52.85 -10.40
CA ARG B 351 -38.78 52.76 -11.81
C ARG B 351 -37.88 51.57 -12.10
N LEU B 352 -36.83 51.44 -11.29
CA LEU B 352 -35.87 50.36 -11.46
C LEU B 352 -36.52 48.99 -11.23
N ALA B 353 -37.39 48.90 -10.24
CA ALA B 353 -38.01 47.61 -9.94
C ALA B 353 -38.88 47.16 -11.12
N GLU B 354 -39.60 48.09 -11.72
CA GLU B 354 -40.40 47.76 -12.89
C GLU B 354 -39.49 47.31 -14.02
N GLN B 355 -38.42 48.04 -14.26
CA GLN B 355 -37.48 47.70 -15.33
C GLN B 355 -36.82 46.34 -15.10
N ALA B 356 -36.49 46.05 -13.85
CA ALA B 356 -35.88 44.77 -13.51
C ALA B 356 -36.84 43.64 -13.82
N MET B 357 -38.10 43.76 -13.40
CA MET B 357 -39.06 42.69 -13.68
C MET B 357 -39.27 42.49 -15.19
N GLN B 358 -39.31 43.57 -15.95
CA GLN B 358 -39.44 43.46 -17.40
C GLN B 358 -38.26 42.68 -17.99
N ALA B 359 -37.06 42.90 -17.45
CA ALA B 359 -35.88 42.19 -17.91
C ALA B 359 -35.98 40.69 -17.66
N VAL B 360 -36.53 40.33 -16.52
CA VAL B 360 -36.70 38.91 -16.21
C VAL B 360 -37.80 38.33 -17.11
N ILE B 361 -38.89 39.07 -17.26
CA ILE B 361 -39.99 38.62 -18.09
C ILE B 361 -39.51 38.36 -19.52
N ALA B 362 -38.60 39.18 -20.03
CA ALA B 362 -38.09 39.02 -21.38
C ALA B 362 -37.44 37.65 -21.59
N ARG B 363 -36.98 37.04 -20.49
CA ARG B 363 -36.27 35.78 -20.58
C ARG B 363 -37.06 34.61 -20.04
N ARG B 364 -38.39 34.72 -20.04
CA ARG B 364 -39.22 33.71 -19.36
C ARG B 364 -39.41 32.39 -20.10
N ASP B 365 -39.06 32.34 -21.39
CA ASP B 365 -39.47 31.22 -22.24
C ASP B 365 -38.63 29.93 -22.14
N ALA B 366 -37.32 30.07 -21.95
CA ALA B 366 -36.45 28.89 -21.92
C ALA B 366 -36.88 27.91 -20.84
N PHE B 367 -36.77 26.61 -21.11
CA PHE B 367 -37.18 25.59 -20.15
C PHE B 367 -36.08 25.35 -19.13
N GLY B 368 -35.84 26.34 -18.26
CA GLY B 368 -34.76 26.26 -17.29
C GLY B 368 -35.21 26.54 -15.86
N GLU B 369 -34.31 26.36 -14.89
CA GLU B 369 -34.70 26.54 -13.48
C GLU B 369 -34.90 28.02 -13.15
N ALA B 370 -34.19 28.93 -13.81
CA ALA B 370 -34.43 30.35 -13.57
C ALA B 370 -35.85 30.71 -14.00
N GLN B 371 -36.25 30.17 -15.16
CA GLN B 371 -37.58 30.43 -15.69
C GLN B 371 -38.66 29.80 -14.83
N LEU B 372 -38.40 28.59 -14.34
CA LEU B 372 -39.34 27.95 -13.42
C LEU B 372 -39.54 28.81 -12.18
N ALA B 373 -38.44 29.30 -11.61
CA ALA B 373 -38.52 30.16 -10.43
C ALA B 373 -39.32 31.43 -10.74
N HIS B 374 -39.02 32.08 -11.86
CA HIS B 374 -39.73 33.29 -12.24
C HIS B 374 -41.24 33.06 -12.34
N ARG B 375 -41.61 31.91 -12.90
CA ARG B 375 -42.99 31.63 -13.27
C ARG B 375 -43.76 30.91 -12.16
N ILE B 376 -43.11 30.67 -11.02
CA ILE B 376 -43.69 29.77 -10.04
C ILE B 376 -45.00 30.30 -9.48
N CYS B 377 -45.14 31.62 -9.43
CA CYS B 377 -46.40 32.24 -8.98
C CYS B 377 -47.59 31.75 -9.81
N ASP B 378 -47.36 31.48 -11.10
CA ASP B 378 -48.42 30.99 -11.99
C ASP B 378 -48.86 29.57 -11.68
N TYR B 379 -48.09 28.86 -10.86
CA TYR B 379 -48.32 27.43 -10.61
C TYR B 379 -48.66 27.05 -9.16
N LEU B 380 -48.82 28.05 -8.30
CA LEU B 380 -49.14 27.81 -6.90
C LEU B 380 -50.52 27.18 -6.75
N PRO B 381 -50.61 26.12 -5.94
CA PRO B 381 -51.92 25.46 -5.75
C PRO B 381 -52.93 26.37 -5.07
N GLU B 382 -54.17 26.33 -5.54
CA GLU B 382 -55.21 27.16 -4.92
C GLU B 382 -55.42 26.74 -3.46
N GLN B 383 -55.46 27.73 -2.57
CA GLN B 383 -55.62 27.50 -1.14
C GLN B 383 -54.53 26.58 -0.62
N GLY B 384 -53.35 26.68 -1.22
CA GLY B 384 -52.23 25.82 -0.83
C GLY B 384 -51.11 26.55 -0.12
N GLN B 385 -49.94 25.92 -0.15
CA GLN B 385 -48.75 26.48 0.48
C GLN B 385 -47.54 26.05 -0.33
N LEU B 386 -46.50 26.88 -0.26
CA LEU B 386 -45.25 26.61 -0.96
C LEU B 386 -44.19 26.25 0.06
N PHE B 387 -43.48 25.15 -0.17
CA PHE B 387 -42.29 24.86 0.62
C PHE B 387 -41.07 24.99 -0.27
N VAL B 388 -40.21 25.95 0.04
CA VAL B 388 -39.07 26.23 -0.81
C VAL B 388 -37.79 25.68 -0.20
N GLY B 389 -37.06 24.92 -1.01
CA GLY B 389 -35.81 24.32 -0.55
C GLY B 389 -34.69 25.33 -0.50
N ASN B 390 -33.51 24.83 -0.21
CA ASN B 390 -32.36 25.70 -0.09
C ASN B 390 -31.47 25.65 -1.34
N SER B 391 -30.39 26.44 -1.31
CA SER B 391 -29.48 26.62 -2.43
C SER B 391 -30.10 27.50 -3.52
N LEU B 392 -30.01 27.10 -4.78
CA LEU B 392 -30.42 28.01 -5.86
C LEU B 392 -31.92 28.31 -5.87
N VAL B 393 -32.76 27.34 -5.53
CA VAL B 393 -34.18 27.56 -5.75
C VAL B 393 -34.73 28.76 -4.97
N VAL B 394 -34.38 28.88 -3.70
CA VAL B 394 -34.91 29.96 -2.88
C VAL B 394 -34.35 31.31 -3.38
N ARG B 395 -33.10 31.29 -3.84
CA ARG B 395 -32.48 32.51 -4.34
C ARG B 395 -33.09 32.93 -5.67
N LEU B 396 -33.36 31.97 -6.54
CA LEU B 396 -33.93 32.29 -7.84
C LEU B 396 -35.36 32.80 -7.70
N ILE B 397 -36.16 32.16 -6.84
CA ILE B 397 -37.52 32.65 -6.64
C ILE B 397 -37.50 34.04 -6.05
N ASP B 398 -36.64 34.24 -5.06
CA ASP B 398 -36.51 35.54 -4.42
C ASP B 398 -36.10 36.64 -5.41
N ALA B 399 -35.18 36.30 -6.31
CA ALA B 399 -34.63 37.29 -7.24
C ALA B 399 -35.54 37.55 -8.43
N LEU B 400 -36.27 36.53 -8.86
CA LEU B 400 -36.91 36.56 -10.18
C LEU B 400 -38.43 36.51 -10.18
N SER B 401 -39.03 36.17 -9.05
CA SER B 401 -40.48 36.01 -9.01
C SER B 401 -41.12 37.03 -8.09
N GLN B 402 -42.42 37.24 -8.29
CA GLN B 402 -43.20 38.07 -7.41
C GLN B 402 -44.32 37.21 -6.82
N LEU B 403 -44.15 36.76 -5.58
CA LEU B 403 -45.13 35.89 -4.95
C LEU B 403 -46.27 36.70 -4.37
N PRO B 404 -47.50 36.17 -4.43
CA PRO B 404 -48.72 36.86 -4.00
C PRO B 404 -48.75 37.13 -2.50
N ALA B 405 -49.27 38.30 -2.10
CA ALA B 405 -49.40 38.59 -0.69
C ALA B 405 -50.27 37.57 0.03
N GLY B 406 -49.80 37.16 1.21
CA GLY B 406 -50.56 36.27 2.06
C GLY B 406 -50.55 34.80 1.62
N TYR B 407 -49.87 34.49 0.53
CA TYR B 407 -49.75 33.09 0.12
C TYR B 407 -48.63 32.42 0.93
N PRO B 408 -48.98 31.39 1.72
CA PRO B 408 -48.04 30.84 2.70
C PRO B 408 -46.79 30.24 2.09
N VAL B 409 -45.64 30.67 2.60
CA VAL B 409 -44.36 30.12 2.20
C VAL B 409 -43.67 29.54 3.43
N TYR B 410 -43.12 28.33 3.30
CA TYR B 410 -42.37 27.71 4.38
C TYR B 410 -40.99 27.30 3.89
N SER B 411 -40.04 27.22 4.82
CA SER B 411 -38.64 26.98 4.48
C SER B 411 -37.86 26.58 5.72
N ASN B 412 -36.64 26.09 5.51
CA ASN B 412 -35.68 25.88 6.59
C ASN B 412 -34.51 26.83 6.38
N ARG B 413 -34.67 28.10 6.74
CA ARG B 413 -33.64 29.10 6.45
C ARG B 413 -32.94 29.64 7.70
N GLY B 414 -32.97 28.90 8.80
CA GLY B 414 -32.18 29.26 9.95
C GLY B 414 -30.72 28.93 9.67
N ALA B 415 -30.46 27.64 9.59
CA ALA B 415 -29.13 27.14 9.28
C ALA B 415 -29.02 26.78 7.81
N SER B 416 -30.16 26.82 7.11
CA SER B 416 -30.23 26.56 5.69
C SER B 416 -29.64 25.23 5.27
N GLY B 417 -29.89 24.19 6.08
CA GLY B 417 -29.42 22.85 5.78
C GLY B 417 -30.13 22.20 4.61
N ILE B 418 -29.38 21.42 3.82
CA ILE B 418 -29.99 20.65 2.76
C ILE B 418 -30.23 19.21 3.20
N ASP B 419 -30.22 18.97 4.51
CA ASP B 419 -30.28 17.60 5.03
C ASP B 419 -31.66 17.06 5.46
N GLY B 420 -32.70 17.90 5.47
CA GLY B 420 -34.00 17.43 5.94
C GLY B 420 -35.21 18.00 5.22
N LEU B 421 -35.02 18.38 3.96
CA LEU B 421 -36.05 19.16 3.29
C LEU B 421 -37.30 18.35 2.92
N LEU B 422 -37.14 17.09 2.53
CA LEU B 422 -38.30 16.27 2.16
C LEU B 422 -39.14 15.92 3.39
N SER B 423 -38.47 15.53 4.48
CA SER B 423 -39.18 15.17 5.71
C SER B 423 -39.83 16.40 6.31
N THR B 424 -39.17 17.55 6.20
CA THR B 424 -39.80 18.78 6.68
C THR B 424 -41.06 19.09 5.85
N ALA B 425 -40.97 18.93 4.53
CA ALA B 425 -42.10 19.18 3.64
C ALA B 425 -43.29 18.29 4.00
N ALA B 426 -42.99 17.04 4.35
CA ALA B 426 -44.03 16.10 4.77
C ALA B 426 -44.79 16.62 6.00
N GLY B 427 -44.03 17.11 6.98
CA GLY B 427 -44.61 17.63 8.21
C GLY B 427 -45.41 18.88 7.96
N VAL B 428 -44.88 19.73 7.08
CA VAL B 428 -45.58 20.94 6.70
C VAL B 428 -46.95 20.62 6.10
N GLN B 429 -46.97 19.63 5.21
CA GLN B 429 -48.21 19.20 4.59
C GLN B 429 -49.18 18.62 5.63
N ARG B 430 -48.70 17.71 6.46
CA ARG B 430 -49.57 17.03 7.41
C ARG B 430 -50.19 18.01 8.40
N ALA B 431 -49.42 19.04 8.77
CA ALA B 431 -49.88 20.03 9.77
C ALA B 431 -51.10 20.83 9.32
N SER B 432 -51.08 21.28 8.08
CA SER B 432 -52.12 22.18 7.58
C SER B 432 -53.17 21.43 6.79
N GLY B 433 -52.80 20.27 6.26
CA GLY B 433 -53.72 19.53 5.42
C GLY B 433 -53.98 20.20 4.08
N LYS B 434 -53.13 21.14 3.71
CA LYS B 434 -53.30 21.89 2.47
C LYS B 434 -52.54 21.25 1.32
N PRO B 435 -53.02 21.45 0.08
CA PRO B 435 -52.23 21.07 -1.09
C PRO B 435 -50.92 21.82 -1.04
N THR B 436 -49.82 21.13 -1.35
CA THR B 436 -48.49 21.66 -1.12
C THR B 436 -47.62 21.54 -2.34
N LEU B 437 -46.95 22.64 -2.68
CA LEU B 437 -45.92 22.60 -3.72
C LEU B 437 -44.58 22.69 -3.02
N ALA B 438 -43.74 21.68 -3.23
CA ALA B 438 -42.39 21.66 -2.64
C ALA B 438 -41.35 21.58 -3.75
N ILE B 439 -40.32 22.41 -3.65
CA ILE B 439 -39.28 22.48 -4.68
C ILE B 439 -37.90 22.36 -4.08
N VAL B 440 -37.14 21.38 -4.53
CA VAL B 440 -35.81 21.17 -4.00
C VAL B 440 -34.84 20.81 -5.12
N GLY B 441 -33.54 20.89 -4.82
CA GLY B 441 -32.53 20.50 -5.77
C GLY B 441 -32.18 19.03 -5.70
N ASP B 442 -31.34 18.55 -6.62
CA ASP B 442 -31.03 17.13 -6.71
C ASP B 442 -30.21 16.60 -5.54
N LEU B 443 -29.20 17.33 -5.09
CA LEU B 443 -28.44 16.86 -3.94
C LEU B 443 -29.31 16.87 -2.71
N SER B 444 -30.19 17.87 -2.60
CA SER B 444 -31.12 17.94 -1.49
C SER B 444 -32.04 16.71 -1.44
N ALA B 445 -32.56 16.33 -2.61
CA ALA B 445 -33.43 15.16 -2.70
C ALA B 445 -32.66 13.88 -2.36
N LEU B 446 -31.43 13.78 -2.81
CA LEU B 446 -30.61 12.62 -2.45
C LEU B 446 -30.35 12.56 -0.94
N TYR B 447 -30.04 13.72 -0.36
CA TYR B 447 -29.73 13.81 1.06
C TYR B 447 -30.86 13.20 1.90
N ASP B 448 -32.11 13.59 1.60
CA ASP B 448 -33.23 13.11 2.40
C ASP B 448 -34.06 12.12 1.61
N LEU B 449 -33.39 11.32 0.78
CA LEU B 449 -34.08 10.41 -0.13
C LEU B 449 -35.07 9.45 0.55
N ASN B 450 -34.72 8.92 1.73
CA ASN B 450 -35.61 7.92 2.33
C ASN B 450 -36.88 8.55 2.94
N ALA B 451 -36.93 9.88 2.94
CA ALA B 451 -38.13 10.57 3.39
C ALA B 451 -39.26 10.45 2.38
N LEU B 452 -38.96 9.91 1.18
CA LEU B 452 -40.02 9.59 0.23
C LEU B 452 -40.99 8.60 0.86
N ALA B 453 -40.50 7.81 1.82
CA ALA B 453 -41.37 6.89 2.55
C ALA B 453 -42.50 7.65 3.26
N LEU B 454 -42.16 8.79 3.85
CA LEU B 454 -43.13 9.64 4.54
C LEU B 454 -44.14 10.26 3.59
N LEU B 455 -43.67 10.62 2.39
CA LEU B 455 -44.52 11.29 1.41
C LEU B 455 -45.54 10.33 0.78
N ARG B 456 -45.47 9.06 1.17
CA ARG B 456 -46.50 8.10 0.78
C ARG B 456 -47.80 8.36 1.55
N GLN B 457 -47.71 9.17 2.61
CA GLN B 457 -48.91 9.53 3.38
C GLN B 457 -49.03 11.04 3.51
N VAL B 458 -49.81 11.64 2.61
CA VAL B 458 -50.16 13.05 2.65
C VAL B 458 -51.70 13.17 2.59
N SER B 459 -52.25 14.23 3.17
CA SER B 459 -53.71 14.35 3.28
C SER B 459 -54.34 15.18 2.17
N ALA B 460 -53.49 15.73 1.32
CA ALA B 460 -53.89 16.53 0.16
C ALA B 460 -52.76 16.39 -0.85
N PRO B 461 -52.99 16.77 -2.11
CA PRO B 461 -51.89 16.59 -3.07
C PRO B 461 -50.63 17.35 -2.68
N LEU B 462 -49.48 16.71 -2.86
CA LEU B 462 -48.20 17.37 -2.71
C LEU B 462 -47.39 17.15 -3.98
N VAL B 463 -47.01 18.24 -4.64
CA VAL B 463 -46.15 18.13 -5.80
C VAL B 463 -44.74 18.41 -5.34
N LEU B 464 -43.86 17.43 -5.56
CA LEU B 464 -42.45 17.61 -5.24
C LEU B 464 -41.69 17.80 -6.54
N ILE B 465 -41.27 19.04 -6.81
CA ILE B 465 -40.42 19.26 -7.96
C ILE B 465 -38.97 19.04 -7.53
N VAL B 466 -38.26 18.18 -8.24
CA VAL B 466 -36.81 18.05 -8.03
C VAL B 466 -36.12 18.66 -9.23
N VAL B 467 -35.43 19.78 -9.00
CA VAL B 467 -34.64 20.41 -10.05
C VAL B 467 -33.31 19.71 -10.13
N ASN B 468 -33.10 19.00 -11.23
CA ASN B 468 -31.88 18.22 -11.42
C ASN B 468 -30.93 18.91 -12.39
N ASN B 469 -29.95 19.62 -11.84
CA ASN B 469 -28.93 20.29 -12.64
C ASN B 469 -27.58 19.62 -12.39
N ASN B 470 -27.64 18.39 -11.88
CA ASN B 470 -26.46 17.52 -11.72
C ASN B 470 -25.36 18.13 -10.87
N GLY B 471 -25.68 18.31 -9.59
CA GLY B 471 -24.69 18.82 -8.65
C GLY B 471 -25.23 20.01 -7.88
N GLY B 472 -24.40 20.56 -6.99
CA GLY B 472 -24.79 21.74 -6.24
C GLY B 472 -24.42 22.98 -7.03
N GLN B 473 -25.28 23.40 -7.96
CA GLN B 473 -24.87 24.44 -8.91
C GLN B 473 -24.82 25.83 -8.28
N ILE B 474 -25.20 25.95 -7.02
CA ILE B 474 -24.90 27.18 -6.29
C ILE B 474 -23.40 27.47 -6.32
N PHE B 475 -22.60 26.42 -6.47
CA PHE B 475 -21.15 26.60 -6.52
C PHE B 475 -20.66 26.96 -7.92
N SER B 476 -21.61 27.08 -8.85
CA SER B 476 -21.35 27.68 -10.16
C SER B 476 -21.73 29.17 -10.14
N LEU B 477 -22.50 29.56 -9.14
CA LEU B 477 -22.85 30.96 -8.95
C LEU B 477 -21.75 31.65 -8.13
N LEU B 478 -21.32 31.00 -7.05
CA LEU B 478 -20.17 31.44 -6.28
C LEU B 478 -18.90 31.33 -7.11
N PRO B 479 -17.93 32.23 -6.85
CA PRO B 479 -16.66 32.29 -7.57
C PRO B 479 -15.67 31.22 -7.13
N THR B 480 -16.12 29.98 -7.11
CA THR B 480 -15.26 28.87 -6.74
C THR B 480 -14.22 28.64 -7.83
N PRO B 481 -13.05 28.10 -7.47
CA PRO B 481 -11.99 27.87 -8.46
C PRO B 481 -12.38 26.76 -9.46
N GLN B 482 -12.20 27.03 -10.75
CA GLN B 482 -12.67 26.12 -11.79
C GLN B 482 -12.00 24.75 -11.75
N SER B 483 -10.73 24.70 -11.40
CA SER B 483 -9.99 23.44 -11.40
C SER B 483 -10.57 22.43 -10.40
N GLU B 484 -10.98 22.93 -9.23
CA GLU B 484 -11.48 22.06 -8.18
C GLU B 484 -13.02 21.98 -8.13
N ARG B 485 -13.67 22.77 -8.99
CA ARG B 485 -15.11 23.01 -8.85
C ARG B 485 -15.95 21.72 -8.94
N GLU B 486 -15.69 20.89 -9.95
CA GLU B 486 -16.55 19.73 -10.15
C GLU B 486 -16.41 18.70 -9.03
N ARG B 487 -15.17 18.30 -8.75
CA ARG B 487 -14.94 17.23 -7.80
C ARG B 487 -15.25 17.65 -6.37
N PHE B 488 -14.86 18.87 -6.00
CA PHE B 488 -14.89 19.24 -4.59
C PHE B 488 -16.00 20.21 -4.22
N TYR B 489 -16.74 20.71 -5.21
CA TYR B 489 -17.85 21.59 -4.90
C TYR B 489 -19.17 21.07 -5.46
N LEU B 490 -19.25 20.99 -6.79
CA LEU B 490 -20.50 20.61 -7.47
C LEU B 490 -20.94 19.20 -7.11
N MET B 491 -19.98 18.28 -7.10
CA MET B 491 -20.23 16.87 -6.80
C MET B 491 -21.46 16.30 -7.52
N PRO B 492 -21.45 16.34 -8.86
CA PRO B 492 -22.53 15.72 -9.64
C PRO B 492 -22.66 14.24 -9.28
N GLN B 493 -23.88 13.76 -9.12
CA GLN B 493 -24.10 12.37 -8.76
C GLN B 493 -24.64 11.58 -9.93
N ASN B 494 -24.98 12.28 -11.01
CA ASN B 494 -25.42 11.64 -12.24
C ASN B 494 -26.51 10.60 -12.02
N VAL B 495 -27.61 11.03 -11.42
CA VAL B 495 -28.76 10.16 -11.19
C VAL B 495 -30.01 10.82 -11.74
N HIS B 496 -31.07 10.03 -11.85
CA HIS B 496 -32.41 10.56 -12.04
C HIS B 496 -33.28 9.98 -10.95
N PHE B 497 -34.54 10.40 -10.89
CA PHE B 497 -35.36 10.06 -9.73
C PHE B 497 -36.57 9.18 -10.05
N GLU B 498 -36.63 8.66 -11.28
CA GLU B 498 -37.76 7.79 -11.64
C GLU B 498 -37.79 6.53 -10.79
N HIS B 499 -36.64 5.93 -10.52
CA HIS B 499 -36.61 4.73 -9.70
C HIS B 499 -36.89 5.01 -8.23
N ALA B 500 -36.48 6.17 -7.73
CA ALA B 500 -36.82 6.56 -6.37
C ALA B 500 -38.34 6.66 -6.21
N ALA B 501 -39.01 7.32 -7.15
CA ALA B 501 -40.47 7.42 -7.09
C ALA B 501 -41.11 6.03 -7.14
N ALA B 502 -40.60 5.20 -8.04
CA ALA B 502 -41.14 3.87 -8.23
C ALA B 502 -41.01 3.03 -6.97
N MET B 503 -39.88 3.17 -6.28
CA MET B 503 -39.63 2.42 -5.04
C MET B 503 -40.71 2.66 -4.01
N PHE B 504 -41.19 3.90 -3.94
CA PHE B 504 -42.17 4.26 -2.93
C PHE B 504 -43.55 4.43 -3.52
N GLU B 505 -43.70 3.89 -4.73
CA GLU B 505 -45.00 3.84 -5.41
C GLU B 505 -45.63 5.22 -5.55
N LEU B 506 -44.79 6.20 -5.88
CA LEU B 506 -45.25 7.56 -6.12
C LEU B 506 -45.28 7.84 -7.62
N LYS B 507 -46.34 8.53 -8.06
CA LYS B 507 -46.43 8.94 -9.46
C LYS B 507 -45.24 9.83 -9.83
N TYR B 508 -44.78 9.69 -11.07
CA TYR B 508 -43.57 10.38 -11.52
C TYR B 508 -43.73 10.96 -12.93
N HIS B 509 -43.22 12.17 -13.12
CA HIS B 509 -43.14 12.79 -14.45
C HIS B 509 -41.79 13.45 -14.68
N ARG B 510 -41.28 13.35 -15.89
CA ARG B 510 -40.08 14.09 -16.31
C ARG B 510 -40.44 14.93 -17.53
N PRO B 511 -41.11 16.07 -17.32
CA PRO B 511 -41.62 16.91 -18.41
C PRO B 511 -40.49 17.53 -19.22
N GLN B 512 -40.67 17.64 -20.53
CA GLN B 512 -39.60 18.12 -21.39
C GLN B 512 -39.85 19.54 -21.86
N ASN B 513 -41.04 20.04 -21.59
CA ASN B 513 -41.40 21.40 -21.95
C ASN B 513 -42.52 21.89 -21.04
N TRP B 514 -42.90 23.16 -21.20
CA TRP B 514 -43.90 23.76 -20.33
C TRP B 514 -45.25 23.10 -20.43
N GLN B 515 -45.61 22.69 -21.64
CA GLN B 515 -46.90 22.03 -21.83
C GLN B 515 -46.95 20.76 -21.01
N GLU B 516 -45.88 19.97 -21.06
CA GLU B 516 -45.84 18.74 -20.29
C GLU B 516 -45.79 19.00 -18.79
N LEU B 517 -45.11 20.07 -18.39
CA LEU B 517 -45.09 20.44 -16.98
C LEU B 517 -46.47 20.82 -16.48
N GLU B 518 -47.19 21.62 -17.25
CA GLU B 518 -48.53 22.04 -16.86
C GLU B 518 -49.49 20.83 -16.83
N THR B 519 -49.31 19.90 -17.75
CA THR B 519 -50.11 18.68 -17.77
C THR B 519 -49.87 17.88 -16.51
N ALA B 520 -48.62 17.78 -16.11
CA ALA B 520 -48.25 17.06 -14.88
C ALA B 520 -48.89 17.71 -13.66
N PHE B 521 -48.84 19.04 -13.60
CA PHE B 521 -49.43 19.78 -12.49
C PHE B 521 -50.92 19.47 -12.40
N ALA B 522 -51.60 19.56 -13.54
CA ALA B 522 -53.04 19.36 -13.56
C ALA B 522 -53.46 17.98 -13.04
N ASP B 523 -52.75 16.95 -13.48
CA ASP B 523 -53.01 15.59 -13.03
C ASP B 523 -52.73 15.45 -11.52
N ALA B 524 -51.61 16.03 -11.07
CA ALA B 524 -51.15 15.87 -9.69
C ALA B 524 -52.11 16.45 -8.65
N TRP B 525 -52.76 17.58 -8.97
CA TRP B 525 -53.59 18.24 -7.97
C TRP B 525 -54.90 17.49 -7.77
N ARG B 526 -55.13 16.46 -8.56
CA ARG B 526 -56.40 15.75 -8.55
C ARG B 526 -56.56 14.72 -7.43
N THR B 527 -55.45 14.25 -6.84
CA THR B 527 -55.58 13.25 -5.77
C THR B 527 -54.69 13.58 -4.58
N PRO B 528 -55.10 13.13 -3.38
CA PRO B 528 -54.36 13.36 -2.14
C PRO B 528 -53.12 12.49 -2.04
N THR B 529 -52.20 12.67 -2.99
CA THR B 529 -50.98 11.89 -3.03
C THR B 529 -49.81 12.78 -3.43
N THR B 530 -48.60 12.25 -3.25
CA THR B 530 -47.41 12.95 -3.67
C THR B 530 -47.06 12.58 -5.11
N THR B 531 -46.86 13.59 -5.94
CA THR B 531 -46.35 13.37 -7.29
C THR B 531 -44.96 13.97 -7.38
N VAL B 532 -44.02 13.18 -7.91
CA VAL B 532 -42.66 13.66 -8.12
C VAL B 532 -42.51 14.19 -9.54
N ILE B 533 -42.14 15.46 -9.67
CA ILE B 533 -41.89 16.02 -10.99
C ILE B 533 -40.41 16.36 -11.10
N GLU B 534 -39.68 15.62 -11.94
CA GLU B 534 -38.25 15.89 -12.10
C GLU B 534 -38.02 16.81 -13.27
N MET B 535 -37.44 17.99 -13.00
CA MET B 535 -37.10 18.91 -14.09
C MET B 535 -35.61 18.86 -14.34
N VAL B 536 -35.24 18.24 -15.45
CA VAL B 536 -33.83 18.09 -15.82
C VAL B 536 -33.42 19.31 -16.64
N VAL B 537 -32.38 20.01 -16.18
CA VAL B 537 -31.95 21.24 -16.84
C VAL B 537 -30.44 21.23 -17.02
N ASN B 538 -29.94 22.05 -17.94
CA ASN B 538 -28.49 22.15 -18.14
C ASN B 538 -27.83 22.73 -16.91
N ASP B 539 -26.78 22.07 -16.45
CA ASP B 539 -26.14 22.37 -15.17
C ASP B 539 -26.02 23.86 -14.81
N THR B 540 -25.35 24.64 -15.65
CA THR B 540 -25.01 25.99 -15.21
C THR B 540 -25.93 27.11 -15.73
N ASP B 541 -26.97 26.76 -16.47
CA ASP B 541 -27.85 27.77 -17.07
C ASP B 541 -28.51 28.70 -16.03
N GLY B 542 -28.98 28.13 -14.92
CA GLY B 542 -29.67 28.91 -13.90
C GLY B 542 -28.76 29.97 -13.30
N ALA B 543 -27.58 29.53 -12.86
CA ALA B 543 -26.60 30.41 -12.26
C ALA B 543 -26.18 31.53 -13.23
N GLN B 544 -25.93 31.16 -14.47
CA GLN B 544 -25.50 32.11 -15.48
C GLN B 544 -26.62 33.10 -15.82
N THR B 545 -27.85 32.60 -15.86
CA THR B 545 -28.98 33.49 -16.16
C THR B 545 -29.12 34.54 -15.05
N LEU B 546 -28.97 34.12 -13.80
CA LEU B 546 -29.02 35.05 -12.68
C LEU B 546 -27.88 36.07 -12.81
N GLN B 547 -26.69 35.60 -13.16
CA GLN B 547 -25.54 36.49 -13.26
C GLN B 547 -25.76 37.54 -14.36
N GLN B 548 -26.33 37.10 -15.49
CA GLN B 548 -26.57 38.01 -16.62
C GLN B 548 -27.63 39.06 -16.30
N LEU B 549 -28.69 38.64 -15.62
CA LEU B 549 -29.77 39.57 -15.26
C LEU B 549 -29.28 40.60 -14.25
N LEU B 550 -28.45 40.16 -13.30
CA LEU B 550 -27.81 41.08 -12.35
C LEU B 550 -27.03 42.17 -13.10
N ALA B 551 -26.21 41.74 -14.04
CA ALA B 551 -25.40 42.66 -14.81
C ALA B 551 -26.25 43.61 -15.63
N GLN B 552 -27.28 43.07 -16.28
CA GLN B 552 -28.17 43.87 -17.12
C GLN B 552 -28.84 44.96 -16.29
N VAL B 553 -29.42 44.58 -15.16
CA VAL B 553 -30.14 45.53 -14.32
C VAL B 553 -29.20 46.55 -13.67
N SER B 554 -27.97 46.14 -13.39
CA SER B 554 -27.00 47.04 -12.77
C SER B 554 -26.62 48.21 -13.67
N HIS B 555 -26.84 48.04 -14.97
CA HIS B 555 -26.42 49.04 -15.96
C HIS B 555 -27.57 49.94 -16.39
N LEU B 556 -28.75 49.71 -15.84
CA LEU B 556 -29.91 50.53 -16.18
C LEU B 556 -29.73 51.96 -15.66
N MET C 1 -35.35 0.40 55.94
CA MET C 1 -36.00 1.42 55.12
C MET C 1 -35.55 2.83 55.51
N SER C 2 -34.51 2.91 56.33
CA SER C 2 -34.02 4.19 56.84
C SER C 2 -33.14 4.94 55.83
N VAL C 3 -33.63 6.08 55.37
CA VAL C 3 -32.88 6.91 54.43
C VAL C 3 -31.57 7.40 55.06
N SER C 4 -31.62 7.80 56.33
CA SER C 4 -30.40 8.32 56.97
C SER C 4 -29.34 7.23 57.09
N ALA C 5 -29.78 6.03 57.44
CA ALA C 5 -28.85 4.90 57.57
C ALA C 5 -28.27 4.54 56.21
N PHE C 6 -29.11 4.47 55.18
CA PHE C 6 -28.57 4.07 53.88
C PHE C 6 -27.63 5.13 53.34
N ASN C 7 -27.95 6.40 53.57
CA ASN C 7 -27.05 7.48 53.19
C ASN C 7 -25.64 7.21 53.71
N ARG C 8 -25.58 6.76 54.96
CA ARG C 8 -24.30 6.56 55.58
C ARG C 8 -23.59 5.32 55.05
N ARG C 9 -24.34 4.28 54.73
CA ARG C 9 -23.74 3.09 54.12
C ARG C 9 -23.24 3.35 52.71
N TRP C 10 -24.00 4.13 51.93
CA TRP C 10 -23.56 4.58 50.62
C TRP C 10 -22.24 5.37 50.74
N ALA C 11 -22.23 6.35 51.64
CA ALA C 11 -21.04 7.16 51.89
C ALA C 11 -19.86 6.32 52.37
N ALA C 12 -20.14 5.30 53.18
CA ALA C 12 -19.08 4.45 53.73
C ALA C 12 -18.33 3.71 52.61
N VAL C 13 -19.06 3.31 51.56
CA VAL C 13 -18.45 2.65 50.41
C VAL C 13 -17.50 3.60 49.69
N ILE C 14 -17.96 4.83 49.46
CA ILE C 14 -17.15 5.85 48.79
C ILE C 14 -15.85 6.08 49.55
N LEU C 15 -15.95 6.32 50.86
N LEU C 15 -15.96 6.34 50.84
CA LEU C 15 -14.77 6.63 51.65
CA LEU C 15 -14.78 6.63 51.65
C LEU C 15 -13.83 5.43 51.77
C LEU C 15 -13.83 5.43 51.76
N GLU C 16 -14.36 4.23 51.98
CA GLU C 16 -13.49 3.06 52.10
C GLU C 16 -12.76 2.79 50.79
N ALA C 17 -13.47 3.00 49.68
CA ALA C 17 -12.86 2.83 48.37
C ALA C 17 -11.62 3.71 48.23
N LEU C 18 -11.70 4.95 48.71
CA LEU C 18 -10.60 5.89 48.58
C LEU C 18 -9.36 5.40 49.30
N THR C 19 -9.56 4.69 50.42
CA THR C 19 -8.39 4.22 51.16
C THR C 19 -7.55 3.20 50.39
N ARG C 20 -8.16 2.58 49.39
CA ARG C 20 -7.46 1.57 48.58
C ARG C 20 -6.60 2.21 47.50
N HIS C 21 -6.67 3.53 47.41
CA HIS C 21 -5.89 4.28 46.42
C HIS C 21 -4.93 5.24 47.09
N GLY C 22 -4.64 4.99 48.36
CA GLY C 22 -3.63 5.75 49.08
C GLY C 22 -4.10 7.01 49.78
N VAL C 23 -5.41 7.25 49.79
CA VAL C 23 -5.90 8.40 50.53
C VAL C 23 -5.78 8.20 52.04
N ARG C 24 -5.02 9.09 52.68
CA ARG C 24 -4.86 9.10 54.13
C ARG C 24 -5.42 10.38 54.72
N HIS C 25 -5.06 11.50 54.13
CA HIS C 25 -5.52 12.80 54.63
C HIS C 25 -6.89 13.12 54.09
N ILE C 26 -7.76 13.58 54.98
CA ILE C 26 -9.04 14.08 54.55
C ILE C 26 -9.31 15.41 55.25
N CYS C 27 -9.68 16.41 54.46
CA CYS C 27 -9.90 17.76 54.96
C CYS C 27 -11.39 18.03 54.96
N ILE C 28 -11.91 18.40 56.12
CA ILE C 28 -13.35 18.49 56.29
C ILE C 28 -13.78 19.86 56.77
N ALA C 29 -14.76 20.44 56.08
CA ALA C 29 -15.40 21.68 56.54
C ALA C 29 -16.79 21.37 57.07
N PRO C 30 -17.32 22.27 57.91
CA PRO C 30 -18.58 21.94 58.58
C PRO C 30 -19.83 22.11 57.72
N GLY C 31 -20.86 21.34 58.03
CA GLY C 31 -22.12 21.42 57.31
C GLY C 31 -23.08 20.34 57.75
N SER C 32 -24.31 20.40 57.26
CA SER C 32 -25.32 19.40 57.57
C SER C 32 -25.49 18.41 56.42
N ARG C 33 -25.59 18.91 55.20
CA ARG C 33 -25.81 18.02 54.04
C ARG C 33 -24.64 17.06 53.82
N SER C 34 -23.45 17.47 54.27
CA SER C 34 -22.25 16.66 54.16
C SER C 34 -22.21 15.55 55.23
N THR C 35 -23.20 15.52 56.11
CA THR C 35 -23.20 14.58 57.24
C THR C 35 -22.87 13.10 56.88
N PRO C 36 -23.49 12.55 55.83
CA PRO C 36 -23.18 11.14 55.53
C PRO C 36 -21.70 10.91 55.24
N LEU C 37 -21.09 11.83 54.50
CA LEU C 37 -19.66 11.75 54.19
C LEU C 37 -18.79 11.96 55.42
N THR C 38 -19.13 13.00 56.19
CA THR C 38 -18.31 13.36 57.33
C THR C 38 -18.37 12.29 58.43
N LEU C 39 -19.54 11.73 58.65
CA LEU C 39 -19.66 10.66 59.64
C LEU C 39 -18.96 9.39 59.16
N ALA C 40 -19.06 9.08 57.87
CA ALA C 40 -18.35 7.93 57.30
C ALA C 40 -16.83 8.10 57.47
N ALA C 41 -16.35 9.32 57.22
CA ALA C 41 -14.92 9.62 57.34
C ALA C 41 -14.46 9.56 58.81
N ALA C 42 -15.26 10.11 59.71
CA ALA C 42 -14.89 10.15 61.13
C ALA C 42 -14.71 8.75 61.69
N GLU C 43 -15.52 7.81 61.19
CA GLU C 43 -15.55 6.43 61.68
C GLU C 43 -14.44 5.55 61.12
N ASN C 44 -13.80 6.02 60.05
CA ASN C 44 -12.80 5.24 59.32
C ASN C 44 -11.39 5.51 59.83
N SER C 45 -10.77 4.49 60.41
CA SER C 45 -9.49 4.65 61.09
C SER C 45 -8.31 4.86 60.13
N ALA C 46 -8.56 4.82 58.82
CA ALA C 46 -7.49 4.99 57.85
C ALA C 46 -7.07 6.45 57.76
N PHE C 47 -7.95 7.36 58.17
CA PHE C 47 -7.75 8.77 57.87
C PHE C 47 -7.09 9.57 59.00
N ILE C 48 -6.31 10.56 58.57
CA ILE C 48 -5.95 11.69 59.40
C ILE C 48 -6.93 12.79 59.04
N HIS C 49 -7.71 13.27 60.02
CA HIS C 49 -8.74 14.25 59.73
C HIS C 49 -8.25 15.66 60.02
N HIS C 50 -8.40 16.57 59.06
CA HIS C 50 -8.08 17.97 59.27
C HIS C 50 -9.37 18.78 59.10
N THR C 51 -9.57 19.81 59.91
CA THR C 51 -10.76 20.64 59.78
C THR C 51 -10.39 22.11 59.62
N HIS C 52 -11.28 22.85 58.96
CA HIS C 52 -11.14 24.29 58.83
C HIS C 52 -12.50 24.88 58.45
N PHE C 53 -12.71 26.14 58.81
CA PHE C 53 -13.99 26.79 58.58
C PHE C 53 -14.05 27.51 57.23
N ASP C 54 -12.90 27.83 56.63
CA ASP C 54 -12.88 28.52 55.34
C ASP C 54 -12.62 27.49 54.25
N GLU C 55 -13.60 27.24 53.40
CA GLU C 55 -13.45 26.17 52.39
C GLU C 55 -12.39 26.49 51.34
N ARG C 56 -12.12 27.77 51.10
CA ARG C 56 -11.04 28.12 50.19
C ARG C 56 -9.72 27.71 50.82
N GLY C 57 -9.54 28.03 52.10
CA GLY C 57 -8.34 27.62 52.83
C GLY C 57 -8.28 26.11 52.99
N LEU C 58 -9.43 25.48 53.15
CA LEU C 58 -9.48 24.03 53.24
C LEU C 58 -8.92 23.38 51.97
N GLY C 59 -9.30 23.91 50.81
CA GLY C 59 -8.81 23.38 49.54
C GLY C 59 -7.31 23.53 49.45
N HIS C 60 -6.79 24.66 49.91
CA HIS C 60 -5.36 24.89 49.82
C HIS C 60 -4.60 24.06 50.86
N LEU C 61 -5.21 23.80 52.01
CA LEU C 61 -4.62 22.89 53.01
C LEU C 61 -4.43 21.50 52.38
N ALA C 62 -5.48 21.01 51.73
CA ALA C 62 -5.43 19.74 51.02
C ALA C 62 -4.37 19.77 49.90
N LEU C 63 -4.29 20.88 49.17
CA LEU C 63 -3.27 21.03 48.13
C LEU C 63 -1.88 20.85 48.70
N GLY C 64 -1.61 21.52 49.83
CA GLY C 64 -0.31 21.42 50.49
C GLY C 64 -0.01 20.02 50.99
N LEU C 65 -1.02 19.38 51.56
CA LEU C 65 -0.87 17.99 52.02
C LEU C 65 -0.55 17.06 50.84
N ALA C 66 -1.25 17.25 49.72
CA ALA C 66 -1.02 16.42 48.54
C ALA C 66 0.35 16.69 47.92
N LYS C 67 0.75 17.96 47.94
CA LYS C 67 1.99 18.43 47.36
C LYS C 67 3.20 17.71 47.96
N VAL C 68 3.16 17.54 49.27
CA VAL C 68 4.27 16.93 50.00
C VAL C 68 4.15 15.42 50.01
N SER C 69 2.94 14.91 50.24
CA SER C 69 2.74 13.47 50.41
C SER C 69 2.76 12.66 49.11
N LYS C 70 2.51 13.30 47.95
CA LYS C 70 2.50 12.58 46.67
C LYS C 70 1.45 11.47 46.63
N GLN C 71 0.39 11.64 47.40
CA GLN C 71 -0.80 10.78 47.40
C GLN C 71 -2.04 11.62 47.17
N PRO C 72 -3.15 10.98 46.78
CA PRO C 72 -4.39 11.74 46.72
C PRO C 72 -4.85 12.14 48.12
N VAL C 73 -5.42 13.34 48.22
CA VAL C 73 -5.93 13.88 49.48
C VAL C 73 -7.40 14.20 49.26
N ALA C 74 -8.26 13.77 50.18
CA ALA C 74 -9.69 13.96 50.02
C ALA C 74 -10.17 15.21 50.76
N VAL C 75 -11.28 15.74 50.26
CA VAL C 75 -11.90 16.94 50.84
C VAL C 75 -13.39 16.69 50.93
N ILE C 76 -13.99 17.05 52.06
CA ILE C 76 -15.44 17.00 52.20
C ILE C 76 -15.98 18.37 52.51
N VAL C 77 -16.97 18.82 51.73
CA VAL C 77 -17.68 20.06 52.02
C VAL C 77 -19.18 19.86 51.82
N THR C 78 -19.97 20.76 52.41
CA THR C 78 -21.40 20.71 52.25
C THR C 78 -21.80 21.40 50.93
N SER C 79 -23.09 21.39 50.62
CA SER C 79 -23.56 21.95 49.37
C SER C 79 -23.49 23.48 49.36
N GLY C 80 -23.53 24.09 48.17
CA GLY C 80 -23.61 25.54 48.07
C GLY C 80 -22.31 26.24 47.75
N THR C 81 -22.13 27.47 48.26
CA THR C 81 -20.93 28.21 47.94
C THR C 81 -19.69 27.58 48.57
N ALA C 82 -19.88 26.73 49.59
CA ALA C 82 -18.77 25.95 50.15
C ALA C 82 -18.04 25.19 49.03
N VAL C 83 -18.82 24.67 48.09
CA VAL C 83 -18.26 23.90 46.96
C VAL C 83 -17.47 24.83 46.04
N ALA C 84 -18.05 25.99 45.77
CA ALA C 84 -17.41 26.97 44.89
C ALA C 84 -16.05 27.42 45.43
N ASN C 85 -15.89 27.47 46.74
CA ASN C 85 -14.66 27.93 47.37
C ASN C 85 -13.48 26.98 47.12
N LEU C 86 -13.77 25.78 46.65
CA LEU C 86 -12.72 24.82 46.32
C LEU C 86 -12.05 25.07 44.98
N TYR C 87 -12.62 25.99 44.18
CA TYR C 87 -12.16 26.16 42.80
C TYR C 87 -10.68 26.53 42.71
N PRO C 88 -10.26 27.53 43.49
CA PRO C 88 -8.83 27.92 43.35
C PRO C 88 -7.85 26.77 43.56
N ALA C 89 -7.98 25.99 44.64
CA ALA C 89 -7.05 24.89 44.84
C ALA C 89 -7.20 23.83 43.74
N LEU C 90 -8.43 23.61 43.29
CA LEU C 90 -8.67 22.63 42.24
C LEU C 90 -7.96 23.03 40.94
N ILE C 91 -7.99 24.33 40.62
CA ILE C 91 -7.36 24.84 39.41
C ILE C 91 -5.85 24.67 39.49
N GLU C 92 -5.30 25.01 40.65
CA GLU C 92 -3.86 24.91 40.85
C GLU C 92 -3.41 23.44 40.73
N ALA C 93 -4.18 22.53 41.33
CA ALA C 93 -3.90 21.11 41.24
C ALA C 93 -3.97 20.60 39.79
N GLY C 94 -4.88 21.16 39.00
CA GLY C 94 -4.96 20.83 37.58
C GLY C 94 -3.68 21.17 36.83
N LEU C 95 -3.00 22.24 37.26
CA LEU C 95 -1.81 22.69 36.58
C LEU C 95 -0.54 22.00 37.07
N THR C 96 -0.46 21.70 38.37
CA THR C 96 0.80 21.20 38.92
C THR C 96 0.77 19.72 39.33
N GLY C 97 -0.41 19.12 39.34
CA GLY C 97 -0.56 17.68 39.39
C GLY C 97 -1.08 17.05 40.68
N GLU C 98 -1.24 17.86 41.72
CA GLU C 98 -1.74 17.33 42.99
C GLU C 98 -3.06 16.57 42.83
N LYS C 99 -3.19 15.44 43.52
CA LYS C 99 -4.43 14.68 43.40
C LYS C 99 -5.40 15.03 44.52
N LEU C 100 -6.35 15.91 44.19
CA LEU C 100 -7.35 16.34 45.16
C LEU C 100 -8.67 15.66 44.86
N ILE C 101 -9.21 14.93 45.83
CA ILE C 101 -10.47 14.26 45.61
C ILE C 101 -11.57 15.03 46.33
N LEU C 102 -12.39 15.74 45.57
CA LEU C 102 -13.38 16.63 46.16
C LEU C 102 -14.75 15.94 46.29
N LEU C 103 -15.11 15.58 47.52
CA LEU C 103 -16.41 14.99 47.81
C LEU C 103 -17.36 16.11 48.19
N THR C 104 -18.21 16.51 47.26
CA THR C 104 -19.03 17.69 47.49
C THR C 104 -20.48 17.26 47.70
N ALA C 105 -20.97 17.43 48.93
CA ALA C 105 -22.34 17.07 49.24
C ALA C 105 -23.29 17.93 48.42
N ASP C 106 -24.42 17.35 48.03
CA ASP C 106 -25.41 18.07 47.24
C ASP C 106 -26.80 17.77 47.76
N ARG C 107 -27.72 18.68 47.45
CA ARG C 107 -29.13 18.38 47.59
C ARG C 107 -29.49 17.31 46.57
N PRO C 108 -30.57 16.55 46.84
CA PRO C 108 -31.02 15.57 45.84
C PRO C 108 -31.66 16.26 44.65
N PRO C 109 -31.83 15.55 43.53
CA PRO C 109 -32.38 16.17 42.31
C PRO C 109 -33.71 16.89 42.52
N GLU C 110 -34.57 16.39 43.40
CA GLU C 110 -35.89 16.99 43.56
C GLU C 110 -35.82 18.36 44.26
N LEU C 111 -34.64 18.75 44.77
CA LEU C 111 -34.53 20.06 45.41
C LEU C 111 -33.63 21.03 44.67
N ILE C 112 -33.35 20.76 43.40
CA ILE C 112 -32.55 21.67 42.57
C ILE C 112 -33.46 22.55 41.68
N ASP C 113 -33.10 23.82 41.53
CA ASP C 113 -33.86 24.75 40.68
C ASP C 113 -35.31 24.94 41.13
N CYS C 114 -35.52 25.01 42.44
CA CYS C 114 -36.86 25.25 42.96
C CYS C 114 -36.88 26.19 44.16
N GLY C 115 -35.82 26.98 44.30
CA GLY C 115 -35.78 27.95 45.38
C GLY C 115 -35.50 27.34 46.75
N ALA C 116 -34.93 26.15 46.78
CA ALA C 116 -34.54 25.52 48.06
C ALA C 116 -33.29 26.19 48.62
N ASN C 117 -33.26 26.39 49.94
CA ASN C 117 -32.11 27.03 50.58
C ASN C 117 -30.83 26.24 50.33
N GLN C 118 -29.76 26.94 49.96
CA GLN C 118 -28.43 26.34 49.86
C GLN C 118 -28.35 25.25 48.80
N ALA C 119 -29.24 25.29 47.83
CA ALA C 119 -29.20 24.33 46.74
C ALA C 119 -28.83 25.03 45.45
N ILE C 120 -27.75 24.55 44.81
CA ILE C 120 -27.31 25.12 43.55
C ILE C 120 -27.00 23.99 42.56
N ARG C 121 -26.77 24.33 41.30
CA ARG C 121 -26.40 23.34 40.28
C ARG C 121 -24.91 22.99 40.38
N GLN C 122 -24.62 21.78 40.87
CA GLN C 122 -23.24 21.42 41.19
C GLN C 122 -22.54 20.51 40.17
N PRO C 123 -23.26 19.55 39.57
CA PRO C 123 -22.55 18.78 38.53
C PRO C 123 -22.00 19.70 37.43
N GLY C 124 -20.72 19.53 37.09
CA GLY C 124 -20.09 20.33 36.05
C GLY C 124 -19.69 21.73 36.46
N MET C 125 -19.88 22.10 37.73
CA MET C 125 -19.63 23.48 38.10
C MET C 125 -18.14 23.87 38.05
N PHE C 126 -17.24 22.88 37.98
CA PHE C 126 -15.82 23.20 37.84
C PHE C 126 -15.34 23.03 36.40
N ALA C 127 -16.29 22.85 35.49
CA ALA C 127 -16.01 22.83 34.05
C ALA C 127 -14.91 21.82 33.69
N SER C 128 -13.89 22.24 32.94
CA SER C 128 -12.85 21.31 32.50
C SER C 128 -11.68 21.16 33.46
N HIS C 129 -11.76 21.77 34.64
CA HIS C 129 -10.60 21.82 35.50
C HIS C 129 -10.32 20.53 36.26
N PRO C 130 -11.37 19.80 36.69
CA PRO C 130 -11.05 18.48 37.26
C PRO C 130 -10.53 17.53 36.16
N THR C 131 -9.59 16.66 36.51
CA THR C 131 -9.16 15.62 35.58
C THR C 131 -10.30 14.63 35.30
N HIS C 132 -11.04 14.29 36.36
N HIS C 132 -11.07 14.34 36.33
CA HIS C 132 -12.22 13.42 36.27
CA HIS C 132 -12.22 13.46 36.19
C HIS C 132 -13.38 14.06 37.01
C HIS C 132 -13.39 13.97 37.04
N SER C 133 -14.60 13.90 36.49
CA SER C 133 -15.78 14.35 37.20
C SER C 133 -16.79 13.21 37.31
N ILE C 134 -17.24 12.94 38.52
CA ILE C 134 -18.27 11.94 38.76
C ILE C 134 -19.49 12.66 39.35
N SER C 135 -20.63 12.55 38.68
CA SER C 135 -21.85 13.10 39.25
C SER C 135 -22.66 11.90 39.76
N LEU C 136 -22.55 11.59 41.04
CA LEU C 136 -23.23 10.39 41.57
C LEU C 136 -24.72 10.55 41.55
N PRO C 137 -25.43 9.43 41.35
CA PRO C 137 -26.89 9.45 41.37
C PRO C 137 -27.45 9.55 42.79
N ARG C 138 -28.74 9.86 42.88
CA ARG C 138 -29.47 9.81 44.14
C ARG C 138 -29.31 8.44 44.76
N PRO C 139 -28.88 8.37 46.03
CA PRO C 139 -28.64 7.03 46.60
C PRO C 139 -29.86 6.11 46.54
N THR C 140 -29.61 4.86 46.15
CA THR C 140 -30.65 3.84 46.16
C THR C 140 -30.05 2.45 46.20
N GLN C 141 -30.70 1.53 46.91
CA GLN C 141 -30.25 0.15 46.95
C GLN C 141 -30.46 -0.58 45.63
N ASP C 142 -31.18 0.05 44.71
CA ASP C 142 -31.41 -0.56 43.41
C ASP C 142 -30.19 -0.42 42.51
N ILE C 143 -29.22 0.39 42.91
CA ILE C 143 -27.93 0.44 42.25
C ILE C 143 -26.95 -0.31 43.13
N PRO C 144 -26.30 -1.35 42.59
CA PRO C 144 -25.47 -2.19 43.46
C PRO C 144 -24.21 -1.50 43.93
N ALA C 145 -23.76 -1.89 45.12
CA ALA C 145 -22.53 -1.35 45.68
C ALA C 145 -21.35 -1.56 44.76
N ARG C 146 -21.35 -2.65 44.00
N ARG C 146 -21.34 -2.65 43.99
CA ARG C 146 -20.25 -2.94 43.09
CA ARG C 146 -20.19 -2.89 43.12
C ARG C 146 -20.12 -1.86 42.01
C ARG C 146 -20.11 -1.87 41.98
N TRP C 147 -21.25 -1.26 41.62
CA TRP C 147 -21.19 -0.16 40.66
C TRP C 147 -20.51 1.05 41.27
N LEU C 148 -20.91 1.37 42.50
CA LEU C 148 -20.39 2.55 43.19
C LEU C 148 -18.88 2.44 43.41
N VAL C 149 -18.41 1.31 43.91
CA VAL C 149 -16.98 1.18 44.17
C VAL C 149 -16.21 1.15 42.84
N SER C 150 -16.79 0.51 41.82
CA SER C 150 -16.13 0.43 40.50
C SER C 150 -15.97 1.81 39.87
N THR C 151 -16.97 2.68 40.02
CA THR C 151 -16.89 4.02 39.44
C THR C 151 -15.80 4.84 40.15
N ILE C 152 -15.71 4.71 41.47
CA ILE C 152 -14.65 5.39 42.21
C ILE C 152 -13.27 4.81 41.85
N ASP C 153 -13.20 3.48 41.72
CA ASP C 153 -11.94 2.81 41.38
C ASP C 153 -11.42 3.21 39.99
N HIS C 154 -12.34 3.39 39.04
CA HIS C 154 -11.94 3.85 37.72
C HIS C 154 -11.33 5.26 37.80
N ALA C 155 -12.01 6.15 38.52
CA ALA C 155 -11.56 7.54 38.62
C ALA C 155 -10.19 7.64 39.28
N LEU C 156 -9.99 6.93 40.38
CA LEU C 156 -8.72 7.01 41.10
C LEU C 156 -7.62 6.21 40.41
N GLY C 157 -7.99 5.05 39.86
CA GLY C 157 -7.02 4.18 39.22
C GLY C 157 -6.37 4.82 38.01
N THR C 158 -7.19 5.53 37.23
CA THR C 158 -6.73 6.14 35.98
C THR C 158 -6.28 7.58 36.17
N LEU C 159 -6.23 8.05 37.41
CA LEU C 159 -5.85 9.43 37.70
C LEU C 159 -4.32 9.61 37.62
N HIS C 160 -3.87 10.26 36.54
CA HIS C 160 -2.44 10.54 36.37
C HIS C 160 -2.01 11.70 37.27
N ALA C 161 -2.90 12.69 37.39
CA ALA C 161 -2.60 13.94 38.08
C ALA C 161 -3.86 14.78 38.15
N GLY C 162 -3.91 15.70 39.10
CA GLY C 162 -5.02 16.65 39.17
C GLY C 162 -6.21 16.18 39.98
N GLY C 163 -7.26 16.98 39.96
CA GLY C 163 -8.39 16.76 40.84
C GLY C 163 -9.50 15.88 40.28
N VAL C 164 -10.27 15.32 41.20
CA VAL C 164 -11.47 14.58 40.86
C VAL C 164 -12.64 15.19 41.58
N HIS C 165 -13.67 15.58 40.84
CA HIS C 165 -14.86 16.11 41.47
C HIS C 165 -15.87 14.99 41.62
N ILE C 166 -16.18 14.62 42.84
CA ILE C 166 -17.23 13.63 43.07
C ILE C 166 -18.42 14.32 43.75
N ASN C 167 -19.46 14.58 42.97
CA ASN C 167 -20.66 15.20 43.52
C ASN C 167 -21.55 14.15 44.15
N CYS C 168 -21.98 14.41 45.38
CA CYS C 168 -22.64 13.40 46.21
C CYS C 168 -23.99 13.86 46.74
N PRO C 169 -25.05 13.67 45.96
CA PRO C 169 -26.36 14.04 46.50
C PRO C 169 -26.83 13.13 47.64
N PHE C 170 -27.44 13.72 48.65
CA PHE C 170 -28.10 12.97 49.72
C PHE C 170 -29.45 13.63 50.03
N ALA C 171 -30.49 12.82 50.17
CA ALA C 171 -31.78 13.33 50.60
C ALA C 171 -31.88 13.22 52.12
N GLU C 172 -32.62 14.15 52.73
CA GLU C 172 -33.01 14.04 54.13
C GLU C 172 -34.01 12.90 54.26
N PRO C 173 -34.14 12.31 55.45
CA PRO C 173 -33.44 12.69 56.69
C PRO C 173 -31.96 12.32 56.69
N LEU C 174 -31.16 13.19 57.30
CA LEU C 174 -29.71 12.98 57.39
C LEU C 174 -29.31 12.42 58.76
N TYR C 175 -30.16 12.62 59.76
CA TYR C 175 -29.82 12.23 61.13
C TYR C 175 -30.75 11.11 61.62
N GLY C 176 -30.33 10.46 62.69
CA GLY C 176 -31.07 9.33 63.21
C GLY C 176 -30.14 8.17 63.49
N GLU C 177 -30.58 7.26 64.37
CA GLU C 177 -29.78 6.11 64.72
C GLU C 177 -29.57 5.20 63.52
N MET C 178 -28.39 4.59 63.45
CA MET C 178 -28.10 3.63 62.40
C MET C 178 -28.89 2.36 62.67
N ASP C 179 -29.53 1.82 61.64
CA ASP C 179 -30.10 0.48 61.72
C ASP C 179 -29.48 -0.37 60.61
N ASP C 180 -30.07 -1.52 60.33
CA ASP C 180 -29.47 -2.46 59.38
C ASP C 180 -29.74 -2.13 57.92
N THR C 181 -30.39 -0.99 57.67
CA THR C 181 -30.69 -0.60 56.29
C THR C 181 -29.41 -0.48 55.49
N GLY C 182 -29.33 -1.23 54.39
CA GLY C 182 -28.17 -1.17 53.52
C GLY C 182 -27.03 -2.09 53.89
N LEU C 183 -27.18 -2.83 54.99
CA LEU C 183 -26.13 -3.75 55.40
C LEU C 183 -25.93 -4.88 54.41
N SER C 184 -27.02 -5.53 54.00
CA SER C 184 -26.91 -6.62 53.04
C SER C 184 -26.42 -6.09 51.68
N TRP C 185 -26.81 -4.86 51.37
CA TRP C 185 -26.35 -4.18 50.17
C TRP C 185 -24.83 -4.05 50.20
N GLN C 186 -24.28 -3.60 51.33
CA GLN C 186 -22.83 -3.51 51.49
C GLN C 186 -22.17 -4.88 51.42
N GLN C 187 -22.82 -5.88 52.02
CA GLN C 187 -22.21 -7.19 52.14
C GLN C 187 -22.11 -7.92 50.81
N ARG C 188 -22.73 -7.36 49.77
CA ARG C 188 -22.54 -7.92 48.43
C ARG C 188 -21.09 -7.79 47.97
N LEU C 189 -20.32 -6.92 48.60
CA LEU C 189 -18.90 -6.80 48.26
C LEU C 189 -18.03 -7.87 48.93
N GLY C 190 -18.63 -8.68 49.79
CA GLY C 190 -17.91 -9.80 50.38
C GLY C 190 -16.66 -9.39 51.15
N ASP C 191 -15.57 -10.12 50.97
CA ASP C 191 -14.40 -9.84 51.80
C ASP C 191 -13.55 -8.70 51.22
N TRP C 192 -14.10 -7.98 50.24
CA TRP C 192 -13.45 -6.74 49.81
C TRP C 192 -13.31 -5.79 51.01
N TRP C 193 -14.26 -5.86 51.94
CA TRP C 193 -14.21 -4.98 53.12
C TRP C 193 -12.97 -5.23 53.98
N GLN C 194 -12.41 -6.45 53.91
CA GLN C 194 -11.22 -6.75 54.69
C GLN C 194 -9.95 -6.74 53.85
N ASP C 195 -10.09 -6.38 52.58
CA ASP C 195 -9.00 -6.40 51.59
C ASP C 195 -8.20 -5.10 51.65
N ASP C 196 -7.07 -5.05 50.93
CA ASP C 196 -6.28 -3.82 50.90
C ASP C 196 -6.07 -3.25 49.50
N LYS C 197 -6.81 -3.78 48.54
CA LYS C 197 -6.73 -3.34 47.16
C LYS C 197 -8.09 -2.87 46.66
N PRO C 198 -8.11 -2.16 45.53
CA PRO C 198 -9.38 -1.75 44.92
C PRO C 198 -10.23 -2.93 44.52
N TRP C 199 -11.54 -2.70 44.38
CA TRP C 199 -12.46 -3.68 43.83
C TRP C 199 -12.11 -3.94 42.35
N LEU C 200 -12.03 -2.84 41.60
CA LEU C 200 -11.58 -2.89 40.21
C LEU C 200 -10.20 -2.25 40.10
N ARG C 201 -9.21 -3.03 39.66
CA ARG C 201 -7.86 -2.51 39.45
C ARG C 201 -7.70 -2.09 38.01
N GLU C 202 -7.67 -0.78 37.81
CA GLU C 202 -7.55 -0.19 36.48
C GLU C 202 -6.53 0.93 36.61
N ALA C 203 -5.30 0.68 36.19
CA ALA C 203 -4.23 1.63 36.43
C ALA C 203 -3.21 1.65 35.29
N PRO C 204 -3.66 1.97 34.08
CA PRO C 204 -2.74 2.05 32.95
C PRO C 204 -1.70 3.16 33.18
N ARG C 205 -0.47 2.92 32.76
CA ARG C 205 0.60 3.92 32.91
C ARG C 205 0.74 4.72 31.63
N LEU C 206 0.96 6.02 31.77
CA LEU C 206 1.18 6.91 30.64
C LEU C 206 2.65 7.35 30.65
N GLU C 207 3.38 7.00 29.59
CA GLU C 207 4.82 7.25 29.56
C GLU C 207 5.35 7.31 28.14
N SER C 208 6.23 8.27 27.87
CA SER C 208 6.88 8.34 26.56
C SER C 208 7.91 7.22 26.41
N GLU C 209 8.14 6.80 25.16
CA GLU C 209 9.13 5.77 24.87
C GLU C 209 10.55 6.32 24.95
N LYS C 210 11.52 5.41 25.05
CA LYS C 210 12.92 5.80 24.99
C LYS C 210 13.20 6.51 23.67
N GLN C 211 13.95 7.62 23.72
CA GLN C 211 14.33 8.34 22.51
C GLN C 211 15.56 7.66 21.89
N ARG C 212 15.33 7.01 20.76
CA ARG C 212 16.33 6.14 20.15
C ARG C 212 17.53 6.88 19.58
N ASP C 213 17.41 8.20 19.39
CA ASP C 213 18.53 8.95 18.85
C ASP C 213 19.28 9.74 19.93
N TRP C 214 19.07 9.38 21.19
CA TRP C 214 19.70 10.09 22.31
C TRP C 214 21.24 10.02 22.24
N PHE C 215 21.80 8.90 21.80
CA PHE C 215 23.27 8.81 21.73
C PHE C 215 23.84 9.81 20.73
N PHE C 216 23.03 10.22 19.77
CA PHE C 216 23.45 11.31 18.88
C PHE C 216 23.34 12.65 19.61
N TRP C 217 22.19 12.92 20.20
CA TRP C 217 21.94 14.25 20.77
C TRP C 217 22.78 14.54 22.01
N ARG C 218 23.13 13.50 22.77
CA ARG C 218 23.87 13.75 24.01
C ARG C 218 25.31 14.21 23.76
N GLN C 219 25.79 14.09 22.52
N GLN C 219 25.79 14.12 22.52
CA GLN C 219 27.13 14.58 22.17
CA GLN C 219 27.13 14.60 22.22
C GLN C 219 27.15 16.01 21.61
C GLN C 219 27.11 15.88 21.38
N LYS C 220 25.96 16.54 21.35
CA LYS C 220 25.85 17.87 20.74
C LYS C 220 26.05 18.93 21.82
N ARG C 221 26.15 20.20 21.41
CA ARG C 221 26.21 21.28 22.39
C ARG C 221 24.82 21.52 22.95
N GLY C 222 24.57 21.05 24.17
CA GLY C 222 23.26 21.18 24.77
C GLY C 222 23.23 22.14 25.96
N VAL C 223 22.02 22.50 26.36
CA VAL C 223 21.78 23.30 27.56
C VAL C 223 20.75 22.55 28.38
N VAL C 224 20.97 22.44 29.69
CA VAL C 224 19.97 21.83 30.55
C VAL C 224 19.27 22.94 31.32
N VAL C 225 17.95 22.95 31.25
CA VAL C 225 17.13 23.88 32.04
C VAL C 225 16.35 23.05 33.03
N ALA C 226 16.47 23.38 34.31
CA ALA C 226 15.79 22.60 35.35
C ALA C 226 14.72 23.44 36.01
N GLY C 227 13.46 23.03 35.84
CA GLY C 227 12.36 23.71 36.49
C GLY C 227 11.94 22.98 37.75
N ARG C 228 10.65 23.08 38.08
CA ARG C 228 10.13 22.45 39.29
C ARG C 228 10.20 20.94 39.18
N MET C 229 10.78 20.31 40.19
CA MET C 229 10.90 18.86 40.25
C MET C 229 11.11 18.51 41.71
N SER C 230 11.23 17.22 42.01
CA SER C 230 11.46 16.81 43.40
C SER C 230 12.89 17.09 43.82
N ALA C 231 13.11 17.11 45.13
CA ALA C 231 14.42 17.36 45.71
C ALA C 231 15.43 16.33 45.22
N GLU C 232 15.00 15.07 45.17
CA GLU C 232 15.87 13.98 44.73
C GLU C 232 16.16 14.10 43.24
N GLU C 233 15.15 14.51 42.48
CA GLU C 233 15.30 14.70 41.04
C GLU C 233 16.29 15.82 40.75
N GLY C 234 16.25 16.87 41.55
CA GLY C 234 17.16 17.98 41.39
C GLY C 234 18.62 17.55 41.47
N LYS C 235 18.96 16.72 42.45
CA LYS C 235 20.35 16.26 42.59
C LYS C 235 20.77 15.39 41.42
N LYS C 236 19.85 14.56 40.93
CA LYS C 236 20.17 13.67 39.80
C LYS C 236 20.35 14.46 38.50
N VAL C 237 19.53 15.48 38.31
CA VAL C 237 19.67 16.34 37.12
C VAL C 237 20.99 17.10 37.14
N ALA C 238 21.38 17.59 38.32
CA ALA C 238 22.64 18.31 38.46
C ALA C 238 23.83 17.43 38.03
N LEU C 239 23.86 16.19 38.50
CA LEU C 239 24.95 15.27 38.15
C LEU C 239 24.96 14.94 36.67
N TRP C 240 23.77 14.76 36.11
CA TRP C 240 23.60 14.41 34.71
C TRP C 240 24.12 15.52 33.79
N ALA C 241 23.74 16.76 34.09
CA ALA C 241 24.21 17.93 33.33
C ALA C 241 25.71 18.04 33.42
N GLN C 242 26.23 17.86 34.63
CA GLN C 242 27.65 17.99 34.86
C GLN C 242 28.42 16.99 34.00
N THR C 243 27.91 15.76 33.95
CA THR C 243 28.54 14.70 33.19
C THR C 243 28.53 15.03 31.69
N LEU C 244 27.40 15.51 31.19
CA LEU C 244 27.28 15.90 29.78
C LEU C 244 28.20 17.06 29.41
N GLY C 245 28.58 17.84 30.41
CA GLY C 245 29.35 19.07 30.20
C GLY C 245 28.49 20.22 29.69
N TRP C 246 27.19 20.15 29.94
CA TRP C 246 26.28 21.19 29.50
C TRP C 246 25.99 22.16 30.65
N PRO C 247 25.86 23.45 30.32
CA PRO C 247 25.49 24.41 31.35
C PRO C 247 24.09 24.08 31.88
N LEU C 248 23.93 24.21 33.19
CA LEU C 248 22.66 23.95 33.83
C LEU C 248 22.08 25.26 34.33
N ILE C 249 20.95 25.66 33.77
CA ILE C 249 20.20 26.78 34.29
C ILE C 249 19.15 26.22 35.22
N GLY C 250 19.32 26.44 36.51
CA GLY C 250 18.51 25.83 37.54
C GLY C 250 17.58 26.82 38.20
N ASP C 251 16.29 26.51 38.17
CA ASP C 251 15.27 27.35 38.80
C ASP C 251 15.35 27.25 40.31
N VAL C 252 14.81 28.26 40.99
CA VAL C 252 14.68 28.20 42.43
C VAL C 252 13.89 26.97 42.86
N LEU C 253 12.98 26.50 42.01
CA LEU C 253 12.15 25.32 42.33
C LEU C 253 12.83 23.99 42.00
N SER C 254 14.06 24.05 41.48
CA SER C 254 14.68 22.84 40.95
C SER C 254 15.46 21.99 41.99
N GLN C 255 15.97 22.64 43.03
CA GLN C 255 16.82 21.97 44.04
C GLN C 255 18.05 21.34 43.42
N THR C 256 18.56 21.95 42.36
CA THR C 256 19.74 21.44 41.67
C THR C 256 21.03 21.92 42.32
N GLY C 257 20.92 22.90 43.21
CA GLY C 257 22.08 23.55 43.78
C GLY C 257 22.51 24.74 42.94
N GLN C 258 21.83 24.95 41.82
CA GLN C 258 22.06 26.12 40.96
C GLN C 258 23.55 26.43 40.72
N PRO C 259 24.25 25.53 40.02
CA PRO C 259 25.70 25.69 39.80
C PRO C 259 26.07 26.96 39.01
N LEU C 260 25.12 27.50 38.26
CA LEU C 260 25.30 28.79 37.58
C LEU C 260 24.29 29.79 38.13
N PRO C 261 24.50 30.23 39.37
CA PRO C 261 23.47 31.02 40.06
C PRO C 261 23.28 32.43 39.47
N CYS C 262 22.19 33.07 39.88
CA CYS C 262 21.86 34.42 39.43
C CYS C 262 21.63 34.51 37.93
N ALA C 263 21.05 33.45 37.35
CA ALA C 263 20.76 33.44 35.92
C ALA C 263 19.86 34.59 35.52
N ASP C 264 18.97 35.02 36.42
CA ASP C 264 18.08 36.13 36.08
C ASP C 264 18.89 37.39 35.81
N LEU C 265 20.10 37.42 36.35
CA LEU C 265 21.01 38.53 36.13
C LEU C 265 21.93 38.26 34.92
N TRP C 266 22.61 37.11 34.90
CA TRP C 266 23.62 36.93 33.85
C TRP C 266 23.03 36.61 32.49
N LEU C 267 21.78 36.16 32.43
CA LEU C 267 21.12 35.98 31.14
C LEU C 267 20.86 37.34 30.48
N GLY C 268 20.98 38.42 31.26
CA GLY C 268 20.82 39.76 30.72
C GLY C 268 22.09 40.28 30.05
N ASN C 269 23.17 39.52 30.16
CA ASN C 269 24.45 39.89 29.56
C ASN C 269 24.63 39.31 28.15
N ALA C 270 24.95 40.16 27.19
CA ALA C 270 25.03 39.76 25.78
C ALA C 270 26.04 38.64 25.52
N LYS C 271 27.09 38.56 26.33
CA LYS C 271 28.07 37.50 26.16
C LYS C 271 27.46 36.13 26.47
N ALA C 272 26.54 36.09 27.43
CA ALA C 272 25.86 34.85 27.78
C ALA C 272 24.91 34.40 26.66
N THR C 273 24.11 35.32 26.15
CA THR C 273 23.15 34.95 25.11
C THR C 273 23.88 34.56 23.83
N SER C 274 25.01 35.20 23.56
CA SER C 274 25.84 34.83 22.41
C SER C 274 26.33 33.40 22.54
N GLU C 275 26.81 33.03 23.73
CA GLU C 275 27.31 31.68 23.95
C GLU C 275 26.16 30.68 23.83
N LEU C 276 25.00 31.01 24.40
CA LEU C 276 23.86 30.09 24.36
C LEU C 276 23.30 29.90 22.95
N GLN C 277 23.58 30.84 22.05
CA GLN C 277 23.15 30.72 20.66
C GLN C 277 23.82 29.54 19.97
N GLN C 278 24.93 29.07 20.53
CA GLN C 278 25.65 27.93 19.98
C GLN C 278 24.95 26.61 20.34
N ALA C 279 24.00 26.66 21.28
CA ALA C 279 23.31 25.44 21.70
C ALA C 279 22.47 24.84 20.58
N GLN C 280 22.68 23.55 20.31
CA GLN C 280 21.96 22.85 19.27
C GLN C 280 20.73 22.13 19.80
N ILE C 281 20.75 21.82 21.09
CA ILE C 281 19.59 21.21 21.74
C ILE C 281 19.42 21.81 23.14
N VAL C 282 18.17 22.01 23.56
CA VAL C 282 17.89 22.35 24.94
C VAL C 282 17.02 21.24 25.52
N VAL C 283 17.47 20.67 26.63
CA VAL C 283 16.65 19.70 27.34
C VAL C 283 16.21 20.33 28.67
N GLN C 284 14.91 20.60 28.76
CA GLN C 284 14.31 21.17 29.96
C GLN C 284 13.65 20.02 30.72
N LEU C 285 13.98 19.90 32.01
CA LEU C 285 13.32 18.92 32.89
C LEU C 285 12.56 19.72 33.95
N GLY C 286 11.28 19.39 34.13
CA GLY C 286 10.42 20.17 35.01
C GLY C 286 9.87 21.37 34.25
N SER C 287 9.05 22.17 34.91
CA SER C 287 8.43 23.31 34.22
C SER C 287 8.09 24.42 35.20
N SER C 288 7.21 25.34 34.79
CA SER C 288 6.89 26.52 35.59
C SER C 288 8.14 27.32 35.92
N LEU C 289 8.90 27.69 34.88
CA LEU C 289 10.12 28.49 35.09
C LEU C 289 9.76 29.83 35.71
N THR C 290 10.62 30.33 36.61
CA THR C 290 10.28 31.49 37.46
C THR C 290 10.69 32.84 36.87
N GLY C 291 11.97 32.96 36.53
CA GLY C 291 12.55 34.25 36.22
C GLY C 291 12.23 34.84 34.86
N LYS C 292 12.18 36.17 34.81
CA LYS C 292 11.84 36.88 33.58
C LYS C 292 12.92 36.70 32.51
N ARG C 293 14.19 36.82 32.90
CA ARG C 293 15.23 36.67 31.90
C ARG C 293 15.26 35.26 31.33
N LEU C 294 15.01 34.26 32.18
CA LEU C 294 14.97 32.87 31.71
C LEU C 294 13.76 32.65 30.80
N LEU C 295 12.61 33.17 31.19
CA LEU C 295 11.42 33.04 30.36
C LEU C 295 11.67 33.72 29.01
N GLN C 296 12.35 34.86 29.05
CA GLN C 296 12.65 35.59 27.81
C GLN C 296 13.70 34.87 26.97
N TRP C 297 14.73 34.33 27.60
CA TRP C 297 15.72 33.59 26.84
C TRP C 297 15.05 32.36 26.20
N GLN C 298 14.24 31.66 26.98
N GLN C 298 14.23 31.66 26.97
CA GLN C 298 13.58 30.47 26.48
CA GLN C 298 13.58 30.46 26.48
C GLN C 298 12.71 30.78 25.26
C GLN C 298 12.70 30.78 25.26
N ALA C 299 11.98 31.88 25.33
CA ALA C 299 11.09 32.28 24.25
C ALA C 299 11.87 32.66 22.98
N SER C 300 13.09 33.17 23.15
CA SER C 300 13.87 33.68 22.02
C SER C 300 14.83 32.65 21.41
N CYS C 301 15.19 31.63 22.17
CA CYS C 301 16.24 30.70 21.71
C CYS C 301 15.75 29.86 20.53
N GLU C 302 16.69 29.46 19.69
CA GLU C 302 16.33 28.71 18.49
C GLU C 302 17.23 27.50 18.26
N PRO C 303 17.25 26.56 19.22
CA PRO C 303 17.99 25.31 18.99
C PRO C 303 17.32 24.49 17.92
N GLU C 304 18.03 23.50 17.38
CA GLU C 304 17.44 22.59 16.42
C GLU C 304 16.24 21.90 17.05
N GLU C 305 16.40 21.48 18.30
CA GLU C 305 15.30 20.88 19.05
C GLU C 305 15.23 21.35 20.49
N TYR C 306 14.00 21.46 20.97
CA TYR C 306 13.71 21.81 22.35
C TYR C 306 12.94 20.65 22.96
N TRP C 307 13.46 20.05 24.02
CA TRP C 307 12.76 18.96 24.70
C TRP C 307 12.27 19.36 26.07
N ILE C 308 11.04 18.98 26.43
CA ILE C 308 10.62 19.13 27.81
C ILE C 308 10.20 17.80 28.41
N VAL C 309 10.95 17.39 29.42
CA VAL C 309 10.67 16.16 30.20
C VAL C 309 9.96 16.53 31.51
N ASP C 310 8.80 15.94 31.76
CA ASP C 310 8.08 16.19 33.02
C ASP C 310 7.02 15.10 33.22
N ASP C 311 6.56 14.93 34.45
CA ASP C 311 5.59 13.88 34.73
C ASP C 311 4.16 14.38 34.60
N ILE C 312 4.00 15.63 34.21
CA ILE C 312 2.67 16.14 33.90
C ILE C 312 2.45 16.19 32.39
N GLU C 313 1.17 16.12 32.00
CA GLU C 313 0.79 16.03 30.59
C GLU C 313 0.66 17.38 29.90
N GLY C 314 0.65 17.33 28.57
CA GLY C 314 0.31 18.47 27.74
C GLY C 314 1.50 19.31 27.37
N ARG C 315 1.28 20.28 26.50
CA ARG C 315 2.37 21.15 26.11
C ARG C 315 2.83 21.99 27.30
N LEU C 316 4.15 22.17 27.40
CA LEU C 316 4.68 22.92 28.53
C LEU C 316 5.62 24.04 28.08
N ASP C 317 5.76 24.20 26.76
CA ASP C 317 6.62 25.23 26.17
C ASP C 317 5.75 26.39 25.63
N PRO C 318 5.70 27.52 26.36
CA PRO C 318 4.81 28.60 25.92
C PRO C 318 5.34 29.36 24.70
N ALA C 319 6.50 28.95 24.19
CA ALA C 319 7.07 29.52 22.98
C ALA C 319 6.95 28.57 21.77
N HIS C 320 6.41 27.37 22.01
CA HIS C 320 6.03 26.43 20.95
C HIS C 320 7.18 26.04 20.03
N HIS C 321 8.34 25.72 20.61
CA HIS C 321 9.47 25.27 19.81
C HIS C 321 9.24 23.96 19.11
N ARG C 322 9.90 23.82 17.97
CA ARG C 322 10.07 22.53 17.33
C ARG C 322 10.83 21.61 18.30
N GLY C 323 10.32 20.41 18.54
CA GLY C 323 10.98 19.57 19.53
C GLY C 323 10.08 18.47 20.04
N ARG C 324 10.20 18.18 21.33
CA ARG C 324 9.60 17.00 21.93
C ARG C 324 9.04 17.30 23.31
N ARG C 325 7.91 16.67 23.59
CA ARG C 325 7.24 16.77 24.87
C ARG C 325 7.18 15.35 25.42
N LEU C 326 8.04 15.08 26.39
CA LEU C 326 8.26 13.74 26.89
C LEU C 326 7.66 13.61 28.28
N ILE C 327 6.71 12.69 28.40
CA ILE C 327 5.99 12.46 29.64
C ILE C 327 6.67 11.30 30.38
N ALA C 328 7.22 11.60 31.54
CA ALA C 328 7.98 10.61 32.29
C ALA C 328 8.27 11.06 33.70
N ASN C 329 8.47 10.09 34.60
CA ASN C 329 9.13 10.37 35.86
C ASN C 329 10.57 10.78 35.55
N ILE C 330 11.00 11.91 36.10
CA ILE C 330 12.29 12.49 35.71
C ILE C 330 13.47 11.55 36.01
N ALA C 331 13.44 10.90 37.17
CA ALA C 331 14.50 9.95 37.52
C ALA C 331 14.53 8.76 36.54
N ASP C 332 13.36 8.22 36.23
CA ASP C 332 13.26 7.15 35.24
C ASP C 332 13.84 7.60 33.91
N TRP C 333 13.51 8.82 33.51
CA TRP C 333 13.92 9.32 32.20
C TRP C 333 15.43 9.45 32.12
N LEU C 334 16.03 9.94 33.20
CA LEU C 334 17.49 10.08 33.23
C LEU C 334 18.17 8.72 33.12
N GLU C 335 17.58 7.70 33.75
CA GLU C 335 18.14 6.36 33.66
C GLU C 335 18.00 5.78 32.26
N LEU C 336 16.91 6.15 31.60
CA LEU C 336 16.61 5.70 30.24
C LEU C 336 17.46 6.44 29.22
N HIS C 337 17.92 7.63 29.60
CA HIS C 337 18.76 8.45 28.71
C HIS C 337 20.00 8.94 29.44
N PRO C 338 20.92 8.00 29.70
CA PRO C 338 22.08 8.28 30.55
C PRO C 338 23.08 9.23 29.90
N ALA C 339 23.83 9.95 30.74
CA ALA C 339 24.85 10.83 30.23
C ALA C 339 26.14 10.06 29.96
N GLU C 340 26.90 10.53 28.99
CA GLU C 340 28.27 10.06 28.80
C GLU C 340 29.19 11.25 29.05
N LYS C 341 30.29 11.01 29.76
CA LYS C 341 31.21 12.07 30.13
C LYS C 341 31.81 12.81 28.94
N ARG C 342 31.60 14.13 28.94
CA ARG C 342 32.14 15.02 27.91
C ARG C 342 32.58 16.33 28.51
N GLN C 343 33.61 16.92 27.91
CA GLN C 343 34.14 18.19 28.34
C GLN C 343 33.11 19.31 28.15
N PRO C 344 33.00 20.21 29.15
CA PRO C 344 32.11 21.37 29.08
C PRO C 344 32.43 22.23 27.87
N TRP C 345 31.40 22.77 27.19
CA TRP C 345 31.62 23.58 26.00
C TRP C 345 31.51 25.08 26.25
N CYS C 346 30.90 25.46 27.38
CA CYS C 346 30.76 26.86 27.74
C CYS C 346 32.02 27.43 28.36
N VAL C 347 32.39 28.65 27.98
CA VAL C 347 33.57 29.30 28.53
C VAL C 347 33.22 30.60 29.26
N GLU C 348 32.32 31.38 28.68
CA GLU C 348 31.99 32.70 29.23
C GLU C 348 31.01 32.66 30.38
N ILE C 349 30.00 31.78 30.29
CA ILE C 349 28.89 31.81 31.23
C ILE C 349 29.28 31.48 32.67
N PRO C 350 30.10 30.45 32.89
CA PRO C 350 30.52 30.17 34.28
C PRO C 350 31.20 31.37 34.93
N ARG C 351 32.02 32.11 34.19
CA ARG C 351 32.66 33.31 34.71
C ARG C 351 31.64 34.38 35.05
N LEU C 352 30.69 34.58 34.14
CA LEU C 352 29.65 35.58 34.34
C LEU C 352 28.80 35.28 35.56
N ALA C 353 28.46 34.00 35.75
CA ALA C 353 27.62 33.63 36.90
C ALA C 353 28.35 33.93 38.21
N GLU C 354 29.65 33.65 38.26
CA GLU C 354 30.42 33.95 39.47
C GLU C 354 30.48 35.45 39.72
N GLN C 355 30.73 36.21 38.66
CA GLN C 355 30.78 37.68 38.76
C GLN C 355 29.42 38.23 39.17
N ALA C 356 28.34 37.63 38.66
CA ALA C 356 27.00 38.06 39.02
C ALA C 356 26.75 37.87 40.51
N MET C 357 27.07 36.69 41.04
CA MET C 357 26.88 36.43 42.46
C MET C 357 27.75 37.38 43.30
N GLN C 358 28.95 37.67 42.84
CA GLN C 358 29.79 38.63 43.54
C GLN C 358 29.13 40.00 43.61
N ALA C 359 28.44 40.40 42.54
CA ALA C 359 27.74 41.68 42.53
C ALA C 359 26.63 41.70 43.57
N VAL C 360 25.93 40.58 43.74
CA VAL C 360 24.87 40.49 44.74
C VAL C 360 25.48 40.50 46.15
N ILE C 361 26.55 39.74 46.33
CA ILE C 361 27.21 39.69 47.63
C ILE C 361 27.64 41.09 48.10
N ALA C 362 28.10 41.90 47.15
CA ALA C 362 28.54 43.26 47.44
C ALA C 362 27.43 44.13 48.04
N ARG C 363 26.19 43.73 47.84
CA ARG C 363 25.05 44.50 48.33
C ARG C 363 24.27 43.80 49.44
N ARG C 364 24.92 42.89 50.14
CA ARG C 364 24.25 42.01 51.11
C ARG C 364 23.91 42.70 52.43
N ASP C 365 24.46 43.88 52.68
CA ASP C 365 24.39 44.46 54.03
C ASP C 365 23.07 45.12 54.42
N ALA C 366 22.42 45.83 53.50
CA ALA C 366 21.19 46.55 53.81
C ALA C 366 20.10 45.60 54.32
N PHE C 367 19.33 46.08 55.31
CA PHE C 367 18.26 45.26 55.89
C PHE C 367 17.00 45.36 55.03
N GLY C 368 17.08 44.77 53.84
CA GLY C 368 15.98 44.84 52.88
C GLY C 368 15.53 43.48 52.36
N GLU C 369 14.45 43.47 51.58
CA GLU C 369 13.91 42.19 51.13
C GLU C 369 14.79 41.54 50.06
N ALA C 370 15.52 42.33 49.28
CA ALA C 370 16.44 41.74 48.31
C ALA C 370 17.55 40.99 49.08
N GLN C 371 18.04 41.60 50.14
CA GLN C 371 19.10 41.02 50.94
C GLN C 371 18.63 39.77 51.70
N LEU C 372 17.41 39.82 52.24
CA LEU C 372 16.84 38.65 52.90
C LEU C 372 16.80 37.48 51.92
N ALA C 373 16.31 37.74 50.70
CA ALA C 373 16.26 36.70 49.66
C ALA C 373 17.65 36.15 49.36
N HIS C 374 18.61 37.05 49.17
CA HIS C 374 19.98 36.62 48.88
C HIS C 374 20.54 35.72 49.99
N ARG C 375 20.26 36.11 51.22
CA ARG C 375 20.85 35.51 52.42
C ARG C 375 20.01 34.34 52.96
N ILE C 376 18.96 33.96 52.25
CA ILE C 376 17.94 33.06 52.82
C ILE C 376 18.50 31.68 53.23
N CYS C 377 19.56 31.23 52.57
CA CYS C 377 20.21 29.98 52.98
C CYS C 377 20.60 29.98 54.44
N ASP C 378 20.92 31.15 54.99
CA ASP C 378 21.36 31.24 56.39
C ASP C 378 20.25 30.91 57.36
N TYR C 379 19.01 30.87 56.86
CA TYR C 379 17.87 30.70 57.74
C TYR C 379 17.10 29.41 57.47
N LEU C 380 17.55 28.59 56.51
CA LEU C 380 16.84 27.35 56.22
C LEU C 380 16.97 26.38 57.38
N PRO C 381 15.85 25.83 57.86
CA PRO C 381 15.93 24.87 58.96
C PRO C 381 16.64 23.57 58.58
N GLU C 382 17.46 23.05 59.50
CA GLU C 382 18.17 21.79 59.29
C GLU C 382 17.14 20.68 59.07
N GLN C 383 17.34 19.89 58.01
CA GLN C 383 16.42 18.80 57.67
C GLN C 383 14.99 19.31 57.52
N GLY C 384 14.85 20.54 57.05
CA GLY C 384 13.55 21.15 56.90
C GLY C 384 13.15 21.35 55.45
N GLN C 385 12.23 22.27 55.24
CA GLN C 385 11.76 22.59 53.90
C GLN C 385 11.41 24.05 53.79
N LEU C 386 11.47 24.57 52.56
CA LEU C 386 11.13 25.96 52.29
C LEU C 386 9.82 26.02 51.54
N PHE C 387 8.89 26.84 52.01
CA PHE C 387 7.72 27.16 51.19
C PHE C 387 7.83 28.61 50.75
N VAL C 388 7.95 28.82 49.44
N VAL C 388 7.94 28.83 49.44
CA VAL C 388 8.14 30.17 48.91
CA VAL C 388 8.14 30.18 48.92
C VAL C 388 6.84 30.70 48.29
C VAL C 388 6.85 30.71 48.29
N GLY C 389 6.45 31.90 48.71
CA GLY C 389 5.23 32.51 48.23
C GLY C 389 5.42 33.10 46.85
N ASN C 390 4.39 33.79 46.37
CA ASN C 390 4.43 34.36 45.05
C ASN C 390 4.74 35.85 45.07
N SER C 391 4.80 36.45 43.89
CA SER C 391 5.15 37.85 43.67
C SER C 391 6.67 38.05 43.84
N LEU C 392 7.09 39.07 44.57
CA LEU C 392 8.53 39.37 44.58
C LEU C 392 9.41 38.31 45.23
N VAL C 393 8.93 37.65 46.28
CA VAL C 393 9.85 36.80 47.05
C VAL C 393 10.45 35.66 46.21
N VAL C 394 9.63 34.97 45.42
CA VAL C 394 10.14 33.84 44.62
C VAL C 394 11.09 34.37 43.54
N ARG C 395 10.80 35.55 43.01
CA ARG C 395 11.68 36.14 42.00
C ARG C 395 13.00 36.60 42.62
N LEU C 396 12.94 37.19 43.81
CA LEU C 396 14.16 37.64 44.45
C LEU C 396 15.03 36.47 44.87
N ILE C 397 14.44 35.44 45.44
CA ILE C 397 15.24 34.28 45.82
C ILE C 397 15.85 33.62 44.57
N ASP C 398 15.06 33.49 43.51
CA ASP C 398 15.53 32.90 42.26
C ASP C 398 16.71 33.69 41.67
N ALA C 399 16.62 35.01 41.73
CA ALA C 399 17.60 35.88 41.10
C ALA C 399 18.87 36.04 41.92
N LEU C 400 18.75 36.03 43.26
CA LEU C 400 19.83 36.52 44.12
C LEU C 400 20.44 35.47 45.04
N SER C 401 19.78 34.31 45.17
CA SER C 401 20.26 33.28 46.09
C SER C 401 20.69 32.01 45.36
N GLN C 402 21.54 31.22 46.01
CA GLN C 402 21.91 29.91 45.49
C GLN C 402 21.45 28.85 46.50
N LEU C 403 20.33 28.19 46.23
CA LEU C 403 19.80 27.23 47.20
C LEU C 403 20.51 25.89 47.12
N PRO C 404 20.66 25.21 48.26
CA PRO C 404 21.43 23.96 48.30
C PRO C 404 20.76 22.86 47.49
N ALA C 405 21.57 22.05 46.81
CA ALA C 405 21.01 20.92 46.08
C ALA C 405 20.26 19.98 47.03
N GLY C 406 19.09 19.51 46.60
CA GLY C 406 18.34 18.54 47.37
C GLY C 406 17.56 19.10 48.55
N TYR C 407 17.65 20.40 48.82
CA TYR C 407 16.87 20.99 49.89
C TYR C 407 15.45 21.29 49.41
N PRO C 408 14.44 20.65 50.03
CA PRO C 408 13.07 20.70 49.48
C PRO C 408 12.49 22.10 49.43
N VAL C 409 12.01 22.46 48.24
CA VAL C 409 11.31 23.72 48.03
C VAL C 409 9.90 23.41 47.52
N TYR C 410 8.92 24.09 48.11
CA TYR C 410 7.53 23.96 47.71
C TYR C 410 6.96 25.31 47.37
N SER C 411 5.92 25.31 46.52
CA SER C 411 5.35 26.55 46.03
C SER C 411 4.03 26.27 45.39
N ASN C 412 3.30 27.36 45.11
CA ASN C 412 2.11 27.32 44.27
C ASN C 412 2.38 28.10 42.97
N ARG C 413 3.10 27.51 42.02
CA ARG C 413 3.51 28.24 40.82
C ARG C 413 2.84 27.75 39.53
N GLY C 414 1.72 27.05 39.63
CA GLY C 414 0.96 26.74 38.43
C GLY C 414 0.26 28.00 37.96
N ALA C 415 -0.71 28.44 38.77
CA ALA C 415 -1.43 29.67 38.48
C ALA C 415 -0.88 30.86 39.29
N SER C 416 0.03 30.56 40.20
CA SER C 416 0.71 31.57 40.99
C SER C 416 -0.25 32.49 41.74
N GLY C 417 -1.30 31.91 42.30
CA GLY C 417 -2.25 32.68 43.10
C GLY C 417 -1.67 33.16 44.42
N ILE C 418 -2.08 34.35 44.84
CA ILE C 418 -1.71 34.84 46.15
C ILE C 418 -2.84 34.58 47.14
N ASP C 419 -3.77 33.70 46.78
CA ASP C 419 -4.97 33.52 47.59
C ASP C 419 -4.96 32.35 48.60
N GLY C 420 -3.96 31.49 48.59
CA GLY C 420 -3.98 30.35 49.50
C GLY C 420 -2.63 29.97 50.09
N LEU C 421 -1.76 30.94 50.23
CA LEU C 421 -0.37 30.62 50.56
C LEU C 421 -0.16 30.17 52.01
N LEU C 422 -0.88 30.76 52.97
CA LEU C 422 -0.70 30.31 54.36
C LEU C 422 -1.30 28.94 54.59
N SER C 423 -2.49 28.71 54.05
CA SER C 423 -3.11 27.42 54.26
C SER C 423 -2.34 26.31 53.51
N THR C 424 -1.77 26.64 52.36
CA THR C 424 -0.97 25.66 51.64
C THR C 424 0.26 25.33 52.48
N ALA C 425 0.89 26.35 53.03
CA ALA C 425 2.07 26.15 53.85
C ALA C 425 1.78 25.27 55.07
N ALA C 426 0.61 25.47 55.68
CA ALA C 426 0.18 24.64 56.80
C ALA C 426 0.10 23.17 56.37
N GLY C 427 -0.45 22.92 55.19
CA GLY C 427 -0.56 21.56 54.68
C GLY C 427 0.81 20.95 54.38
N VAL C 428 1.70 21.74 53.81
CA VAL C 428 3.05 21.28 53.52
C VAL C 428 3.73 20.84 54.82
N GLN C 429 3.62 21.66 55.87
CA GLN C 429 4.22 21.33 57.16
C GLN C 429 3.59 20.06 57.74
N ARG C 430 2.27 20.00 57.77
CA ARG C 430 1.60 18.86 58.42
C ARG C 430 1.91 17.52 57.74
N ALA C 431 2.00 17.55 56.41
CA ALA C 431 2.23 16.33 55.65
C ALA C 431 3.59 15.69 55.97
N SER C 432 4.63 16.52 56.10
CA SER C 432 5.98 15.99 56.24
C SER C 432 6.42 15.90 57.67
N GLY C 433 5.79 16.69 58.55
CA GLY C 433 6.21 16.74 59.93
C GLY C 433 7.58 17.42 60.09
N LYS C 434 8.02 18.14 59.07
CA LYS C 434 9.34 18.79 59.08
C LYS C 434 9.28 20.27 59.52
N PRO C 435 10.37 20.77 60.12
CA PRO C 435 10.49 22.21 60.38
C PRO C 435 10.42 22.96 59.07
N THR C 436 9.68 24.06 59.06
CA THR C 436 9.34 24.71 57.80
C THR C 436 9.58 26.22 57.85
N LEU C 437 10.21 26.75 56.80
CA LEU C 437 10.30 28.19 56.62
C LEU C 437 9.38 28.58 55.48
N ALA C 438 8.42 29.46 55.77
CA ALA C 438 7.49 29.97 54.75
C ALA C 438 7.66 31.48 54.64
N ILE C 439 7.73 31.98 53.41
CA ILE C 439 7.92 33.42 53.19
C ILE C 439 6.90 33.96 52.21
N VAL C 440 6.15 34.97 52.65
CA VAL C 440 5.11 35.58 51.83
C VAL C 440 5.11 37.08 51.97
N GLY C 441 4.45 37.76 51.04
CA GLY C 441 4.30 39.20 51.10
C GLY C 441 3.09 39.63 51.91
N ASP C 442 2.93 40.95 52.12
CA ASP C 442 1.89 41.44 53.01
C ASP C 442 0.49 41.25 52.43
N LEU C 443 0.28 41.52 51.14
CA LEU C 443 -1.06 41.31 50.57
C LEU C 443 -1.39 39.83 50.58
N SER C 444 -0.39 38.99 50.34
CA SER C 444 -0.57 37.53 50.41
C SER C 444 -1.02 37.08 51.79
N ALA C 445 -0.38 37.62 52.83
CA ALA C 445 -0.72 37.28 54.20
C ALA C 445 -2.13 37.76 54.57
N LEU C 446 -2.50 38.95 54.09
CA LEU C 446 -3.86 39.46 54.30
C LEU C 446 -4.91 38.61 53.61
N TYR C 447 -4.60 38.19 52.39
CA TYR C 447 -5.52 37.40 51.57
C TYR C 447 -5.91 36.15 52.35
N ASP C 448 -4.91 35.45 52.90
CA ASP C 448 -5.21 34.18 53.57
C ASP C 448 -5.06 34.31 55.08
N LEU C 449 -5.41 35.48 55.60
CA LEU C 449 -5.21 35.80 57.01
C LEU C 449 -5.82 34.79 57.96
N ASN C 450 -7.03 34.30 57.68
CA ASN C 450 -7.68 33.42 58.65
C ASN C 450 -7.04 32.02 58.69
N ALA C 451 -6.07 31.76 57.80
CA ALA C 451 -5.34 30.52 57.84
C ALA C 451 -4.34 30.50 59.00
N LEU C 452 -4.15 31.65 59.66
CA LEU C 452 -3.37 31.65 60.89
C LEU C 452 -4.02 30.71 61.92
N ALA C 453 -5.33 30.49 61.81
CA ALA C 453 -6.01 29.53 62.68
C ALA C 453 -5.43 28.12 62.51
N LEU C 454 -5.12 27.75 61.27
CA LEU C 454 -4.50 26.45 60.97
C LEU C 454 -3.07 26.35 61.50
N LEU C 455 -2.36 27.47 61.44
CA LEU C 455 -0.96 27.48 61.86
C LEU C 455 -0.82 27.40 63.38
N ARG C 456 -1.94 27.42 64.09
CA ARG C 456 -1.92 27.16 65.53
C ARG C 456 -1.63 25.69 65.79
N GLN C 457 -1.73 24.87 64.75
CA GLN C 457 -1.42 23.46 64.89
C GLN C 457 -0.43 22.97 63.84
N VAL C 458 0.85 22.99 64.22
CA VAL C 458 1.90 22.42 63.41
C VAL C 458 2.67 21.42 64.27
N SER C 459 3.30 20.43 63.64
CA SER C 459 3.97 19.35 64.35
C SER C 459 5.47 19.57 64.54
N ALA C 460 5.95 20.65 63.95
CA ALA C 460 7.35 21.05 64.06
C ALA C 460 7.38 22.56 63.88
N PRO C 461 8.48 23.20 64.27
CA PRO C 461 8.47 24.66 64.16
C PRO C 461 8.21 25.13 62.73
N LEU C 462 7.37 26.15 62.59
CA LEU C 462 7.16 26.79 61.30
C LEU C 462 7.39 28.27 61.48
N VAL C 463 8.33 28.81 60.72
CA VAL C 463 8.56 30.25 60.74
C VAL C 463 7.86 30.87 59.54
N LEU C 464 6.94 31.81 59.80
CA LEU C 464 6.27 32.52 58.72
C LEU C 464 6.82 33.93 58.63
N ILE C 465 7.65 34.20 57.64
CA ILE C 465 8.14 35.55 57.39
C ILE C 465 7.14 36.27 56.53
N VAL C 466 6.65 37.40 57.01
CA VAL C 466 5.83 38.25 56.19
C VAL C 466 6.64 39.50 55.85
N VAL C 467 6.99 39.64 54.58
CA VAL C 467 7.69 40.82 54.10
C VAL C 467 6.69 41.93 53.87
N ASN C 468 6.75 42.97 54.69
CA ASN C 468 5.77 44.04 54.59
C ASN C 468 6.38 45.25 53.90
N ASN C 469 6.12 45.38 52.60
CA ASN C 469 6.58 46.53 51.84
C ASN C 469 5.37 47.37 51.42
N ASN C 470 4.28 47.18 52.16
CA ASN C 470 3.07 48.00 52.07
C ASN C 470 2.48 48.07 50.66
N GLY C 471 2.00 46.91 50.20
CA GLY C 471 1.37 46.82 48.90
C GLY C 471 1.95 45.72 48.04
N GLY C 472 1.45 45.58 46.83
CA GLY C 472 1.98 44.59 45.90
C GLY C 472 3.10 45.19 45.07
N GLN C 473 4.31 45.16 45.61
CA GLN C 473 5.42 45.94 45.03
C GLN C 473 5.98 45.30 43.76
N ILE C 474 5.48 44.11 43.41
CA ILE C 474 5.81 43.59 42.10
C ILE C 474 5.37 44.60 41.03
N PHE C 475 4.37 45.42 41.33
CA PHE C 475 3.88 46.42 40.38
C PHE C 475 4.74 47.71 40.40
N SER C 476 5.77 47.72 41.25
CA SER C 476 6.81 48.74 41.18
C SER C 476 7.97 48.24 40.32
N LEU C 477 8.01 46.93 40.12
CA LEU C 477 8.99 46.30 39.24
C LEU C 477 8.49 46.32 37.80
N LEU C 478 7.23 45.92 37.61
CA LEU C 478 6.57 46.05 36.31
C LEU C 478 6.43 47.52 35.94
N PRO C 479 6.42 47.83 34.64
CA PRO C 479 6.33 49.21 34.15
C PRO C 479 4.91 49.78 34.15
N THR C 480 4.25 49.66 35.30
CA THR C 480 2.90 50.19 35.48
C THR C 480 2.94 51.72 35.46
N PRO C 481 1.85 52.36 35.04
CA PRO C 481 1.78 53.83 34.95
C PRO C 481 1.81 54.48 36.33
N GLN C 482 2.65 55.51 36.50
CA GLN C 482 2.87 56.10 37.82
C GLN C 482 1.59 56.71 38.41
N SER C 483 0.75 57.30 37.57
CA SER C 483 -0.45 58.00 38.02
C SER C 483 -1.47 57.07 38.70
N GLU C 484 -1.63 55.87 38.16
CA GLU C 484 -2.60 54.92 38.68
C GLU C 484 -1.99 53.88 39.60
N ARG C 485 -0.67 53.91 39.73
CA ARG C 485 0.03 52.80 40.35
C ARG C 485 -0.42 52.52 41.78
N GLU C 486 -0.52 53.55 42.62
CA GLU C 486 -0.81 53.31 44.04
C GLU C 486 -2.21 52.77 44.27
N ARG C 487 -3.18 53.47 43.73
CA ARG C 487 -4.58 53.14 43.99
C ARG C 487 -4.98 51.85 43.31
N PHE C 488 -4.52 51.64 42.08
CA PHE C 488 -5.07 50.54 41.28
C PHE C 488 -4.13 49.34 41.08
N TYR C 489 -2.90 49.43 41.54
CA TYR C 489 -1.97 48.30 41.44
C TYR C 489 -1.39 47.93 42.80
N LEU C 490 -0.63 48.84 43.39
CA LEU C 490 0.06 48.54 44.67
C LEU C 490 -0.93 48.24 45.80
N MET C 491 -1.98 49.06 45.89
CA MET C 491 -3.01 48.92 46.93
C MET C 491 -2.45 48.69 48.34
N PRO C 492 -1.62 49.63 48.83
CA PRO C 492 -1.15 49.53 50.22
C PRO C 492 -2.32 49.46 51.17
N GLN C 493 -2.21 48.58 52.17
CA GLN C 493 -3.28 48.41 53.15
C GLN C 493 -2.91 49.02 54.49
N ASN C 494 -1.65 49.43 54.61
CA ASN C 494 -1.19 50.13 55.81
C ASN C 494 -1.54 49.41 57.11
N VAL C 495 -1.08 48.17 57.20
CA VAL C 495 -1.27 47.37 58.39
C VAL C 495 0.04 46.79 58.88
N HIS C 496 0.01 46.26 60.09
CA HIS C 496 1.07 45.39 60.56
C HIS C 496 0.43 44.11 61.06
N PHE C 497 1.24 43.15 61.45
CA PHE C 497 0.72 41.82 61.72
C PHE C 497 0.87 41.36 63.18
N GLU C 498 1.28 42.24 64.07
CA GLU C 498 1.41 41.83 65.48
C GLU C 498 0.06 41.45 66.08
N HIS C 499 -1.00 42.19 65.74
CA HIS C 499 -2.33 41.88 66.28
C HIS C 499 -2.88 40.59 65.67
N ALA C 500 -2.54 40.31 64.41
CA ALA C 500 -2.93 39.04 63.79
C ALA C 500 -2.30 37.85 64.53
N ALA C 501 -1.01 37.94 64.80
CA ALA C 501 -0.35 36.88 65.55
C ALA C 501 -0.98 36.73 66.93
N ALA C 502 -1.23 37.85 67.61
CA ALA C 502 -1.79 37.83 68.96
C ALA C 502 -3.19 37.20 68.98
N MET C 503 -4.01 37.50 67.97
CA MET C 503 -5.35 36.94 67.89
C MET C 503 -5.33 35.42 67.90
N PHE C 504 -4.32 34.84 67.27
CA PHE C 504 -4.24 33.39 67.17
C PHE C 504 -3.16 32.82 68.10
N GLU C 505 -2.72 33.63 69.06
CA GLU C 505 -1.78 33.21 70.11
C GLU C 505 -0.50 32.64 69.52
N LEU C 506 -0.01 33.31 68.48
CA LEU C 506 1.24 32.95 67.85
C LEU C 506 2.35 33.90 68.24
N LYS C 507 3.52 33.37 68.50
CA LYS C 507 4.68 34.21 68.78
C LYS C 507 4.97 35.17 67.62
N TYR C 508 5.43 36.36 67.95
CA TYR C 508 5.62 37.40 66.96
C TYR C 508 6.90 38.18 67.17
N HIS C 509 7.63 38.42 66.08
CA HIS C 509 8.79 39.29 66.14
C HIS C 509 8.77 40.27 64.97
N ARG C 510 9.18 41.51 65.24
CA ARG C 510 9.39 42.50 64.18
C ARG C 510 10.83 42.99 64.26
N PRO C 511 11.76 42.18 63.74
CA PRO C 511 13.20 42.46 63.87
C PRO C 511 13.64 43.71 63.12
N GLN C 512 14.58 44.45 63.70
CA GLN C 512 15.01 45.75 63.17
C GLN C 512 16.36 45.70 62.46
N ASN C 513 17.06 44.58 62.64
CA ASN C 513 18.38 44.38 62.04
C ASN C 513 18.68 42.90 61.92
N TRP C 514 19.83 42.56 61.32
CA TRP C 514 20.17 41.16 61.09
C TRP C 514 20.33 40.38 62.39
N GLN C 515 20.88 41.03 63.42
CA GLN C 515 21.07 40.38 64.71
C GLN C 515 19.71 40.00 65.34
N GLU C 516 18.75 40.91 65.29
CA GLU C 516 17.43 40.61 65.83
C GLU C 516 16.73 39.54 65.02
N LEU C 517 16.98 39.51 63.71
CA LEU C 517 16.41 38.46 62.87
C LEU C 517 16.96 37.10 63.26
N GLU C 518 18.26 37.03 63.48
CA GLU C 518 18.89 35.76 63.88
C GLU C 518 18.39 35.30 65.25
N THR C 519 18.21 36.25 66.16
CA THR C 519 17.68 35.93 67.48
C THR C 519 16.26 35.40 67.38
N ALA C 520 15.46 36.02 66.50
CA ALA C 520 14.09 35.58 66.30
C ALA C 520 14.04 34.14 65.79
N PHE C 521 14.88 33.83 64.80
CA PHE C 521 14.95 32.47 64.29
C PHE C 521 15.36 31.48 65.36
N ALA C 522 16.39 31.81 66.13
CA ALA C 522 16.88 30.91 67.16
C ALA C 522 15.76 30.55 68.14
N ASP C 523 14.99 31.55 68.53
CA ASP C 523 13.82 31.33 69.39
C ASP C 523 12.81 30.41 68.72
N ALA C 524 12.52 30.69 67.45
CA ALA C 524 11.43 30.04 66.74
C ALA C 524 11.63 28.53 66.58
N TRP C 525 12.87 28.10 66.36
CA TRP C 525 13.10 26.69 66.07
C TRP C 525 13.00 25.79 67.31
N ARG C 526 12.83 26.39 68.49
CA ARG C 526 12.91 25.66 69.75
C ARG C 526 11.66 24.87 70.11
N THR C 527 10.52 25.26 69.54
CA THR C 527 9.27 24.57 69.86
C THR C 527 8.46 24.31 68.59
N PRO C 528 7.63 23.27 68.63
CA PRO C 528 6.76 22.91 67.51
C PRO C 528 5.58 23.85 67.38
N THR C 529 5.87 25.12 67.10
CA THR C 529 4.81 26.12 66.94
C THR C 529 5.14 27.04 65.78
N THR C 530 4.16 27.80 65.35
CA THR C 530 4.37 28.80 64.31
C THR C 530 4.80 30.12 64.93
N THR C 531 5.90 30.67 64.43
CA THR C 531 6.35 31.99 64.81
C THR C 531 6.21 32.92 63.61
N VAL C 532 5.57 34.07 63.82
CA VAL C 532 5.41 35.06 62.77
C VAL C 532 6.52 36.10 62.88
N ILE C 533 7.30 36.24 61.81
CA ILE C 533 8.33 37.26 61.78
C ILE C 533 7.98 38.28 60.71
N GLU C 534 7.64 39.49 61.12
CA GLU C 534 7.32 40.55 60.17
C GLU C 534 8.56 41.39 59.86
N MET C 535 8.97 41.37 58.59
CA MET C 535 10.08 42.21 58.16
C MET C 535 9.54 43.41 57.42
N VAL C 536 9.60 44.56 58.09
CA VAL C 536 9.12 45.79 57.51
C VAL C 536 10.23 46.46 56.71
N VAL C 537 9.96 46.71 55.43
CA VAL C 537 10.96 47.28 54.53
C VAL C 537 10.37 48.43 53.74
N ASN C 538 11.23 49.29 53.21
CA ASN C 538 10.82 50.40 52.38
C ASN C 538 10.21 49.90 51.09
N ASP C 539 9.06 50.45 50.73
CA ASP C 539 8.26 49.95 49.62
C ASP C 539 9.03 49.47 48.39
N THR C 540 9.83 50.33 47.77
CA THR C 540 10.39 49.99 46.46
C THR C 540 11.85 49.55 46.45
N ASP C 541 12.50 49.45 47.61
CA ASP C 541 13.93 49.12 47.63
C ASP C 541 14.24 47.76 46.98
N GLY C 542 13.39 46.77 47.22
CA GLY C 542 13.60 45.45 46.65
C GLY C 542 13.53 45.44 45.14
N ALA C 543 12.45 46.01 44.59
CA ALA C 543 12.30 46.08 43.15
C ALA C 543 13.46 46.86 42.54
N GLN C 544 13.81 47.98 43.17
CA GLN C 544 14.89 48.81 42.64
C GLN C 544 16.26 48.13 42.74
N THR C 545 16.49 47.38 43.82
CA THR C 545 17.74 46.66 43.97
C THR C 545 17.90 45.61 42.88
N LEU C 546 16.82 44.91 42.58
CA LEU C 546 16.88 43.91 41.51
C LEU C 546 17.18 44.58 40.17
N GLN C 547 16.51 45.68 39.90
CA GLN C 547 16.68 46.41 38.64
C GLN C 547 18.12 46.92 38.51
N GLN C 548 18.69 47.39 39.61
CA GLN C 548 20.07 47.89 39.57
C GLN C 548 21.08 46.77 39.32
N LEU C 549 20.88 45.62 39.95
CA LEU C 549 21.77 44.49 39.77
C LEU C 549 21.66 43.91 38.35
N LEU C 550 20.45 43.87 37.81
CA LEU C 550 20.27 43.46 36.43
C LEU C 550 21.11 44.35 35.51
N ALA C 551 21.00 45.65 35.70
CA ALA C 551 21.74 46.61 34.87
C ALA C 551 23.25 46.43 35.06
N GLN C 552 23.69 46.28 36.30
CA GLN C 552 25.11 46.12 36.57
C GLN C 552 25.67 44.89 35.86
N VAL C 553 24.99 43.77 36.02
CA VAL C 553 25.48 42.51 35.45
C VAL C 553 25.44 42.53 33.93
N SER C 554 24.49 43.24 33.35
CA SER C 554 24.39 43.31 31.91
C SER C 554 25.61 43.98 31.29
N HIS C 555 26.33 44.76 32.10
CA HIS C 555 27.49 45.51 31.61
C HIS C 555 28.83 44.85 31.90
N LEU C 556 28.81 43.67 32.51
CA LEU C 556 30.03 42.94 32.78
C LEU C 556 30.70 42.48 31.48
N MET D 1 -0.51 49.17 14.77
CA MET D 1 0.79 49.45 15.35
C MET D 1 0.91 48.93 16.78
N SER D 2 0.54 49.77 17.75
CA SER D 2 0.73 49.44 19.16
C SER D 2 -0.34 48.51 19.73
N VAL D 3 0.08 47.31 20.11
CA VAL D 3 -0.80 46.36 20.76
C VAL D 3 -1.29 46.90 22.10
N SER D 4 -0.38 47.53 22.85
CA SER D 4 -0.75 48.04 24.16
C SER D 4 -1.81 49.13 24.02
N ALA D 5 -1.63 50.02 23.05
CA ALA D 5 -2.63 51.07 22.82
C ALA D 5 -3.96 50.48 22.36
N PHE D 6 -3.93 49.53 21.42
CA PHE D 6 -5.21 48.99 20.96
C PHE D 6 -5.93 48.21 22.05
N ASN D 7 -5.18 47.49 22.89
CA ASN D 7 -5.78 46.81 24.04
C ASN D 7 -6.62 47.81 24.84
N ARG D 8 -6.06 48.99 25.06
CA ARG D 8 -6.73 49.96 25.89
C ARG D 8 -7.92 50.57 25.15
N ARG D 9 -7.85 50.70 23.83
CA ARG D 9 -8.98 51.20 23.04
C ARG D 9 -10.16 50.22 23.03
N TRP D 10 -9.82 48.94 22.88
CA TRP D 10 -10.77 47.83 22.97
C TRP D 10 -11.46 47.82 24.34
N ALA D 11 -10.65 47.86 25.40
CA ALA D 11 -11.17 47.90 26.76
C ALA D 11 -12.06 49.13 27.02
N ALA D 12 -11.68 50.29 26.45
CA ALA D 12 -12.46 51.51 26.65
C ALA D 12 -13.88 51.37 26.09
N VAL D 13 -14.03 50.65 25.00
CA VAL D 13 -15.37 50.44 24.43
C VAL D 13 -16.22 49.61 25.39
N ILE D 14 -15.63 48.55 25.94
CA ILE D 14 -16.32 47.69 26.89
C ILE D 14 -16.82 48.51 28.08
N LEU D 15 -15.92 49.29 28.66
N LEU D 15 -15.93 49.29 28.67
CA LEU D 15 -16.26 50.01 29.89
CA LEU D 15 -16.27 50.01 29.88
C LEU D 15 -17.28 51.12 29.65
C LEU D 15 -17.27 51.13 29.66
N GLU D 16 -17.14 51.86 28.55
CA GLU D 16 -18.07 52.93 28.25
C GLU D 16 -19.45 52.33 27.98
N ALA D 17 -19.47 51.18 27.32
CA ALA D 17 -20.73 50.50 27.02
C ALA D 17 -21.53 50.22 28.29
N LEU D 18 -20.83 49.78 29.34
CA LEU D 18 -21.49 49.44 30.60
C LEU D 18 -22.15 50.66 31.22
N THR D 19 -21.59 51.85 31.01
CA THR D 19 -22.16 53.07 31.61
C THR D 19 -23.53 53.38 31.03
N ARG D 20 -23.83 52.83 29.85
CA ARG D 20 -25.11 53.11 29.19
C ARG D 20 -26.21 52.20 29.74
N HIS D 21 -25.85 51.29 30.64
CA HIS D 21 -26.79 50.35 31.24
C HIS D 21 -26.86 50.55 32.75
N GLY D 22 -26.42 51.71 33.22
CA GLY D 22 -26.59 52.05 34.62
C GLY D 22 -25.47 51.61 35.56
N VAL D 23 -24.38 51.09 35.01
CA VAL D 23 -23.23 50.74 35.83
C VAL D 23 -22.51 51.99 36.33
N ARG D 24 -22.46 52.16 37.65
CA ARG D 24 -21.77 53.29 38.25
C ARG D 24 -20.63 52.77 39.12
N HIS D 25 -20.91 51.76 39.93
CA HIS D 25 -19.90 51.15 40.80
C HIS D 25 -19.07 50.12 40.05
N ILE D 26 -17.76 50.19 40.22
CA ILE D 26 -16.89 49.16 39.69
C ILE D 26 -15.88 48.76 40.77
N CYS D 27 -15.72 47.46 40.97
CA CYS D 27 -14.85 46.92 42.00
C CYS D 27 -13.64 46.28 41.35
N ILE D 28 -12.44 46.71 41.74
CA ILE D 28 -11.22 46.33 41.05
C ILE D 28 -10.21 45.69 42.01
N ALA D 29 -9.69 44.54 41.59
CA ALA D 29 -8.58 43.89 42.29
C ALA D 29 -7.31 44.07 41.48
N PRO D 30 -6.14 43.94 42.12
CA PRO D 30 -4.91 44.28 41.42
C PRO D 30 -4.41 43.18 40.48
N GLY D 31 -3.70 43.58 39.44
CA GLY D 31 -3.13 42.62 38.52
C GLY D 31 -2.43 43.29 37.37
N SER D 32 -1.78 42.50 36.54
CA SER D 32 -1.12 43.02 35.36
C SER D 32 -1.95 42.78 34.10
N ARG D 33 -2.43 41.55 33.92
CA ARG D 33 -3.16 41.18 32.71
C ARG D 33 -4.45 42.00 32.58
N SER D 34 -4.98 42.45 33.72
CA SER D 34 -6.19 43.27 33.76
C SER D 34 -5.95 44.75 33.40
N THR D 35 -4.69 45.11 33.18
CA THR D 35 -4.30 46.49 32.92
C THR D 35 -5.20 47.26 31.92
N PRO D 36 -5.50 46.65 30.77
CA PRO D 36 -6.33 47.41 29.83
C PRO D 36 -7.70 47.78 30.39
N LEU D 37 -8.29 46.84 31.13
CA LEU D 37 -9.59 47.07 31.75
C LEU D 37 -9.50 48.10 32.88
N THR D 38 -8.51 47.91 33.74
CA THR D 38 -8.35 48.78 34.90
C THR D 38 -7.99 50.22 34.50
N LEU D 39 -7.12 50.38 33.52
CA LEU D 39 -6.76 51.74 33.10
C LEU D 39 -7.95 52.40 32.40
N ALA D 40 -8.68 51.63 31.61
CA ALA D 40 -9.88 52.17 30.98
C ALA D 40 -10.88 52.60 32.05
N ALA D 41 -11.02 51.81 33.11
CA ALA D 41 -11.95 52.14 34.19
C ALA D 41 -11.49 53.37 34.95
N ALA D 42 -10.21 53.40 35.27
CA ALA D 42 -9.63 54.50 36.03
C ALA D 42 -9.80 55.82 35.29
N GLU D 43 -9.76 55.76 33.96
CA GLU D 43 -9.83 56.98 33.14
C GLU D 43 -11.25 57.49 32.93
N ASN D 44 -12.22 56.64 33.22
CA ASN D 44 -13.62 56.94 32.94
C ASN D 44 -14.28 57.59 34.15
N SER D 45 -14.64 58.86 34.02
CA SER D 45 -15.14 59.65 35.13
C SER D 45 -16.57 59.25 35.54
N ALA D 46 -17.17 58.32 34.81
CA ALA D 46 -18.54 57.90 35.12
C ALA D 46 -18.59 57.00 36.35
N PHE D 47 -17.46 56.39 36.70
CA PHE D 47 -17.44 55.32 37.70
C PHE D 47 -17.12 55.77 39.12
N ILE D 48 -17.68 55.02 40.07
CA ILE D 48 -17.23 55.04 41.45
C ILE D 48 -16.35 53.82 41.63
N HIS D 49 -15.06 54.00 41.92
CA HIS D 49 -14.15 52.86 41.96
C HIS D 49 -13.93 52.36 43.39
N HIS D 50 -14.06 51.05 43.58
CA HIS D 50 -13.72 50.41 44.83
C HIS D 50 -12.61 49.39 44.60
N THR D 51 -11.69 49.26 45.55
CA THR D 51 -10.62 48.27 45.43
C THR D 51 -10.54 47.33 46.63
N HIS D 52 -10.01 46.13 46.40
CA HIS D 52 -9.77 45.17 47.47
C HIS D 52 -8.75 44.13 46.98
N PHE D 53 -8.01 43.53 47.90
CA PHE D 53 -6.96 42.57 47.54
C PHE D 53 -7.48 41.13 47.48
N ASP D 54 -8.61 40.85 48.13
CA ASP D 54 -9.16 39.50 48.16
C ASP D 54 -10.30 39.46 47.15
N GLU D 55 -10.14 38.69 46.07
CA GLU D 55 -11.13 38.70 44.99
C GLU D 55 -12.46 38.07 45.40
N ARG D 56 -12.44 37.16 46.38
CA ARG D 56 -13.69 36.59 46.89
C ARG D 56 -14.47 37.70 47.61
N GLY D 57 -13.76 38.46 48.43
CA GLY D 57 -14.34 39.62 49.13
C GLY D 57 -14.77 40.71 48.16
N LEU D 58 -14.01 40.89 47.09
CA LEU D 58 -14.35 41.85 46.05
C LEU D 58 -15.69 41.53 45.40
N GLY D 59 -15.89 40.25 45.09
CA GLY D 59 -17.16 39.82 44.49
C GLY D 59 -18.32 40.09 45.43
N HIS D 60 -18.11 39.86 46.72
CA HIS D 60 -19.19 40.08 47.68
C HIS D 60 -19.41 41.57 47.96
N LEU D 61 -18.34 42.37 47.90
CA LEU D 61 -18.49 43.81 48.00
C LEU D 61 -19.40 44.30 46.87
N ALA D 62 -19.14 43.82 45.66
CA ALA D 62 -19.95 44.16 44.49
C ALA D 62 -21.38 43.68 44.69
N LEU D 63 -21.52 42.47 45.24
CA LEU D 63 -22.86 41.93 45.53
C LEU D 63 -23.65 42.85 46.46
N GLY D 64 -23.01 43.33 47.53
CA GLY D 64 -23.66 44.22 48.48
C GLY D 64 -24.03 45.54 47.85
N LEU D 65 -23.13 46.08 47.03
CA LEU D 65 -23.44 47.32 46.31
C LEU D 65 -24.66 47.17 45.40
N ALA D 66 -24.73 46.05 44.68
CA ALA D 66 -25.80 45.81 43.73
C ALA D 66 -27.12 45.55 44.46
N LYS D 67 -27.01 44.85 45.59
CA LYS D 67 -28.15 44.49 46.42
C LYS D 67 -28.92 45.71 46.87
N VAL D 68 -28.19 46.74 47.30
CA VAL D 68 -28.82 47.94 47.85
C VAL D 68 -29.15 48.94 46.73
N SER D 69 -28.24 49.11 45.78
CA SER D 69 -28.41 50.14 44.76
C SER D 69 -29.41 49.73 43.69
N LYS D 70 -29.62 48.43 43.54
CA LYS D 70 -30.49 47.89 42.50
C LYS D 70 -29.97 48.27 41.12
N GLN D 71 -28.66 48.48 41.02
CA GLN D 71 -28.01 48.77 39.74
C GLN D 71 -27.06 47.63 39.43
N PRO D 72 -26.72 47.44 38.14
CA PRO D 72 -25.65 46.48 37.84
C PRO D 72 -24.35 47.03 38.36
N VAL D 73 -23.47 46.16 38.87
CA VAL D 73 -22.18 46.57 39.40
C VAL D 73 -21.11 45.78 38.67
N ALA D 74 -20.04 46.45 38.23
CA ALA D 74 -18.98 45.79 37.48
C ALA D 74 -17.82 45.39 38.37
N VAL D 75 -17.10 44.36 37.94
CA VAL D 75 -15.95 43.84 38.64
C VAL D 75 -14.84 43.60 37.63
N ILE D 76 -13.62 44.01 37.97
CA ILE D 76 -12.45 43.68 37.15
C ILE D 76 -11.47 42.84 37.96
N VAL D 77 -11.06 41.72 37.42
CA VAL D 77 -9.98 40.95 38.03
C VAL D 77 -8.98 40.49 36.97
N THR D 78 -7.78 40.11 37.42
CA THR D 78 -6.77 39.59 36.50
C THR D 78 -7.03 38.10 36.23
N SER D 79 -6.22 37.49 35.38
CA SER D 79 -6.44 36.09 35.01
C SER D 79 -6.05 35.14 36.14
N GLY D 80 -6.56 33.91 36.08
CA GLY D 80 -6.11 32.88 37.01
C GLY D 80 -7.07 32.63 38.15
N THR D 81 -6.54 32.27 39.32
CA THR D 81 -7.43 31.95 40.43
C THR D 81 -8.17 33.18 40.92
N ALA D 82 -7.67 34.38 40.58
CA ALA D 82 -8.42 35.60 40.87
C ALA D 82 -9.84 35.48 40.33
N VAL D 83 -9.97 34.91 39.14
CA VAL D 83 -11.29 34.74 38.51
C VAL D 83 -12.12 33.72 39.27
N ALA D 84 -11.50 32.62 39.67
CA ALA D 84 -12.22 31.56 40.40
C ALA D 84 -12.83 32.07 41.70
N ASN D 85 -12.14 33.02 42.34
CA ASN D 85 -12.60 33.57 43.62
C ASN D 85 -13.90 34.35 43.51
N LEU D 86 -14.29 34.70 42.28
CA LEU D 86 -15.57 35.38 42.06
C LEU D 86 -16.76 34.43 42.11
N TYR D 87 -16.52 33.13 42.14
CA TYR D 87 -17.62 32.14 42.01
C TYR D 87 -18.70 32.28 43.09
N PRO D 88 -18.28 32.37 44.37
CA PRO D 88 -19.31 32.45 45.43
C PRO D 88 -20.30 33.60 45.24
N ALA D 89 -19.80 34.81 45.00
CA ALA D 89 -20.68 35.96 44.80
C ALA D 89 -21.56 35.79 43.57
N LEU D 90 -20.99 35.22 42.51
CA LEU D 90 -21.73 35.00 41.26
C LEU D 90 -22.89 34.01 41.46
N ILE D 91 -22.64 32.96 42.23
CA ILE D 91 -23.69 31.96 42.49
C ILE D 91 -24.81 32.62 43.28
N GLU D 92 -24.44 33.40 44.28
CA GLU D 92 -25.44 34.08 45.12
C GLU D 92 -26.29 35.03 44.27
N ALA D 93 -25.62 35.80 43.39
CA ALA D 93 -26.30 36.72 42.49
C ALA D 93 -27.26 35.99 41.56
N GLY D 94 -26.87 34.79 41.14
CA GLY D 94 -27.73 33.95 40.30
C GLY D 94 -29.02 33.59 40.98
N LEU D 95 -28.98 33.45 42.31
CA LEU D 95 -30.16 33.03 43.05
C LEU D 95 -31.04 34.18 43.49
N THR D 96 -30.44 35.31 43.84
CA THR D 96 -31.24 36.38 44.41
C THR D 96 -31.39 37.58 43.49
N GLY D 97 -30.63 37.59 42.40
CA GLY D 97 -30.91 38.50 41.30
C GLY D 97 -29.99 39.67 41.05
N GLU D 98 -29.03 39.91 41.95
CA GLU D 98 -28.07 41.01 41.77
C GLU D 98 -27.41 40.97 40.39
N LYS D 99 -27.27 42.12 39.75
CA LYS D 99 -26.64 42.17 38.44
C LYS D 99 -25.14 42.46 38.58
N LEU D 100 -24.34 41.41 38.55
CA LEU D 100 -22.89 41.58 38.65
C LEU D 100 -22.25 41.39 37.28
N ILE D 101 -21.48 42.36 36.82
CA ILE D 101 -20.83 42.23 35.52
C ILE D 101 -19.35 41.93 35.73
N LEU D 102 -18.95 40.69 35.46
CA LEU D 102 -17.58 40.26 35.79
C LEU D 102 -16.68 40.35 34.57
N LEU D 103 -15.81 41.36 34.56
CA LEU D 103 -14.84 41.53 33.48
C LEU D 103 -13.58 40.81 33.88
N THR D 104 -13.35 39.64 33.30
CA THR D 104 -12.24 38.82 33.75
C THR D 104 -11.13 38.80 32.72
N ALA D 105 -10.00 39.42 33.05
CA ALA D 105 -8.86 39.44 32.13
C ALA D 105 -8.38 38.02 31.86
N ASP D 106 -7.91 37.77 30.64
CA ASP D 106 -7.41 36.44 30.30
C ASP D 106 -6.13 36.56 29.49
N ARG D 107 -5.33 35.50 29.51
CA ARG D 107 -4.27 35.37 28.50
C ARG D 107 -4.91 35.18 27.13
N PRO D 108 -4.17 35.53 26.06
CA PRO D 108 -4.68 35.32 24.70
C PRO D 108 -4.64 33.83 24.36
N PRO D 109 -5.35 33.41 23.30
CA PRO D 109 -5.45 32.00 22.94
C PRO D 109 -4.11 31.28 22.80
N GLU D 110 -3.07 31.96 22.32
CA GLU D 110 -1.79 31.30 22.08
C GLU D 110 -1.04 30.97 23.37
N LEU D 111 -1.54 31.44 24.51
CA LEU D 111 -0.86 31.12 25.79
C LEU D 111 -1.69 30.23 26.70
N ILE D 112 -2.72 29.59 26.15
CA ILE D 112 -3.52 28.65 26.94
C ILE D 112 -3.10 27.19 26.69
N ASP D 113 -3.05 26.40 27.76
CA ASP D 113 -2.70 24.98 27.68
C ASP D 113 -1.28 24.76 27.15
N CYS D 114 -0.36 25.61 27.55
CA CYS D 114 1.03 25.42 27.11
C CYS D 114 1.99 25.71 28.24
N GLY D 115 1.51 25.62 29.48
CA GLY D 115 2.37 25.77 30.64
C GLY D 115 2.78 27.20 30.95
N ALA D 116 2.04 28.16 30.41
CA ALA D 116 2.29 29.59 30.67
C ALA D 116 1.84 29.98 32.08
N ASN D 117 2.62 30.81 32.74
CA ASN D 117 2.29 31.22 34.12
C ASN D 117 0.95 31.96 34.21
N GLN D 118 0.14 31.56 35.18
CA GLN D 118 -1.10 32.25 35.50
C GLN D 118 -2.11 32.21 34.35
N ALA D 119 -1.99 31.19 33.51
CA ALA D 119 -2.90 30.99 32.39
C ALA D 119 -3.75 29.74 32.62
N ILE D 120 -5.07 29.93 32.57
CA ILE D 120 -6.00 28.81 32.76
C ILE D 120 -7.11 28.91 31.74
N ARG D 121 -7.92 27.86 31.65
CA ARG D 121 -9.07 27.84 30.77
C ARG D 121 -10.23 28.58 31.42
N GLN D 122 -10.54 29.78 30.91
CA GLN D 122 -11.50 30.65 31.57
C GLN D 122 -12.89 30.69 30.95
N PRO D 123 -13.00 30.62 29.60
CA PRO D 123 -14.36 30.57 29.04
C PRO D 123 -15.15 29.40 29.59
N GLY D 124 -16.36 29.66 30.06
CA GLY D 124 -17.21 28.62 30.60
C GLY D 124 -16.84 28.14 31.99
N MET D 125 -15.86 28.77 32.63
CA MET D 125 -15.42 28.24 33.91
C MET D 125 -16.46 28.41 35.02
N PHE D 126 -17.49 29.22 34.78
CA PHE D 126 -18.58 29.36 35.77
C PHE D 126 -19.83 28.58 35.38
N ALA D 127 -19.70 27.75 34.35
CA ALA D 127 -20.75 26.81 33.94
C ALA D 127 -22.07 27.53 33.72
N SER D 128 -23.15 27.03 34.31
CA SER D 128 -24.48 27.59 34.07
C SER D 128 -24.86 28.72 35.03
N HIS D 129 -23.94 29.18 35.85
CA HIS D 129 -24.32 30.11 36.91
C HIS D 129 -24.49 31.56 36.46
N PRO D 130 -23.66 32.03 35.51
CA PRO D 130 -23.99 33.36 35.00
C PRO D 130 -25.27 33.32 34.17
N THR D 131 -26.04 34.39 34.22
CA THR D 131 -27.22 34.48 33.35
C THR D 131 -26.79 34.53 31.90
N HIS D 132 -25.73 35.30 31.64
N HIS D 132 -25.71 35.25 31.64
CA HIS D 132 -25.12 35.42 30.31
CA HIS D 132 -25.16 35.33 30.30
C HIS D 132 -23.62 35.22 30.39
C HIS D 132 -23.64 35.26 30.36
N SER D 133 -23.04 34.61 29.37
CA SER D 133 -21.59 34.51 29.27
C SER D 133 -21.11 35.00 27.91
N ILE D 134 -20.14 35.91 27.92
CA ILE D 134 -19.50 36.38 26.71
C ILE D 134 -18.03 36.00 26.74
N SER D 135 -17.59 35.23 25.75
CA SER D 135 -16.18 34.92 25.63
C SER D 135 -15.61 35.78 24.50
N LEU D 136 -15.01 36.91 24.84
CA LEU D 136 -14.51 37.82 23.81
C LEU D 136 -13.33 37.22 23.09
N PRO D 137 -13.21 37.56 21.80
CA PRO D 137 -12.10 37.12 20.95
C PRO D 137 -10.84 37.91 21.25
N ARG D 138 -9.71 37.41 20.77
CA ARG D 138 -8.45 38.14 20.80
C ARG D 138 -8.66 39.48 20.13
N PRO D 139 -8.30 40.59 20.82
CA PRO D 139 -8.55 41.89 20.19
C PRO D 139 -7.91 42.03 18.81
N THR D 140 -8.67 42.59 17.87
CA THR D 140 -8.16 42.91 16.55
C THR D 140 -9.01 44.00 15.93
N GLN D 141 -8.37 44.90 15.18
CA GLN D 141 -9.13 45.94 14.48
C GLN D 141 -9.96 45.36 13.34
N ASP D 142 -9.73 44.10 13.00
CA ASP D 142 -10.48 43.45 11.94
C ASP D 142 -11.88 43.06 12.38
N ILE D 143 -12.13 43.14 13.69
CA ILE D 143 -13.49 43.03 14.22
C ILE D 143 -13.94 44.43 14.59
N PRO D 144 -15.06 44.90 14.01
CA PRO D 144 -15.43 46.30 14.22
C PRO D 144 -15.94 46.61 15.62
N ALA D 145 -15.72 47.84 16.09
CA ALA D 145 -16.18 48.27 17.39
C ALA D 145 -17.69 48.06 17.57
N ARG D 146 -18.45 48.21 16.50
N ARG D 146 -18.44 48.21 16.48
CA ARG D 146 -19.90 48.05 16.60
CA ARG D 146 -19.90 48.06 16.56
C ARG D 146 -20.28 46.63 17.01
C ARG D 146 -20.32 46.62 16.93
N TRP D 147 -19.47 45.64 16.65
CA TRP D 147 -19.75 44.27 17.08
C TRP D 147 -19.54 44.16 18.58
N LEU D 148 -18.43 44.71 19.06
CA LEU D 148 -18.07 44.63 20.47
C LEU D 148 -19.15 45.30 21.36
N VAL D 149 -19.56 46.50 20.99
CA VAL D 149 -20.54 47.21 21.82
C VAL D 149 -21.90 46.52 21.72
N SER D 150 -22.21 46.00 20.54
CA SER D 150 -23.49 45.29 20.34
C SER D 150 -23.57 44.03 21.19
N THR D 151 -22.46 43.30 21.29
CA THR D 151 -22.47 42.07 22.08
C THR D 151 -22.68 42.38 23.56
N ILE D 152 -21.99 43.42 24.04
CA ILE D 152 -22.17 43.88 25.42
C ILE D 152 -23.59 44.40 25.63
N ASP D 153 -24.10 45.16 24.65
CA ASP D 153 -25.46 45.71 24.77
C ASP D 153 -26.55 44.63 24.83
N HIS D 154 -26.36 43.56 24.09
CA HIS D 154 -27.29 42.45 24.16
C HIS D 154 -27.27 41.81 25.54
N ALA D 155 -26.07 41.56 26.07
CA ALA D 155 -25.97 40.89 27.36
C ALA D 155 -26.59 41.72 28.49
N LEU D 156 -26.29 43.01 28.52
CA LEU D 156 -26.81 43.86 29.59
C LEU D 156 -28.27 44.22 29.39
N GLY D 157 -28.65 44.46 28.13
CA GLY D 157 -30.01 44.86 27.82
C GLY D 157 -31.03 43.78 28.17
N THR D 158 -30.67 42.53 27.91
CA THR D 158 -31.60 41.41 28.13
C THR D 158 -31.44 40.78 29.51
N LEU D 159 -30.62 41.40 30.33
CA LEU D 159 -30.33 40.89 31.67
C LEU D 159 -31.45 41.21 32.65
N HIS D 160 -32.26 40.21 32.97
CA HIS D 160 -33.36 40.36 33.94
C HIS D 160 -32.82 40.38 35.37
N ALA D 161 -31.78 39.57 35.60
CA ALA D 161 -31.24 39.31 36.93
C ALA D 161 -29.98 38.47 36.83
N GLY D 162 -29.12 38.54 37.84
CA GLY D 162 -27.97 37.68 37.91
C GLY D 162 -26.72 38.19 37.23
N GLY D 163 -25.70 37.36 37.17
CA GLY D 163 -24.39 37.77 36.70
C GLY D 163 -24.15 37.62 35.21
N VAL D 164 -23.19 38.40 34.72
CA VAL D 164 -22.71 38.28 33.35
C VAL D 164 -21.21 38.08 33.43
N HIS D 165 -20.72 36.99 32.84
CA HIS D 165 -19.30 36.73 32.74
C HIS D 165 -18.79 37.21 31.39
N ILE D 166 -17.95 38.24 31.41
CA ILE D 166 -17.33 38.72 30.18
C ILE D 166 -15.83 38.40 30.23
N ASN D 167 -15.42 37.37 29.52
CA ASN D 167 -14.00 37.00 29.50
C ASN D 167 -13.26 37.84 28.49
N CYS D 168 -12.15 38.43 28.91
CA CYS D 168 -11.45 39.47 28.13
C CYS D 168 -9.96 39.15 27.91
N PRO D 169 -9.66 38.40 26.85
CA PRO D 169 -8.25 38.11 26.54
C PRO D 169 -7.51 39.37 26.07
N PHE D 170 -6.26 39.53 26.52
CA PHE D 170 -5.37 40.58 26.05
C PHE D 170 -3.97 39.99 25.88
N ALA D 171 -3.34 40.28 24.75
CA ALA D 171 -1.94 39.88 24.56
C ALA D 171 -1.01 41.03 24.96
N GLU D 172 0.18 40.68 25.46
CA GLU D 172 1.24 41.65 25.70
C GLU D 172 1.75 42.14 24.36
N PRO D 173 2.33 43.37 24.32
CA PRO D 173 2.58 44.26 25.45
C PRO D 173 1.33 44.88 26.05
N LEU D 174 1.34 45.06 27.37
CA LEU D 174 0.23 45.67 28.08
C LEU D 174 0.53 47.12 28.45
N TYR D 175 1.82 47.46 28.45
CA TYR D 175 2.25 48.77 28.92
C TYR D 175 2.86 49.54 27.77
N GLY D 176 3.01 50.84 27.94
CA GLY D 176 3.54 51.66 26.87
C GLY D 176 2.71 52.91 26.66
N GLU D 177 3.31 53.91 26.03
CA GLU D 177 2.63 55.16 25.77
C GLU D 177 1.45 54.95 24.82
N MET D 178 0.36 55.67 25.06
CA MET D 178 -0.80 55.63 24.18
C MET D 178 -0.44 56.36 22.90
N ASP D 179 -0.73 55.75 21.76
CA ASP D 179 -0.69 56.47 20.50
C ASP D 179 -2.05 56.37 19.81
N ASP D 180 -2.10 56.70 18.52
CA ASP D 180 -3.39 56.78 17.83
C ASP D 180 -3.90 55.43 17.34
N THR D 181 -3.20 54.36 17.70
CA THR D 181 -3.62 53.02 17.29
C THR D 181 -5.02 52.73 17.81
N GLY D 182 -5.93 52.43 16.88
CA GLY D 182 -7.29 52.10 17.25
C GLY D 182 -8.23 53.29 17.37
N LEU D 183 -7.73 54.50 17.19
CA LEU D 183 -8.57 55.69 17.30
C LEU D 183 -9.62 55.73 16.19
N SER D 184 -9.21 55.51 14.94
CA SER D 184 -10.15 55.54 13.84
C SER D 184 -11.14 54.38 13.97
N TRP D 185 -10.67 53.26 14.51
CA TRP D 185 -11.52 52.10 14.80
C TRP D 185 -12.62 52.48 15.79
N GLN D 186 -12.24 53.17 16.86
CA GLN D 186 -13.21 53.68 17.83
C GLN D 186 -14.17 54.69 17.21
N GLN D 187 -13.65 55.54 16.34
CA GLN D 187 -14.45 56.64 15.79
C GLN D 187 -15.51 56.15 14.82
N ARG D 188 -15.46 54.87 14.45
CA ARG D 188 -16.54 54.31 13.64
C ARG D 188 -17.89 54.33 14.38
N LEU D 189 -17.87 54.49 15.69
CA LEU D 189 -19.10 54.57 16.49
C LEU D 189 -19.70 55.99 16.47
N GLY D 190 -18.99 56.93 15.86
CA GLY D 190 -19.53 58.27 15.69
C GLY D 190 -19.87 58.96 16.99
N ASP D 191 -21.04 59.60 17.05
CA ASP D 191 -21.37 60.39 18.23
C ASP D 191 -21.99 59.53 19.35
N TRP D 192 -21.94 58.21 19.20
CA TRP D 192 -22.30 57.33 20.30
C TRP D 192 -21.43 57.64 21.50
N TRP D 193 -20.20 58.09 21.25
CA TRP D 193 -19.29 58.41 22.34
C TRP D 193 -19.80 59.56 23.21
N GLN D 194 -20.64 60.42 22.63
CA GLN D 194 -21.19 61.56 23.36
C GLN D 194 -22.63 61.31 23.80
N ASP D 195 -23.14 60.11 23.50
CA ASP D 195 -24.52 59.73 23.76
C ASP D 195 -24.69 59.19 25.19
N ASP D 196 -25.93 59.00 25.64
CA ASP D 196 -26.15 58.42 26.95
C ASP D 196 -26.95 57.12 26.87
N LYS D 197 -27.08 56.59 25.65
CA LYS D 197 -27.86 55.40 25.41
C LYS D 197 -26.98 54.27 24.89
N PRO D 198 -27.47 53.03 24.99
CA PRO D 198 -26.76 51.91 24.35
C PRO D 198 -26.68 52.08 22.84
N TRP D 199 -25.71 51.45 22.22
CA TRP D 199 -25.60 51.37 20.77
C TRP D 199 -26.76 50.56 20.21
N LEU D 200 -26.94 49.38 20.76
CA LEU D 200 -28.09 48.55 20.45
C LEU D 200 -29.01 48.48 21.66
N ARG D 201 -30.24 48.94 21.49
CA ARG D 201 -31.23 48.85 22.55
C ARG D 201 -32.09 47.60 22.40
N GLU D 202 -31.86 46.64 23.30
CA GLU D 202 -32.57 45.37 23.32
C GLU D 202 -32.95 45.08 24.77
N ALA D 203 -34.21 45.33 25.13
CA ALA D 203 -34.63 45.24 26.51
C ALA D 203 -36.08 44.77 26.66
N PRO D 204 -36.36 43.57 26.15
CA PRO D 204 -37.72 43.02 26.30
C PRO D 204 -38.05 42.81 27.77
N ARG D 205 -39.31 43.02 28.13
CA ARG D 205 -39.73 42.86 29.51
C ARG D 205 -40.29 41.47 29.68
N LEU D 206 -39.98 40.84 30.80
CA LEU D 206 -40.51 39.52 31.14
C LEU D 206 -41.47 39.68 32.30
N GLU D 207 -42.74 39.34 32.09
CA GLU D 207 -43.74 39.57 33.11
C GLU D 207 -44.97 38.68 32.89
N SER D 208 -45.50 38.13 33.97
CA SER D 208 -46.73 37.34 33.88
C SER D 208 -47.94 38.25 33.62
N GLU D 209 -48.95 37.69 32.96
CA GLU D 209 -50.18 38.41 32.67
C GLU D 209 -51.08 38.51 33.89
N LYS D 210 -52.02 39.45 33.83
CA LYS D 210 -53.01 39.60 34.87
C LYS D 210 -53.81 38.30 35.04
N GLN D 211 -54.04 37.89 36.29
CA GLN D 211 -54.81 36.69 36.55
C GLN D 211 -56.31 37.02 36.50
N ARG D 212 -56.98 36.53 35.45
CA ARG D 212 -58.36 36.92 35.16
C ARG D 212 -59.37 36.41 36.19
N ASP D 213 -58.97 35.43 37.01
CA ASP D 213 -59.87 34.89 38.03
C ASP D 213 -59.54 35.36 39.44
N TRP D 214 -58.78 36.45 39.55
CA TRP D 214 -58.40 36.99 40.85
C TRP D 214 -59.62 37.40 41.67
N PHE D 215 -60.64 37.96 41.02
CA PHE D 215 -61.82 38.38 41.77
C PHE D 215 -62.55 37.17 42.38
N PHE D 216 -62.37 36.00 41.79
CA PHE D 216 -62.88 34.77 42.37
C PHE D 216 -62.04 34.36 43.59
N TRP D 217 -60.73 34.32 43.40
CA TRP D 217 -59.85 33.81 44.44
C TRP D 217 -59.71 34.74 45.64
N ARG D 218 -59.84 36.04 45.45
CA ARG D 218 -59.66 36.96 46.56
C ARG D 218 -60.83 36.89 47.55
N GLN D 219 -61.90 36.21 47.17
CA GLN D 219 -63.05 36.04 48.06
C GLN D 219 -62.93 34.76 48.89
N LYS D 220 -61.93 33.94 48.59
CA LYS D 220 -61.75 32.68 49.30
C LYS D 220 -60.96 32.89 50.59
N ARG D 221 -60.88 31.84 51.41
CA ARG D 221 -60.04 31.88 52.60
C ARG D 221 -58.60 31.67 52.18
N GLY D 222 -57.82 32.76 52.17
CA GLY D 222 -56.43 32.72 51.75
C GLY D 222 -55.48 33.01 52.89
N VAL D 223 -54.22 32.68 52.64
CA VAL D 223 -53.13 33.00 53.54
C VAL D 223 -52.10 33.76 52.72
N VAL D 224 -51.56 34.83 53.28
CA VAL D 224 -50.47 35.54 52.61
C VAL D 224 -49.16 35.18 53.30
N VAL D 225 -48.19 34.73 52.50
CA VAL D 225 -46.83 34.47 53.01
C VAL D 225 -45.91 35.49 52.38
N ALA D 226 -45.18 36.24 53.21
CA ALA D 226 -44.29 37.27 52.71
C ALA D 226 -42.83 36.91 52.98
N GLY D 227 -42.07 36.69 51.90
CA GLY D 227 -40.65 36.41 51.97
C GLY D 227 -39.84 37.66 51.66
N ARG D 228 -38.66 37.48 51.09
CA ARG D 228 -37.77 38.59 50.80
C ARG D 228 -38.35 39.48 49.72
N MET D 229 -38.38 40.78 50.02
CA MET D 229 -38.89 41.78 49.10
C MET D 229 -38.31 43.14 49.51
N SER D 230 -38.64 44.20 48.79
CA SER D 230 -38.11 45.51 49.17
C SER D 230 -38.86 46.03 50.38
N ALA D 231 -38.26 47.02 51.06
CA ALA D 231 -38.86 47.63 52.24
C ALA D 231 -40.23 48.21 51.94
N GLU D 232 -40.35 48.90 50.80
CA GLU D 232 -41.62 49.48 50.39
C GLU D 232 -42.64 48.42 50.01
N GLU D 233 -42.19 47.33 49.38
CA GLU D 233 -43.08 46.24 49.04
C GLU D 233 -43.67 45.59 50.30
N GLY D 234 -42.85 45.46 51.33
CA GLY D 234 -43.30 44.91 52.59
C GLY D 234 -44.47 45.67 53.19
N LYS D 235 -44.40 47.00 53.16
CA LYS D 235 -45.50 47.80 53.69
C LYS D 235 -46.76 47.62 52.86
N LYS D 236 -46.60 47.53 51.55
CA LYS D 236 -47.76 47.38 50.66
C LYS D 236 -48.41 46.02 50.83
N VAL D 237 -47.61 44.97 51.01
CA VAL D 237 -48.14 43.63 51.22
C VAL D 237 -48.91 43.56 52.53
N ALA D 238 -48.39 44.20 53.57
CA ALA D 238 -49.06 44.23 54.88
C ALA D 238 -50.48 44.80 54.76
N LEU D 239 -50.59 45.94 54.08
CA LEU D 239 -51.88 46.60 53.93
C LEU D 239 -52.86 45.76 53.10
N TRP D 240 -52.32 45.13 52.05
CA TRP D 240 -53.08 44.29 51.13
C TRP D 240 -53.66 43.08 51.87
N ALA D 241 -52.81 42.39 52.64
CA ALA D 241 -53.25 41.25 53.43
C ALA D 241 -54.31 41.66 54.45
N GLN D 242 -54.09 42.83 55.08
CA GLN D 242 -55.02 43.34 56.08
C GLN D 242 -56.41 43.54 55.50
N THR D 243 -56.45 44.15 54.32
CA THR D 243 -57.70 44.45 53.66
C THR D 243 -58.45 43.17 53.27
N LEU D 244 -57.72 42.20 52.75
CA LEU D 244 -58.30 40.90 52.39
C LEU D 244 -58.85 40.15 53.60
N GLY D 245 -58.34 40.47 54.78
CA GLY D 245 -58.70 39.75 55.99
C GLY D 245 -57.98 38.40 56.06
N TRP D 246 -56.88 38.28 55.33
CA TRP D 246 -56.09 37.05 55.34
C TRP D 246 -54.94 37.17 56.33
N PRO D 247 -54.63 36.09 57.04
CA PRO D 247 -53.47 36.13 57.93
C PRO D 247 -52.19 36.32 57.13
N LEU D 248 -51.30 37.13 57.66
CA LEU D 248 -50.02 37.39 57.02
C LEU D 248 -48.93 36.72 57.83
N ILE D 249 -48.26 35.73 57.22
CA ILE D 249 -47.07 35.15 57.83
C ILE D 249 -45.90 35.87 57.21
N GLY D 250 -45.21 36.68 58.01
CA GLY D 250 -44.19 37.57 57.49
C GLY D 250 -42.77 37.19 57.87
N ASP D 251 -41.93 36.98 56.88
CA ASP D 251 -40.53 36.62 57.13
C ASP D 251 -39.75 37.79 57.69
N VAL D 252 -38.65 37.49 58.39
CA VAL D 252 -37.73 38.52 58.84
C VAL D 252 -37.24 39.36 57.66
N LEU D 253 -37.18 38.77 56.47
CA LEU D 253 -36.73 39.50 55.28
C LEU D 253 -37.84 40.31 54.61
N SER D 254 -39.05 40.26 55.15
CA SER D 254 -40.20 40.84 54.46
C SER D 254 -40.47 42.34 54.71
N GLN D 255 -40.08 42.84 55.88
CA GLN D 255 -40.33 44.23 56.25
C GLN D 255 -41.83 44.56 56.24
N THR D 256 -42.64 43.55 56.56
CA THR D 256 -44.10 43.71 56.63
C THR D 256 -44.57 44.25 57.98
N GLY D 257 -43.67 44.26 58.97
CA GLY D 257 -44.03 44.60 60.33
C GLY D 257 -44.47 43.36 61.10
N GLN D 258 -44.54 42.23 60.40
CA GLN D 258 -44.84 40.94 61.03
C GLN D 258 -45.99 41.00 62.04
N PRO D 259 -47.19 41.29 61.53
CA PRO D 259 -48.38 41.46 62.38
C PRO D 259 -48.74 40.21 63.20
N LEU D 260 -48.28 39.04 62.74
CA LEU D 260 -48.41 37.78 63.49
C LEU D 260 -47.02 37.25 63.83
N PRO D 261 -46.33 37.91 64.77
CA PRO D 261 -44.91 37.64 65.01
C PRO D 261 -44.66 36.27 65.64
N CYS D 262 -43.40 35.84 65.63
CA CYS D 262 -43.00 34.57 66.23
C CYS D 262 -43.67 33.38 65.56
N ALA D 263 -43.90 33.48 64.25
CA ALA D 263 -44.52 32.41 63.48
C ALA D 263 -43.75 31.10 63.60
N ASP D 264 -42.42 31.18 63.72
CA ASP D 264 -41.63 29.96 63.87
C ASP D 264 -42.04 29.23 65.13
N LEU D 265 -42.63 29.96 66.08
CA LEU D 265 -43.11 29.35 67.30
C LEU D 265 -44.58 28.91 67.18
N TRP D 266 -45.48 29.80 66.78
CA TRP D 266 -46.90 29.46 66.83
C TRP D 266 -47.31 28.51 65.70
N LEU D 267 -46.52 28.44 64.63
CA LEU D 267 -46.79 27.47 63.57
C LEU D 267 -46.62 26.03 64.06
N GLY D 268 -45.98 25.86 65.21
CA GLY D 268 -45.81 24.55 65.80
C GLY D 268 -47.01 24.11 66.61
N ASN D 269 -47.98 25.01 66.78
CA ASN D 269 -49.16 24.70 67.57
C ASN D 269 -50.27 24.14 66.69
N ALA D 270 -50.80 22.98 67.08
CA ALA D 270 -51.77 22.26 66.28
C ALA D 270 -53.03 23.08 65.98
N LYS D 271 -53.40 23.96 66.90
CA LYS D 271 -54.56 24.82 66.70
C LYS D 271 -54.30 25.77 65.53
N ALA D 272 -53.05 26.18 65.38
CA ALA D 272 -52.67 27.02 64.24
C ALA D 272 -52.74 26.22 62.94
N THR D 273 -52.17 25.02 62.96
CA THR D 273 -52.11 24.19 61.76
C THR D 273 -53.51 23.76 61.34
N SER D 274 -54.37 23.53 62.32
CA SER D 274 -55.77 23.19 62.06
C SER D 274 -56.51 24.32 61.36
N GLU D 275 -56.30 25.54 61.84
CA GLU D 275 -56.95 26.71 61.25
C GLU D 275 -56.45 26.95 59.83
N LEU D 276 -55.14 26.83 59.63
CA LEU D 276 -54.56 27.08 58.32
C LEU D 276 -54.97 26.02 57.30
N GLN D 277 -55.39 24.85 57.79
CA GLN D 277 -55.87 23.80 56.90
C GLN D 277 -57.14 24.23 56.15
N GLN D 278 -57.81 25.25 56.67
CA GLN D 278 -59.02 25.76 56.04
C GLN D 278 -58.70 26.64 54.83
N ALA D 279 -57.43 27.01 54.70
CA ALA D 279 -57.00 27.88 53.61
C ALA D 279 -57.19 27.19 52.26
N GLN D 280 -57.86 27.87 51.35
CA GLN D 280 -58.11 27.33 50.01
C GLN D 280 -57.08 27.80 49.00
N ILE D 281 -56.45 28.92 49.31
CA ILE D 281 -55.36 29.43 48.50
C ILE D 281 -54.27 30.03 49.40
N VAL D 282 -53.02 29.84 49.00
CA VAL D 282 -51.92 30.54 49.64
C VAL D 282 -51.29 31.44 48.58
N VAL D 283 -51.18 32.73 48.87
CA VAL D 283 -50.44 33.62 47.98
C VAL D 283 -49.15 34.01 48.68
N GLN D 284 -48.03 33.56 48.12
CA GLN D 284 -46.72 33.87 48.63
C GLN D 284 -46.11 34.97 47.77
N LEU D 285 -45.65 36.04 48.40
CA LEU D 285 -44.94 37.08 47.68
C LEU D 285 -43.50 37.14 48.19
N GLY D 286 -42.53 37.09 47.28
CA GLY D 286 -41.14 36.95 47.67
C GLY D 286 -40.78 35.50 47.92
N SER D 287 -39.52 35.22 48.26
CA SER D 287 -39.10 33.84 48.45
C SER D 287 -37.94 33.75 49.44
N SER D 288 -37.22 32.63 49.41
CA SER D 288 -36.17 32.36 50.40
C SER D 288 -36.71 32.47 51.82
N LEU D 289 -37.78 31.73 52.13
CA LEU D 289 -38.36 31.73 53.47
C LEU D 289 -37.33 31.23 54.47
N THR D 290 -37.33 31.82 55.66
CA THR D 290 -36.26 31.63 56.64
C THR D 290 -36.51 30.49 57.62
N GLY D 291 -37.67 30.52 58.28
CA GLY D 291 -37.91 29.65 59.43
C GLY D 291 -38.24 28.20 59.15
N LYS D 292 -37.81 27.32 60.05
CA LYS D 292 -38.04 25.89 59.87
C LYS D 292 -39.52 25.52 59.93
N ARG D 293 -40.25 26.08 60.90
CA ARG D 293 -41.67 25.77 61.02
C ARG D 293 -42.44 26.30 59.81
N LEU D 294 -42.03 27.45 59.29
CA LEU D 294 -42.70 27.97 58.10
C LEU D 294 -42.41 27.06 56.89
N LEU D 295 -41.15 26.66 56.72
CA LEU D 295 -40.78 25.78 55.60
C LEU D 295 -41.51 24.45 55.71
N GLN D 296 -41.65 23.95 56.93
CA GLN D 296 -42.35 22.69 57.15
C GLN D 296 -43.85 22.82 56.90
N TRP D 297 -44.45 23.93 57.36
CA TRP D 297 -45.87 24.14 57.07
C TRP D 297 -46.09 24.29 55.57
N GLN D 298 -45.21 25.07 54.94
CA GLN D 298 -45.32 25.31 53.51
C GLN D 298 -45.31 23.99 52.78
N ALA D 299 -44.41 23.10 53.18
CA ALA D 299 -44.28 21.80 52.54
C ALA D 299 -45.48 20.91 52.77
N SER D 300 -46.15 21.06 53.91
CA SER D 300 -47.22 20.14 54.26
C SER D 300 -48.60 20.64 53.82
N CYS D 301 -48.76 21.95 53.61
CA CYS D 301 -50.09 22.49 53.33
C CYS D 301 -50.60 22.05 51.96
N GLU D 302 -51.93 21.93 51.83
CA GLU D 302 -52.52 21.45 50.60
C GLU D 302 -53.73 22.29 50.19
N PRO D 303 -53.50 23.59 49.92
CA PRO D 303 -54.54 24.45 49.38
C PRO D 303 -54.89 24.03 47.97
N GLU D 304 -56.04 24.48 47.46
CA GLU D 304 -56.39 24.20 46.08
C GLU D 304 -55.33 24.75 45.15
N GLU D 305 -54.88 25.96 45.42
CA GLU D 305 -53.78 26.54 44.65
C GLU D 305 -52.76 27.25 45.52
N TYR D 306 -51.51 27.15 45.10
CA TYR D 306 -50.40 27.83 45.73
C TYR D 306 -49.80 28.78 44.71
N TRP D 307 -49.77 30.07 45.00
CA TRP D 307 -49.17 31.05 44.08
C TRP D 307 -47.90 31.62 44.64
N ILE D 308 -46.86 31.75 43.82
CA ILE D 308 -45.70 32.52 44.24
C ILE D 308 -45.44 33.68 43.29
N VAL D 309 -45.53 34.89 43.83
CA VAL D 309 -45.23 36.12 43.10
C VAL D 309 -43.85 36.63 43.46
N ASP D 310 -43.00 36.84 42.47
CA ASP D 310 -41.66 37.38 42.72
C ASP D 310 -41.07 37.87 41.41
N ASP D 311 -40.05 38.74 41.48
CA ASP D 311 -39.47 39.29 40.27
C ASP D 311 -38.30 38.45 39.76
N ILE D 312 -38.05 37.33 40.42
CA ILE D 312 -37.06 36.39 39.91
C ILE D 312 -37.75 35.25 39.18
N GLU D 313 -37.03 34.64 38.24
CA GLU D 313 -37.58 33.58 37.40
C GLU D 313 -37.46 32.20 38.00
N GLY D 314 -38.22 31.27 37.45
CA GLY D 314 -38.07 29.86 37.75
C GLY D 314 -38.93 29.39 38.90
N ARG D 315 -38.93 28.09 39.14
CA ARG D 315 -39.70 27.56 40.25
C ARG D 315 -39.14 28.02 41.61
N LEU D 316 -40.04 28.35 42.53
CA LEU D 316 -39.61 28.87 43.83
C LEU D 316 -40.26 28.14 45.00
N ASP D 317 -41.05 27.11 44.68
CA ASP D 317 -41.74 26.31 45.69
C ASP D 317 -41.05 24.97 45.82
N PRO D 318 -40.28 24.80 46.90
CA PRO D 318 -39.55 23.53 47.01
C PRO D 318 -40.44 22.34 47.34
N ALA D 319 -41.75 22.55 47.51
CA ALA D 319 -42.69 21.45 47.76
C ALA D 319 -43.56 21.14 46.54
N HIS D 320 -43.34 21.90 45.46
CA HIS D 320 -43.92 21.62 44.16
C HIS D 320 -45.46 21.55 44.16
N HIS D 321 -46.10 22.49 44.84
CA HIS D 321 -47.57 22.55 44.86
C HIS D 321 -48.18 22.80 43.49
N ARG D 322 -49.37 22.26 43.30
CA ARG D 322 -50.24 22.67 42.19
C ARG D 322 -50.54 24.15 42.34
N GLY D 323 -50.38 24.93 41.28
CA GLY D 323 -50.59 26.36 41.40
C GLY D 323 -49.96 27.22 40.33
N ARG D 324 -49.42 28.37 40.74
CA ARG D 324 -48.98 29.35 39.77
C ARG D 324 -47.64 29.95 40.21
N ARG D 325 -46.80 30.23 39.22
CA ARG D 325 -45.51 30.89 39.44
C ARG D 325 -45.56 32.17 38.61
N LEU D 326 -45.72 33.30 39.29
CA LEU D 326 -46.02 34.57 38.63
C LEU D 326 -44.84 35.53 38.72
N ILE D 327 -44.31 35.92 37.57
CA ILE D 327 -43.12 36.77 37.51
C ILE D 327 -43.53 38.22 37.37
N ALA D 328 -43.20 39.04 38.36
CA ALA D 328 -43.63 40.43 38.36
C ALA D 328 -42.93 41.20 39.45
N ASN D 329 -42.85 42.51 39.26
CA ASN D 329 -42.54 43.40 40.37
C ASN D 329 -43.70 43.31 41.37
N ILE D 330 -43.37 43.05 42.63
CA ILE D 330 -44.41 42.80 43.63
C ILE D 330 -45.37 43.97 43.80
N ALA D 331 -44.85 45.20 43.80
CA ALA D 331 -45.71 46.37 43.94
C ALA D 331 -46.66 46.47 42.76
N ASP D 332 -46.13 46.28 41.55
CA ASP D 332 -46.94 46.27 40.35
C ASP D 332 -48.02 45.19 40.41
N TRP D 333 -47.63 44.01 40.88
CA TRP D 333 -48.55 42.89 40.90
C TRP D 333 -49.73 43.16 41.84
N LEU D 334 -49.45 43.77 42.98
CA LEU D 334 -50.50 44.10 43.93
C LEU D 334 -51.50 45.10 43.35
N GLU D 335 -51.00 46.05 42.56
CA GLU D 335 -51.91 47.01 41.92
C GLU D 335 -52.77 46.33 40.86
N LEU D 336 -52.19 45.34 40.19
CA LEU D 336 -52.89 44.61 39.13
C LEU D 336 -53.92 43.64 39.71
N HIS D 337 -53.69 43.24 40.95
CA HIS D 337 -54.58 42.31 41.66
C HIS D 337 -54.92 42.90 43.03
N PRO D 338 -55.69 44.00 43.03
CA PRO D 338 -55.97 44.75 44.26
C PRO D 338 -56.86 43.98 45.24
N ALA D 339 -56.73 44.30 46.52
CA ALA D 339 -57.58 43.69 47.54
C ALA D 339 -58.92 44.40 47.61
N GLU D 340 -59.97 43.65 47.97
CA GLU D 340 -61.24 44.27 48.35
C GLU D 340 -61.52 43.91 49.81
N LYS D 341 -62.05 44.86 50.55
CA LYS D 341 -62.28 44.69 51.98
C LYS D 341 -63.19 43.52 52.36
N ARG D 342 -62.64 42.63 53.19
CA ARG D 342 -63.36 41.48 53.73
C ARG D 342 -62.96 41.21 55.18
N GLN D 343 -63.92 40.73 55.99
CA GLN D 343 -63.64 40.39 57.38
C GLN D 343 -62.66 39.23 57.52
N PRO D 344 -61.69 39.35 58.43
CA PRO D 344 -60.72 38.28 58.68
C PRO D 344 -61.40 36.97 59.05
N TRP D 345 -60.88 35.86 58.54
CA TRP D 345 -61.50 34.55 58.78
C TRP D 345 -60.79 33.77 59.87
N CYS D 346 -59.56 34.17 60.19
CA CYS D 346 -58.83 33.50 61.26
C CYS D 346 -59.23 34.01 62.63
N VAL D 347 -59.41 33.09 63.57
CA VAL D 347 -59.79 33.46 64.92
C VAL D 347 -58.73 33.06 65.94
N GLU D 348 -58.17 31.87 65.77
CA GLU D 348 -57.24 31.29 66.74
C GLU D 348 -55.82 31.84 66.64
N ILE D 349 -55.36 32.08 65.42
CA ILE D 349 -53.95 32.39 65.20
C ILE D 349 -53.51 33.75 65.80
N PRO D 350 -54.33 34.81 65.65
CA PRO D 350 -53.93 36.08 66.27
C PRO D 350 -53.67 35.95 67.78
N ARG D 351 -54.48 35.15 68.45
CA ARG D 351 -54.32 34.88 69.88
C ARG D 351 -53.00 34.14 70.18
N LEU D 352 -52.71 33.11 69.39
CA LEU D 352 -51.51 32.33 69.58
C LEU D 352 -50.25 33.17 69.37
N ALA D 353 -50.29 34.03 68.35
CA ALA D 353 -49.14 34.88 68.04
C ALA D 353 -48.87 35.86 69.17
N GLU D 354 -49.94 36.40 69.75
CA GLU D 354 -49.78 37.31 70.87
C GLU D 354 -49.17 36.54 72.05
N GLN D 355 -49.69 35.35 72.30
CA GLN D 355 -49.19 34.52 73.39
C GLN D 355 -47.73 34.14 73.17
N ALA D 356 -47.40 33.88 71.92
CA ALA D 356 -46.04 33.49 71.56
C ALA D 356 -45.07 34.61 71.89
N MET D 357 -45.39 35.81 71.47
CA MET D 357 -44.53 36.96 71.75
C MET D 357 -44.43 37.17 73.25
N GLN D 358 -45.54 37.00 73.97
CA GLN D 358 -45.53 37.15 75.42
C GLN D 358 -44.54 36.16 76.05
N ALA D 359 -44.46 34.95 75.51
CA ALA D 359 -43.52 33.95 76.02
C ALA D 359 -42.06 34.37 75.83
N VAL D 360 -41.77 34.99 74.70
CA VAL D 360 -40.42 35.44 74.38
C VAL D 360 -40.04 36.62 75.29
N ILE D 361 -40.98 37.54 75.45
CA ILE D 361 -40.78 38.70 76.31
C ILE D 361 -40.45 38.29 77.74
N ALA D 362 -41.10 37.22 78.21
CA ALA D 362 -40.88 36.72 79.55
C ALA D 362 -39.43 36.30 79.76
N ARG D 363 -38.73 36.01 78.68
CA ARG D 363 -37.36 35.52 78.76
C ARG D 363 -36.33 36.52 78.25
N ARG D 364 -36.69 37.81 78.27
CA ARG D 364 -35.87 38.83 77.64
C ARG D 364 -34.63 39.27 78.43
N ASP D 365 -34.54 38.88 79.70
CA ASP D 365 -33.54 39.48 80.59
C ASP D 365 -32.13 38.92 80.45
N ALA D 366 -31.99 37.62 80.21
CA ALA D 366 -30.66 37.00 80.14
C ALA D 366 -29.79 37.66 79.07
N PHE D 367 -28.50 37.83 79.34
CA PHE D 367 -27.63 38.46 78.36
C PHE D 367 -27.12 37.45 77.35
N GLY D 368 -28.01 36.96 76.49
CA GLY D 368 -27.68 35.93 75.52
C GLY D 368 -28.06 36.29 74.09
N GLU D 369 -27.67 35.46 73.12
CA GLU D 369 -27.91 35.80 71.71
C GLU D 369 -29.39 35.70 71.35
N ALA D 370 -30.13 34.82 72.02
CA ALA D 370 -31.57 34.74 71.79
C ALA D 370 -32.24 36.05 72.20
N GLN D 371 -31.82 36.57 73.34
CA GLN D 371 -32.37 37.82 73.87
C GLN D 371 -31.95 39.02 73.00
N LEU D 372 -30.70 39.03 72.55
CA LEU D 372 -30.22 40.07 71.64
C LEU D 372 -31.09 40.12 70.38
N ALA D 373 -31.35 38.97 69.79
CA ALA D 373 -32.21 38.87 68.61
C ALA D 373 -33.61 39.40 68.92
N HIS D 374 -34.17 38.96 70.05
CA HIS D 374 -35.51 39.40 70.45
C HIS D 374 -35.56 40.93 70.59
N ARG D 375 -34.51 41.51 71.15
CA ARG D 375 -34.50 42.94 71.45
C ARG D 375 -33.91 43.81 70.36
N ILE D 376 -33.56 43.23 69.21
CA ILE D 376 -32.74 43.93 68.23
C ILE D 376 -33.40 45.23 67.72
N CYS D 377 -34.72 45.30 67.76
CA CYS D 377 -35.42 46.53 67.40
C CYS D 377 -34.91 47.73 68.18
N ASP D 378 -34.48 47.51 69.42
CA ASP D 378 -34.01 48.60 70.27
C ASP D 378 -32.70 49.22 69.79
N TYR D 379 -32.01 48.53 68.88
CA TYR D 379 -30.67 48.97 68.50
C TYR D 379 -30.58 49.36 67.04
N LEU D 380 -31.70 49.29 66.31
CA LEU D 380 -31.69 49.65 64.90
C LEU D 380 -31.46 51.14 64.77
N PRO D 381 -30.49 51.54 63.93
CA PRO D 381 -30.21 52.97 63.75
C PRO D 381 -31.38 53.69 63.06
N GLU D 382 -31.70 54.89 63.50
CA GLU D 382 -32.77 55.65 62.88
C GLU D 382 -32.41 55.94 61.43
N GLN D 383 -33.36 55.69 60.54
CA GLN D 383 -33.16 55.88 59.09
C GLN D 383 -31.97 55.08 58.57
N GLY D 384 -31.76 53.93 59.19
CA GLY D 384 -30.66 53.06 58.80
C GLY D 384 -31.14 51.79 58.15
N GLN D 385 -30.27 50.77 58.19
CA GLN D 385 -30.58 49.49 57.60
C GLN D 385 -29.94 48.37 58.40
N LEU D 386 -30.54 47.18 58.32
CA LEU D 386 -30.03 46.01 59.00
C LEU D 386 -29.47 45.01 58.01
N PHE D 387 -28.24 44.55 58.24
CA PHE D 387 -27.73 43.42 57.47
C PHE D 387 -27.60 42.23 58.39
N VAL D 388 -28.38 41.19 58.13
CA VAL D 388 -28.41 40.02 59.01
C VAL D 388 -27.62 38.86 58.42
N GLY D 389 -26.73 38.28 59.22
CA GLY D 389 -25.91 37.18 58.77
C GLY D 389 -26.67 35.87 58.73
N ASN D 390 -25.94 34.80 58.44
CA ASN D 390 -26.57 33.51 58.31
C ASN D 390 -26.36 32.67 59.56
N SER D 391 -26.89 31.45 59.54
CA SER D 391 -26.86 30.53 60.68
C SER D 391 -27.84 31.01 61.76
N LEU D 392 -27.45 31.02 63.03
CA LEU D 392 -28.43 31.25 64.10
C LEU D 392 -29.05 32.64 64.12
N VAL D 393 -28.28 33.69 63.80
CA VAL D 393 -28.82 35.03 64.02
C VAL D 393 -30.08 35.29 63.19
N VAL D 394 -30.09 34.89 61.92
CA VAL D 394 -31.26 35.17 61.09
C VAL D 394 -32.47 34.39 61.59
N ARG D 395 -32.24 33.17 62.08
CA ARG D 395 -33.31 32.33 62.60
C ARG D 395 -33.86 32.84 63.94
N LEU D 396 -32.96 33.30 64.80
CA LEU D 396 -33.37 33.85 66.08
C LEU D 396 -34.14 35.16 65.92
N ILE D 397 -33.67 36.03 65.03
CA ILE D 397 -34.40 37.26 64.80
C ILE D 397 -35.78 36.95 64.20
N ASP D 398 -35.81 36.06 63.21
CA ASP D 398 -37.08 35.67 62.59
C ASP D 398 -38.08 35.07 63.61
N ALA D 399 -37.57 34.25 64.52
CA ALA D 399 -38.44 33.54 65.46
C ALA D 399 -38.86 34.41 66.62
N LEU D 400 -37.99 35.33 67.05
CA LEU D 400 -38.14 35.95 68.36
C LEU D 400 -38.37 37.45 68.34
N SER D 401 -38.17 38.09 67.19
CA SER D 401 -38.35 39.54 67.11
C SER D 401 -39.47 39.94 66.15
N GLN D 402 -39.99 41.15 66.35
CA GLN D 402 -40.95 41.74 65.43
C GLN D 402 -40.33 43.00 64.84
N LEU D 403 -39.83 42.90 63.61
CA LEU D 403 -39.13 44.02 62.97
C LEU D 403 -40.14 45.00 62.38
N PRO D 404 -39.80 46.30 62.41
CA PRO D 404 -40.72 47.37 61.97
C PRO D 404 -41.04 47.30 60.48
N ALA D 405 -42.28 47.59 60.12
CA ALA D 405 -42.65 47.65 58.72
C ALA D 405 -41.81 48.71 58.01
N GLY D 406 -41.31 48.35 56.83
CA GLY D 406 -40.57 49.27 55.99
C GLY D 406 -39.13 49.53 56.41
N TYR D 407 -38.67 48.94 57.51
CA TYR D 407 -37.27 49.10 57.89
C TYR D 407 -36.42 48.12 57.08
N PRO D 408 -35.49 48.65 56.27
CA PRO D 408 -34.76 47.84 55.29
C PRO D 408 -33.92 46.74 55.93
N VAL D 409 -34.11 45.53 55.43
CA VAL D 409 -33.33 44.38 55.86
C VAL D 409 -32.61 43.80 54.64
N TYR D 410 -31.32 43.51 54.79
CA TYR D 410 -30.53 42.90 53.73
C TYR D 410 -29.86 41.63 54.23
N SER D 411 -29.58 40.71 53.33
CA SER D 411 -29.04 39.40 53.69
C SER D 411 -28.51 38.70 52.46
N ASN D 412 -27.77 37.62 52.67
CA ASN D 412 -27.36 36.69 51.62
C ASN D 412 -28.04 35.34 51.85
N ARG D 413 -29.33 35.24 51.50
CA ARG D 413 -30.11 34.04 51.80
C ARG D 413 -30.48 33.21 50.59
N GLY D 414 -29.77 33.40 49.48
CA GLY D 414 -29.96 32.56 48.32
C GLY D 414 -29.32 31.19 48.57
N ALA D 415 -28.00 31.21 48.64
CA ALA D 415 -27.25 30.01 48.97
C ALA D 415 -26.87 30.01 50.45
N SER D 416 -27.13 31.13 51.12
CA SER D 416 -26.88 31.29 52.56
C SER D 416 -25.45 30.96 52.95
N GLY D 417 -24.50 31.43 52.14
CA GLY D 417 -23.08 31.23 52.46
C GLY D 417 -22.63 32.06 53.65
N ILE D 418 -21.72 31.50 54.45
CA ILE D 418 -21.09 32.25 55.53
C ILE D 418 -19.73 32.79 55.09
N ASP D 419 -19.47 32.79 53.79
CA ASP D 419 -18.16 33.11 53.28
C ASP D 419 -17.94 34.58 52.85
N GLY D 420 -18.99 35.40 52.84
CA GLY D 420 -18.81 36.76 52.34
C GLY D 420 -19.60 37.83 53.06
N LEU D 421 -19.91 37.61 54.33
CA LEU D 421 -20.87 38.48 55.01
C LEU D 421 -20.32 39.88 55.35
N LEU D 422 -19.05 39.97 55.76
CA LEU D 422 -18.47 41.27 56.09
C LEU D 422 -18.29 42.13 54.84
N SER D 423 -17.78 41.54 53.76
CA SER D 423 -17.58 42.30 52.54
C SER D 423 -18.93 42.69 51.92
N THR D 424 -19.92 41.81 52.04
CA THR D 424 -21.25 42.16 51.53
C THR D 424 -21.80 43.34 52.33
N ALA D 425 -21.67 43.27 53.65
CA ALA D 425 -22.17 44.32 54.53
C ALA D 425 -21.48 45.66 54.20
N ALA D 426 -20.18 45.61 53.92
CA ALA D 426 -19.48 46.84 53.51
C ALA D 426 -20.10 47.42 52.24
N GLY D 427 -20.44 46.58 51.26
CA GLY D 427 -21.05 47.07 50.04
C GLY D 427 -22.45 47.64 50.25
N VAL D 428 -23.21 46.97 51.11
CA VAL D 428 -24.54 47.42 51.50
C VAL D 428 -24.46 48.81 52.11
N GLN D 429 -23.48 49.02 52.99
CA GLN D 429 -23.31 50.33 53.62
C GLN D 429 -22.95 51.38 52.58
N ARG D 430 -21.95 51.10 51.76
CA ARG D 430 -21.43 52.10 50.81
C ARG D 430 -22.46 52.52 49.77
N ALA D 431 -23.29 51.58 49.35
CA ALA D 431 -24.27 51.88 48.30
C ALA D 431 -25.29 52.93 48.74
N SER D 432 -25.75 52.84 49.98
CA SER D 432 -26.83 53.71 50.45
C SER D 432 -26.38 54.92 51.27
N GLY D 433 -25.19 54.83 51.86
CA GLY D 433 -24.70 55.88 52.73
C GLY D 433 -25.46 55.95 54.05
N LYS D 434 -26.20 54.89 54.38
CA LYS D 434 -27.01 54.89 55.60
C LYS D 434 -26.28 54.22 56.77
N PRO D 435 -26.61 54.63 58.01
CA PRO D 435 -26.08 53.95 59.20
C PRO D 435 -26.53 52.49 59.17
N THR D 436 -25.62 51.57 59.49
CA THR D 436 -25.86 50.17 59.25
C THR D 436 -25.56 49.34 60.49
N LEU D 437 -26.49 48.45 60.81
CA LEU D 437 -26.23 47.44 61.84
C LEU D 437 -26.07 46.11 61.12
N ALA D 438 -24.92 45.47 61.29
CA ALA D 438 -24.65 44.16 60.71
C ALA D 438 -24.40 43.16 61.82
N ILE D 439 -25.02 42.00 61.77
CA ILE D 439 -24.88 41.01 62.82
C ILE D 439 -24.48 39.66 62.26
N VAL D 440 -23.35 39.13 62.74
CA VAL D 440 -22.86 37.84 62.24
C VAL D 440 -22.32 36.97 63.38
N GLY D 441 -22.14 35.69 63.10
CA GLY D 441 -21.56 34.76 64.07
C GLY D 441 -20.04 34.73 64.02
N ASP D 442 -19.42 33.99 64.93
CA ASP D 442 -17.95 34.00 65.02
C ASP D 442 -17.27 33.30 63.83
N LEU D 443 -17.78 32.16 63.40
CA LEU D 443 -17.14 31.50 62.27
C LEU D 443 -17.30 32.35 61.01
N SER D 444 -18.45 33.00 60.89
CA SER D 444 -18.71 33.90 59.77
C SER D 444 -17.71 35.05 59.73
N ALA D 445 -17.44 35.65 60.90
CA ALA D 445 -16.50 36.77 60.97
C ALA D 445 -15.08 36.31 60.64
N LEU D 446 -14.70 35.14 61.11
CA LEU D 446 -13.39 34.57 60.78
C LEU D 446 -13.28 34.29 59.29
N TYR D 447 -14.34 33.75 58.69
CA TYR D 447 -14.35 33.39 57.27
C TYR D 447 -13.96 34.60 56.43
N ASP D 448 -14.59 35.74 56.71
CA ASP D 448 -14.36 36.94 55.90
C ASP D 448 -13.59 37.98 56.70
N LEU D 449 -12.68 37.51 57.54
CA LEU D 449 -11.94 38.36 58.45
C LEU D 449 -11.21 39.53 57.76
N ASN D 450 -10.60 39.28 56.59
CA ASN D 450 -9.81 40.35 55.97
C ASN D 450 -10.69 41.45 55.35
N ALA D 451 -12.00 41.25 55.34
CA ALA D 451 -12.91 42.30 54.89
C ALA D 451 -13.00 43.43 55.91
N LEU D 452 -12.45 43.23 57.10
CA LEU D 452 -12.33 44.33 58.06
C LEU D 452 -11.52 45.47 57.43
N ALA D 453 -10.67 45.13 56.46
CA ALA D 453 -9.93 46.13 55.70
C ALA D 453 -10.89 47.08 54.96
N LEU D 454 -11.97 46.52 54.42
CA LEU D 454 -13.00 47.30 53.73
C LEU D 454 -13.79 48.17 54.70
N LEU D 455 -14.04 47.62 55.88
CA LEU D 455 -14.87 48.33 56.86
C LEU D 455 -14.14 49.52 57.48
N ARG D 456 -12.88 49.70 57.11
CA ARG D 456 -12.16 50.91 57.50
C ARG D 456 -12.67 52.12 56.72
N GLN D 457 -13.42 51.86 55.65
CA GLN D 457 -14.00 52.93 54.86
C GLN D 457 -15.51 52.76 54.67
N VAL D 458 -16.26 53.41 55.55
CA VAL D 458 -17.71 53.48 55.45
C VAL D 458 -18.12 54.95 55.50
N SER D 459 -19.28 55.27 54.93
CA SER D 459 -19.70 56.67 54.80
C SER D 459 -20.61 57.12 55.93
N ALA D 460 -20.99 56.18 56.78
CA ALA D 460 -21.84 56.42 57.94
C ALA D 460 -21.48 55.36 58.96
N PRO D 461 -21.89 55.55 60.22
CA PRO D 461 -21.48 54.53 61.19
C PRO D 461 -21.98 53.14 60.83
N LEU D 462 -21.11 52.14 61.00
CA LEU D 462 -21.54 50.76 60.85
C LEU D 462 -21.17 50.03 62.12
N VAL D 463 -22.16 49.43 62.76
CA VAL D 463 -21.91 48.60 63.93
C VAL D 463 -21.89 47.14 63.49
N LEU D 464 -20.76 46.47 63.72
CA LEU D 464 -20.67 45.06 63.42
C LEU D 464 -20.75 44.29 64.73
N ILE D 465 -21.90 43.67 64.99
CA ILE D 465 -21.97 42.78 66.13
C ILE D 465 -21.47 41.41 65.73
N VAL D 466 -20.49 40.90 66.45
CA VAL D 466 -20.05 39.53 66.27
C VAL D 466 -20.50 38.73 67.49
N VAL D 467 -21.44 37.82 67.29
CA VAL D 467 -21.89 36.94 68.37
C VAL D 467 -20.92 35.77 68.47
N ASN D 468 -20.19 35.71 69.58
CA ASN D 468 -19.18 34.68 69.76
C ASN D 468 -19.69 33.61 70.71
N ASN D 469 -20.19 32.52 70.15
CA ASN D 469 -20.63 31.37 70.93
C ASN D 469 -19.71 30.17 70.70
N ASN D 470 -18.50 30.47 70.21
CA ASN D 470 -17.41 29.51 70.06
C ASN D 470 -17.77 28.30 69.18
N GLY D 471 -18.00 28.56 67.89
CA GLY D 471 -18.28 27.51 66.93
C GLY D 471 -19.57 27.79 66.17
N GLY D 472 -19.94 26.87 65.28
CA GLY D 472 -21.18 27.01 64.54
C GLY D 472 -22.31 26.37 65.33
N GLN D 473 -22.89 27.12 66.25
CA GLN D 473 -23.83 26.52 67.19
C GLN D 473 -25.17 26.18 66.55
N ILE D 474 -25.34 26.51 65.27
CA ILE D 474 -26.50 25.99 64.54
C ILE D 474 -26.49 24.45 64.61
N PHE D 475 -25.30 23.87 64.75
CA PHE D 475 -25.19 22.42 64.83
C PHE D 475 -25.45 21.86 66.23
N SER D 476 -25.75 22.75 67.16
CA SER D 476 -26.28 22.37 68.46
C SER D 476 -27.82 22.43 68.43
N LEU D 477 -28.34 23.12 67.43
CA LEU D 477 -29.79 23.19 67.20
C LEU D 477 -30.23 21.97 66.38
N LEU D 478 -29.49 21.68 65.32
CA LEU D 478 -29.70 20.44 64.56
C LEU D 478 -29.36 19.21 65.39
N PRO D 479 -30.02 18.07 65.10
CA PRO D 479 -29.83 16.82 65.85
C PRO D 479 -28.56 16.07 65.46
N THR D 480 -27.43 16.77 65.45
CA THR D 480 -26.16 16.15 65.13
C THR D 480 -25.74 15.18 66.23
N PRO D 481 -24.96 14.14 65.88
CA PRO D 481 -24.52 13.16 66.86
C PRO D 481 -23.53 13.76 67.87
N GLN D 482 -23.77 13.51 69.15
CA GLN D 482 -23.01 14.17 70.21
C GLN D 482 -21.52 13.87 70.15
N SER D 483 -21.18 12.64 69.80
CA SER D 483 -19.79 12.17 69.81
C SER D 483 -18.91 12.93 68.83
N GLU D 484 -19.46 13.23 67.65
CA GLU D 484 -18.71 13.92 66.60
C GLU D 484 -18.99 15.41 66.56
N ARG D 485 -19.90 15.89 67.40
CA ARG D 485 -20.43 17.23 67.23
C ARG D 485 -19.37 18.32 67.33
N GLU D 486 -18.52 18.26 68.35
CA GLU D 486 -17.57 19.34 68.55
C GLU D 486 -16.52 19.41 67.43
N ARG D 487 -15.85 18.29 67.17
CA ARG D 487 -14.76 18.30 66.20
C ARG D 487 -15.20 18.49 64.76
N PHE D 488 -16.29 17.85 64.37
CA PHE D 488 -16.64 17.81 62.96
C PHE D 488 -17.82 18.69 62.56
N TYR D 489 -18.48 19.31 63.54
CA TYR D 489 -19.59 20.23 63.23
C TYR D 489 -19.36 21.63 63.82
N LEU D 490 -19.31 21.72 65.15
CA LEU D 490 -19.19 23.02 65.81
C LEU D 490 -17.88 23.73 65.45
N MET D 491 -16.79 22.97 65.46
CA MET D 491 -15.45 23.52 65.18
C MET D 491 -15.16 24.85 65.88
N PRO D 492 -15.23 24.85 67.21
CA PRO D 492 -14.86 26.03 67.98
C PRO D 492 -13.43 26.44 67.65
N GLN D 493 -13.19 27.73 67.48
CA GLN D 493 -11.85 28.22 67.15
C GLN D 493 -11.18 28.90 68.33
N ASN D 494 -11.94 29.13 69.39
CA ASN D 494 -11.40 29.70 70.64
C ASN D 494 -10.60 30.98 70.40
N VAL D 495 -11.26 31.96 69.80
CA VAL D 495 -10.67 33.27 69.56
C VAL D 495 -11.58 34.37 70.09
N HIS D 496 -11.03 35.58 70.17
CA HIS D 496 -11.82 36.77 70.34
C HIS D 496 -11.43 37.73 69.24
N PHE D 497 -12.11 38.87 69.16
CA PHE D 497 -11.95 39.72 68.01
C PHE D 497 -11.35 41.09 68.32
N GLU D 498 -10.88 41.25 69.56
CA GLU D 498 -10.25 42.51 69.97
C GLU D 498 -9.02 42.86 69.14
N HIS D 499 -8.17 41.86 68.87
CA HIS D 499 -6.96 42.08 68.08
C HIS D 499 -7.27 42.31 66.61
N ALA D 500 -8.33 41.66 66.12
CA ALA D 500 -8.77 41.86 64.75
C ALA D 500 -9.18 43.31 64.56
N ALA D 501 -9.96 43.84 65.49
CA ALA D 501 -10.38 45.23 65.41
C ALA D 501 -9.16 46.16 65.46
N ALA D 502 -8.24 45.88 66.38
CA ALA D 502 -7.04 46.71 66.55
C ALA D 502 -6.17 46.72 65.30
N MET D 503 -6.07 45.57 64.65
CA MET D 503 -5.26 45.46 63.44
C MET D 503 -5.69 46.45 62.37
N PHE D 504 -6.99 46.67 62.27
CA PHE D 504 -7.55 47.54 61.24
C PHE D 504 -8.02 48.87 61.84
N GLU D 505 -7.56 49.14 63.05
CA GLU D 505 -7.80 50.40 63.74
C GLU D 505 -9.28 50.72 63.86
N LEU D 506 -10.07 49.71 64.18
CA LEU D 506 -11.51 49.89 64.39
C LEU D 506 -11.83 49.89 65.88
N LYS D 507 -12.72 50.76 66.31
CA LYS D 507 -13.17 50.78 67.70
C LYS D 507 -13.77 49.42 68.08
N TYR D 508 -13.57 49.01 69.33
CA TYR D 508 -13.99 47.69 69.78
C TYR D 508 -14.62 47.74 71.17
N HIS D 509 -15.71 47.00 71.35
CA HIS D 509 -16.32 46.83 72.66
C HIS D 509 -16.66 45.37 72.90
N ARG D 510 -16.46 44.92 74.13
CA ARG D 510 -16.95 43.59 74.52
C ARG D 510 -17.88 43.74 75.71
N PRO D 511 -19.14 44.16 75.44
CA PRO D 511 -20.08 44.42 76.53
C PRO D 511 -20.46 43.16 77.30
N GLN D 512 -20.59 43.32 78.61
CA GLN D 512 -20.89 42.21 79.50
C GLN D 512 -22.32 42.21 80.05
N ASN D 513 -23.05 43.28 79.76
CA ASN D 513 -24.45 43.40 80.17
C ASN D 513 -25.17 44.39 79.26
N TRP D 514 -26.47 44.53 79.46
CA TRP D 514 -27.28 45.39 78.58
C TRP D 514 -26.88 46.85 78.64
N GLN D 515 -26.52 47.34 79.81
CA GLN D 515 -26.13 48.75 79.95
C GLN D 515 -24.86 49.03 79.14
N GLU D 516 -23.87 48.13 79.24
CA GLU D 516 -22.64 48.27 78.48
C GLU D 516 -22.87 48.16 76.98
N LEU D 517 -23.84 47.34 76.58
CA LEU D 517 -24.21 47.23 75.18
C LEU D 517 -24.78 48.55 74.68
N GLU D 518 -25.67 49.15 75.47
CA GLU D 518 -26.30 50.40 75.10
C GLU D 518 -25.27 51.51 74.96
N THR D 519 -24.30 51.52 75.85
CA THR D 519 -23.20 52.50 75.84
C THR D 519 -22.33 52.33 74.59
N ALA D 520 -22.05 51.08 74.23
CA ALA D 520 -21.27 50.81 73.03
C ALA D 520 -21.97 51.36 71.78
N PHE D 521 -23.28 51.12 71.68
CA PHE D 521 -24.04 51.65 70.56
C PHE D 521 -24.03 53.17 70.50
N ALA D 522 -24.26 53.82 71.64
CA ALA D 522 -24.28 55.27 71.69
C ALA D 522 -22.97 55.86 71.19
N ASP D 523 -21.87 55.27 71.63
CA ASP D 523 -20.55 55.68 71.17
C ASP D 523 -20.41 55.46 69.66
N ALA D 524 -20.86 54.30 69.20
CA ALA D 524 -20.64 53.89 67.81
C ALA D 524 -21.33 54.79 66.79
N TRP D 525 -22.53 55.26 67.09
CA TRP D 525 -23.27 56.02 66.08
C TRP D 525 -22.71 57.44 65.90
N ARG D 526 -21.72 57.81 66.72
CA ARG D 526 -21.22 59.19 66.75
C ARG D 526 -20.29 59.55 65.59
N THR D 527 -19.68 58.54 64.97
CA THR D 527 -18.78 58.82 63.85
C THR D 527 -19.01 57.87 62.70
N PRO D 528 -18.66 58.31 61.48
CA PRO D 528 -18.77 57.54 60.25
C PRO D 528 -17.68 56.48 60.15
N THR D 529 -17.68 55.56 61.11
CA THR D 529 -16.67 54.51 61.16
C THR D 529 -17.33 53.21 61.58
N THR D 530 -16.60 52.11 61.42
CA THR D 530 -17.08 50.80 61.84
C THR D 530 -16.66 50.52 63.27
N THR D 531 -17.63 50.16 64.10
CA THR D 531 -17.35 49.71 65.46
C THR D 531 -17.66 48.24 65.58
N VAL D 532 -16.69 47.49 66.11
CA VAL D 532 -16.87 46.07 66.34
C VAL D 532 -17.35 45.84 67.77
N ILE D 533 -18.51 45.22 67.91
CA ILE D 533 -19.04 44.86 69.21
C ILE D 533 -19.11 43.34 69.31
N GLU D 534 -18.26 42.77 70.15
CA GLU D 534 -18.23 41.32 70.32
C GLU D 534 -19.11 40.92 71.49
N MET D 535 -20.14 40.13 71.21
CA MET D 535 -20.97 39.63 72.29
C MET D 535 -20.63 38.19 72.56
N VAL D 536 -19.95 37.98 73.69
CA VAL D 536 -19.51 36.66 74.10
C VAL D 536 -20.63 36.00 74.91
N VAL D 537 -21.07 34.83 74.44
CA VAL D 537 -22.19 34.13 75.05
C VAL D 537 -21.86 32.65 75.25
N ASN D 538 -22.58 32.01 76.16
CA ASN D 538 -22.41 30.58 76.40
C ASN D 538 -22.82 29.79 75.18
N ASP D 539 -21.98 28.85 74.77
CA ASP D 539 -22.14 28.14 73.50
C ASP D 539 -23.58 27.79 73.11
N THR D 540 -24.28 27.00 73.93
CA THR D 540 -25.54 26.43 73.47
C THR D 540 -26.80 27.11 73.99
N ASP D 541 -26.66 28.20 74.74
CA ASP D 541 -27.83 28.85 75.33
C ASP D 541 -28.85 29.32 74.29
N GLY D 542 -28.36 29.89 73.19
CA GLY D 542 -29.25 30.40 72.15
C GLY D 542 -30.08 29.31 71.52
N ALA D 543 -29.41 28.24 71.10
CA ALA D 543 -30.10 27.10 70.50
C ALA D 543 -31.12 26.50 71.46
N GLN D 544 -30.71 26.33 72.71
CA GLN D 544 -31.56 25.71 73.72
C GLN D 544 -32.77 26.58 74.06
N THR D 545 -32.55 27.90 74.10
CA THR D 545 -33.64 28.82 74.39
C THR D 545 -34.68 28.75 73.28
N LEU D 546 -34.22 28.67 72.04
CA LEU D 546 -35.13 28.55 70.91
C LEU D 546 -35.92 27.24 71.03
N GLN D 547 -35.22 26.17 71.37
CA GLN D 547 -35.85 24.87 71.52
C GLN D 547 -36.89 24.88 72.63
N GLN D 548 -36.57 25.54 73.73
CA GLN D 548 -37.50 25.61 74.85
C GLN D 548 -38.75 26.42 74.51
N LEU D 549 -38.56 27.54 73.82
CA LEU D 549 -39.71 28.36 73.43
C LEU D 549 -40.58 27.65 72.40
N LEU D 550 -39.95 26.93 71.46
CA LEU D 550 -40.72 26.12 70.51
C LEU D 550 -41.62 25.14 71.24
N ALA D 551 -41.04 24.42 72.19
CA ALA D 551 -41.80 23.44 72.95
C ALA D 551 -42.93 24.09 73.72
N GLN D 552 -42.64 25.19 74.39
CA GLN D 552 -43.66 25.88 75.20
C GLN D 552 -44.85 26.37 74.38
N VAL D 553 -44.57 27.05 73.28
CA VAL D 553 -45.65 27.61 72.47
C VAL D 553 -46.46 26.54 71.75
N SER D 554 -45.81 25.45 71.38
CA SER D 554 -46.50 24.38 70.64
C SER D 554 -47.60 23.73 71.48
N HIS D 555 -47.51 23.90 72.80
CA HIS D 555 -48.46 23.28 73.73
C HIS D 555 -49.52 24.23 74.28
N LEU D 556 -49.49 25.48 73.83
CA LEU D 556 -50.48 26.47 74.28
C LEU D 556 -51.88 26.09 73.84
N MET E 1 -1.32 5.11 -40.89
CA MET E 1 -0.34 5.75 -41.75
C MET E 1 0.96 6.07 -40.99
N SER E 2 0.83 6.57 -39.76
CA SER E 2 2.00 6.97 -38.98
C SER E 2 2.69 5.81 -38.28
N VAL E 3 3.92 5.52 -38.69
CA VAL E 3 4.69 4.46 -38.05
C VAL E 3 4.96 4.78 -36.58
N SER E 4 5.29 6.04 -36.29
CA SER E 4 5.60 6.43 -34.91
C SER E 4 4.37 6.26 -34.02
N ALA E 5 3.20 6.66 -34.54
CA ALA E 5 1.95 6.50 -33.80
C ALA E 5 1.63 5.03 -33.59
N PHE E 6 1.77 4.21 -34.64
CA PHE E 6 1.40 2.80 -34.44
C PHE E 6 2.36 2.13 -33.48
N ASN E 7 3.64 2.48 -33.55
CA ASN E 7 4.61 1.97 -32.58
C ASN E 7 4.13 2.17 -31.15
N ARG E 8 3.60 3.36 -30.88
CA ARG E 8 3.19 3.67 -29.52
C ARG E 8 1.91 2.93 -29.14
N ARG E 9 1.03 2.69 -30.11
CA ARG E 9 -0.20 1.91 -29.85
C ARG E 9 0.10 0.44 -29.56
N TRP E 10 1.05 -0.11 -30.31
CA TRP E 10 1.55 -1.46 -30.11
C TRP E 10 2.16 -1.58 -28.71
N ALA E 11 3.06 -0.65 -28.38
CA ALA E 11 3.68 -0.65 -27.07
C ALA E 11 2.66 -0.46 -25.94
N ALA E 12 1.63 0.36 -26.19
CA ALA E 12 0.61 0.60 -25.16
C ALA E 12 -0.12 -0.69 -24.78
N VAL E 13 -0.33 -1.56 -25.75
CA VAL E 13 -0.99 -2.85 -25.50
C VAL E 13 -0.10 -3.70 -24.59
N ILE E 14 1.19 -3.75 -24.92
CA ILE E 14 2.14 -4.50 -24.12
C ILE E 14 2.14 -4.05 -22.66
N LEU E 15 2.26 -2.74 -22.44
N LEU E 15 2.27 -2.74 -22.44
CA LEU E 15 2.36 -2.22 -21.09
CA LEU E 15 2.37 -2.24 -21.08
C LEU E 15 1.07 -2.38 -20.30
C LEU E 15 1.07 -2.35 -20.28
N GLU E 16 -0.07 -2.10 -20.94
CA GLU E 16 -1.35 -2.26 -20.26
C GLU E 16 -1.60 -3.73 -19.91
N ALA E 17 -1.18 -4.64 -20.78
CA ALA E 17 -1.34 -6.07 -20.51
C ALA E 17 -0.65 -6.45 -19.21
N LEU E 18 0.54 -5.89 -19.01
CA LEU E 18 1.31 -6.21 -17.82
C LEU E 18 0.60 -5.79 -16.53
N THR E 19 -0.17 -4.70 -16.59
CA THR E 19 -0.87 -4.23 -15.40
C THR E 19 -1.90 -5.24 -14.91
N ARG E 20 -2.31 -6.15 -15.78
CA ARG E 20 -3.32 -7.15 -15.42
C ARG E 20 -2.72 -8.34 -14.69
N HIS E 21 -1.40 -8.35 -14.57
CA HIS E 21 -0.66 -9.43 -13.91
C HIS E 21 0.11 -8.95 -12.69
N GLY E 22 -0.28 -7.81 -12.16
CA GLY E 22 0.28 -7.35 -10.91
C GLY E 22 1.55 -6.50 -11.05
N VAL E 23 1.92 -6.16 -12.27
CA VAL E 23 3.09 -5.28 -12.45
C VAL E 23 2.74 -3.86 -12.02
N ARG E 24 3.47 -3.36 -11.02
CA ARG E 24 3.28 -2.01 -10.53
C ARG E 24 4.56 -1.19 -10.74
N HIS E 25 5.70 -1.79 -10.38
CA HIS E 25 7.00 -1.14 -10.54
C HIS E 25 7.56 -1.34 -11.93
N ILE E 26 8.06 -0.27 -12.52
CA ILE E 26 8.75 -0.40 -13.78
C ILE E 26 10.04 0.39 -13.73
N CYS E 27 11.13 -0.24 -14.14
CA CYS E 27 12.45 0.37 -14.09
C CYS E 27 12.93 0.71 -15.50
N ILE E 28 13.27 1.98 -15.71
CA ILE E 28 13.53 2.49 -17.06
C ILE E 28 14.91 3.12 -17.16
N ALA E 29 15.66 2.69 -18.16
CA ALA E 29 16.94 3.31 -18.50
C ALA E 29 16.72 4.10 -19.78
N PRO E 30 17.59 5.09 -20.02
CA PRO E 30 17.38 6.02 -21.14
C PRO E 30 17.78 5.44 -22.50
N GLY E 31 17.14 5.94 -23.56
CA GLY E 31 17.44 5.48 -24.90
C GLY E 31 16.49 6.10 -25.92
N SER E 32 16.75 5.85 -27.19
CA SER E 32 15.86 6.35 -28.24
C SER E 32 14.97 5.24 -28.79
N ARG E 33 15.57 4.10 -29.11
CA ARG E 33 14.83 2.97 -29.69
C ARG E 33 13.75 2.46 -28.74
N SER E 34 13.96 2.68 -27.44
CA SER E 34 12.99 2.28 -26.42
C SER E 34 11.81 3.24 -26.30
N THR E 35 11.84 4.34 -27.06
CA THR E 35 10.82 5.38 -26.93
C THR E 35 9.35 4.86 -26.89
N PRO E 36 8.98 3.96 -27.79
CA PRO E 36 7.57 3.53 -27.76
C PRO E 36 7.17 2.90 -26.41
N LEU E 37 8.09 2.11 -25.85
CA LEU E 37 7.86 1.44 -24.57
C LEU E 37 7.85 2.45 -23.43
N THR E 38 8.86 3.32 -23.43
CA THR E 38 9.03 4.27 -22.34
C THR E 38 7.91 5.32 -22.29
N LEU E 39 7.47 5.80 -23.44
CA LEU E 39 6.36 6.73 -23.46
C LEU E 39 5.04 6.02 -23.07
N ALA E 40 4.83 4.78 -23.53
CA ALA E 40 3.64 4.05 -23.10
C ALA E 40 3.63 3.88 -21.58
N ALA E 41 4.80 3.57 -21.02
CA ALA E 41 4.91 3.39 -19.58
C ALA E 41 4.67 4.70 -18.86
N ALA E 42 5.29 5.78 -19.36
CA ALA E 42 5.18 7.07 -18.71
C ALA E 42 3.73 7.53 -18.64
N GLU E 43 2.97 7.19 -19.67
CA GLU E 43 1.58 7.65 -19.80
C GLU E 43 0.60 6.82 -18.98
N ASN E 44 1.05 5.65 -18.54
CA ASN E 44 0.19 4.70 -17.85
C ASN E 44 0.21 4.92 -16.34
N SER E 45 -0.95 5.30 -15.80
CA SER E 45 -1.06 5.69 -14.40
C SER E 45 -0.93 4.53 -13.42
N ALA E 46 -0.83 3.31 -13.96
CA ALA E 46 -0.75 2.14 -13.09
C ALA E 46 0.63 1.98 -12.45
N PHE E 47 1.65 2.59 -13.05
CA PHE E 47 3.03 2.27 -12.68
C PHE E 47 3.67 3.23 -11.70
N ILE E 48 4.57 2.68 -10.89
CA ILE E 48 5.57 3.44 -10.17
C ILE E 48 6.85 3.35 -10.99
N HIS E 49 7.38 4.50 -11.45
CA HIS E 49 8.54 4.50 -12.34
C HIS E 49 9.84 4.75 -11.59
N HIS E 50 10.84 3.92 -11.84
CA HIS E 50 12.19 4.14 -11.32
C HIS E 50 13.13 4.29 -12.50
N THR E 51 14.12 5.18 -12.39
CA THR E 51 15.06 5.34 -13.48
C THR E 51 16.48 5.18 -12.98
N HIS E 52 17.37 4.77 -13.89
CA HIS E 52 18.79 4.69 -13.57
C HIS E 52 19.58 4.68 -14.88
N PHE E 53 20.84 5.11 -14.82
CA PHE E 53 21.66 5.22 -16.04
C PHE E 53 22.49 3.97 -16.34
N ASP E 54 22.70 3.12 -15.33
CA ASP E 54 23.49 1.89 -15.48
C ASP E 54 22.52 0.73 -15.58
N GLU E 55 22.47 0.08 -16.74
CA GLU E 55 21.47 -0.98 -16.95
C GLU E 55 21.74 -2.21 -16.05
N ARG E 56 23.00 -2.43 -15.69
CA ARG E 56 23.29 -3.54 -14.79
C ARG E 56 22.68 -3.25 -13.41
N GLY E 57 22.85 -2.01 -12.96
CA GLY E 57 22.25 -1.57 -11.72
C GLY E 57 20.72 -1.53 -11.82
N LEU E 58 20.21 -1.14 -12.99
CA LEU E 58 18.77 -1.11 -13.20
C LEU E 58 18.16 -2.51 -13.02
N GLY E 59 18.82 -3.50 -13.60
CA GLY E 59 18.34 -4.87 -13.46
C GLY E 59 18.32 -5.29 -12.01
N HIS E 60 19.34 -4.92 -11.24
CA HIS E 60 19.39 -5.32 -9.84
C HIS E 60 18.42 -4.52 -8.97
N LEU E 61 18.14 -3.27 -9.34
CA LEU E 61 17.11 -2.48 -8.68
C LEU E 61 15.77 -3.22 -8.83
N ALA E 62 15.51 -3.67 -10.06
CA ALA E 62 14.28 -4.42 -10.33
C ALA E 62 14.26 -5.71 -9.53
N LEU E 63 15.40 -6.39 -9.47
CA LEU E 63 15.53 -7.61 -8.67
C LEU E 63 15.17 -7.38 -7.20
N GLY E 64 15.68 -6.30 -6.60
CA GLY E 64 15.39 -5.99 -5.21
C GLY E 64 13.90 -5.67 -4.99
N LEU E 65 13.31 -4.91 -5.92
CA LEU E 65 11.88 -4.60 -5.86
C LEU E 65 11.01 -5.87 -5.91
N ALA E 66 11.38 -6.79 -6.79
CA ALA E 66 10.65 -8.04 -6.96
C ALA E 66 10.84 -8.96 -5.77
N LYS E 67 12.06 -8.99 -5.26
CA LYS E 67 12.44 -9.84 -4.13
C LYS E 67 11.56 -9.60 -2.92
N VAL E 68 11.33 -8.32 -2.64
CA VAL E 68 10.58 -7.94 -1.46
C VAL E 68 9.07 -7.96 -1.75
N SER E 69 8.66 -7.43 -2.91
CA SER E 69 7.22 -7.29 -3.18
C SER E 69 6.55 -8.61 -3.60
N LYS E 70 7.34 -9.56 -4.10
CA LYS E 70 6.81 -10.84 -4.57
C LYS E 70 5.83 -10.66 -5.73
N GLN E 71 5.99 -9.56 -6.47
CA GLN E 71 5.22 -9.34 -7.69
C GLN E 71 6.19 -9.19 -8.85
N PRO E 72 5.68 -9.40 -10.07
CA PRO E 72 6.53 -9.16 -11.24
C PRO E 72 6.87 -7.69 -11.38
N VAL E 73 8.11 -7.42 -11.77
CA VAL E 73 8.62 -6.06 -11.97
C VAL E 73 9.10 -5.93 -13.40
N ALA E 74 8.72 -4.86 -14.07
CA ALA E 74 9.09 -4.66 -15.48
C ALA E 74 10.33 -3.79 -15.60
N VAL E 75 11.07 -4.00 -16.69
CA VAL E 75 12.27 -3.26 -17.01
C VAL E 75 12.23 -2.85 -18.48
N ILE E 76 12.56 -1.59 -18.77
CA ILE E 76 12.68 -1.12 -20.15
C ILE E 76 14.09 -0.65 -20.39
N VAL E 77 14.72 -1.19 -21.45
CA VAL E 77 16.02 -0.70 -21.90
C VAL E 77 16.02 -0.55 -23.43
N THR E 78 16.95 0.25 -23.94
CA THR E 78 17.08 0.41 -25.39
C THR E 78 17.90 -0.76 -25.96
N SER E 79 18.07 -0.77 -27.27
CA SER E 79 18.80 -1.87 -27.92
C SER E 79 20.31 -1.83 -27.65
N GLY E 80 20.98 -2.95 -27.86
CA GLY E 80 22.45 -2.95 -27.77
C GLY E 80 23.01 -3.52 -26.47
N THR E 81 24.13 -2.99 -26.02
CA THR E 81 24.76 -3.52 -24.80
C THR E 81 23.92 -3.21 -23.56
N ALA E 82 23.01 -2.23 -23.67
CA ALA E 82 22.04 -1.97 -22.61
C ALA E 82 21.33 -3.27 -22.24
N VAL E 83 20.99 -4.05 -23.25
CA VAL E 83 20.29 -5.31 -23.03
C VAL E 83 21.20 -6.34 -22.33
N ALA E 84 22.44 -6.44 -22.81
CA ALA E 84 23.38 -7.40 -22.24
C ALA E 84 23.60 -7.16 -20.75
N ASN E 85 23.56 -5.89 -20.34
CA ASN E 85 23.79 -5.54 -18.95
C ASN E 85 22.73 -6.05 -17.99
N LEU E 86 21.59 -6.49 -18.52
CA LEU E 86 20.56 -7.05 -17.68
C LEU E 86 20.85 -8.50 -17.28
N TYR E 87 21.88 -9.11 -17.89
CA TYR E 87 22.09 -10.57 -17.72
C TYR E 87 22.29 -10.99 -16.28
N PRO E 88 23.15 -10.27 -15.53
CA PRO E 88 23.41 -10.72 -14.15
C PRO E 88 22.12 -10.82 -13.30
N ALA E 89 21.29 -9.78 -13.33
CA ALA E 89 20.06 -9.79 -12.55
C ALA E 89 19.11 -10.88 -13.04
N LEU E 90 19.07 -11.08 -14.36
CA LEU E 90 18.22 -12.09 -14.95
C LEU E 90 18.64 -13.48 -14.48
N ILE E 91 19.96 -13.71 -14.44
CA ILE E 91 20.49 -14.99 -14.02
C ILE E 91 20.16 -15.25 -12.55
N GLU E 92 20.33 -14.23 -11.71
CA GLU E 92 19.99 -14.38 -10.29
C GLU E 92 18.51 -14.67 -10.13
N ALA E 93 17.66 -13.98 -10.88
CA ALA E 93 16.21 -14.20 -10.83
C ALA E 93 15.86 -15.64 -11.23
N GLY E 94 16.61 -16.19 -12.19
CA GLY E 94 16.38 -17.55 -12.63
C GLY E 94 16.60 -18.54 -11.49
N LEU E 95 17.51 -18.20 -10.60
CA LEU E 95 17.86 -19.08 -9.50
C LEU E 95 17.00 -18.91 -8.25
N THR E 96 16.59 -17.69 -7.93
CA THR E 96 15.89 -17.47 -6.67
C THR E 96 14.41 -17.12 -6.85
N GLY E 97 13.99 -16.88 -8.09
CA GLY E 97 12.58 -16.85 -8.41
C GLY E 97 11.93 -15.51 -8.71
N GLU E 98 12.66 -14.41 -8.53
CA GLU E 98 12.10 -13.09 -8.84
C GLU E 98 11.52 -13.03 -10.25
N LYS E 99 10.35 -12.43 -10.40
CA LYS E 99 9.75 -12.30 -11.71
C LYS E 99 10.13 -10.97 -12.36
N LEU E 100 11.16 -10.98 -13.19
CA LEU E 100 11.61 -9.78 -13.88
C LEU E 100 11.10 -9.84 -15.32
N ILE E 101 10.37 -8.81 -15.74
CA ILE E 101 9.84 -8.77 -17.09
C ILE E 101 10.67 -7.78 -17.89
N LEU E 102 11.53 -8.30 -18.76
CA LEU E 102 12.49 -7.46 -19.46
C LEU E 102 11.97 -7.10 -20.84
N LEU E 103 11.57 -5.83 -20.99
CA LEU E 103 11.12 -5.30 -22.27
C LEU E 103 12.33 -4.68 -22.97
N THR E 104 12.89 -5.37 -23.95
CA THR E 104 14.13 -4.89 -24.54
C THR E 104 13.89 -4.38 -25.96
N ALA E 105 14.03 -3.07 -26.15
CA ALA E 105 13.83 -2.49 -27.47
C ALA E 105 14.83 -3.07 -28.45
N ASP E 106 14.41 -3.24 -29.71
CA ASP E 106 15.29 -3.78 -30.73
C ASP E 106 15.15 -2.98 -32.02
N ARG E 107 16.18 -3.01 -32.85
CA ARG E 107 16.05 -2.59 -34.24
C ARG E 107 15.11 -3.56 -34.95
N PRO E 108 14.45 -3.11 -36.04
CA PRO E 108 13.61 -4.02 -36.80
C PRO E 108 14.50 -4.98 -37.60
N PRO E 109 13.92 -6.07 -38.10
CA PRO E 109 14.70 -7.11 -38.80
C PRO E 109 15.55 -6.61 -39.95
N GLU E 110 15.10 -5.59 -40.68
CA GLU E 110 15.83 -5.12 -41.84
C GLU E 110 17.13 -4.38 -41.44
N LEU E 111 17.32 -4.14 -40.14
CA LEU E 111 18.55 -3.46 -39.70
C LEU E 111 19.46 -4.34 -38.85
N ILE E 112 19.24 -5.66 -38.91
CA ILE E 112 20.11 -6.60 -38.18
C ILE E 112 21.16 -7.22 -39.13
N ASP E 113 22.40 -7.36 -38.63
CA ASP E 113 23.48 -7.97 -39.40
C ASP E 113 23.82 -7.19 -40.68
N CYS E 114 23.79 -5.87 -40.58
CA CYS E 114 24.15 -5.08 -41.75
C CYS E 114 24.97 -3.87 -41.35
N GLY E 115 25.58 -3.94 -40.17
CA GLY E 115 26.49 -2.89 -39.74
C GLY E 115 25.81 -1.62 -39.27
N ALA E 116 24.53 -1.74 -38.91
CA ALA E 116 23.78 -0.58 -38.39
C ALA E 116 24.20 -0.27 -36.96
N ASN E 117 24.31 1.01 -36.62
CA ASN E 117 24.75 1.37 -35.28
C ASN E 117 23.83 0.85 -34.18
N GLN E 118 24.42 0.29 -33.13
CA GLN E 118 23.66 -0.12 -31.94
C GLN E 118 22.65 -1.20 -32.27
N ALA E 119 22.92 -1.96 -33.31
CA ALA E 119 22.05 -3.07 -33.68
C ALA E 119 22.77 -4.39 -33.47
N ILE E 120 22.17 -5.28 -32.67
CA ILE E 120 22.77 -6.58 -32.42
C ILE E 120 21.73 -7.69 -32.50
N ARG E 121 22.16 -8.95 -32.48
CA ARG E 121 21.21 -10.06 -32.45
C ARG E 121 20.68 -10.29 -31.04
N GLN E 122 19.41 -9.93 -30.80
CA GLN E 122 18.87 -9.93 -29.45
C GLN E 122 17.97 -11.12 -29.10
N PRO E 123 17.15 -11.60 -30.05
CA PRO E 123 16.37 -12.81 -29.68
C PRO E 123 17.30 -13.95 -29.23
N GLY E 124 16.97 -14.57 -28.10
CA GLY E 124 17.75 -15.68 -27.59
C GLY E 124 19.05 -15.30 -26.94
N MET E 125 19.33 -14.01 -26.79
CA MET E 125 20.65 -13.64 -26.30
C MET E 125 20.88 -14.00 -24.84
N PHE E 126 19.81 -14.32 -24.12
CA PHE E 126 19.94 -14.75 -22.73
C PHE E 126 19.83 -16.27 -22.60
N ALA E 127 19.86 -16.98 -23.73
CA ALA E 127 19.95 -18.45 -23.74
C ALA E 127 18.85 -19.09 -22.86
N SER E 128 19.22 -20.00 -21.97
CA SER E 128 18.22 -20.72 -21.17
C SER E 128 17.84 -20.02 -19.87
N HIS E 129 18.33 -18.82 -19.66
CA HIS E 129 18.16 -18.21 -18.34
C HIS E 129 16.78 -17.59 -18.07
N PRO E 130 16.14 -16.99 -19.09
CA PRO E 130 14.75 -16.60 -18.84
C PRO E 130 13.85 -17.83 -18.71
N THR E 131 12.83 -17.74 -17.87
CA THR E 131 11.81 -18.81 -17.80
C THR E 131 11.03 -18.88 -19.11
N HIS E 132 10.70 -17.70 -19.64
N HIS E 132 10.77 -17.71 -19.68
CA HIS E 132 10.01 -17.55 -20.90
CA HIS E 132 10.04 -17.62 -20.93
C HIS E 132 10.73 -16.52 -21.76
C HIS E 132 10.63 -16.50 -21.78
N SER E 133 10.78 -16.77 -23.07
CA SER E 133 11.31 -15.78 -24.00
C SER E 133 10.28 -15.52 -25.09
N ILE E 134 9.96 -14.26 -25.31
CA ILE E 134 9.06 -13.83 -26.38
C ILE E 134 9.83 -12.95 -27.36
N SER E 135 9.92 -13.38 -28.62
N SER E 135 9.92 -13.38 -28.62
CA SER E 135 10.52 -12.55 -29.65
CA SER E 135 10.53 -12.56 -29.65
C SER E 135 9.40 -11.97 -30.51
C SER E 135 9.45 -11.95 -30.54
N LEU E 136 8.99 -10.75 -30.18
CA LEU E 136 7.89 -10.12 -30.90
C LEU E 136 8.25 -9.77 -32.33
N PRO E 137 7.28 -9.85 -33.24
CA PRO E 137 7.52 -9.49 -34.63
C PRO E 137 7.56 -7.97 -34.84
N ARG E 138 8.00 -7.59 -36.02
CA ARG E 138 7.95 -6.23 -36.49
C ARG E 138 6.50 -5.75 -36.39
N PRO E 139 6.25 -4.61 -35.71
CA PRO E 139 4.84 -4.20 -35.55
C PRO E 139 4.10 -3.99 -36.87
N THR E 140 2.86 -4.49 -36.92
CA THR E 140 1.99 -4.28 -38.08
C THR E 140 0.54 -4.44 -37.66
N GLN E 141 -0.34 -3.66 -38.26
CA GLN E 141 -1.77 -3.80 -37.97
C GLN E 141 -2.34 -5.09 -38.55
N ASP E 142 -1.55 -5.79 -39.36
CA ASP E 142 -2.03 -7.04 -39.95
C ASP E 142 -1.97 -8.19 -38.94
N ILE E 143 -1.28 -7.96 -37.83
CA ILE E 143 -1.35 -8.89 -36.71
C ILE E 143 -2.26 -8.27 -35.68
N PRO E 144 -3.33 -8.98 -35.31
CA PRO E 144 -4.32 -8.33 -34.43
C PRO E 144 -3.84 -8.13 -33.00
N ALA E 145 -4.37 -7.08 -32.37
CA ALA E 145 -4.04 -6.76 -30.98
C ALA E 145 -4.33 -7.94 -30.06
N ARG E 146 -5.36 -8.73 -30.38
N ARG E 146 -5.36 -8.73 -30.38
CA ARG E 146 -5.69 -9.88 -29.54
CA ARG E 146 -5.70 -9.88 -29.54
C ARG E 146 -4.56 -10.91 -29.52
C ARG E 146 -4.56 -10.90 -29.52
N TRP E 147 -3.80 -11.01 -30.60
CA TRP E 147 -2.64 -11.91 -30.60
C TRP E 147 -1.58 -11.39 -29.63
N LEU E 148 -1.29 -10.09 -29.72
CA LEU E 148 -0.24 -9.49 -28.91
C LEU E 148 -0.53 -9.62 -27.40
N VAL E 149 -1.75 -9.29 -27.00
CA VAL E 149 -2.06 -9.37 -25.58
C VAL E 149 -2.11 -10.85 -25.15
N SER E 150 -2.60 -11.75 -26.02
CA SER E 150 -2.66 -13.16 -25.63
C SER E 150 -1.25 -13.72 -25.39
N THR E 151 -0.28 -13.29 -26.19
CA THR E 151 1.09 -13.80 -26.05
C THR E 151 1.69 -13.31 -24.73
N ILE E 152 1.46 -12.05 -24.40
CA ILE E 152 1.92 -11.51 -23.14
C ILE E 152 1.20 -12.21 -21.99
N ASP E 153 -0.12 -12.42 -22.12
CA ASP E 153 -0.89 -13.07 -21.07
C ASP E 153 -0.45 -14.51 -20.83
N HIS E 154 -0.07 -15.21 -21.89
CA HIS E 154 0.46 -16.56 -21.74
C HIS E 154 1.75 -16.58 -20.93
N ALA E 155 2.68 -15.69 -21.28
CA ALA E 155 3.97 -15.66 -20.62
C ALA E 155 3.82 -15.32 -19.15
N LEU E 156 2.99 -14.32 -18.84
CA LEU E 156 2.84 -13.87 -17.46
C LEU E 156 1.97 -14.81 -16.66
N GLY E 157 0.92 -15.35 -17.29
CA GLY E 157 0.01 -16.22 -16.58
C GLY E 157 0.65 -17.51 -16.09
N THR E 158 1.53 -18.06 -16.92
CA THR E 158 2.13 -19.37 -16.65
C THR E 158 3.47 -19.26 -15.94
N LEU E 159 3.86 -18.05 -15.56
CA LEU E 159 5.14 -17.81 -14.91
C LEU E 159 5.15 -18.19 -13.44
N HIS E 160 5.81 -19.30 -13.12
CA HIS E 160 5.91 -19.74 -11.73
C HIS E 160 6.94 -18.90 -10.99
N ALA E 161 8.00 -18.55 -11.69
CA ALA E 161 9.15 -17.87 -11.12
C ALA E 161 10.13 -17.49 -12.22
N GLY E 162 10.96 -16.49 -11.95
CA GLY E 162 12.05 -16.14 -12.84
C GLY E 162 11.68 -15.12 -13.90
N GLY E 163 12.60 -14.88 -14.82
CA GLY E 163 12.48 -13.80 -15.77
C GLY E 163 11.78 -14.13 -17.07
N VAL E 164 11.28 -13.08 -17.71
CA VAL E 164 10.71 -13.19 -19.02
C VAL E 164 11.39 -12.20 -19.93
N HIS E 165 11.97 -12.68 -21.03
CA HIS E 165 12.57 -11.77 -22.02
C HIS E 165 11.57 -11.49 -23.13
N ILE E 166 11.16 -10.24 -23.22
CA ILE E 166 10.28 -9.84 -24.30
C ILE E 166 11.02 -8.89 -25.20
N ASN E 167 11.47 -9.41 -26.35
CA ASN E 167 12.17 -8.57 -27.31
C ASN E 167 11.21 -7.79 -28.16
N CYS E 168 11.46 -6.48 -28.27
CA CYS E 168 10.49 -5.55 -28.86
C CYS E 168 11.09 -4.71 -30.00
N PRO E 169 11.07 -5.25 -31.23
CA PRO E 169 11.54 -4.43 -32.37
C PRO E 169 10.60 -3.26 -32.68
N PHE E 170 11.20 -2.11 -33.01
CA PHE E 170 10.46 -0.97 -33.52
C PHE E 170 11.23 -0.34 -34.68
N ALA E 171 10.52 -0.04 -35.76
CA ALA E 171 11.15 0.70 -36.86
C ALA E 171 10.94 2.21 -36.66
N GLU E 172 11.91 3.01 -37.11
CA GLU E 172 11.74 4.47 -37.19
C GLU E 172 10.74 4.79 -38.30
N PRO E 173 10.08 5.96 -38.22
CA PRO E 173 10.23 7.03 -37.23
C PRO E 173 9.70 6.65 -35.85
N LEU E 174 10.37 7.13 -34.80
CA LEU E 174 9.97 6.88 -33.44
C LEU E 174 9.26 8.08 -32.84
N TYR E 175 9.49 9.25 -33.44
CA TYR E 175 8.99 10.50 -32.88
C TYR E 175 7.97 11.12 -33.81
N GLY E 176 7.23 12.08 -33.28
CA GLY E 176 6.18 12.74 -34.04
C GLY E 176 4.91 12.79 -33.23
N GLU E 177 4.03 13.72 -33.57
CA GLU E 177 2.75 13.81 -32.87
C GLU E 177 1.93 12.56 -33.17
N MET E 178 1.21 12.07 -32.18
CA MET E 178 0.33 10.94 -32.38
C MET E 178 -0.92 11.33 -33.17
N ASP E 179 -1.28 10.49 -34.12
CA ASP E 179 -2.57 10.63 -34.78
C ASP E 179 -3.36 9.35 -34.51
N ASP E 180 -4.43 9.12 -35.26
CA ASP E 180 -5.33 8.02 -34.96
C ASP E 180 -4.87 6.66 -35.53
N THR E 181 -3.66 6.62 -36.08
CA THR E 181 -3.11 5.36 -36.59
C THR E 181 -3.11 4.32 -35.49
N GLY E 182 -3.77 3.20 -35.75
CA GLY E 182 -3.79 2.10 -34.79
C GLY E 182 -4.89 2.18 -33.75
N LEU E 183 -5.67 3.26 -33.75
CA LEU E 183 -6.74 3.39 -32.76
C LEU E 183 -7.81 2.32 -32.96
N SER E 184 -8.28 2.15 -34.19
CA SER E 184 -9.32 1.15 -34.44
C SER E 184 -8.75 -0.24 -34.18
N TRP E 185 -7.47 -0.41 -34.47
CA TRP E 185 -6.77 -1.66 -34.19
C TRP E 185 -6.81 -1.98 -32.70
N GLN E 186 -6.52 -0.99 -31.86
CA GLN E 186 -6.62 -1.15 -30.41
C GLN E 186 -8.04 -1.43 -29.95
N GLN E 187 -8.99 -0.75 -30.59
CA GLN E 187 -10.39 -0.82 -30.16
C GLN E 187 -11.01 -2.18 -30.44
N ARG E 188 -10.32 -3.03 -31.19
CA ARG E 188 -10.79 -4.40 -31.38
C ARG E 188 -10.80 -5.20 -30.07
N LEU E 189 -10.08 -4.71 -29.05
CA LEU E 189 -10.09 -5.36 -27.75
C LEU E 189 -11.31 -4.96 -26.93
N GLY E 190 -12.11 -4.03 -27.46
CA GLY E 190 -13.37 -3.66 -26.83
C GLY E 190 -13.18 -3.15 -25.42
N ASP E 191 -14.01 -3.62 -24.49
CA ASP E 191 -13.95 -3.06 -23.13
C ASP E 191 -12.88 -3.74 -22.27
N TRP E 192 -12.01 -4.54 -22.89
CA TRP E 192 -10.84 -5.02 -22.17
C TRP E 192 -10.04 -3.83 -21.62
N TRP E 193 -10.06 -2.72 -22.36
CA TRP E 193 -9.32 -1.53 -21.93
C TRP E 193 -9.79 -0.99 -20.59
N GLN E 194 -11.03 -1.26 -20.22
CA GLN E 194 -11.58 -0.80 -18.95
C GLN E 194 -11.64 -1.92 -17.90
N ASP E 195 -11.16 -3.10 -18.28
CA ASP E 195 -11.21 -4.30 -17.43
C ASP E 195 -10.00 -4.35 -16.47
N ASP E 196 -10.04 -5.24 -15.49
CA ASP E 196 -8.89 -5.39 -14.60
C ASP E 196 -8.31 -6.79 -14.70
N LYS E 197 -8.75 -7.54 -15.71
CA LYS E 197 -8.30 -8.90 -15.87
C LYS E 197 -7.53 -9.05 -17.15
N PRO E 198 -6.72 -10.12 -17.25
CA PRO E 198 -6.07 -10.43 -18.52
C PRO E 198 -7.07 -10.71 -19.63
N TRP E 199 -6.64 -10.54 -20.88
CA TRP E 199 -7.44 -10.93 -22.03
C TRP E 199 -7.61 -12.45 -22.05
N LEU E 200 -6.48 -13.15 -21.95
CA LEU E 200 -6.48 -14.61 -21.81
C LEU E 200 -6.06 -14.97 -20.40
N ARG E 201 -6.94 -15.65 -19.66
CA ARG E 201 -6.55 -16.11 -18.33
C ARG E 201 -6.00 -17.52 -18.40
N GLU E 202 -4.70 -17.64 -18.21
CA GLU E 202 -4.03 -18.92 -18.25
C GLU E 202 -3.08 -18.95 -17.07
N ALA E 203 -3.46 -19.64 -16.00
CA ALA E 203 -2.70 -19.57 -14.76
C ALA E 203 -2.69 -20.89 -14.04
N PRO E 204 -2.18 -21.93 -14.69
CA PRO E 204 -2.08 -23.22 -14.01
C PRO E 204 -1.13 -23.13 -12.81
N ARG E 205 -1.47 -23.82 -11.73
CA ARG E 205 -0.64 -23.85 -10.53
C ARG E 205 0.23 -25.09 -10.50
N LEU E 206 1.47 -24.92 -10.09
CA LEU E 206 2.43 -26.02 -9.98
C LEU E 206 2.69 -26.33 -8.50
N GLU E 207 2.35 -27.54 -8.09
CA GLU E 207 2.46 -27.90 -6.68
C GLU E 207 2.56 -29.40 -6.50
N SER E 208 3.44 -29.85 -5.61
CA SER E 208 3.50 -31.27 -5.28
C SER E 208 2.30 -31.67 -4.44
N GLU E 209 1.92 -32.94 -4.55
CA GLU E 209 0.81 -33.44 -3.75
C GLU E 209 1.29 -33.63 -2.33
N LYS E 210 0.35 -33.61 -1.38
CA LYS E 210 0.72 -33.90 0.00
C LYS E 210 1.25 -35.33 0.11
N GLN E 211 2.26 -35.49 0.97
CA GLN E 211 2.87 -36.77 1.21
C GLN E 211 2.07 -37.63 2.20
N ARG E 212 1.44 -38.68 1.69
CA ARG E 212 0.50 -39.45 2.48
C ARG E 212 1.16 -40.26 3.61
N ASP E 213 2.47 -40.46 3.54
CA ASP E 213 3.16 -41.24 4.58
C ASP E 213 3.91 -40.35 5.58
N TRP E 214 3.54 -39.08 5.62
CA TRP E 214 4.14 -38.12 6.53
C TRP E 214 3.92 -38.50 7.99
N PHE E 215 2.73 -39.03 8.27
CA PHE E 215 2.38 -39.38 9.63
C PHE E 215 3.18 -40.60 10.12
N PHE E 216 3.70 -41.38 9.17
CA PHE E 216 4.67 -42.42 9.48
C PHE E 216 6.06 -41.79 9.72
N TRP E 217 6.49 -40.95 8.79
CA TRP E 217 7.84 -40.41 8.87
C TRP E 217 8.05 -39.42 10.01
N ARG E 218 7.00 -38.72 10.44
CA ARG E 218 7.20 -37.72 11.50
C ARG E 218 7.47 -38.38 12.84
N GLN E 219 7.31 -39.70 12.90
CA GLN E 219 7.57 -40.45 14.12
C GLN E 219 9.04 -40.83 14.26
N LYS E 220 9.79 -40.62 13.20
CA LYS E 220 11.19 -41.03 13.19
C LYS E 220 12.07 -39.93 13.75
N ARG E 221 13.35 -40.24 13.94
CA ARG E 221 14.33 -39.26 14.36
C ARG E 221 14.69 -38.39 13.17
N GLY E 222 14.16 -37.18 13.14
CA GLY E 222 14.39 -36.28 12.01
C GLY E 222 15.22 -35.07 12.37
N VAL E 223 15.70 -34.39 11.34
CA VAL E 223 16.42 -33.14 11.47
C VAL E 223 15.71 -32.14 10.57
N VAL E 224 15.49 -30.92 11.06
CA VAL E 224 14.95 -29.87 10.20
C VAL E 224 16.06 -28.91 9.80
N VAL E 225 16.22 -28.69 8.51
CA VAL E 225 17.17 -27.69 8.02
C VAL E 225 16.37 -26.57 7.36
N ALA E 226 16.58 -25.35 7.82
CA ALA E 226 15.86 -24.19 7.30
C ALA E 226 16.79 -23.27 6.52
N GLY E 227 16.54 -23.15 5.22
CA GLY E 227 17.28 -22.25 4.35
C GLY E 227 16.50 -20.97 4.12
N ARG E 228 16.67 -20.36 2.95
CA ARG E 228 15.99 -19.11 2.64
C ARG E 228 14.49 -19.31 2.51
N MET E 229 13.74 -18.47 3.23
CA MET E 229 12.28 -18.52 3.21
C MET E 229 11.74 -17.16 3.65
N SER E 230 10.43 -16.97 3.70
CA SER E 230 9.90 -15.68 4.14
C SER E 230 10.06 -15.55 5.65
N ALA E 231 9.98 -14.32 6.14
CA ALA E 231 10.11 -14.06 7.58
C ALA E 231 9.04 -14.81 8.35
N GLU E 232 7.81 -14.79 7.85
CA GLU E 232 6.72 -15.48 8.54
C GLU E 232 6.89 -16.98 8.48
N GLU E 233 7.43 -17.47 7.36
CA GLU E 233 7.70 -18.90 7.24
C GLU E 233 8.74 -19.34 8.26
N GLY E 234 9.74 -18.48 8.51
CA GLY E 234 10.75 -18.80 9.50
C GLY E 234 10.14 -19.06 10.87
N LYS E 235 9.21 -18.21 11.27
CA LYS E 235 8.57 -18.40 12.57
C LYS E 235 7.77 -19.68 12.59
N LYS E 236 7.11 -19.98 11.48
CA LYS E 236 6.28 -21.19 11.43
C LYS E 236 7.12 -22.45 11.46
N VAL E 237 8.25 -22.44 10.76
CA VAL E 237 9.15 -23.58 10.76
C VAL E 237 9.75 -23.80 12.15
N ALA E 238 10.12 -22.71 12.83
CA ALA E 238 10.64 -22.82 14.19
C ALA E 238 9.65 -23.53 15.11
N LEU E 239 8.39 -23.12 15.07
CA LEU E 239 7.39 -23.73 15.93
C LEU E 239 7.16 -25.19 15.57
N TRP E 240 7.14 -25.47 14.28
CA TRP E 240 6.92 -26.82 13.78
C TRP E 240 8.02 -27.79 14.22
N ALA E 241 9.27 -27.37 14.05
CA ALA E 241 10.41 -28.19 14.46
C ALA E 241 10.39 -28.44 15.96
N GLN E 242 10.08 -27.40 16.73
CA GLN E 242 10.04 -27.55 18.19
C GLN E 242 9.00 -28.58 18.61
N THR E 243 7.83 -28.51 17.97
CA THR E 243 6.75 -29.44 18.28
C THR E 243 7.16 -30.87 17.93
N LEU E 244 7.79 -31.05 16.77
CA LEU E 244 8.27 -32.37 16.36
C LEU E 244 9.32 -32.96 17.31
N GLY E 245 10.01 -32.10 18.04
CA GLY E 245 11.13 -32.55 18.86
C GLY E 245 12.38 -32.84 18.04
N TRP E 246 12.46 -32.25 16.85
CA TRP E 246 13.61 -32.41 15.97
C TRP E 246 14.55 -31.20 16.07
N PRO E 247 15.87 -31.43 16.03
CA PRO E 247 16.77 -30.27 16.02
C PRO E 247 16.56 -29.42 14.78
N LEU E 248 16.60 -28.10 14.95
CA LEU E 248 16.46 -27.16 13.84
C LEU E 248 17.81 -26.52 13.55
N ILE E 249 18.36 -26.79 12.38
CA ILE E 249 19.56 -26.08 11.92
C ILE E 249 19.09 -24.93 11.05
N GLY E 250 19.25 -23.71 11.54
CA GLY E 250 18.66 -22.55 10.89
C GLY E 250 19.70 -21.66 10.25
N ASP E 251 19.52 -21.44 8.95
CA ASP E 251 20.41 -20.57 8.20
C ASP E 251 20.21 -19.11 8.57
N VAL E 252 21.22 -18.30 8.32
CA VAL E 252 21.07 -16.86 8.48
C VAL E 252 19.89 -16.34 7.61
N LEU E 253 19.59 -17.01 6.51
CA LEU E 253 18.50 -16.55 5.64
C LEU E 253 17.11 -17.04 6.07
N SER E 254 17.04 -17.83 7.14
CA SER E 254 15.78 -18.50 7.50
C SER E 254 14.80 -17.69 8.37
N GLN E 255 15.31 -16.77 9.18
CA GLN E 255 14.48 -16.00 10.13
C GLN E 255 13.75 -16.92 11.12
N THR E 256 14.38 -18.03 11.46
CA THR E 256 13.81 -18.99 12.43
C THR E 256 14.11 -18.62 13.87
N GLY E 257 15.03 -17.67 14.06
CA GLY E 257 15.51 -17.37 15.39
C GLY E 257 16.70 -18.24 15.77
N GLN E 258 17.06 -19.18 14.89
CA GLN E 258 18.25 -20.01 15.07
C GLN E 258 18.39 -20.55 16.48
N PRO E 259 17.45 -21.38 16.90
CA PRO E 259 17.44 -21.92 18.27
C PRO E 259 18.71 -22.74 18.62
N LEU E 260 19.41 -23.26 17.62
CA LEU E 260 20.71 -23.92 17.82
C LEU E 260 21.78 -23.13 17.08
N PRO E 261 22.12 -21.96 17.61
CA PRO E 261 22.95 -20.98 16.89
C PRO E 261 24.39 -21.43 16.71
N CYS E 262 25.11 -20.74 15.82
CA CYS E 262 26.52 -21.00 15.56
C CYS E 262 26.75 -22.41 15.01
N ALA E 263 25.80 -22.90 14.20
CA ALA E 263 25.93 -24.23 13.62
C ALA E 263 27.20 -24.39 12.80
N ASP E 264 27.67 -23.31 12.16
CA ASP E 264 28.90 -23.42 11.38
C ASP E 264 30.06 -23.79 12.29
N LEU E 265 29.92 -23.50 13.58
CA LEU E 265 30.94 -23.88 14.55
C LEU E 265 30.66 -25.28 15.13
N TRP E 266 29.46 -25.50 15.67
CA TRP E 266 29.27 -26.77 16.40
C TRP E 266 29.11 -27.98 15.47
N LEU E 267 28.79 -27.76 14.21
CA LEU E 267 28.76 -28.86 13.25
C LEU E 267 30.16 -29.41 12.99
N GLY E 268 31.18 -28.65 13.40
CA GLY E 268 32.55 -29.09 13.28
C GLY E 268 32.94 -30.01 14.42
N ASN E 269 32.06 -30.17 15.39
CA ASN E 269 32.34 -31.03 16.56
C ASN E 269 31.83 -32.44 16.30
N ALA E 270 32.72 -33.42 16.49
CA ALA E 270 32.41 -34.82 16.20
C ALA E 270 31.25 -35.35 17.03
N LYS E 271 31.06 -34.79 18.22
CA LYS E 271 29.95 -35.21 19.07
C LYS E 271 28.62 -34.83 18.42
N ALA E 272 28.60 -33.69 17.73
CA ALA E 272 27.42 -33.25 17.02
C ALA E 272 27.14 -34.13 15.80
N THR E 273 28.19 -34.41 15.04
CA THR E 273 28.00 -35.22 13.83
C THR E 273 27.62 -36.66 14.20
N SER E 274 28.15 -37.16 15.31
CA SER E 274 27.80 -38.49 15.80
C SER E 274 26.31 -38.57 16.14
N GLU E 275 25.79 -37.55 16.80
CA GLU E 275 24.38 -37.52 17.16
C GLU E 275 23.49 -37.42 15.91
N LEU E 276 23.89 -36.58 14.96
CA LEU E 276 23.11 -36.38 13.75
C LEU E 276 23.10 -37.63 12.86
N GLN E 277 24.08 -38.50 13.05
CA GLN E 277 24.11 -39.75 12.30
C GLN E 277 22.91 -40.63 12.63
N GLN E 278 22.24 -40.34 13.74
CA GLN E 278 21.07 -41.11 14.13
C GLN E 278 19.81 -40.71 13.35
N ALA E 279 19.86 -39.58 12.66
CA ALA E 279 18.70 -39.09 11.91
C ALA E 279 18.32 -40.03 10.77
N GLN E 280 17.05 -40.43 10.71
CA GLN E 280 16.53 -41.32 9.68
C GLN E 280 15.94 -40.54 8.51
N ILE E 281 15.53 -39.30 8.78
CA ILE E 281 15.03 -38.41 7.74
C ILE E 281 15.55 -37.00 8.00
N VAL E 282 15.87 -36.29 6.92
CA VAL E 282 16.15 -34.86 7.01
C VAL E 282 15.12 -34.12 6.17
N VAL E 283 14.42 -33.17 6.79
CA VAL E 283 13.50 -32.33 6.04
C VAL E 283 14.08 -30.93 5.94
N GLN E 284 14.47 -30.54 4.74
CA GLN E 284 15.00 -29.21 4.48
C GLN E 284 13.90 -28.35 3.88
N LEU E 285 13.69 -27.17 4.45
CA LEU E 285 12.72 -26.23 3.93
C LEU E 285 13.45 -24.97 3.50
N GLY E 286 13.31 -24.59 2.24
CA GLY E 286 14.10 -23.50 1.69
C GLY E 286 15.43 -24.05 1.15
N SER E 287 16.26 -23.17 0.59
CA SER E 287 17.50 -23.64 -0.02
C SER E 287 18.55 -22.54 0.03
N SER E 288 19.59 -22.68 -0.80
CA SER E 288 20.77 -21.77 -0.77
C SER E 288 21.40 -21.68 0.61
N LEU E 289 21.72 -22.84 1.18
CA LEU E 289 22.37 -22.90 2.50
C LEU E 289 23.72 -22.19 2.48
N THR E 290 24.04 -21.51 3.56
CA THR E 290 25.17 -20.58 3.59
C THR E 290 26.51 -21.17 4.05
N GLY E 291 26.49 -21.83 5.20
CA GLY E 291 27.70 -22.21 5.90
C GLY E 291 28.45 -23.41 5.36
N LYS E 292 29.77 -23.37 5.48
CA LYS E 292 30.61 -24.44 4.98
C LYS E 292 30.37 -25.74 5.74
N ARG E 293 30.28 -25.64 7.06
CA ARG E 293 30.09 -26.84 7.87
C ARG E 293 28.74 -27.48 7.59
N LEU E 294 27.71 -26.64 7.39
CA LEU E 294 26.38 -27.14 7.06
C LEU E 294 26.39 -27.80 5.68
N LEU E 295 27.00 -27.14 4.70
CA LEU E 295 27.08 -27.74 3.37
C LEU E 295 27.87 -29.06 3.41
N GLN E 296 28.91 -29.13 4.22
CA GLN E 296 29.67 -30.37 4.32
C GLN E 296 28.86 -31.46 5.00
N TRP E 297 28.16 -31.12 6.07
CA TRP E 297 27.33 -32.11 6.76
C TRP E 297 26.23 -32.60 5.84
N GLN E 298 25.59 -31.67 5.14
CA GLN E 298 24.50 -32.01 4.23
C GLN E 298 25.01 -33.00 3.20
N ALA E 299 26.21 -32.74 2.70
CA ALA E 299 26.80 -33.60 1.68
C ALA E 299 27.14 -34.98 2.22
N SER E 300 27.49 -35.07 3.50
CA SER E 300 27.96 -36.32 4.09
C SER E 300 26.87 -37.16 4.72
N CYS E 301 25.75 -36.55 5.09
CA CYS E 301 24.73 -37.30 5.85
C CYS E 301 24.05 -38.35 4.97
N GLU E 302 23.60 -39.42 5.61
CA GLU E 302 22.99 -40.55 4.91
C GLU E 302 21.71 -41.02 5.58
N PRO E 303 20.70 -40.13 5.68
CA PRO E 303 19.39 -40.54 6.19
C PRO E 303 18.72 -41.47 5.17
N GLU E 304 17.72 -42.22 5.60
CA GLU E 304 16.98 -43.06 4.67
C GLU E 304 16.38 -42.20 3.58
N GLU E 305 15.84 -41.04 3.98
CA GLU E 305 15.32 -40.10 3.01
C GLU E 305 15.71 -38.65 3.30
N TYR E 306 15.91 -37.91 2.23
CA TYR E 306 16.19 -36.47 2.29
C TYR E 306 15.08 -35.73 1.53
N TRP E 307 14.37 -34.84 2.20
CA TRP E 307 13.33 -34.04 1.53
C TRP E 307 13.71 -32.57 1.42
N ILE E 308 13.47 -31.96 0.26
CA ILE E 308 13.59 -30.50 0.16
C ILE E 308 12.28 -29.87 -0.28
N VAL E 309 11.72 -29.04 0.60
CA VAL E 309 10.49 -28.29 0.35
C VAL E 309 10.84 -26.85 0.01
N ASP E 310 10.39 -26.37 -1.14
CA ASP E 310 10.67 -24.99 -1.55
C ASP E 310 9.73 -24.66 -2.68
N ASP E 311 9.54 -23.36 -2.93
CA ASP E 311 8.61 -22.96 -3.98
C ASP E 311 9.34 -22.76 -5.31
N ILE E 312 10.64 -23.02 -5.33
CA ILE E 312 11.35 -22.97 -6.58
C ILE E 312 11.48 -24.37 -7.13
N GLU E 313 11.59 -24.46 -8.45
CA GLU E 313 11.57 -25.75 -9.15
C GLU E 313 12.95 -26.38 -9.29
N GLY E 314 12.95 -27.68 -9.61
CA GLY E 314 14.18 -28.36 -9.97
C GLY E 314 14.89 -28.95 -8.78
N ARG E 315 15.95 -29.70 -9.03
CA ARG E 315 16.72 -30.29 -7.94
C ARG E 315 17.40 -29.19 -7.13
N LEU E 316 17.42 -29.36 -5.80
CA LEU E 316 18.01 -28.37 -4.91
C LEU E 316 19.01 -28.97 -3.93
N ASP E 317 19.29 -30.26 -4.08
CA ASP E 317 20.24 -31.00 -3.25
C ASP E 317 21.52 -31.29 -4.04
N PRO E 318 22.60 -30.53 -3.77
CA PRO E 318 23.83 -30.71 -4.54
C PRO E 318 24.59 -31.99 -4.19
N ALA E 319 24.07 -32.77 -3.24
CA ALA E 319 24.67 -34.05 -2.89
C ALA E 319 23.86 -35.24 -3.41
N HIS E 320 22.73 -34.95 -4.06
CA HIS E 320 21.95 -35.94 -4.79
C HIS E 320 21.45 -37.11 -3.94
N HIS E 321 20.94 -36.82 -2.75
CA HIS E 321 20.38 -37.85 -1.87
C HIS E 321 19.15 -38.53 -2.44
N ARG E 322 18.97 -39.80 -2.07
CA ARG E 322 17.71 -40.50 -2.24
C ARG E 322 16.64 -39.76 -1.44
N GLY E 323 15.50 -39.49 -2.05
CA GLY E 323 14.49 -38.74 -1.32
C GLY E 323 13.49 -38.04 -2.20
N ARG E 324 13.08 -36.84 -1.79
CA ARG E 324 11.95 -36.17 -2.41
C ARG E 324 12.24 -34.69 -2.61
N ARG E 325 11.74 -34.17 -3.72
CA ARG E 325 11.88 -32.77 -4.07
C ARG E 325 10.44 -32.27 -4.21
N LEU E 326 10.00 -31.52 -3.21
CA LEU E 326 8.59 -31.14 -3.06
C LEU E 326 8.42 -29.65 -3.33
N ILE E 327 7.64 -29.33 -4.36
CA ILE E 327 7.43 -27.96 -4.78
C ILE E 327 6.18 -27.42 -4.11
N ALA E 328 6.35 -26.41 -3.28
CA ALA E 328 5.23 -25.89 -2.49
C ALA E 328 5.56 -24.57 -1.82
N ASN E 329 4.53 -23.79 -1.55
CA ASN E 329 4.69 -22.68 -0.60
C ASN E 329 4.96 -23.29 0.77
N ILE E 330 6.02 -22.85 1.44
CA ILE E 330 6.44 -23.51 2.69
C ILE E 330 5.37 -23.46 3.78
N ALA E 331 4.69 -22.32 3.95
CA ALA E 331 3.65 -22.20 4.96
C ALA E 331 2.48 -23.16 4.66
N ASP E 332 2.08 -23.20 3.39
CA ASP E 332 1.02 -24.14 2.97
C ASP E 332 1.42 -25.58 3.23
N TRP E 333 2.68 -25.91 2.94
CA TRP E 333 3.18 -27.27 3.07
C TRP E 333 3.13 -27.70 4.54
N LEU E 334 3.50 -26.79 5.44
CA LEU E 334 3.49 -27.09 6.87
C LEU E 334 2.07 -27.37 7.36
N GLU E 335 1.07 -26.69 6.81
CA GLU E 335 -0.30 -26.99 7.20
C GLU E 335 -0.73 -28.39 6.74
N LEU E 336 -0.22 -28.79 5.57
CA LEU E 336 -0.54 -30.12 5.02
C LEU E 336 0.23 -31.25 5.69
N HIS E 337 1.35 -30.91 6.30
CA HIS E 337 2.18 -31.90 6.98
C HIS E 337 2.48 -31.42 8.41
N PRO E 338 1.44 -31.37 9.24
CA PRO E 338 1.54 -30.80 10.59
C PRO E 338 2.38 -31.64 11.55
N ALA E 339 2.89 -30.97 12.57
CA ALA E 339 3.63 -31.62 13.65
C ALA E 339 2.70 -32.12 14.74
N GLU E 340 3.06 -33.22 15.38
CA GLU E 340 2.40 -33.56 16.62
C GLU E 340 3.46 -33.59 17.70
N LYS E 341 3.11 -33.10 18.89
CA LYS E 341 4.08 -32.96 19.97
C LYS E 341 4.73 -34.29 20.28
N ARG E 342 6.06 -34.30 20.25
CA ARG E 342 6.83 -35.48 20.53
C ARG E 342 8.09 -35.10 21.30
N GLN E 343 8.55 -36.00 22.16
CA GLN E 343 9.75 -35.77 22.97
C GLN E 343 10.97 -35.59 22.08
N PRO E 344 11.76 -34.54 22.32
CA PRO E 344 13.00 -34.29 21.56
C PRO E 344 13.97 -35.46 21.68
N TRP E 345 14.66 -35.80 20.59
CA TRP E 345 15.56 -36.94 20.63
C TRP E 345 17.03 -36.55 20.77
N CYS E 346 17.36 -35.30 20.49
CA CYS E 346 18.74 -34.81 20.63
C CYS E 346 19.09 -34.38 22.05
N VAL E 347 20.25 -34.80 22.53
CA VAL E 347 20.69 -34.46 23.89
C VAL E 347 21.98 -33.63 23.89
N GLU E 348 22.92 -34.00 23.02
CA GLU E 348 24.24 -33.37 23.03
C GLU E 348 24.29 -32.01 22.34
N ILE E 349 23.57 -31.88 21.24
CA ILE E 349 23.71 -30.71 20.38
C ILE E 349 23.24 -29.41 21.05
N PRO E 350 22.11 -29.43 21.76
CA PRO E 350 21.72 -28.17 22.42
C PRO E 350 22.78 -27.62 23.36
N ARG E 351 23.48 -28.49 24.09
CA ARG E 351 24.58 -28.07 24.96
C ARG E 351 25.74 -27.50 24.15
N LEU E 352 26.12 -28.18 23.08
CA LEU E 352 27.23 -27.76 22.24
C LEU E 352 26.96 -26.39 21.63
N ALA E 353 25.72 -26.17 21.17
CA ALA E 353 25.36 -24.89 20.57
C ALA E 353 25.47 -23.76 21.59
N GLU E 354 25.06 -24.02 22.82
CA GLU E 354 25.15 -23.02 23.87
C GLU E 354 26.60 -22.66 24.15
N GLN E 355 27.44 -23.68 24.24
CA GLN E 355 28.87 -23.49 24.46
C GLN E 355 29.52 -22.74 23.29
N ALA E 356 29.06 -23.05 22.09
CA ALA E 356 29.57 -22.39 20.89
C ALA E 356 29.28 -20.90 20.92
N MET E 357 28.03 -20.53 21.22
CA MET E 357 27.68 -19.11 21.32
C MET E 357 28.49 -18.42 22.42
N GLN E 358 28.67 -19.12 23.54
CA GLN E 358 29.45 -18.59 24.66
C GLN E 358 30.88 -18.30 24.24
N ALA E 359 31.45 -19.17 23.42
CA ALA E 359 32.81 -18.98 22.93
C ALA E 359 32.90 -17.72 22.07
N VAL E 360 31.86 -17.46 21.29
CA VAL E 360 31.83 -16.27 20.45
C VAL E 360 31.65 -15.02 21.31
N ILE E 361 30.73 -15.09 22.27
CA ILE E 361 30.47 -13.95 23.17
C ILE E 361 31.76 -13.56 23.90
N ALA E 362 32.56 -14.56 24.27
CA ALA E 362 33.81 -14.29 24.97
C ALA E 362 34.75 -13.39 24.16
N ARG E 363 34.57 -13.36 22.85
CA ARG E 363 35.44 -12.59 21.96
C ARG E 363 34.75 -11.39 21.32
N ARG E 364 33.70 -10.88 21.97
CA ARG E 364 32.86 -9.86 21.35
C ARG E 364 33.48 -8.47 21.35
N ASP E 365 34.54 -8.28 22.12
CA ASP E 365 35.03 -6.93 22.40
C ASP E 365 35.88 -6.28 21.31
N ALA E 366 36.72 -7.06 20.62
CA ALA E 366 37.60 -6.48 19.60
C ALA E 366 36.79 -5.76 18.54
N PHE E 367 37.27 -4.61 18.06
CA PHE E 367 36.54 -3.85 17.04
C PHE E 367 36.83 -4.38 15.63
N GLY E 368 36.32 -5.56 15.32
CA GLY E 368 36.57 -6.23 14.06
C GLY E 368 35.29 -6.66 13.35
N GLU E 369 35.42 -7.19 12.13
CA GLU E 369 34.24 -7.57 11.36
C GLU E 369 33.57 -8.83 11.92
N ALA E 370 34.34 -9.73 12.54
CA ALA E 370 33.74 -10.91 13.16
C ALA E 370 32.83 -10.45 14.30
N GLN E 371 33.31 -9.48 15.07
CA GLN E 371 32.55 -8.95 16.20
C GLN E 371 31.34 -8.16 15.75
N LEU E 372 31.51 -7.35 14.70
CA LEU E 372 30.36 -6.64 14.13
C LEU E 372 29.28 -7.64 13.74
N ALA E 373 29.69 -8.71 13.07
CA ALA E 373 28.76 -9.74 12.66
C ALA E 373 28.05 -10.37 13.85
N HIS E 374 28.83 -10.72 14.85
CA HIS E 374 28.29 -11.32 16.06
C HIS E 374 27.25 -10.41 16.72
N ARG E 375 27.55 -9.11 16.76
CA ARG E 375 26.70 -8.16 17.46
C ARG E 375 25.59 -7.57 16.62
N ILE E 376 25.44 -8.01 15.37
CA ILE E 376 24.62 -7.28 14.41
C ILE E 376 23.16 -7.15 14.86
N CYS E 377 22.68 -8.11 15.65
N CYS E 377 22.71 -8.09 15.69
CA CYS E 377 21.32 -8.03 16.19
CA CYS E 377 21.34 -8.06 16.19
C CYS E 377 21.10 -6.74 16.96
C CYS E 377 21.09 -6.80 17.02
N ASP E 378 22.15 -6.26 17.61
CA ASP E 378 22.07 -5.04 18.41
C ASP E 378 21.83 -3.80 17.55
N TYR E 379 22.03 -3.90 16.24
CA TYR E 379 21.95 -2.72 15.40
C TYR E 379 20.82 -2.77 14.39
N LEU E 380 20.02 -3.84 14.42
CA LEU E 380 18.89 -3.95 13.50
C LEU E 380 17.87 -2.86 13.77
N PRO E 381 17.43 -2.15 12.72
CA PRO E 381 16.43 -1.09 12.89
C PRO E 381 15.09 -1.67 13.32
N GLU E 382 14.41 -1.03 14.26
CA GLU E 382 13.10 -1.55 14.68
C GLU E 382 12.10 -1.51 13.52
N GLN E 383 11.39 -2.63 13.36
CA GLN E 383 10.41 -2.82 12.29
C GLN E 383 11.05 -2.60 10.90
N GLY E 384 12.33 -2.96 10.81
CA GLY E 384 13.10 -2.81 9.58
C GLY E 384 13.41 -4.14 8.93
N GLN E 385 14.45 -4.14 8.08
CA GLN E 385 14.87 -5.34 7.36
C GLN E 385 16.38 -5.28 7.17
N LEU E 386 16.97 -6.46 7.02
CA LEU E 386 18.42 -6.59 6.83
C LEU E 386 18.70 -7.06 5.41
N PHE E 387 19.58 -6.36 4.69
CA PHE E 387 20.08 -6.87 3.42
C PHE E 387 21.54 -7.25 3.60
N VAL E 388 21.83 -8.54 3.48
N VAL E 388 21.84 -8.54 3.47
CA VAL E 388 23.19 -9.02 3.74
CA VAL E 388 23.19 -9.02 3.76
C VAL E 388 23.94 -9.29 2.45
C VAL E 388 23.95 -9.31 2.47
N GLY E 389 25.15 -8.74 2.36
CA GLY E 389 25.96 -8.90 1.17
C GLY E 389 26.60 -10.27 1.07
N ASN E 390 27.45 -10.42 0.06
CA ASN E 390 28.10 -11.69 -0.17
C ASN E 390 29.54 -11.66 0.33
N SER E 391 30.22 -12.79 0.18
CA SER E 391 31.58 -13.01 0.69
C SER E 391 31.59 -13.20 2.22
N LEU E 392 32.47 -12.53 2.97
CA LEU E 392 32.60 -12.85 4.40
C LEU E 392 31.39 -12.49 5.27
N VAL E 393 30.73 -11.37 4.98
CA VAL E 393 29.71 -10.89 5.92
C VAL E 393 28.58 -11.90 6.11
N VAL E 394 28.08 -12.51 5.04
CA VAL E 394 26.96 -13.45 5.21
C VAL E 394 27.43 -14.69 5.99
N ARG E 395 28.68 -15.08 5.75
CA ARG E 395 29.26 -16.23 6.44
C ARG E 395 29.52 -15.94 7.92
N LEU E 396 30.00 -14.74 8.22
CA LEU E 396 30.26 -14.37 9.61
C LEU E 396 28.95 -14.20 10.41
N ILE E 397 27.95 -13.55 9.84
CA ILE E 397 26.69 -13.43 10.56
C ILE E 397 26.09 -14.83 10.78
N ASP E 398 26.13 -15.66 9.73
CA ASP E 398 25.58 -17.01 9.85
C ASP E 398 26.27 -17.81 10.94
N ALA E 399 27.59 -17.64 11.04
CA ALA E 399 28.37 -18.45 11.98
C ALA E 399 28.32 -17.92 13.40
N LEU E 400 28.23 -16.59 13.56
CA LEU E 400 28.55 -15.96 14.83
C LEU E 400 27.39 -15.22 15.50
N SER E 401 26.30 -15.00 14.77
CA SER E 401 25.18 -14.25 15.30
C SER E 401 23.94 -15.12 15.40
N GLN E 402 23.01 -14.72 16.25
CA GLN E 402 21.70 -15.35 16.35
C GLN E 402 20.65 -14.30 16.01
N LEU E 403 20.13 -14.34 14.78
CA LEU E 403 19.17 -13.35 14.34
C LEU E 403 17.76 -13.67 14.83
N PRO E 404 16.97 -12.62 15.13
CA PRO E 404 15.63 -12.79 15.71
C PRO E 404 14.66 -13.49 14.77
N ALA E 405 13.81 -14.36 15.32
CA ALA E 405 12.78 -15.01 14.51
C ALA E 405 11.85 -13.97 13.89
N GLY E 406 11.56 -14.15 12.61
CA GLY E 406 10.66 -13.27 11.90
C GLY E 406 11.21 -11.92 11.47
N TYR E 407 12.47 -11.62 11.79
CA TYR E 407 13.05 -10.37 11.34
C TYR E 407 13.53 -10.54 9.89
N PRO E 408 12.96 -9.76 8.96
CA PRO E 408 13.20 -10.00 7.53
C PRO E 408 14.67 -9.85 7.13
N VAL E 409 15.16 -10.88 6.45
CA VAL E 409 16.50 -10.87 5.87
C VAL E 409 16.41 -11.06 4.35
N TYR E 410 17.13 -10.24 3.61
CA TYR E 410 17.19 -10.36 2.15
C TYR E 410 18.63 -10.47 1.67
N SER E 411 18.82 -11.05 0.49
CA SER E 411 20.15 -11.35 -0.02
C SER E 411 20.10 -11.72 -1.50
N ASN E 412 21.27 -11.75 -2.14
CA ASN E 412 21.43 -12.30 -3.49
C ASN E 412 22.29 -13.56 -3.42
N ARG E 413 21.69 -14.68 -2.98
CA ARG E 413 22.46 -15.90 -2.73
C ARG E 413 22.15 -17.04 -3.71
N GLY E 414 21.59 -16.72 -4.87
CA GLY E 414 21.43 -17.73 -5.90
C GLY E 414 22.80 -17.97 -6.51
N ALA E 415 23.29 -16.96 -7.24
CA ALA E 415 24.62 -17.01 -7.82
C ALA E 415 25.66 -16.28 -6.97
N SER E 416 25.19 -15.59 -5.92
CA SER E 416 26.07 -14.90 -4.97
C SER E 416 27.03 -13.90 -5.61
N GLY E 417 26.52 -13.15 -6.58
CA GLY E 417 27.32 -12.15 -7.24
C GLY E 417 27.65 -10.97 -6.33
N ILE E 418 28.85 -10.42 -6.46
CA ILE E 418 29.16 -9.16 -5.76
C ILE E 418 28.95 -7.97 -6.68
N ASP E 419 28.20 -8.17 -7.77
CA ASP E 419 28.10 -7.14 -8.81
C ASP E 419 26.87 -6.23 -8.73
N GLY E 420 25.93 -6.51 -7.84
CA GLY E 420 24.71 -5.70 -7.81
C GLY E 420 24.12 -5.43 -6.44
N LEU E 421 24.97 -5.42 -5.42
CA LEU E 421 24.45 -5.43 -4.06
C LEU E 421 23.86 -4.10 -3.62
N LEU E 422 24.47 -2.98 -4.02
CA LEU E 422 23.94 -1.68 -3.61
C LEU E 422 22.62 -1.36 -4.32
N SER E 423 22.55 -1.64 -5.61
CA SER E 423 21.33 -1.37 -6.37
C SER E 423 20.24 -2.33 -5.93
N THR E 424 20.61 -3.57 -5.60
CA THR E 424 19.60 -4.50 -5.09
C THR E 424 19.05 -3.97 -3.76
N ALA E 425 19.95 -3.51 -2.89
CA ALA E 425 19.56 -2.96 -1.59
C ALA E 425 18.61 -1.79 -1.76
N ALA E 426 18.87 -0.94 -2.76
CA ALA E 426 17.99 0.18 -3.04
C ALA E 426 16.57 -0.29 -3.37
N GLY E 427 16.47 -1.32 -4.21
CA GLY E 427 15.14 -1.85 -4.56
C GLY E 427 14.45 -2.50 -3.39
N VAL E 428 15.22 -3.22 -2.57
CA VAL E 428 14.70 -3.85 -1.37
C VAL E 428 14.07 -2.80 -0.46
N GLN E 429 14.76 -1.67 -0.28
CA GLN E 429 14.23 -0.60 0.55
C GLN E 429 12.94 0.00 -0.04
N ARG E 430 12.99 0.35 -1.33
CA ARG E 430 11.87 1.05 -1.96
C ARG E 430 10.62 0.18 -1.97
N ALA E 431 10.79 -1.12 -2.13
CA ALA E 431 9.63 -2.02 -2.20
C ALA E 431 8.80 -2.03 -0.93
N SER E 432 9.46 -2.08 0.23
CA SER E 432 8.74 -2.23 1.49
C SER E 432 8.57 -0.92 2.23
N GLY E 433 9.40 0.07 1.91
CA GLY E 433 9.37 1.34 2.60
C GLY E 433 9.90 1.26 4.02
N LYS E 434 10.60 0.18 4.36
CA LYS E 434 11.07 -0.03 5.72
C LYS E 434 12.49 0.49 5.89
N PRO E 435 12.83 0.92 7.11
CA PRO E 435 14.23 1.24 7.42
C PRO E 435 15.08 -0.01 7.16
N THR E 436 16.24 0.18 6.56
CA THR E 436 17.01 -0.94 6.05
C THR E 436 18.45 -0.85 6.49
N LEU E 437 18.99 -1.97 6.96
CA LEU E 437 20.43 -2.11 7.22
C LEU E 437 21.01 -2.99 6.12
N ALA E 438 21.97 -2.45 5.38
CA ALA E 438 22.65 -3.20 4.31
C ALA E 438 24.12 -3.26 4.66
N ILE E 439 24.69 -4.45 4.55
CA ILE E 439 26.09 -4.64 4.91
C ILE E 439 26.84 -5.34 3.78
N VAL E 440 27.90 -4.69 3.30
CA VAL E 440 28.67 -5.24 2.17
C VAL E 440 30.16 -5.05 2.40
N GLY E 441 30.97 -5.78 1.63
CA GLY E 441 32.43 -5.61 1.69
C GLY E 441 32.93 -4.52 0.77
N ASP E 442 34.23 -4.22 0.83
CA ASP E 442 34.77 -3.10 0.07
C ASP E 442 34.80 -3.34 -1.44
N LEU E 443 35.17 -4.54 -1.88
CA LEU E 443 35.18 -4.78 -3.32
C LEU E 443 33.74 -4.74 -3.83
N SER E 444 32.81 -5.25 -3.04
CA SER E 444 31.40 -5.21 -3.41
C SER E 444 30.90 -3.78 -3.60
N ALA E 445 31.25 -2.89 -2.69
CA ALA E 445 30.82 -1.51 -2.80
C ALA E 445 31.47 -0.83 -4.01
N LEU E 446 32.73 -1.14 -4.29
CA LEU E 446 33.37 -0.59 -5.49
C LEU E 446 32.67 -1.07 -6.76
N TYR E 447 32.34 -2.36 -6.79
CA TYR E 447 31.76 -2.99 -7.95
C TYR E 447 30.51 -2.24 -8.38
N ASP E 448 29.65 -1.94 -7.41
CA ASP E 448 28.38 -1.28 -7.70
C ASP E 448 28.37 0.15 -7.19
N LEU E 449 29.53 0.81 -7.29
CA LEU E 449 29.72 2.14 -6.72
C LEU E 449 28.69 3.16 -7.23
N ASN E 450 28.36 3.11 -8.52
CA ASN E 450 27.49 4.16 -9.04
C ASN E 450 26.05 3.98 -8.57
N ALA E 451 25.74 2.88 -7.88
CA ALA E 451 24.41 2.72 -7.30
C ALA E 451 24.21 3.64 -6.10
N LEU E 452 25.27 4.27 -5.62
CA LEU E 452 25.09 5.30 -4.60
C LEU E 452 24.17 6.40 -5.12
N ALA E 453 24.11 6.59 -6.43
CA ALA E 453 23.16 7.54 -7.01
C ALA E 453 21.72 7.15 -6.67
N LEU E 454 21.40 5.86 -6.74
CA LEU E 454 20.06 5.38 -6.42
C LEU E 454 19.75 5.55 -4.93
N LEU E 455 20.76 5.39 -4.10
CA LEU E 455 20.55 5.46 -2.66
C LEU E 455 20.30 6.90 -2.17
N ARG E 456 20.40 7.88 -3.09
CA ARG E 456 20.00 9.25 -2.77
C ARG E 456 18.48 9.37 -2.64
N GLN E 457 17.76 8.34 -3.08
CA GLN E 457 16.30 8.29 -2.95
C GLN E 457 15.83 7.01 -2.27
N VAL E 458 15.64 7.11 -0.95
CA VAL E 458 15.06 6.03 -0.15
C VAL E 458 13.89 6.61 0.64
N SER E 459 12.90 5.78 0.99
CA SER E 459 11.68 6.29 1.64
C SER E 459 11.74 6.20 3.17
N ALA E 460 12.83 5.60 3.67
CA ALA E 460 13.07 5.44 5.10
C ALA E 460 14.59 5.37 5.24
N PRO E 461 15.10 5.54 6.47
CA PRO E 461 16.57 5.51 6.60
C PRO E 461 17.17 4.20 6.12
N LEU E 462 18.27 4.30 5.38
CA LEU E 462 19.02 3.12 5.00
C LEU E 462 20.46 3.32 5.43
N VAL E 463 20.94 2.40 6.25
CA VAL E 463 22.35 2.40 6.64
C VAL E 463 23.10 1.40 5.77
N LEU E 464 24.10 1.88 5.06
CA LEU E 464 24.97 1.03 4.27
C LEU E 464 26.29 0.91 5.01
N ILE E 465 26.52 -0.24 5.63
CA ILE E 465 27.82 -0.50 6.23
C ILE E 465 28.74 -1.08 5.18
N VAL E 466 29.89 -0.44 4.99
CA VAL E 466 30.93 -0.98 4.11
C VAL E 466 32.04 -1.45 5.01
N VAL E 467 32.25 -2.76 5.06
CA VAL E 467 33.36 -3.34 5.81
C VAL E 467 34.58 -3.30 4.91
N ASN E 468 35.55 -2.45 5.26
CA ASN E 468 36.74 -2.26 4.44
C ASN E 468 37.92 -3.00 5.04
N ASN E 469 38.20 -4.20 4.52
CA ASN E 469 39.36 -4.98 4.96
C ASN E 469 40.40 -5.06 3.85
N ASN E 470 40.29 -4.12 2.91
CA ASN E 470 41.27 -3.91 1.82
C ASN E 470 41.47 -5.16 0.95
N GLY E 471 40.42 -5.54 0.24
CA GLY E 471 40.46 -6.67 -0.67
C GLY E 471 39.37 -7.67 -0.37
N GLY E 472 39.35 -8.78 -1.13
CA GLY E 472 38.40 -9.86 -0.91
C GLY E 472 38.97 -10.86 0.08
N GLN E 473 38.80 -10.60 1.36
CA GLN E 473 39.50 -11.36 2.38
C GLN E 473 38.89 -12.75 2.55
N ILE E 474 37.80 -13.04 1.85
CA ILE E 474 37.35 -14.43 1.77
C ILE E 474 38.49 -15.31 1.23
N PHE E 475 39.40 -14.73 0.44
CA PHE E 475 40.51 -15.50 -0.11
C PHE E 475 41.66 -15.62 0.88
N SER E 476 41.50 -15.03 2.06
CA SER E 476 42.40 -15.29 3.19
C SER E 476 41.82 -16.40 4.08
N LEU E 477 40.53 -16.67 3.91
CA LEU E 477 39.86 -17.76 4.63
C LEU E 477 40.04 -19.08 3.86
N LEU E 478 39.82 -19.02 2.55
CA LEU E 478 40.13 -20.14 1.66
C LEU E 478 41.63 -20.38 1.62
N PRO E 479 42.04 -21.64 1.38
CA PRO E 479 43.44 -22.03 1.34
C PRO E 479 44.15 -21.66 0.03
N THR E 480 44.02 -20.40 -0.36
CA THR E 480 44.67 -19.89 -1.57
C THR E 480 46.18 -19.83 -1.36
N PRO E 481 46.98 -20.00 -2.44
CA PRO E 481 48.44 -19.98 -2.27
C PRO E 481 48.99 -18.60 -1.92
N GLN E 482 49.85 -18.51 -0.90
CA GLN E 482 50.28 -17.23 -0.38
C GLN E 482 51.02 -16.36 -1.40
N SER E 483 51.79 -17.01 -2.27
CA SER E 483 52.60 -16.28 -3.25
C SER E 483 51.76 -15.43 -4.21
N GLU E 484 50.64 -15.98 -4.63
CA GLU E 484 49.76 -15.31 -5.59
C GLU E 484 48.56 -14.61 -4.95
N ARG E 485 48.43 -14.74 -3.64
CA ARG E 485 47.19 -14.32 -2.97
C ARG E 485 46.85 -12.84 -3.10
N GLU E 486 47.81 -11.95 -2.82
CA GLU E 486 47.47 -10.53 -2.83
C GLU E 486 47.15 -10.04 -4.25
N ARG E 487 48.02 -10.36 -5.20
CA ARG E 487 47.86 -9.83 -6.54
C ARG E 487 46.68 -10.45 -7.28
N PHE E 488 46.51 -11.76 -7.15
CA PHE E 488 45.55 -12.46 -8.01
C PHE E 488 44.28 -12.91 -7.30
N TYR E 489 44.21 -12.75 -5.98
CA TYR E 489 42.98 -13.09 -5.26
C TYR E 489 42.41 -11.91 -4.46
N LEU E 490 43.16 -11.42 -3.48
CA LEU E 490 42.66 -10.36 -2.60
C LEU E 490 42.40 -9.07 -3.37
N MET E 491 43.34 -8.72 -4.24
CA MET E 491 43.26 -7.50 -5.05
C MET E 491 42.84 -6.26 -4.24
N PRO E 492 43.62 -5.93 -3.21
CA PRO E 492 43.35 -4.71 -2.45
C PRO E 492 43.35 -3.49 -3.36
N GLN E 493 42.39 -2.58 -3.17
CA GLN E 493 42.31 -1.38 -4.00
C GLN E 493 42.75 -0.12 -3.26
N ASN E 494 42.99 -0.25 -1.95
CA ASN E 494 43.52 0.85 -1.14
C ASN E 494 42.74 2.14 -1.31
N VAL E 495 41.44 2.06 -1.01
CA VAL E 495 40.58 3.22 -1.06
C VAL E 495 39.81 3.35 0.23
N HIS E 496 39.18 4.51 0.41
CA HIS E 496 38.14 4.69 1.40
C HIS E 496 36.90 5.23 0.71
N PHE E 497 35.81 5.39 1.46
CA PHE E 497 34.53 5.72 0.84
C PHE E 497 33.95 7.08 1.23
N GLU E 498 34.74 7.90 1.90
CA GLU E 498 34.29 9.24 2.28
C GLU E 498 33.99 10.11 1.06
N HIS E 499 34.85 10.01 0.06
CA HIS E 499 34.65 10.80 -1.15
C HIS E 499 33.49 10.28 -1.98
N ALA E 500 33.28 8.96 -1.97
CA ALA E 500 32.13 8.37 -2.66
C ALA E 500 30.82 8.90 -2.06
N ALA E 501 30.72 8.88 -0.73
CA ALA E 501 29.54 9.43 -0.06
C ALA E 501 29.39 10.92 -0.38
N ALA E 502 30.47 11.67 -0.32
CA ALA E 502 30.41 13.11 -0.57
C ALA E 502 29.92 13.40 -2.00
N MET E 503 30.37 12.61 -2.97
CA MET E 503 29.96 12.80 -4.35
C MET E 503 28.44 12.75 -4.51
N PHE E 504 27.81 11.87 -3.74
CA PHE E 504 26.36 11.68 -3.88
C PHE E 504 25.62 12.32 -2.71
N GLU E 505 26.32 13.20 -2.00
CA GLU E 505 25.74 14.00 -0.93
C GLU E 505 25.07 13.13 0.11
N LEU E 506 25.73 12.02 0.43
CA LEU E 506 25.26 11.10 1.46
C LEU E 506 26.05 11.30 2.73
N LYS E 507 25.36 11.28 3.87
CA LYS E 507 26.05 11.36 5.15
C LYS E 507 27.00 10.17 5.33
N TYR E 508 28.11 10.44 6.00
CA TYR E 508 29.19 9.47 6.15
C TYR E 508 29.78 9.45 7.55
N HIS E 509 30.04 8.24 8.04
CA HIS E 509 30.75 8.06 9.30
C HIS E 509 31.85 7.03 9.15
N ARG E 510 32.99 7.27 9.79
CA ARG E 510 34.03 6.24 9.88
C ARG E 510 34.35 6.00 11.34
N PRO E 511 33.52 5.22 12.04
CA PRO E 511 33.67 4.99 13.47
C PRO E 511 34.92 4.20 13.83
N GLN E 512 35.59 4.58 14.91
CA GLN E 512 36.84 3.93 15.29
C GLN E 512 36.69 3.00 16.49
N ASN E 513 35.50 3.01 17.10
CA ASN E 513 35.21 2.12 18.21
C ASN E 513 33.69 1.91 18.35
N TRP E 514 33.29 1.04 19.28
CA TRP E 514 31.87 0.69 19.42
C TRP E 514 31.00 1.89 19.79
N GLN E 515 31.53 2.78 20.61
CA GLN E 515 30.77 3.98 21.01
C GLN E 515 30.48 4.85 19.80
N GLU E 516 31.49 5.06 18.97
CA GLU E 516 31.30 5.86 17.77
C GLU E 516 30.37 5.18 16.79
N LEU E 517 30.43 3.85 16.72
CA LEU E 517 29.50 3.13 15.86
C LEU E 517 28.06 3.32 16.34
N GLU E 518 27.84 3.19 17.64
CA GLU E 518 26.48 3.36 18.18
C GLU E 518 25.96 4.78 17.96
N THR E 519 26.86 5.75 18.11
CA THR E 519 26.50 7.13 17.88
C THR E 519 26.14 7.33 16.40
N ALA E 520 26.92 6.71 15.50
CA ALA E 520 26.64 6.80 14.08
C ALA E 520 25.26 6.23 13.72
N PHE E 521 24.93 5.08 14.27
CA PHE E 521 23.61 4.51 14.03
C PHE E 521 22.52 5.44 14.55
N ALA E 522 22.73 5.94 15.75
CA ALA E 522 21.75 6.82 16.38
C ALA E 522 21.46 8.03 15.49
N ASP E 523 22.52 8.59 14.91
CA ASP E 523 22.37 9.67 13.95
C ASP E 523 21.61 9.23 12.70
N ALA E 524 22.00 8.08 12.15
CA ALA E 524 21.53 7.64 10.84
C ALA E 524 20.03 7.35 10.77
N TRP E 525 19.47 6.78 11.84
CA TRP E 525 18.07 6.36 11.77
C TRP E 525 17.09 7.54 11.84
N ARG E 526 17.59 8.76 12.00
CA ARG E 526 16.72 9.92 12.23
C ARG E 526 15.98 10.47 11.02
N THR E 527 16.50 10.23 9.82
CA THR E 527 15.91 10.79 8.59
C THR E 527 15.80 9.76 7.48
N PRO E 528 14.84 9.94 6.55
CA PRO E 528 14.65 9.01 5.44
C PRO E 528 15.71 9.18 4.36
N THR E 529 16.96 8.92 4.73
CA THR E 529 18.08 9.07 3.81
C THR E 529 19.08 7.94 4.03
N THR E 530 20.00 7.79 3.09
CA THR E 530 21.05 6.81 3.20
C THR E 530 22.29 7.37 3.91
N THR E 531 22.75 6.64 4.93
CA THR E 531 24.01 6.96 5.60
C THR E 531 25.01 5.87 5.31
N VAL E 532 26.21 6.27 4.89
CA VAL E 532 27.29 5.32 4.67
C VAL E 532 28.14 5.23 5.92
N ILE E 533 28.28 4.04 6.48
CA ILE E 533 29.17 3.84 7.63
C ILE E 533 30.30 2.93 7.20
N GLU E 534 31.51 3.48 7.16
CA GLU E 534 32.67 2.68 6.76
C GLU E 534 33.37 2.13 7.98
N MET E 535 33.42 0.80 8.08
CA MET E 535 34.16 0.16 9.18
C MET E 535 35.49 -0.36 8.67
N VAL E 536 36.57 0.33 9.03
CA VAL E 536 37.89 -0.08 8.57
C VAL E 536 38.50 -1.05 9.57
N VAL E 537 38.88 -2.23 9.08
CA VAL E 537 39.39 -3.29 9.93
C VAL E 537 40.65 -3.87 9.32
N ASN E 538 41.46 -4.52 10.16
CA ASN E 538 42.68 -5.17 9.70
C ASN E 538 42.37 -6.35 8.79
N ASP E 539 43.06 -6.44 7.65
CA ASP E 539 42.72 -7.38 6.58
C ASP E 539 42.25 -8.77 7.00
N THR E 540 43.07 -9.52 7.75
CA THR E 540 42.79 -10.93 7.98
C THR E 540 42.18 -11.30 9.33
N ASP E 541 41.88 -10.32 10.18
CA ASP E 541 41.37 -10.62 11.51
C ASP E 541 40.05 -11.39 11.50
N GLY E 542 39.14 -11.01 10.61
CA GLY E 542 37.84 -11.67 10.53
C GLY E 542 37.98 -13.13 10.16
N ALA E 543 38.73 -13.40 9.09
CA ALA E 543 38.97 -14.76 8.66
C ALA E 543 39.65 -15.59 9.76
N GLN E 544 40.67 -15.01 10.39
CA GLN E 544 41.41 -15.75 11.41
C GLN E 544 40.57 -16.00 12.66
N THR E 545 39.73 -15.04 13.00
CA THR E 545 38.85 -15.19 14.16
C THR E 545 37.87 -16.34 13.94
N LEU E 546 37.31 -16.41 12.72
CA LEU E 546 36.40 -17.50 12.38
C LEU E 546 37.11 -18.85 12.48
N GLN E 547 38.34 -18.90 11.96
CA GLN E 547 39.11 -20.14 11.98
C GLN E 547 39.42 -20.57 13.41
N GLN E 548 39.76 -19.61 14.26
CA GLN E 548 40.08 -19.91 15.66
C GLN E 548 38.86 -20.40 16.40
N LEU E 549 37.71 -19.80 16.13
CA LEU E 549 36.48 -20.20 16.80
C LEU E 549 36.04 -21.59 16.34
N LEU E 550 36.21 -21.88 15.06
CA LEU E 550 35.93 -23.23 14.55
C LEU E 550 36.78 -24.26 15.30
N ALA E 551 38.07 -23.97 15.42
CA ALA E 551 38.99 -24.88 16.11
C ALA E 551 38.62 -25.06 17.59
N GLN E 552 38.31 -23.96 18.26
CA GLN E 552 37.95 -24.02 19.67
C GLN E 552 36.72 -24.89 19.89
N VAL E 553 35.68 -24.65 19.09
CA VAL E 553 34.42 -25.36 19.27
C VAL E 553 34.57 -26.84 18.90
N SER E 554 35.45 -27.15 17.94
CA SER E 554 35.64 -28.54 17.54
C SER E 554 36.22 -29.38 18.68
N HIS E 555 36.85 -28.71 19.66
CA HIS E 555 37.51 -29.42 20.75
C HIS E 555 36.67 -29.49 22.01
N LEU E 556 35.47 -28.93 21.97
CA LEU E 556 34.57 -28.97 23.12
C LEU E 556 34.09 -30.40 23.41
N MET F 1 46.29 -38.97 -9.48
CA MET F 1 45.48 -39.11 -8.28
C MET F 1 44.96 -37.77 -7.80
N SER F 2 45.80 -36.75 -7.81
CA SER F 2 45.40 -35.43 -7.29
C SER F 2 44.61 -34.62 -8.31
N VAL F 3 43.34 -34.39 -8.00
CA VAL F 3 42.45 -33.58 -8.82
C VAL F 3 42.93 -32.13 -8.92
N SER F 4 43.40 -31.58 -7.80
CA SER F 4 43.86 -30.19 -7.80
C SER F 4 45.05 -30.05 -8.73
N ALA F 5 45.98 -31.00 -8.66
CA ALA F 5 47.18 -30.97 -9.51
C ALA F 5 46.81 -31.14 -10.98
N PHE F 6 45.93 -32.08 -11.30
CA PHE F 6 45.58 -32.29 -12.69
C PHE F 6 44.81 -31.11 -13.27
N ASN F 7 43.93 -30.50 -12.47
CA ASN F 7 43.24 -29.28 -12.91
C ASN F 7 44.25 -28.26 -13.42
N ARG F 8 45.34 -28.12 -12.68
CA ARG F 8 46.32 -27.11 -13.05
C ARG F 8 47.14 -27.51 -14.27
N ARG F 9 47.39 -28.80 -14.46
CA ARG F 9 48.09 -29.29 -15.66
C ARG F 9 47.24 -29.10 -16.91
N TRP F 10 45.95 -29.40 -16.77
CA TRP F 10 44.95 -29.16 -17.81
C TRP F 10 44.90 -27.67 -18.17
N ALA F 11 44.77 -26.82 -17.15
CA ALA F 11 44.74 -25.38 -17.38
C ALA F 11 46.04 -24.89 -17.99
N ALA F 12 47.18 -25.46 -17.59
CA ALA F 12 48.46 -25.02 -18.13
C ALA F 12 48.56 -25.27 -19.63
N VAL F 13 47.96 -26.36 -20.09
CA VAL F 13 47.95 -26.65 -21.52
C VAL F 13 47.17 -25.57 -22.26
N ILE F 14 46.00 -25.23 -21.72
CA ILE F 14 45.15 -24.20 -22.32
C ILE F 14 45.89 -22.88 -22.47
N LEU F 15 46.51 -22.44 -21.37
N LEU F 15 46.51 -22.44 -21.39
CA LEU F 15 47.18 -21.15 -21.38
CA LEU F 15 47.17 -21.15 -21.38
C LEU F 15 48.43 -21.13 -22.27
C LEU F 15 48.42 -21.13 -22.27
N GLU F 16 49.22 -22.20 -22.22
CA GLU F 16 50.42 -22.25 -23.06
C GLU F 16 50.03 -22.28 -24.54
N ALA F 17 48.94 -22.97 -24.89
CA ALA F 17 48.50 -22.97 -26.28
C ALA F 17 48.25 -21.55 -26.78
N LEU F 18 47.65 -20.72 -25.93
CA LEU F 18 47.31 -19.36 -26.33
C LEU F 18 48.53 -18.53 -26.68
N THR F 19 49.66 -18.80 -26.01
CA THR F 19 50.85 -18.03 -26.29
C THR F 19 51.37 -18.25 -27.73
N ARG F 20 50.96 -19.35 -28.36
CA ARG F 20 51.42 -19.66 -29.70
C ARG F 20 50.61 -18.91 -30.75
N HIS F 21 49.60 -18.17 -30.31
CA HIS F 21 48.75 -17.40 -31.20
C HIS F 21 48.80 -15.89 -30.95
N GLY F 22 49.87 -15.45 -30.31
CA GLY F 22 50.10 -14.03 -30.11
C GLY F 22 49.46 -13.42 -28.88
N VAL F 23 48.88 -14.26 -28.01
CA VAL F 23 48.31 -13.73 -26.76
C VAL F 23 49.42 -13.31 -25.83
N ARG F 24 49.48 -12.02 -25.48
CA ARG F 24 50.50 -11.55 -24.55
C ARG F 24 49.82 -10.98 -23.30
N HIS F 25 48.74 -10.23 -23.49
CA HIS F 25 47.98 -9.67 -22.38
C HIS F 25 46.91 -10.63 -21.87
N ILE F 26 46.82 -10.76 -20.55
CA ILE F 26 45.72 -11.51 -19.97
C ILE F 26 45.12 -10.68 -18.82
N CYS F 27 43.79 -10.57 -18.81
CA CYS F 27 43.08 -9.76 -17.80
C CYS F 27 42.34 -10.69 -16.85
N ILE F 28 42.61 -10.55 -15.55
CA ILE F 28 42.15 -11.53 -14.57
C ILE F 28 41.31 -10.86 -13.48
N ALA F 29 40.13 -11.43 -13.21
CA ALA F 29 39.30 -11.00 -12.08
C ALA F 29 39.34 -12.09 -11.00
N PRO F 30 39.05 -11.73 -9.75
CA PRO F 30 39.25 -12.69 -8.65
C PRO F 30 38.13 -13.74 -8.53
N GLY F 31 38.51 -14.89 -8.00
CA GLY F 31 37.57 -15.97 -7.78
C GLY F 31 38.28 -17.20 -7.28
N SER F 32 37.50 -18.20 -6.91
CA SER F 32 38.05 -19.45 -6.43
C SER F 32 37.98 -20.52 -7.52
N ARG F 33 36.82 -20.65 -8.18
CA ARG F 33 36.68 -21.70 -9.20
C ARG F 33 37.65 -21.48 -10.37
N SER F 34 38.09 -20.24 -10.56
CA SER F 34 39.02 -19.89 -11.62
C SER F 34 40.47 -20.22 -11.28
N THR F 35 40.70 -20.70 -10.07
CA THR F 35 42.06 -20.98 -9.59
C THR F 35 42.97 -21.73 -10.57
N PRO F 36 42.48 -22.83 -11.19
CA PRO F 36 43.40 -23.54 -12.10
C PRO F 36 43.88 -22.66 -13.26
N LEU F 37 42.98 -21.85 -13.80
CA LEU F 37 43.31 -20.91 -14.89
C LEU F 37 44.24 -19.80 -14.40
N THR F 38 43.88 -19.19 -13.28
CA THR F 38 44.61 -18.04 -12.78
C THR F 38 46.03 -18.40 -12.34
N LEU F 39 46.18 -19.53 -11.66
CA LEU F 39 47.51 -19.97 -11.26
C LEU F 39 48.36 -20.40 -12.48
N ALA F 40 47.74 -21.06 -13.45
CA ALA F 40 48.43 -21.41 -14.68
C ALA F 40 48.93 -20.14 -15.37
N ALA F 41 48.07 -19.11 -15.38
CA ALA F 41 48.41 -17.86 -16.01
C ALA F 41 49.51 -17.14 -15.26
N ALA F 42 49.39 -17.10 -13.94
CA ALA F 42 50.36 -16.40 -13.10
C ALA F 42 51.75 -17.01 -13.24
N GLU F 43 51.79 -18.32 -13.45
CA GLU F 43 53.06 -19.06 -13.52
C GLU F 43 53.70 -18.96 -14.90
N ASN F 44 52.92 -18.51 -15.88
CA ASN F 44 53.39 -18.46 -17.27
C ASN F 44 54.00 -17.09 -17.56
N SER F 45 55.31 -17.07 -17.78
CA SER F 45 56.05 -15.83 -17.91
C SER F 45 55.82 -15.13 -19.24
N ALA F 46 55.05 -15.76 -20.12
CA ALA F 46 54.81 -15.18 -21.44
C ALA F 46 53.84 -13.98 -21.36
N PHE F 47 53.09 -13.90 -20.27
CA PHE F 47 51.98 -12.94 -20.18
C PHE F 47 52.30 -11.65 -19.43
N ILE F 48 51.64 -10.59 -19.86
CA ILE F 48 51.49 -9.38 -19.07
C ILE F 48 50.13 -9.48 -18.39
N HIS F 49 50.12 -9.49 -17.06
CA HIS F 49 48.88 -9.70 -16.31
C HIS F 49 48.27 -8.39 -15.83
N HIS F 50 46.97 -8.23 -16.10
CA HIS F 50 46.19 -7.10 -15.59
C HIS F 50 45.08 -7.61 -14.69
N THR F 51 44.77 -6.88 -13.62
CA THR F 51 43.67 -7.29 -12.75
C THR F 51 42.65 -6.18 -12.57
N HIS F 52 41.41 -6.58 -12.28
CA HIS F 52 40.34 -5.64 -11.95
C HIS F 52 39.22 -6.39 -11.24
N PHE F 53 38.48 -5.68 -10.41
CA PHE F 53 37.44 -6.32 -9.59
C PHE F 53 36.06 -6.33 -10.28
N ASP F 54 35.86 -5.46 -11.26
CA ASP F 54 34.57 -5.39 -11.98
C ASP F 54 34.72 -6.14 -13.31
N GLU F 55 34.03 -7.27 -13.46
CA GLU F 55 34.22 -8.08 -14.66
C GLU F 55 33.73 -7.39 -15.92
N ARG F 56 32.74 -6.50 -15.80
CA ARG F 56 32.30 -5.76 -16.97
C ARG F 56 33.44 -4.84 -17.41
N GLY F 57 34.06 -4.17 -16.45
CA GLY F 57 35.20 -3.31 -16.72
C GLY F 57 36.41 -4.11 -17.20
N LEU F 58 36.59 -5.30 -16.67
CA LEU F 58 37.68 -6.20 -17.08
C LEU F 58 37.56 -6.54 -18.56
N GLY F 59 36.34 -6.83 -18.99
CA GLY F 59 36.10 -7.15 -20.39
C GLY F 59 36.44 -5.98 -21.30
N HIS F 60 36.10 -4.77 -20.86
CA HIS F 60 36.37 -3.57 -21.66
C HIS F 60 37.86 -3.20 -21.61
N LEU F 61 38.52 -3.50 -20.50
CA LEU F 61 39.98 -3.33 -20.43
C LEU F 61 40.65 -4.19 -21.50
N ALA F 62 40.22 -5.45 -21.58
CA ALA F 62 40.72 -6.38 -22.59
C ALA F 62 40.39 -5.88 -23.99
N LEU F 63 39.17 -5.38 -24.16
CA LEU F 63 38.75 -4.82 -25.42
C LEU F 63 39.69 -3.70 -25.89
N GLY F 64 40.03 -2.81 -24.97
CA GLY F 64 40.90 -1.69 -25.30
C GLY F 64 42.30 -2.16 -25.67
N LEU F 65 42.80 -3.12 -24.91
CA LEU F 65 44.11 -3.71 -25.20
C LEU F 65 44.16 -4.35 -26.59
N ALA F 66 43.11 -5.10 -26.93
CA ALA F 66 43.03 -5.79 -28.22
C ALA F 66 42.84 -4.78 -29.35
N LYS F 67 42.05 -3.74 -29.07
CA LYS F 67 41.75 -2.70 -30.05
C LYS F 67 43.02 -2.05 -30.57
N VAL F 68 43.96 -1.77 -29.66
CA VAL F 68 45.18 -1.09 -30.04
C VAL F 68 46.25 -2.06 -30.54
N SER F 69 46.42 -3.18 -29.85
CA SER F 69 47.51 -4.11 -30.17
C SER F 69 47.25 -5.00 -31.40
N LYS F 70 45.98 -5.17 -31.75
CA LYS F 70 45.57 -6.02 -32.87
C LYS F 70 45.99 -7.47 -32.69
N GLN F 71 46.11 -7.89 -31.43
CA GLN F 71 46.35 -9.29 -31.10
C GLN F 71 45.24 -9.80 -30.20
N PRO F 72 45.09 -11.13 -30.14
CA PRO F 72 44.10 -11.65 -29.20
C PRO F 72 44.52 -11.37 -27.76
N VAL F 73 43.54 -11.07 -26.91
CA VAL F 73 43.76 -10.79 -25.51
C VAL F 73 42.92 -11.75 -24.68
N ALA F 74 43.51 -12.35 -23.67
CA ALA F 74 42.77 -13.34 -22.89
C ALA F 74 42.15 -12.73 -21.66
N VAL F 75 41.08 -13.36 -21.19
CA VAL F 75 40.36 -12.94 -20.00
C VAL F 75 40.06 -14.18 -19.16
N ILE F 76 40.29 -14.10 -17.86
CA ILE F 76 39.91 -15.16 -16.93
C ILE F 76 38.94 -14.65 -15.90
N VAL F 77 37.79 -15.33 -15.76
CA VAL F 77 36.84 -15.01 -14.68
C VAL F 77 36.35 -16.28 -14.03
N THR F 78 35.80 -16.14 -12.83
CA THR F 78 35.25 -17.29 -12.13
C THR F 78 33.83 -17.53 -12.60
N SER F 79 33.20 -18.59 -12.09
CA SER F 79 31.85 -18.95 -12.54
C SER F 79 30.78 -18.00 -12.01
N GLY F 80 29.60 -18.02 -12.65
CA GLY F 80 28.46 -17.25 -12.15
C GLY F 80 28.24 -15.94 -12.90
N THR F 81 27.73 -14.92 -12.21
CA THR F 81 27.45 -13.64 -12.89
C THR F 81 28.72 -12.95 -13.35
N ALA F 82 29.87 -13.31 -12.80
CA ALA F 82 31.14 -12.82 -13.32
C ALA F 82 31.21 -13.05 -14.84
N VAL F 83 30.76 -14.22 -15.28
CA VAL F 83 30.80 -14.58 -16.69
C VAL F 83 29.86 -13.68 -17.49
N ALA F 84 28.66 -13.50 -16.96
CA ALA F 84 27.65 -12.67 -17.63
C ALA F 84 28.14 -11.24 -17.84
N ASN F 85 28.96 -10.76 -16.92
CA ASN F 85 29.45 -9.39 -17.00
C ASN F 85 30.38 -9.16 -18.18
N LEU F 86 30.86 -10.25 -18.80
CA LEU F 86 31.71 -10.10 -19.99
C LEU F 86 30.92 -9.82 -21.26
N TYR F 87 29.59 -9.90 -21.18
CA TYR F 87 28.76 -9.84 -22.39
C TYR F 87 28.92 -8.55 -23.19
N PRO F 88 28.88 -7.40 -22.50
CA PRO F 88 28.99 -6.15 -23.27
C PRO F 88 30.27 -6.09 -24.11
N ALA F 89 31.42 -6.38 -23.53
CA ALA F 89 32.67 -6.32 -24.29
C ALA F 89 32.70 -7.34 -25.42
N LEU F 90 32.14 -8.53 -25.17
CA LEU F 90 32.09 -9.58 -26.16
C LEU F 90 31.26 -9.17 -27.37
N ILE F 91 30.13 -8.54 -27.10
CA ILE F 91 29.24 -8.09 -28.17
C ILE F 91 29.94 -7.03 -29.00
N GLU F 92 30.60 -6.09 -28.33
CA GLU F 92 31.28 -5.02 -29.06
C GLU F 92 32.38 -5.63 -29.93
N ALA F 93 33.13 -6.58 -29.38
CA ALA F 93 34.20 -7.27 -30.11
C ALA F 93 33.66 -8.03 -31.34
N GLY F 94 32.46 -8.59 -31.20
CA GLY F 94 31.83 -9.27 -32.33
C GLY F 94 31.59 -8.30 -33.46
N LEU F 95 31.33 -7.04 -33.13
CA LEU F 95 30.99 -6.05 -34.15
C LEU F 95 32.20 -5.36 -34.77
N THR F 96 33.23 -5.09 -33.97
CA THR F 96 34.33 -4.29 -34.48
C THR F 96 35.61 -5.11 -34.67
N GLY F 97 35.60 -6.34 -34.17
CA GLY F 97 36.62 -7.30 -34.57
C GLY F 97 37.69 -7.68 -33.57
N GLU F 98 37.73 -7.02 -32.42
CA GLU F 98 38.73 -7.36 -31.40
C GLU F 98 38.66 -8.84 -31.06
N LYS F 99 39.82 -9.46 -30.91
CA LYS F 99 39.87 -10.87 -30.58
C LYS F 99 39.99 -11.07 -29.07
N LEU F 100 38.86 -11.30 -28.42
CA LEU F 100 38.86 -11.52 -26.98
C LEU F 100 38.70 -13.00 -26.70
N ILE F 101 39.64 -13.58 -25.95
CA ILE F 101 39.57 -14.98 -25.59
C ILE F 101 39.11 -15.11 -24.16
N LEU F 102 37.86 -15.53 -23.97
CA LEU F 102 37.25 -15.56 -22.64
C LEU F 102 37.33 -16.93 -22.01
N LEU F 103 38.20 -17.09 -21.03
CA LEU F 103 38.35 -18.34 -20.29
C LEU F 103 37.47 -18.24 -19.06
N THR F 104 36.31 -18.88 -19.10
CA THR F 104 35.31 -18.73 -18.05
C THR F 104 35.23 -20.02 -17.22
N ALA F 105 35.71 -19.96 -15.98
CA ALA F 105 35.68 -21.12 -15.09
C ALA F 105 34.24 -21.53 -14.84
N ASP F 106 34.04 -22.83 -14.66
CA ASP F 106 32.69 -23.34 -14.42
C ASP F 106 32.73 -24.40 -13.34
N ARG F 107 31.59 -24.62 -12.70
CA ARG F 107 31.39 -25.84 -11.91
C ARG F 107 31.41 -27.03 -12.87
N PRO F 108 31.72 -28.23 -12.35
CA PRO F 108 31.67 -29.44 -13.15
C PRO F 108 30.22 -29.84 -13.40
N PRO F 109 29.99 -30.74 -14.36
CA PRO F 109 28.63 -31.15 -14.74
C PRO F 109 27.76 -31.60 -13.57
N GLU F 110 28.35 -32.26 -12.59
CA GLU F 110 27.58 -32.81 -11.48
C GLU F 110 27.07 -31.74 -10.52
N LEU F 111 27.52 -30.50 -10.68
CA LEU F 111 27.04 -29.44 -9.79
C LEU F 111 26.19 -28.38 -10.51
N ILE F 112 25.69 -28.72 -11.71
CA ILE F 112 24.79 -27.84 -12.45
C ILE F 112 23.31 -28.25 -12.28
N ASP F 113 22.44 -27.25 -12.12
CA ASP F 113 21.01 -27.46 -11.96
C ASP F 113 20.65 -28.30 -10.72
N CYS F 114 21.35 -28.06 -9.62
CA CYS F 114 21.03 -28.79 -8.39
C CYS F 114 21.10 -27.90 -7.16
N GLY F 115 21.00 -26.60 -7.40
CA GLY F 115 20.93 -25.63 -6.31
C GLY F 115 22.29 -25.36 -5.67
N ALA F 116 23.37 -25.66 -6.37
CA ALA F 116 24.72 -25.39 -5.85
C ALA F 116 25.05 -23.90 -5.97
N ASN F 117 25.72 -23.36 -4.96
CA ASN F 117 26.05 -21.94 -4.94
C ASN F 117 26.90 -21.53 -6.13
N GLN F 118 26.53 -20.43 -6.78
CA GLN F 118 27.34 -19.81 -7.84
C GLN F 118 27.54 -20.72 -9.03
N ALA F 119 26.61 -21.65 -9.21
CA ALA F 119 26.65 -22.56 -10.34
C ALA F 119 25.50 -22.22 -11.27
N ILE F 120 25.81 -21.91 -12.52
CA ILE F 120 24.78 -21.57 -13.51
C ILE F 120 25.07 -22.33 -14.81
N ARG F 121 24.10 -22.32 -15.73
CA ARG F 121 24.29 -22.94 -17.04
C ARG F 121 25.11 -22.03 -17.95
N GLN F 122 26.38 -22.35 -18.18
CA GLN F 122 27.29 -21.44 -18.89
C GLN F 122 27.54 -21.77 -20.36
N PRO F 123 27.61 -23.05 -20.74
CA PRO F 123 27.79 -23.28 -22.18
C PRO F 123 26.67 -22.64 -23.02
N GLY F 124 27.05 -21.92 -24.06
CA GLY F 124 26.08 -21.26 -24.92
C GLY F 124 25.44 -20.00 -24.35
N MET F 125 25.90 -19.56 -23.18
CA MET F 125 25.23 -18.44 -22.54
C MET F 125 25.43 -17.10 -23.30
N PHE F 126 26.38 -17.06 -24.23
CA PHE F 126 26.58 -15.85 -25.05
C PHE F 126 25.97 -16.00 -26.44
N ALA F 127 25.20 -17.06 -26.65
CA ALA F 127 24.44 -17.27 -27.88
C ALA F 127 25.33 -17.16 -29.11
N SER F 128 24.90 -16.39 -30.10
CA SER F 128 25.67 -16.30 -31.35
C SER F 128 26.75 -15.23 -31.36
N HIS F 129 27.01 -14.61 -30.21
CA HIS F 129 27.91 -13.46 -30.24
C HIS F 129 29.40 -13.80 -30.31
N PRO F 130 29.85 -14.90 -29.67
CA PRO F 130 31.24 -15.28 -29.93
C PRO F 130 31.39 -15.78 -31.36
N THR F 131 32.54 -15.53 -31.96
CA THR F 131 32.86 -16.10 -33.26
C THR F 131 32.96 -17.61 -33.14
N HIS F 132 33.61 -18.06 -32.07
N HIS F 132 33.57 -18.06 -32.05
CA HIS F 132 33.78 -19.48 -31.74
CA HIS F 132 33.72 -19.49 -31.78
C HIS F 132 33.42 -19.73 -30.29
C HIS F 132 33.49 -19.78 -30.31
N SER F 133 32.80 -20.88 -30.03
CA SER F 133 32.51 -21.29 -28.66
C SER F 133 33.03 -22.69 -28.43
N ILE F 134 33.81 -22.85 -27.38
CA ILE F 134 34.32 -24.15 -26.96
C ILE F 134 33.76 -24.47 -25.58
N SER F 135 33.03 -25.57 -25.45
CA SER F 135 32.57 -26.04 -24.16
C SER F 135 33.43 -27.23 -23.76
N LEU F 136 34.47 -26.97 -22.97
CA LEU F 136 35.41 -28.02 -22.62
C LEU F 136 34.75 -29.02 -21.69
N PRO F 137 35.17 -30.28 -21.82
CA PRO F 137 34.64 -31.33 -20.96
C PRO F 137 35.24 -31.29 -19.56
N ARG F 138 34.62 -32.02 -18.64
CA ARG F 138 35.19 -32.24 -17.31
C ARG F 138 36.63 -32.78 -17.47
N PRO F 139 37.63 -32.13 -16.83
CA PRO F 139 39.01 -32.61 -17.04
C PRO F 139 39.22 -34.09 -16.70
N THR F 140 39.95 -34.80 -17.57
CA THR F 140 40.29 -36.19 -17.31
C THR F 140 41.51 -36.55 -18.13
N GLN F 141 42.36 -37.39 -17.56
CA GLN F 141 43.54 -37.87 -18.30
C GLN F 141 43.17 -38.83 -19.42
N ASP F 142 41.90 -39.26 -19.46
CA ASP F 142 41.48 -40.17 -20.51
C ASP F 142 41.21 -39.45 -21.84
N ILE F 143 41.21 -38.11 -21.79
CA ILE F 143 41.21 -37.29 -23.00
C ILE F 143 42.64 -36.77 -23.15
N PRO F 144 43.31 -37.08 -24.27
CA PRO F 144 44.74 -36.74 -24.36
C PRO F 144 44.96 -35.25 -24.52
N ALA F 145 46.10 -34.77 -24.03
CA ALA F 145 46.46 -33.36 -24.16
C ALA F 145 46.44 -32.90 -25.62
N ARG F 146 46.76 -33.77 -26.56
N ARG F 146 46.76 -33.77 -26.56
CA ARG F 146 46.78 -33.38 -27.96
CA ARG F 146 46.79 -33.36 -27.96
C ARG F 146 45.38 -32.97 -28.45
C ARG F 146 45.39 -32.97 -28.46
N TRP F 147 44.34 -33.54 -27.87
CA TRP F 147 42.99 -33.11 -28.21
C TRP F 147 42.75 -31.68 -27.72
N LEU F 148 43.12 -31.44 -26.47
CA LEU F 148 42.88 -30.15 -25.84
C LEU F 148 43.60 -29.02 -26.59
N VAL F 149 44.87 -29.20 -26.89
CA VAL F 149 45.59 -28.14 -27.57
C VAL F 149 45.08 -27.99 -29.00
N SER F 150 44.70 -29.10 -29.65
CA SER F 150 44.20 -29.03 -31.02
C SER F 150 42.90 -28.23 -31.09
N THR F 151 42.05 -28.41 -30.09
CA THR F 151 40.77 -27.72 -30.09
C THR F 151 41.00 -26.21 -29.92
N ILE F 152 41.94 -25.85 -29.04
CA ILE F 152 42.29 -24.44 -28.85
C ILE F 152 42.94 -23.88 -30.12
N ASP F 153 43.83 -24.66 -30.73
CA ASP F 153 44.52 -24.22 -31.94
C ASP F 153 43.56 -24.02 -33.12
N HIS F 154 42.54 -24.88 -33.21
CA HIS F 154 41.53 -24.69 -34.26
C HIS F 154 40.81 -23.35 -34.06
N ALA F 155 40.41 -23.10 -32.82
CA ALA F 155 39.65 -21.90 -32.49
C ALA F 155 40.46 -20.63 -32.73
N LEU F 156 41.70 -20.61 -32.29
CA LEU F 156 42.53 -19.41 -32.45
C LEU F 156 43.04 -19.26 -33.87
N GLY F 157 43.39 -20.39 -34.48
CA GLY F 157 43.96 -20.37 -35.82
C GLY F 157 42.99 -19.84 -36.87
N THR F 158 41.72 -20.21 -36.73
CA THR F 158 40.70 -19.85 -37.71
C THR F 158 39.95 -18.57 -37.35
N LEU F 159 40.38 -17.91 -36.29
CA LEU F 159 39.69 -16.70 -35.82
C LEU F 159 40.04 -15.49 -36.69
N HIS F 160 39.10 -15.07 -37.54
CA HIS F 160 39.33 -13.89 -38.37
C HIS F 160 39.17 -12.62 -37.54
N ALA F 161 38.22 -12.68 -36.61
CA ALA F 161 37.82 -11.53 -35.82
C ALA F 161 36.84 -11.94 -34.74
N GLY F 162 36.74 -11.15 -33.68
CA GLY F 162 35.75 -11.36 -32.66
C GLY F 162 36.17 -12.28 -31.54
N GLY F 163 35.22 -12.58 -30.66
CA GLY F 163 35.51 -13.28 -29.43
C GLY F 163 35.40 -14.79 -29.50
N VAL F 164 36.11 -15.44 -28.59
CA VAL F 164 36.02 -16.89 -28.41
C VAL F 164 35.63 -17.16 -26.96
N HIS F 165 34.55 -17.92 -26.76
CA HIS F 165 34.16 -18.32 -25.43
C HIS F 165 34.70 -19.71 -25.16
N ILE F 166 35.62 -19.83 -24.21
CA ILE F 166 36.10 -21.13 -23.78
C ILE F 166 35.64 -21.41 -22.36
N ASN F 167 34.60 -22.25 -22.24
CA ASN F 167 34.08 -22.61 -20.93
C ASN F 167 34.91 -23.73 -20.33
N CYS F 168 35.30 -23.56 -19.07
CA CYS F 168 36.31 -24.41 -18.45
C CYS F 168 35.82 -24.97 -17.11
N PRO F 169 35.11 -26.11 -17.13
CA PRO F 169 34.73 -26.70 -15.84
C PRO F 169 35.93 -27.29 -15.07
N PHE F 170 35.91 -27.11 -13.75
CA PHE F 170 36.86 -27.75 -12.85
C PHE F 170 36.15 -28.24 -11.61
N ALA F 171 36.45 -29.47 -11.20
CA ALA F 171 35.91 -29.99 -9.95
C ALA F 171 36.87 -29.71 -8.80
N GLU F 172 36.32 -29.49 -7.61
CA GLU F 172 37.13 -29.45 -6.39
C GLU F 172 37.67 -30.85 -6.11
N PRO F 173 38.79 -30.94 -5.39
CA PRO F 173 39.58 -29.86 -4.79
C PRO F 173 40.34 -28.98 -5.80
N LEU F 174 40.39 -27.70 -5.51
CA LEU F 174 41.10 -26.72 -6.36
C LEU F 174 42.45 -26.36 -5.79
N TYR F 175 42.62 -26.57 -4.49
CA TYR F 175 43.84 -26.13 -3.80
C TYR F 175 44.64 -27.33 -3.31
N GLY F 176 45.90 -27.11 -2.98
CA GLY F 176 46.75 -28.21 -2.59
C GLY F 176 48.08 -28.19 -3.31
N GLU F 177 49.06 -28.88 -2.74
CA GLU F 177 50.40 -28.94 -3.32
C GLU F 177 50.40 -29.63 -4.67
N MET F 178 51.25 -29.13 -5.58
CA MET F 178 51.43 -29.78 -6.87
C MET F 178 52.19 -31.06 -6.69
N ASP F 179 51.70 -32.14 -7.29
CA ASP F 179 52.51 -33.34 -7.40
C ASP F 179 52.59 -33.72 -8.87
N ASP F 180 53.04 -34.93 -9.16
CA ASP F 180 53.32 -35.32 -10.55
C ASP F 180 52.07 -35.77 -11.31
N THR F 181 50.89 -35.66 -10.69
CA THR F 181 49.66 -36.03 -11.37
C THR F 181 49.52 -35.22 -12.66
N GLY F 182 49.42 -35.92 -13.80
CA GLY F 182 49.24 -35.26 -15.09
C GLY F 182 50.53 -34.87 -15.80
N LEU F 183 51.66 -35.12 -15.16
CA LEU F 183 52.93 -34.77 -15.77
C LEU F 183 53.18 -35.61 -17.04
N SER F 184 52.99 -36.92 -16.92
CA SER F 184 53.23 -37.80 -18.07
C SER F 184 52.22 -37.50 -19.17
N TRP F 185 51.01 -37.12 -18.77
CA TRP F 185 49.96 -36.71 -19.69
C TRP F 185 50.40 -35.48 -20.48
N GLN F 186 50.95 -34.48 -19.81
CA GLN F 186 51.48 -33.30 -20.51
C GLN F 186 52.62 -33.67 -21.45
N GLN F 187 53.46 -34.58 -20.99
CA GLN F 187 54.68 -34.91 -21.69
C GLN F 187 54.41 -35.65 -22.98
N ARG F 188 53.16 -36.08 -23.18
CA ARG F 188 52.81 -36.68 -24.47
C ARG F 188 52.93 -35.66 -25.60
N LEU F 189 52.96 -34.37 -25.27
CA LEU F 189 53.13 -33.34 -26.29
C LEU F 189 54.61 -33.18 -26.67
N GLY F 190 55.50 -33.86 -25.95
CA GLY F 190 56.90 -33.87 -26.31
C GLY F 190 57.53 -32.48 -26.32
N ASP F 191 58.31 -32.18 -27.35
CA ASP F 191 59.02 -30.90 -27.35
C ASP F 191 58.14 -29.76 -27.88
N TRP F 192 56.84 -29.99 -28.01
CA TRP F 192 55.93 -28.88 -28.28
C TRP F 192 56.08 -27.84 -27.17
N TRP F 193 56.39 -28.31 -25.95
CA TRP F 193 56.53 -27.41 -24.82
C TRP F 193 57.68 -26.41 -24.98
N GLN F 194 58.68 -26.76 -25.79
CA GLN F 194 59.81 -25.86 -26.03
C GLN F 194 59.72 -25.14 -27.38
N ASP F 195 58.62 -25.37 -28.09
CA ASP F 195 58.41 -24.82 -29.44
C ASP F 195 57.77 -23.43 -29.37
N ASP F 196 57.71 -22.73 -30.49
CA ASP F 196 57.05 -21.43 -30.51
C ASP F 196 55.86 -21.41 -31.46
N LYS F 197 55.43 -22.59 -31.89
CA LYS F 197 54.34 -22.72 -32.84
C LYS F 197 53.16 -23.48 -32.25
N PRO F 198 51.99 -23.32 -32.86
CA PRO F 198 50.86 -24.15 -32.45
C PRO F 198 51.12 -25.64 -32.66
N TRP F 199 50.40 -26.48 -31.93
CA TRP F 199 50.42 -27.93 -32.14
C TRP F 199 49.81 -28.23 -33.51
N LEU F 200 48.61 -27.67 -33.71
CA LEU F 200 47.95 -27.73 -35.01
C LEU F 200 47.92 -26.36 -35.64
N ARG F 201 48.55 -26.23 -36.81
CA ARG F 201 48.51 -24.98 -37.55
C ARG F 201 47.38 -25.01 -38.55
N GLU F 202 46.33 -24.26 -38.26
CA GLU F 202 45.16 -24.16 -39.12
C GLU F 202 44.82 -22.69 -39.22
N ALA F 203 45.20 -22.06 -40.31
CA ALA F 203 45.06 -20.60 -40.41
C ALA F 203 44.75 -20.13 -41.83
N PRO F 204 43.65 -20.62 -42.40
CA PRO F 204 43.25 -20.16 -43.73
C PRO F 204 42.98 -18.65 -43.73
N ARG F 205 43.35 -17.99 -44.83
CA ARG F 205 43.13 -16.55 -44.94
C ARG F 205 41.82 -16.32 -45.67
N LEU F 206 41.05 -15.34 -45.20
CA LEU F 206 39.78 -14.99 -45.83
C LEU F 206 39.92 -13.63 -46.51
N GLU F 207 39.77 -13.61 -47.83
CA GLU F 207 40.02 -12.36 -48.56
C GLU F 207 39.31 -12.34 -49.89
N SER F 208 38.74 -11.19 -50.25
CA SER F 208 38.12 -11.04 -51.56
C SER F 208 39.18 -10.97 -52.66
N GLU F 209 38.79 -11.44 -53.85
CA GLU F 209 39.69 -11.43 -55.00
C GLU F 209 39.82 -10.04 -55.60
N LYS F 210 40.87 -9.84 -56.38
CA LYS F 210 41.05 -8.59 -57.12
C LYS F 210 39.83 -8.36 -58.02
N GLN F 211 39.32 -7.13 -58.03
CA GLN F 211 38.19 -6.79 -58.88
C GLN F 211 38.69 -6.49 -60.29
N ARG F 212 38.40 -7.39 -61.21
CA ARG F 212 39.01 -7.34 -62.53
C ARG F 212 38.54 -6.16 -63.37
N ASP F 213 37.43 -5.54 -62.97
CA ASP F 213 36.92 -4.39 -63.72
C ASP F 213 37.23 -3.06 -63.03
N TRP F 214 38.19 -3.07 -62.11
CA TRP F 214 38.55 -1.85 -61.40
C TRP F 214 39.04 -0.75 -62.36
N PHE F 215 39.77 -1.11 -63.42
CA PHE F 215 40.26 -0.08 -64.35
C PHE F 215 39.12 0.63 -65.07
N PHE F 216 37.99 -0.06 -65.20
CA PHE F 216 36.79 0.53 -65.76
C PHE F 216 36.18 1.51 -64.75
N TRP F 217 35.99 1.03 -63.53
CA TRP F 217 35.27 1.81 -62.54
C TRP F 217 36.04 3.00 -62.01
N ARG F 218 37.37 2.92 -61.99
CA ARG F 218 38.14 4.02 -61.40
C ARG F 218 38.11 5.25 -62.30
N GLN F 219 37.62 5.07 -63.52
CA GLN F 219 37.49 6.17 -64.48
C GLN F 219 36.14 6.89 -64.41
N LYS F 220 35.23 6.36 -63.60
CA LYS F 220 33.89 6.92 -63.44
C LYS F 220 33.87 8.02 -62.39
N ARG F 221 32.73 8.71 -62.26
CA ARG F 221 32.57 9.70 -61.20
C ARG F 221 32.32 8.99 -59.88
N GLY F 222 33.34 8.91 -59.06
CA GLY F 222 33.23 8.17 -57.81
C GLY F 222 33.24 9.07 -56.60
N VAL F 223 32.81 8.51 -55.48
CA VAL F 223 32.87 9.17 -54.18
C VAL F 223 33.54 8.21 -53.23
N VAL F 224 34.47 8.70 -52.43
CA VAL F 224 35.11 7.88 -51.40
C VAL F 224 34.54 8.24 -50.04
N VAL F 225 34.06 7.23 -49.33
CA VAL F 225 33.59 7.40 -47.96
C VAL F 225 34.55 6.64 -47.06
N ALA F 226 35.13 7.32 -46.09
CA ALA F 226 36.08 6.67 -45.18
C ALA F 226 35.53 6.58 -43.78
N GLY F 227 35.30 5.35 -43.32
CA GLY F 227 34.86 5.09 -41.96
C GLY F 227 36.03 4.68 -41.09
N ARG F 228 35.77 3.85 -40.09
CA ARG F 228 36.80 3.45 -39.15
C ARG F 228 37.85 2.58 -39.82
N MET F 229 39.10 2.96 -39.63
CA MET F 229 40.23 2.23 -40.18
C MET F 229 41.46 2.58 -39.36
N SER F 230 42.61 2.00 -39.71
CA SER F 230 43.81 2.32 -38.95
C SER F 230 44.33 3.71 -39.30
N ALA F 231 45.18 4.26 -38.44
CA ALA F 231 45.75 5.59 -38.67
C ALA F 231 46.52 5.63 -40.00
N GLU F 232 47.30 4.58 -40.27
CA GLU F 232 48.07 4.51 -41.51
C GLU F 232 47.15 4.33 -42.71
N GLU F 233 46.10 3.55 -42.54
CA GLU F 233 45.15 3.37 -43.61
C GLU F 233 44.48 4.69 -43.98
N GLY F 234 44.20 5.51 -42.97
CA GLY F 234 43.60 6.82 -43.21
C GLY F 234 44.45 7.68 -44.13
N LYS F 235 45.75 7.69 -43.89
CA LYS F 235 46.64 8.47 -44.73
C LYS F 235 46.66 7.92 -46.16
N LYS F 236 46.63 6.60 -46.31
CA LYS F 236 46.67 5.97 -47.63
C LYS F 236 45.39 6.26 -48.40
N VAL F 237 44.26 6.21 -47.69
CA VAL F 237 42.99 6.45 -48.33
C VAL F 237 42.87 7.90 -48.83
N ALA F 238 43.36 8.84 -48.02
CA ALA F 238 43.36 10.25 -48.42
C ALA F 238 44.12 10.45 -49.71
N LEU F 239 45.32 9.87 -49.81
CA LEU F 239 46.15 10.02 -51.01
C LEU F 239 45.47 9.37 -52.22
N TRP F 240 44.84 8.23 -51.99
CA TRP F 240 44.19 7.45 -53.04
C TRP F 240 43.00 8.24 -53.62
N ALA F 241 42.15 8.77 -52.75
CA ALA F 241 41.03 9.59 -53.18
C ALA F 241 41.50 10.84 -53.90
N GLN F 242 42.53 11.47 -53.36
CA GLN F 242 43.06 12.69 -53.97
C GLN F 242 43.56 12.43 -55.40
N THR F 243 44.23 11.30 -55.57
CA THR F 243 44.75 10.94 -56.88
C THR F 243 43.63 10.73 -57.90
N LEU F 244 42.61 9.98 -57.49
CA LEU F 244 41.44 9.72 -58.33
C LEU F 244 40.62 10.98 -58.66
N GLY F 245 40.77 12.02 -57.85
CA GLY F 245 39.96 13.22 -58.01
C GLY F 245 38.54 13.02 -57.54
N TRP F 246 38.35 12.05 -56.64
CA TRP F 246 37.03 11.80 -56.08
C TRP F 246 36.88 12.51 -54.74
N PRO F 247 35.71 13.09 -54.48
CA PRO F 247 35.56 13.74 -53.18
C PRO F 247 35.67 12.72 -52.05
N LEU F 248 36.34 13.07 -50.96
CA LEU F 248 36.49 12.17 -49.83
C LEU F 248 35.65 12.68 -48.66
N ILE F 249 34.65 11.89 -48.29
CA ILE F 249 33.87 12.16 -47.09
C ILE F 249 34.51 11.33 -45.98
N GLY F 250 35.17 12.01 -45.06
CA GLY F 250 35.97 11.34 -44.05
C GLY F 250 35.36 11.43 -42.66
N ASP F 251 35.13 10.26 -42.06
CA ASP F 251 34.58 10.19 -40.70
C ASP F 251 35.61 10.63 -39.65
N VAL F 252 35.12 11.04 -38.48
CA VAL F 252 36.02 11.30 -37.37
C VAL F 252 36.91 10.07 -37.06
N LEU F 253 36.41 8.87 -37.32
CA LEU F 253 37.18 7.66 -37.03
C LEU F 253 38.17 7.29 -38.14
N SER F 254 38.23 8.07 -39.22
CA SER F 254 39.00 7.64 -40.38
C SER F 254 40.48 8.03 -40.37
N GLN F 255 40.82 9.11 -39.69
CA GLN F 255 42.19 9.65 -39.69
C GLN F 255 42.70 10.00 -41.11
N THR F 256 41.77 10.43 -41.97
CA THR F 256 42.12 10.82 -43.34
C THR F 256 42.57 12.27 -43.46
N GLY F 257 42.38 13.03 -42.40
CA GLY F 257 42.60 14.47 -42.42
C GLY F 257 41.37 15.26 -42.85
N GLN F 258 40.31 14.54 -43.22
CA GLN F 258 39.01 15.14 -43.55
C GLN F 258 39.11 16.39 -44.44
N PRO F 259 39.56 16.20 -45.70
CA PRO F 259 39.77 17.32 -46.64
C PRO F 259 38.50 18.10 -46.97
N LEU F 260 37.33 17.50 -46.78
CA LEU F 260 36.05 18.19 -46.93
C LEU F 260 35.35 18.15 -45.58
N PRO F 261 35.85 18.92 -44.62
CA PRO F 261 35.39 18.79 -43.24
C PRO F 261 33.97 19.31 -43.03
N CYS F 262 33.41 18.98 -41.87
CA CYS F 262 32.05 19.40 -41.50
C CYS F 262 31.02 18.84 -42.44
N ALA F 263 31.26 17.61 -42.92
CA ALA F 263 30.31 16.96 -43.82
C ALA F 263 28.93 16.84 -43.19
N ASP F 264 28.86 16.68 -41.86
CA ASP F 264 27.56 16.57 -41.20
C ASP F 264 26.75 17.85 -41.42
N LEU F 265 27.44 18.95 -41.70
CA LEU F 265 26.79 20.22 -42.00
C LEU F 265 26.54 20.39 -43.50
N TRP F 266 27.58 20.23 -44.34
CA TRP F 266 27.38 20.56 -45.75
C TRP F 266 26.58 19.48 -46.51
N LEU F 267 26.50 18.27 -45.97
CA LEU F 267 25.61 17.27 -46.56
C LEU F 267 24.15 17.64 -46.36
N GLY F 268 23.89 18.61 -45.48
CA GLY F 268 22.54 19.09 -45.25
C GLY F 268 22.13 20.13 -46.30
N ASN F 269 23.07 20.53 -47.14
CA ASN F 269 22.79 21.50 -48.18
C ASN F 269 22.41 20.78 -49.48
N ALA F 270 21.25 21.14 -50.04
CA ALA F 270 20.71 20.46 -51.21
C ALA F 270 21.64 20.52 -52.43
N LYS F 271 22.44 21.57 -52.54
CA LYS F 271 23.38 21.67 -53.66
C LYS F 271 24.44 20.57 -53.58
N ALA F 272 24.84 20.18 -52.37
CA ALA F 272 25.81 19.10 -52.22
C ALA F 272 25.17 17.77 -52.63
N THR F 273 23.96 17.53 -52.16
CA THR F 273 23.33 16.25 -52.48
C THR F 273 23.03 16.17 -53.99
N SER F 274 22.70 17.31 -54.59
CA SER F 274 22.50 17.37 -56.05
C SER F 274 23.78 17.01 -56.80
N GLU F 275 24.90 17.57 -56.35
CA GLU F 275 26.18 17.28 -57.00
C GLU F 275 26.51 15.79 -56.85
N LEU F 276 26.24 15.24 -55.67
CA LEU F 276 26.53 13.84 -55.41
C LEU F 276 25.63 12.89 -56.20
N GLN F 277 24.50 13.38 -56.70
CA GLN F 277 23.66 12.54 -57.54
C GLN F 277 24.37 12.13 -58.84
N GLN F 278 25.43 12.84 -59.19
CA GLN F 278 26.19 12.52 -60.39
C GLN F 278 27.10 11.31 -60.17
N ALA F 279 27.29 10.92 -58.91
CA ALA F 279 28.20 9.82 -58.61
C ALA F 279 27.69 8.52 -59.20
N GLN F 280 28.56 7.83 -59.95
CA GLN F 280 28.20 6.56 -60.56
C GLN F 280 28.64 5.38 -59.70
N ILE F 281 29.66 5.60 -58.86
CA ILE F 281 30.11 4.59 -57.92
C ILE F 281 30.49 5.24 -56.59
N VAL F 282 30.17 4.55 -55.49
CA VAL F 282 30.68 4.97 -54.20
C VAL F 282 31.57 3.87 -53.65
N VAL F 283 32.80 4.19 -53.32
CA VAL F 283 33.67 3.23 -52.65
C VAL F 283 33.85 3.64 -51.21
N GLN F 284 33.29 2.83 -50.32
CA GLN F 284 33.41 3.07 -48.89
C GLN F 284 34.47 2.14 -48.31
N LEU F 285 35.42 2.72 -47.61
CA LEU F 285 36.44 1.94 -46.91
C LEU F 285 36.26 2.14 -45.41
N GLY F 286 36.16 1.04 -44.68
CA GLY F 286 35.82 1.12 -43.27
C GLY F 286 34.31 1.17 -43.08
N SER F 287 33.88 1.21 -41.83
CA SER F 287 32.43 1.21 -41.57
C SER F 287 32.11 1.93 -40.26
N SER F 288 30.93 1.67 -39.71
CA SER F 288 30.45 2.40 -38.52
C SER F 288 30.47 3.91 -38.74
N LEU F 289 29.86 4.38 -39.82
CA LEU F 289 29.82 5.83 -40.09
C LEU F 289 29.09 6.58 -38.97
N THR F 290 29.58 7.77 -38.64
CA THR F 290 29.16 8.47 -37.43
C THR F 290 27.96 9.42 -37.59
N GLY F 291 28.07 10.34 -38.56
CA GLY F 291 27.15 11.45 -38.65
C GLY F 291 25.78 11.16 -39.24
N LYS F 292 24.79 11.89 -38.76
CA LYS F 292 23.42 11.69 -39.21
C LYS F 292 23.25 12.05 -40.68
N ARG F 293 23.83 13.17 -41.09
CA ARG F 293 23.68 13.59 -42.47
C ARG F 293 24.37 12.60 -43.42
N LEU F 294 25.51 12.07 -42.99
CA LEU F 294 26.22 11.09 -43.80
C LEU F 294 25.40 9.80 -43.90
N LEU F 295 24.87 9.34 -42.77
CA LEU F 295 24.04 8.14 -42.79
C LEU F 295 22.80 8.35 -43.66
N GLN F 296 22.22 9.54 -43.61
CA GLN F 296 21.04 9.83 -44.44
C GLN F 296 21.39 9.92 -45.92
N TRP F 297 22.51 10.56 -46.27
CA TRP F 297 22.91 10.62 -47.67
C TRP F 297 23.21 9.21 -48.18
N GLN F 298 23.91 8.43 -47.38
CA GLN F 298 24.27 7.08 -47.75
C GLN F 298 22.99 6.31 -48.07
N ALA F 299 21.98 6.46 -47.22
CA ALA F 299 20.72 5.73 -47.40
C ALA F 299 19.98 6.16 -48.67
N SER F 300 20.12 7.43 -49.06
CA SER F 300 19.34 7.98 -50.16
C SER F 300 20.02 7.86 -51.51
N CYS F 301 21.36 7.75 -51.52
CA CYS F 301 22.10 7.81 -52.77
C CYS F 301 21.86 6.56 -53.61
N GLU F 302 21.94 6.73 -54.93
CA GLU F 302 21.68 5.62 -55.85
C GLU F 302 22.70 5.55 -56.96
N PRO F 303 23.98 5.30 -56.59
CA PRO F 303 25.00 5.05 -57.61
C PRO F 303 24.73 3.72 -58.29
N GLU F 304 25.33 3.50 -59.47
CA GLU F 304 25.19 2.21 -60.13
C GLU F 304 25.72 1.10 -59.21
N GLU F 305 26.85 1.35 -58.57
CA GLU F 305 27.38 0.39 -57.61
C GLU F 305 27.89 1.06 -56.33
N TYR F 306 27.69 0.37 -55.22
CA TYR F 306 28.16 0.76 -53.91
C TYR F 306 29.09 -0.34 -53.41
N TRP F 307 30.35 0.01 -53.14
CA TRP F 307 31.31 -0.97 -52.62
C TRP F 307 31.68 -0.66 -51.18
N ILE F 308 31.74 -1.69 -50.33
CA ILE F 308 32.32 -1.50 -49.02
C ILE F 308 33.50 -2.44 -48.83
N VAL F 309 34.66 -1.84 -48.62
CA VAL F 309 35.91 -2.53 -48.33
C VAL F 309 36.19 -2.44 -46.83
N ASP F 310 36.36 -3.58 -46.18
CA ASP F 310 36.68 -3.60 -44.75
C ASP F 310 37.19 -4.99 -44.38
N ASP F 311 37.93 -5.11 -43.28
CA ASP F 311 38.45 -6.42 -42.91
C ASP F 311 37.47 -7.15 -41.97
N ILE F 312 36.29 -6.57 -41.78
CA ILE F 312 35.23 -7.22 -41.02
C ILE F 312 34.34 -7.94 -42.01
N GLU F 313 33.72 -9.05 -41.58
CA GLU F 313 32.87 -9.86 -42.46
C GLU F 313 31.43 -9.39 -42.45
N GLY F 314 30.65 -9.84 -43.43
CA GLY F 314 29.20 -9.63 -43.42
C GLY F 314 28.76 -8.33 -44.09
N ARG F 315 27.46 -8.15 -44.22
CA ARG F 315 26.92 -6.92 -44.80
C ARG F 315 27.24 -5.74 -43.90
N LEU F 316 27.62 -4.61 -44.49
CA LEU F 316 27.97 -3.42 -43.72
C LEU F 316 27.24 -2.18 -44.22
N ASP F 317 26.36 -2.38 -45.19
CA ASP F 317 25.56 -1.30 -45.77
C ASP F 317 24.13 -1.39 -45.26
N PRO F 318 23.74 -0.50 -44.33
CA PRO F 318 22.41 -0.59 -43.73
C PRO F 318 21.31 -0.12 -44.68
N ALA F 319 21.69 0.33 -45.87
CA ALA F 319 20.72 0.74 -46.88
C ALA F 319 20.62 -0.30 -48.02
N HIS F 320 21.43 -1.35 -47.94
CA HIS F 320 21.33 -2.51 -48.83
C HIS F 320 21.43 -2.18 -50.33
N HIS F 321 22.41 -1.34 -50.70
CA HIS F 321 22.63 -1.01 -52.10
C HIS F 321 23.08 -2.18 -52.97
N ARG F 322 22.72 -2.12 -54.23
CA ARG F 322 23.33 -2.97 -55.25
C ARG F 322 24.82 -2.66 -55.31
N GLY F 323 25.65 -3.69 -55.27
CA GLY F 323 27.08 -3.45 -55.26
C GLY F 323 27.88 -4.61 -54.74
N ARG F 324 28.92 -4.29 -53.98
CA ARG F 324 29.91 -5.29 -53.59
C ARG F 324 30.33 -5.12 -52.13
N ARG F 325 30.58 -6.27 -51.49
CA ARG F 325 31.04 -6.31 -50.12
C ARG F 325 32.39 -7.03 -50.18
N LEU F 326 33.47 -6.27 -50.02
CA LEU F 326 34.81 -6.79 -50.28
C LEU F 326 35.60 -6.92 -48.98
N ILE F 327 36.01 -8.14 -48.66
CA ILE F 327 36.70 -8.40 -47.40
C ILE F 327 38.21 -8.37 -47.61
N ALA F 328 38.87 -7.42 -46.96
CA ALA F 328 40.30 -7.22 -47.17
C ALA F 328 40.87 -6.29 -46.12
N ASN F 329 42.18 -6.43 -45.90
CA ASN F 329 42.92 -5.38 -45.23
C ASN F 329 42.88 -4.17 -46.15
N ILE F 330 42.50 -3.02 -45.62
CA ILE F 330 42.30 -1.83 -46.47
C ILE F 330 43.56 -1.39 -47.19
N ALA F 331 44.71 -1.43 -46.51
CA ALA F 331 45.96 -1.04 -47.15
C ALA F 331 46.28 -2.01 -48.29
N ASP F 332 46.13 -3.30 -48.02
CA ASP F 332 46.33 -4.31 -49.06
C ASP F 332 45.40 -4.08 -50.24
N TRP F 333 44.14 -3.74 -49.94
CA TRP F 333 43.14 -3.58 -50.98
C TRP F 333 43.49 -2.44 -51.92
N LEU F 334 43.98 -1.34 -51.34
CA LEU F 334 44.38 -0.17 -52.14
C LEU F 334 45.55 -0.47 -53.07
N GLU F 335 46.49 -1.29 -52.60
CA GLU F 335 47.63 -1.66 -53.44
C GLU F 335 47.18 -2.55 -54.59
N LEU F 336 46.16 -3.37 -54.31
CA LEU F 336 45.59 -4.28 -55.30
C LEU F 336 44.72 -3.52 -56.31
N HIS F 337 44.17 -2.39 -55.87
CA HIS F 337 43.32 -1.56 -56.70
C HIS F 337 43.81 -0.11 -56.67
N PRO F 338 44.97 0.14 -57.27
CA PRO F 338 45.62 1.45 -57.18
C PRO F 338 44.84 2.54 -57.92
N ALA F 339 45.08 3.78 -57.51
CA ALA F 339 44.42 4.92 -58.13
C ALA F 339 45.11 5.28 -59.44
N GLU F 340 44.35 5.91 -60.33
CA GLU F 340 44.90 6.56 -61.52
C GLU F 340 44.74 8.07 -61.39
N LYS F 341 45.75 8.85 -61.77
CA LYS F 341 45.63 10.30 -61.70
C LYS F 341 44.51 10.78 -62.63
N ARG F 342 43.50 11.43 -62.09
CA ARG F 342 42.36 11.93 -62.87
C ARG F 342 41.90 13.29 -62.36
N GLN F 343 41.34 14.09 -63.25
CA GLN F 343 40.84 15.41 -62.87
C GLN F 343 39.66 15.30 -61.89
N PRO F 344 39.69 16.05 -60.78
CA PRO F 344 38.53 16.06 -59.88
C PRO F 344 37.27 16.54 -60.58
N TRP F 345 36.14 15.90 -60.27
CA TRP F 345 34.89 16.20 -60.93
C TRP F 345 33.93 17.06 -60.09
N CYS F 346 34.15 17.12 -58.78
CA CYS F 346 33.31 17.96 -57.91
C CYS F 346 33.75 19.41 -57.87
N VAL F 347 32.78 20.30 -57.99
CA VAL F 347 33.06 21.74 -57.98
C VAL F 347 32.40 22.47 -56.82
N GLU F 348 31.16 22.11 -56.53
CA GLU F 348 30.36 22.82 -55.54
C GLU F 348 30.72 22.43 -54.11
N ILE F 349 31.00 21.15 -53.89
CA ILE F 349 31.17 20.66 -52.53
C ILE F 349 32.42 21.24 -51.84
N PRO F 350 33.55 21.34 -52.56
CA PRO F 350 34.70 22.01 -51.95
C PRO F 350 34.38 23.44 -51.48
N ARG F 351 33.54 24.14 -52.24
CA ARG F 351 33.09 25.48 -51.86
C ARG F 351 32.29 25.44 -50.57
N LEU F 352 31.31 24.53 -50.52
CA LEU F 352 30.41 24.39 -49.38
C LEU F 352 31.17 23.98 -48.13
N ALA F 353 32.12 23.06 -48.27
CA ALA F 353 32.85 22.58 -47.10
C ALA F 353 33.66 23.70 -46.44
N GLU F 354 34.28 24.53 -47.27
CA GLU F 354 35.04 25.67 -46.75
C GLU F 354 34.11 26.63 -46.03
N GLN F 355 32.96 26.92 -46.65
CA GLN F 355 31.98 27.81 -46.04
C GLN F 355 31.43 27.24 -44.72
N ALA F 356 31.20 25.93 -44.68
CA ALA F 356 30.71 25.30 -43.46
C ALA F 356 31.73 25.46 -42.34
N MET F 357 33.00 25.16 -42.63
CA MET F 357 34.03 25.29 -41.61
C MET F 357 34.15 26.75 -41.13
N GLN F 358 34.02 27.69 -42.05
N GLN F 358 34.07 27.71 -42.03
CA GLN F 358 34.06 29.12 -41.71
CA GLN F 358 34.13 29.11 -41.59
C GLN F 358 32.95 29.43 -40.72
C GLN F 358 32.95 29.43 -40.66
N ALA F 359 31.79 28.83 -40.93
CA ALA F 359 30.64 29.04 -40.06
C ALA F 359 30.90 28.51 -38.65
N VAL F 360 31.59 27.39 -38.57
CA VAL F 360 31.91 26.80 -37.27
C VAL F 360 32.96 27.67 -36.58
N ILE F 361 33.98 28.06 -37.33
CA ILE F 361 35.05 28.91 -36.81
C ILE F 361 34.49 30.20 -36.22
N ALA F 362 33.47 30.76 -36.85
CA ALA F 362 32.87 32.00 -36.36
C ALA F 362 32.32 31.87 -34.94
N ARG F 363 32.01 30.65 -34.52
CA ARG F 363 31.40 30.42 -33.22
C ARG F 363 32.35 29.72 -32.27
N ARG F 364 33.65 29.87 -32.49
CA ARG F 364 34.62 29.08 -31.74
C ARG F 364 34.86 29.57 -30.29
N ASP F 365 34.40 30.76 -29.94
CA ASP F 365 34.83 31.41 -28.70
C ASP F 365 34.12 30.97 -27.41
N ALA F 366 32.83 30.69 -27.49
CA ALA F 366 32.08 30.33 -26.29
C ALA F 366 32.68 29.11 -25.59
N PHE F 367 32.65 29.12 -24.26
CA PHE F 367 33.21 28.01 -23.49
C PHE F 367 32.19 26.87 -23.36
N GLY F 368 31.91 26.21 -24.47
CA GLY F 368 30.90 25.15 -24.50
C GLY F 368 31.43 23.86 -25.11
N GLU F 369 30.64 22.79 -25.07
CA GLU F 369 31.13 21.50 -25.55
C GLU F 369 31.24 21.46 -27.09
N ALA F 370 30.40 22.22 -27.78
CA ALA F 370 30.55 22.31 -29.24
C ALA F 370 31.89 22.96 -29.59
N GLN F 371 32.24 24.00 -28.85
CA GLN F 371 33.50 24.71 -29.12
C GLN F 371 34.70 23.84 -28.77
N LEU F 372 34.59 23.08 -27.67
CA LEU F 372 35.63 22.14 -27.30
C LEU F 372 35.86 21.13 -28.42
N ALA F 373 34.76 20.60 -28.94
CA ALA F 373 34.84 19.63 -30.03
C ALA F 373 35.53 20.23 -31.25
N HIS F 374 35.11 21.43 -31.63
CA HIS F 374 35.69 22.11 -32.79
C HIS F 374 37.20 22.29 -32.64
N ARG F 375 37.61 22.64 -31.43
CA ARG F 375 38.99 23.04 -31.16
C ARG F 375 39.89 21.88 -30.75
N ILE F 376 39.34 20.66 -30.69
CA ILE F 376 40.08 19.58 -30.05
C ILE F 376 41.37 19.24 -30.80
N CYS F 377 41.39 19.47 -32.12
CA CYS F 377 42.60 19.26 -32.91
C CYS F 377 43.78 20.07 -32.37
N ASP F 378 43.48 21.25 -31.80
CA ASP F 378 44.50 22.13 -31.22
C ASP F 378 45.09 21.60 -29.91
N TYR F 379 44.45 20.58 -29.32
CA TYR F 379 44.83 20.08 -27.99
C TYR F 379 45.29 18.62 -27.95
N LEU F 380 45.42 17.99 -29.11
CA LEU F 380 45.87 16.61 -29.18
C LEU F 380 47.32 16.45 -28.71
N PRO F 381 47.57 15.48 -27.84
CA PRO F 381 48.95 15.28 -27.36
C PRO F 381 49.91 14.84 -28.45
N GLU F 382 51.12 15.40 -28.45
CA GLU F 382 52.10 15.00 -29.47
C GLU F 382 52.47 13.53 -29.32
N GLN F 383 52.48 12.83 -30.46
CA GLN F 383 52.78 11.41 -30.52
C GLN F 383 51.81 10.63 -29.64
N GLY F 384 50.59 11.14 -29.52
CA GLY F 384 49.60 10.51 -28.66
C GLY F 384 48.47 9.88 -29.45
N GLN F 385 47.34 9.67 -28.77
CA GLN F 385 46.15 9.09 -29.37
C GLN F 385 44.92 9.69 -28.70
N LEU F 386 43.82 9.70 -29.44
CA LEU F 386 42.54 10.22 -28.96
C LEU F 386 41.60 9.05 -28.76
N PHE F 387 40.96 8.98 -27.59
CA PHE F 387 39.85 8.06 -27.39
C PHE F 387 38.56 8.85 -27.26
N VAL F 388 37.65 8.66 -28.20
CA VAL F 388 36.43 9.44 -28.22
C VAL F 388 35.24 8.63 -27.72
N GLY F 389 34.51 9.21 -26.76
CA GLY F 389 33.36 8.54 -26.17
C GLY F 389 32.14 8.59 -27.06
N ASN F 390 31.03 8.10 -26.56
CA ASN F 390 29.82 8.05 -27.37
C ASN F 390 28.87 9.17 -27.00
N SER F 391 27.74 9.21 -27.70
CA SER F 391 26.75 10.26 -27.55
C SER F 391 27.23 11.55 -28.23
N LEU F 392 27.09 12.70 -27.59
CA LEU F 392 27.33 13.95 -28.29
C LEU F 392 28.79 14.17 -28.69
N VAL F 393 29.74 13.71 -27.87
CA VAL F 393 31.12 14.10 -28.13
C VAL F 393 31.62 13.61 -29.48
N VAL F 394 31.33 12.36 -29.84
CA VAL F 394 31.82 11.85 -31.11
C VAL F 394 31.12 12.57 -32.27
N ARG F 395 29.84 12.91 -32.09
CA ARG F 395 29.09 13.60 -33.14
C ARG F 395 29.56 15.03 -33.34
N LEU F 396 29.84 15.71 -32.24
CA LEU F 396 30.32 17.09 -32.31
C LEU F 396 31.71 17.18 -32.92
N ILE F 397 32.62 16.29 -32.53
CA ILE F 397 33.96 16.32 -33.14
C ILE F 397 33.84 16.00 -34.64
N ASP F 398 33.05 14.99 -34.96
CA ASP F 398 32.85 14.62 -36.36
C ASP F 398 32.27 15.77 -37.17
N ALA F 399 31.32 16.51 -36.59
CA ALA F 399 30.63 17.56 -37.31
C ALA F 399 31.43 18.86 -37.40
N LEU F 400 32.22 19.12 -36.38
CA LEU F 400 32.76 20.46 -36.18
C LEU F 400 34.27 20.59 -36.24
N SER F 401 34.98 19.47 -36.18
CA SER F 401 36.43 19.54 -36.15
C SER F 401 37.03 18.87 -37.37
N GLN F 402 38.28 19.23 -37.65
CA GLN F 402 39.05 18.59 -38.71
C GLN F 402 40.27 17.95 -38.07
N LEU F 403 40.23 16.65 -37.87
CA LEU F 403 41.33 15.95 -37.21
C LEU F 403 42.45 15.62 -38.19
N PRO F 404 43.70 15.70 -37.72
CA PRO F 404 44.88 15.51 -38.58
C PRO F 404 44.96 14.10 -39.16
N ALA F 405 45.38 14.01 -40.41
CA ALA F 405 45.59 12.71 -41.04
C ALA F 405 46.60 11.90 -40.27
N GLY F 406 46.29 10.62 -40.06
CA GLY F 406 47.21 9.72 -39.40
C GLY F 406 47.29 9.83 -37.88
N TYR F 407 46.55 10.76 -37.28
CA TYR F 407 46.54 10.85 -35.83
C TYR F 407 45.56 9.80 -35.26
N PRO F 408 46.05 8.86 -34.45
CA PRO F 408 45.23 7.71 -34.04
C PRO F 408 44.00 8.09 -33.23
N VAL F 409 42.85 7.58 -33.67
CA VAL F 409 41.58 7.76 -32.98
C VAL F 409 41.03 6.38 -32.63
N TYR F 410 40.59 6.23 -31.39
CA TYR F 410 39.97 4.98 -30.94
C TYR F 410 38.60 5.25 -30.34
N SER F 411 37.72 4.24 -30.38
CA SER F 411 36.33 4.43 -29.96
C SER F 411 35.67 3.08 -29.77
N ASN F 412 34.50 3.08 -29.18
CA ASN F 412 33.64 1.90 -29.14
C ASN F 412 32.37 2.18 -29.95
N ARG F 413 32.45 2.11 -31.28
CA ARG F 413 31.33 2.49 -32.15
C ARG F 413 30.66 1.31 -32.87
N GLY F 414 30.82 0.10 -32.36
CA GLY F 414 30.07 -1.03 -32.91
C GLY F 414 28.63 -0.96 -32.42
N ALA F 415 28.48 -1.19 -31.12
CA ALA F 415 27.18 -1.09 -30.49
C ALA F 415 27.03 0.27 -29.81
N SER F 416 28.13 1.03 -29.80
CA SER F 416 28.13 2.39 -29.27
C SER F 416 27.62 2.46 -27.83
N GLY F 417 28.04 1.51 -27.01
CA GLY F 417 27.68 1.51 -25.60
C GLY F 417 28.32 2.61 -24.78
N ILE F 418 27.57 3.14 -23.81
CA ILE F 418 28.18 4.08 -22.87
C ILE F 418 28.58 3.35 -21.58
N ASP F 419 28.68 2.03 -21.62
CA ASP F 419 28.90 1.26 -20.39
C ASP F 419 30.34 0.87 -20.05
N GLY F 420 31.29 1.12 -20.95
CA GLY F 420 32.65 0.67 -20.68
C GLY F 420 33.74 1.60 -21.16
N LEU F 421 33.43 2.89 -21.24
CA LEU F 421 34.34 3.80 -21.94
C LEU F 421 35.63 4.10 -21.15
N LEU F 422 35.55 4.21 -19.83
CA LEU F 422 36.75 4.49 -19.05
C LEU F 422 37.70 3.29 -19.02
N SER F 423 37.15 2.08 -18.82
CA SER F 423 38.01 0.90 -18.79
C SER F 423 38.58 0.61 -20.17
N THR F 424 37.82 0.89 -21.24
CA THR F 424 38.35 0.70 -22.58
C THR F 424 39.51 1.67 -22.78
N ALA F 425 39.32 2.90 -22.35
CA ALA F 425 40.36 3.92 -22.49
C ALA F 425 41.64 3.51 -21.77
N ALA F 426 41.49 2.88 -20.60
CA ALA F 426 42.65 2.39 -19.86
C ALA F 426 43.43 1.36 -20.66
N GLY F 427 42.71 0.44 -21.30
CA GLY F 427 43.35 -0.59 -22.11
C GLY F 427 44.03 -0.01 -23.34
N VAL F 428 43.37 0.95 -23.95
CA VAL F 428 43.92 1.65 -25.11
C VAL F 428 45.27 2.29 -24.73
N GLN F 429 45.29 2.94 -23.58
CA GLN F 429 46.53 3.57 -23.10
C GLN F 429 47.60 2.53 -22.83
N ARG F 430 47.27 1.48 -22.08
CA ARG F 430 48.28 0.50 -21.68
C ARG F 430 48.88 -0.21 -22.88
N ALA F 431 48.04 -0.48 -23.89
CA ALA F 431 48.48 -1.22 -25.08
C ALA F 431 49.59 -0.50 -25.85
N SER F 432 49.45 0.80 -26.03
CA SER F 432 50.42 1.53 -26.87
C SER F 432 51.48 2.27 -26.06
N GLY F 433 51.18 2.53 -24.80
CA GLY F 433 52.08 3.29 -23.94
C GLY F 433 52.16 4.74 -24.34
N LYS F 434 51.20 5.22 -25.14
CA LYS F 434 51.22 6.61 -25.63
C LYS F 434 50.42 7.54 -24.74
N PRO F 435 50.78 8.82 -24.75
CA PRO F 435 49.94 9.85 -24.10
C PRO F 435 48.56 9.81 -24.72
N THR F 436 47.53 9.91 -23.88
CA THR F 436 46.18 9.66 -24.35
C THR F 436 45.23 10.77 -23.90
N LEU F 437 44.42 11.27 -24.84
CA LEU F 437 43.36 12.19 -24.53
C LEU F 437 42.06 11.42 -24.67
N ALA F 438 41.29 11.33 -23.59
CA ALA F 438 40.00 10.64 -23.65
C ALA F 438 38.89 11.61 -23.28
N ILE F 439 37.80 11.59 -24.03
CA ILE F 439 36.69 12.52 -23.80
C ILE F 439 35.36 11.78 -23.72
N VAL F 440 34.66 11.96 -22.60
CA VAL F 440 33.40 11.28 -22.38
C VAL F 440 32.38 12.23 -21.75
N GLY F 441 31.12 11.83 -21.80
CA GLY F 441 30.06 12.59 -21.16
C GLY F 441 29.87 12.19 -19.71
N ASP F 442 29.00 12.92 -19.00
CA ASP F 442 28.84 12.69 -17.56
C ASP F 442 28.14 11.36 -17.21
N LEU F 443 27.10 10.98 -17.95
CA LEU F 443 26.45 9.69 -17.66
C LEU F 443 27.41 8.56 -18.01
N SER F 444 28.20 8.74 -19.07
CA SER F 444 29.22 7.76 -19.46
C SER F 444 30.24 7.58 -18.33
N ALA F 445 30.71 8.68 -17.77
CA ALA F 445 31.67 8.61 -16.68
C ALA F 445 31.09 7.96 -15.44
N LEU F 446 29.83 8.25 -15.11
CA LEU F 446 29.15 7.60 -14.01
C LEU F 446 28.98 6.10 -14.24
N TYR F 447 28.61 5.74 -15.46
CA TYR F 447 28.36 4.35 -15.81
C TYR F 447 29.58 3.49 -15.47
N ASP F 448 30.76 3.95 -15.87
CA ASP F 448 31.98 3.18 -15.63
C ASP F 448 32.85 3.85 -14.56
N LEU F 449 32.21 4.46 -13.57
CA LEU F 449 32.92 5.22 -12.54
C LEU F 449 34.02 4.41 -11.84
N ASN F 450 33.79 3.14 -11.53
CA ASN F 450 34.81 2.41 -10.75
C ASN F 450 36.06 2.08 -11.57
N ALA F 451 36.01 2.37 -12.87
CA ALA F 451 37.18 2.20 -13.75
C ALA F 451 38.23 3.26 -13.48
N LEU F 452 37.89 4.27 -12.70
CA LEU F 452 38.90 5.22 -12.26
C LEU F 452 39.99 4.46 -11.48
N ALA F 453 39.62 3.31 -10.90
CA ALA F 453 40.62 2.49 -10.21
C ALA F 453 41.74 2.07 -11.16
N LEU F 454 41.37 1.70 -12.38
CA LEU F 454 42.32 1.28 -13.42
C LEU F 454 43.21 2.42 -13.88
N LEU F 455 42.64 3.62 -13.92
CA LEU F 455 43.35 4.80 -14.43
C LEU F 455 44.40 5.29 -13.43
N ARG F 456 44.45 4.65 -12.28
CA ARG F 456 45.54 4.91 -11.34
C ARG F 456 46.83 4.31 -11.89
N GLN F 457 46.73 3.44 -12.89
CA GLN F 457 47.93 2.87 -13.50
C GLN F 457 47.94 3.05 -15.02
N VAL F 458 48.61 4.13 -15.45
CA VAL F 458 48.86 4.37 -16.87
C VAL F 458 50.37 4.59 -17.07
N SER F 459 50.89 4.28 -18.26
CA SER F 459 52.33 4.33 -18.49
C SER F 459 52.79 5.66 -19.11
N ALA F 460 51.80 6.49 -19.42
CA ALA F 460 52.00 7.82 -20.00
C ALA F 460 50.82 8.67 -19.57
N PRO F 461 50.95 9.99 -19.67
CA PRO F 461 49.83 10.84 -19.21
C PRO F 461 48.53 10.55 -19.94
N LEU F 462 47.45 10.51 -19.18
CA LEU F 462 46.14 10.38 -19.78
C LEU F 462 45.28 11.50 -19.24
N VAL F 463 44.74 12.31 -20.15
CA VAL F 463 43.79 13.33 -19.76
C VAL F 463 42.40 12.79 -20.04
N LEU F 464 41.58 12.72 -19.00
CA LEU F 464 40.19 12.32 -19.13
C LEU F 464 39.34 13.57 -19.00
N ILE F 465 38.82 14.05 -20.12
CA ILE F 465 37.88 15.15 -20.05
C ILE F 465 36.50 14.57 -19.84
N VAL F 466 35.81 15.01 -18.79
CA VAL F 466 34.42 14.65 -18.59
C VAL F 466 33.60 15.91 -18.87
N VAL F 467 32.82 15.85 -19.96
CA VAL F 467 31.92 16.93 -20.31
C VAL F 467 30.64 16.77 -19.51
N ASN F 468 30.40 17.69 -18.57
CA ASN F 468 29.24 17.60 -17.69
C ASN F 468 28.16 18.58 -18.11
N ASN F 469 27.17 18.08 -18.83
CA ASN F 469 26.03 18.88 -19.25
C ASN F 469 24.76 18.39 -18.55
N ASN F 470 24.95 17.66 -17.45
CA ASN F 470 23.89 17.25 -16.55
C ASN F 470 22.81 16.43 -17.21
N GLY F 471 23.21 15.25 -17.69
CA GLY F 471 22.25 14.32 -18.28
C GLY F 471 22.73 13.89 -19.66
N GLY F 472 21.94 13.04 -20.34
CA GLY F 472 22.28 12.63 -21.69
C GLY F 472 21.74 13.62 -22.71
N GLN F 473 22.49 14.69 -23.00
CA GLN F 473 21.95 15.78 -23.80
C GLN F 473 21.81 15.42 -25.28
N ILE F 474 22.27 14.23 -25.68
CA ILE F 474 21.91 13.75 -27.01
C ILE F 474 20.37 13.74 -27.17
N PHE F 475 19.65 13.59 -26.06
CA PHE F 475 18.19 13.55 -26.12
C PHE F 475 17.57 14.94 -26.15
N SER F 476 18.44 15.96 -26.12
CA SER F 476 18.04 17.34 -26.41
C SER F 476 18.29 17.67 -27.89
N LEU F 477 19.09 16.84 -28.54
CA LEU F 477 19.34 16.96 -29.97
C LEU F 477 18.26 16.19 -30.74
N LEU F 478 17.96 14.98 -30.29
CA LEU F 478 16.84 14.20 -30.82
C LEU F 478 15.50 14.88 -30.48
N PRO F 479 14.50 14.68 -31.34
CA PRO F 479 13.19 15.31 -31.15
C PRO F 479 12.31 14.61 -30.12
N THR F 480 12.87 14.34 -28.95
CA THR F 480 12.13 13.70 -27.87
C THR F 480 11.07 14.67 -27.34
N PRO F 481 9.96 14.14 -26.81
CA PRO F 481 8.86 14.95 -26.30
C PRO F 481 9.24 15.73 -25.05
N GLN F 482 8.94 17.03 -25.02
CA GLN F 482 9.41 17.89 -23.93
C GLN F 482 8.90 17.49 -22.55
N SER F 483 7.65 17.03 -22.48
CA SER F 483 7.06 16.70 -21.18
C SER F 483 7.80 15.56 -20.47
N GLU F 484 8.23 14.56 -21.23
CA GLU F 484 8.89 13.40 -20.63
C GLU F 484 10.41 13.47 -20.70
N ARG F 485 10.93 14.51 -21.35
CA ARG F 485 12.37 14.53 -21.70
C ARG F 485 13.30 14.45 -20.49
N GLU F 486 13.08 15.26 -19.46
CA GLU F 486 14.02 15.30 -18.34
C GLU F 486 14.01 14.00 -17.54
N ARG F 487 12.83 13.55 -17.13
CA ARG F 487 12.74 12.38 -16.26
C ARG F 487 13.11 11.08 -16.98
N PHE F 488 12.66 10.93 -18.22
CA PHE F 488 12.75 9.62 -18.88
C PHE F 488 13.80 9.54 -19.97
N TYR F 489 14.44 10.66 -20.31
CA TYR F 489 15.51 10.65 -21.30
C TYR F 489 16.82 11.24 -20.78
N LEU F 490 16.79 12.53 -20.43
CA LEU F 490 18.02 13.23 -20.03
C LEU F 490 18.60 12.63 -18.75
N MET F 491 17.73 12.37 -17.78
CA MET F 491 18.13 11.81 -16.49
C MET F 491 19.33 12.50 -15.87
N PRO F 492 19.22 13.81 -15.63
CA PRO F 492 20.30 14.52 -14.93
C PRO F 492 20.58 13.88 -13.57
N GLN F 493 21.85 13.72 -13.22
CA GLN F 493 22.19 13.10 -11.95
C GLN F 493 22.72 14.15 -10.96
N ASN F 494 22.91 15.37 -11.46
CA ASN F 494 23.30 16.49 -10.62
C ASN F 494 24.49 16.18 -9.72
N VAL F 495 25.60 15.79 -10.35
CA VAL F 495 26.82 15.49 -9.66
C VAL F 495 27.99 16.26 -10.28
N HIS F 496 29.11 16.25 -9.56
CA HIS F 496 30.39 16.64 -10.12
C HIS F 496 31.39 15.54 -9.84
N PHE F 497 32.61 15.69 -10.34
CA PHE F 497 33.55 14.60 -10.31
C PHE F 497 34.80 14.85 -9.49
N GLU F 498 34.81 15.95 -8.72
CA GLU F 498 35.97 16.24 -7.89
C GLU F 498 36.19 15.15 -6.85
N HIS F 499 35.12 14.66 -6.25
CA HIS F 499 35.25 13.61 -5.24
C HIS F 499 35.63 12.25 -5.84
N ALA F 500 35.16 11.99 -7.05
CA ALA F 500 35.55 10.75 -7.74
C ALA F 500 37.05 10.73 -7.98
N ALA F 501 37.60 11.84 -8.47
CA ALA F 501 39.03 11.94 -8.68
C ALA F 501 39.78 11.77 -7.36
N ALA F 502 39.31 12.45 -6.32
CA ALA F 502 39.96 12.41 -5.02
C ALA F 502 39.97 11.00 -4.44
N MET F 503 38.88 10.27 -4.62
CA MET F 503 38.77 8.90 -4.13
C MET F 503 39.89 8.02 -4.65
N PHE F 504 40.28 8.26 -5.91
CA PHE F 504 41.28 7.42 -6.55
C PHE F 504 42.61 8.15 -6.69
N GLU F 505 42.74 9.24 -5.95
CA GLU F 505 43.99 9.99 -5.88
C GLU F 505 44.47 10.45 -7.25
N LEU F 506 43.52 10.90 -8.05
CA LEU F 506 43.81 11.45 -9.37
C LEU F 506 43.71 12.97 -9.33
N LYS F 507 44.66 13.64 -9.98
CA LYS F 507 44.63 15.09 -10.09
C LYS F 507 43.33 15.51 -10.78
N TYR F 508 42.79 16.65 -10.37
CA TYR F 508 41.52 17.13 -10.86
C TYR F 508 41.53 18.62 -11.15
N HIS F 509 40.91 19.01 -12.27
CA HIS F 509 40.70 20.43 -12.59
C HIS F 509 39.28 20.65 -13.08
N ARG F 510 38.69 21.77 -12.68
CA ARG F 510 37.41 22.22 -13.24
C ARG F 510 37.59 23.62 -13.82
N PRO F 511 38.17 23.70 -15.02
CA PRO F 511 38.51 24.98 -15.67
C PRO F 511 37.29 25.82 -16.00
N GLN F 512 37.39 27.14 -15.82
CA GLN F 512 36.23 28.01 -15.98
C GLN F 512 36.30 28.76 -17.30
N ASN F 513 37.45 28.68 -17.97
CA ASN F 513 37.66 29.33 -19.26
C ASN F 513 38.78 28.65 -20.05
N TRP F 514 39.02 29.10 -21.28
CA TRP F 514 40.02 28.45 -22.14
C TRP F 514 41.42 28.54 -21.55
N GLN F 515 41.74 29.67 -20.93
CA GLN F 515 43.07 29.83 -20.34
C GLN F 515 43.31 28.77 -19.26
N GLU F 516 42.32 28.56 -18.40
CA GLU F 516 42.44 27.56 -17.35
C GLU F 516 42.48 26.14 -17.92
N LEU F 517 41.75 25.90 -19.00
CA LEU F 517 41.80 24.59 -19.65
C LEU F 517 43.18 24.31 -20.21
N GLU F 518 43.78 25.28 -20.89
CA GLU F 518 45.10 25.07 -21.46
C GLU F 518 46.15 24.89 -20.36
N THR F 519 45.98 25.61 -19.25
CA THR F 519 46.88 25.46 -18.12
C THR F 519 46.78 24.05 -17.57
N ALA F 520 45.57 23.55 -17.46
CA ALA F 520 45.34 22.19 -16.99
C ALA F 520 46.01 21.18 -17.93
N PHE F 521 45.85 21.38 -19.24
CA PHE F 521 46.47 20.49 -20.22
C PHE F 521 47.99 20.47 -20.03
N ALA F 522 48.57 21.66 -19.93
CA ALA F 522 50.02 21.78 -19.82
C ALA F 522 50.58 21.01 -18.63
N ASP F 523 49.94 21.16 -17.48
CA ASP F 523 50.34 20.43 -16.28
C ASP F 523 50.18 18.93 -16.47
N ALA F 524 49.06 18.53 -17.06
CA ALA F 524 48.71 17.12 -17.15
C ALA F 524 49.71 16.31 -17.99
N TRP F 525 50.23 16.87 -19.08
CA TRP F 525 51.09 16.09 -19.96
C TRP F 525 52.47 15.86 -19.35
N ARG F 526 52.73 16.47 -18.19
CA ARG F 526 54.07 16.43 -17.60
C ARG F 526 54.38 15.13 -16.86
N THR F 527 53.36 14.36 -16.47
CA THR F 527 53.62 13.11 -15.73
C THR F 527 52.80 11.94 -16.24
N PRO F 528 53.31 10.71 -16.05
CA PRO F 528 52.62 9.48 -16.44
C PRO F 528 51.48 9.11 -15.49
N THR F 529 50.49 9.98 -15.41
CA THR F 529 49.34 9.76 -14.56
C THR F 529 48.09 10.23 -15.26
N THR F 530 46.94 9.85 -14.72
CA THR F 530 45.67 10.30 -15.25
C THR F 530 45.24 11.59 -14.58
N THR F 531 44.90 12.59 -15.37
CA THR F 531 44.32 13.83 -14.85
C THR F 531 42.88 13.92 -15.31
N VAL F 532 41.99 14.19 -14.36
CA VAL F 532 40.57 14.38 -14.67
C VAL F 532 40.30 15.85 -14.87
N ILE F 533 39.80 16.21 -16.04
CA ILE F 533 39.40 17.59 -16.32
C ILE F 533 37.90 17.63 -16.53
N GLU F 534 37.18 18.25 -15.61
CA GLU F 534 35.73 18.34 -15.73
C GLU F 534 35.34 19.67 -16.36
N MET F 535 34.70 19.59 -17.53
CA MET F 535 34.21 20.78 -18.19
C MET F 535 32.70 20.87 -17.97
N VAL F 536 32.32 21.80 -17.11
CA VAL F 536 30.91 22.01 -16.80
C VAL F 536 30.34 23.02 -17.78
N VAL F 537 29.27 22.64 -18.49
CA VAL F 537 28.66 23.47 -19.51
C VAL F 537 27.14 23.52 -19.36
N ASN F 538 26.52 24.54 -19.94
CA ASN F 538 25.07 24.66 -19.89
C ASN F 538 24.43 23.51 -20.65
N ASP F 539 23.48 22.84 -20.02
CA ASP F 539 22.92 21.59 -20.53
C ASP F 539 22.73 21.50 -22.04
N THR F 540 21.95 22.40 -22.62
CA THR F 540 21.50 22.22 -24.00
C THR F 540 22.26 23.04 -25.05
N ASP F 541 23.29 23.78 -24.64
CA ASP F 541 24.01 24.64 -25.58
C ASP F 541 24.65 23.88 -26.75
N GLY F 542 25.25 22.72 -26.46
CA GLY F 542 25.92 21.95 -27.49
C GLY F 542 24.95 21.49 -28.56
N ALA F 543 23.84 20.88 -28.11
CA ALA F 543 22.83 20.39 -29.03
C ALA F 543 22.28 21.53 -29.88
N GLN F 544 21.98 22.65 -29.23
CA GLN F 544 21.40 23.77 -29.96
C GLN F 544 22.39 24.39 -30.95
N THR F 545 23.66 24.45 -30.57
CA THR F 545 24.67 25.02 -31.46
C THR F 545 24.80 24.18 -32.71
N LEU F 546 24.79 22.86 -32.54
CA LEU F 546 24.87 21.95 -33.68
C LEU F 546 23.63 22.17 -34.57
N GLN F 547 22.46 22.29 -33.94
CA GLN F 547 21.23 22.48 -34.69
C GLN F 547 21.26 23.80 -35.48
N GLN F 548 21.79 24.85 -34.85
CA GLN F 548 21.87 26.15 -35.52
C GLN F 548 22.84 26.15 -36.69
N LEU F 549 23.97 25.50 -36.52
CA LEU F 549 24.96 25.42 -37.59
C LEU F 549 24.45 24.57 -38.75
N LEU F 550 23.73 23.49 -38.44
CA LEU F 550 23.12 22.67 -39.48
C LEU F 550 22.20 23.54 -40.34
N ALA F 551 21.34 24.31 -39.67
CA ALA F 551 20.42 25.19 -40.39
C ALA F 551 21.15 26.26 -41.19
N GLN F 552 22.16 26.88 -40.58
CA GLN F 552 22.90 27.93 -41.26
C GLN F 552 23.54 27.42 -42.55
N VAL F 553 24.23 26.29 -42.46
CA VAL F 553 24.94 25.77 -43.62
C VAL F 553 23.98 25.27 -44.70
N SER F 554 22.82 24.76 -44.29
CA SER F 554 21.83 24.24 -45.22
C SER F 554 21.25 25.34 -46.11
N HIS F 555 21.38 26.59 -45.68
CA HIS F 555 20.81 27.71 -46.41
C HIS F 555 21.82 28.42 -47.29
N LEU F 556 23.07 27.96 -47.25
CA LEU F 556 24.12 28.54 -48.07
C LEU F 556 23.87 28.27 -49.55
N MET G 1 39.48 -51.70 -14.63
CA MET G 1 39.59 -50.44 -15.36
C MET G 1 39.03 -50.57 -16.78
N SER G 2 38.03 -51.42 -16.96
CA SER G 2 37.48 -51.70 -18.28
C SER G 2 36.46 -50.66 -18.75
N VAL G 3 36.80 -49.93 -19.82
CA VAL G 3 35.90 -48.94 -20.38
C VAL G 3 34.61 -49.55 -20.91
N SER G 4 34.71 -50.71 -21.58
CA SER G 4 33.52 -51.35 -22.14
C SER G 4 32.57 -51.78 -21.01
N ALA G 5 33.13 -52.32 -19.94
CA ALA G 5 32.34 -52.73 -18.79
C ALA G 5 31.69 -51.53 -18.11
N PHE G 6 32.45 -50.47 -17.87
CA PHE G 6 31.85 -49.33 -17.19
C PHE G 6 30.77 -48.65 -18.05
N ASN G 7 31.01 -48.59 -19.37
CA ASN G 7 29.99 -48.07 -20.28
C ASN G 7 28.66 -48.76 -20.04
N ARG G 8 28.72 -50.07 -19.86
CA ARG G 8 27.49 -50.83 -19.71
C ARG G 8 26.83 -50.63 -18.34
N ARG G 9 27.63 -50.43 -17.30
CA ARG G 9 27.08 -50.16 -15.96
C ARG G 9 26.43 -48.77 -15.92
N TRP G 10 27.09 -47.80 -16.56
CA TRP G 10 26.54 -46.46 -16.71
C TRP G 10 25.19 -46.53 -17.42
N ALA G 11 25.16 -47.22 -18.55
CA ALA G 11 23.92 -47.38 -19.30
C ALA G 11 22.87 -48.14 -18.48
N ALA G 12 23.30 -49.12 -17.70
CA ALA G 12 22.36 -49.92 -16.93
C ALA G 12 21.62 -49.05 -15.90
N VAL G 13 22.31 -48.07 -15.33
CA VAL G 13 21.66 -47.16 -14.38
C VAL G 13 20.59 -46.32 -15.10
N ILE G 14 20.94 -45.80 -16.27
CA ILE G 14 20.02 -45.01 -17.05
C ILE G 14 18.75 -45.81 -17.34
N LEU G 15 18.93 -47.03 -17.86
CA LEU G 15 17.77 -47.82 -18.23
C LEU G 15 16.93 -48.24 -17.02
N GLU G 16 17.59 -48.65 -15.93
CA GLU G 16 16.84 -49.08 -14.75
C GLU G 16 16.06 -47.91 -14.16
N ALA G 17 16.66 -46.71 -14.20
CA ALA G 17 15.96 -45.54 -13.71
C ALA G 17 14.63 -45.33 -14.45
N LEU G 18 14.63 -45.55 -15.76
CA LEU G 18 13.45 -45.34 -16.59
C LEU G 18 12.30 -46.25 -16.18
N THR G 19 12.63 -47.45 -15.72
CA THR G 19 11.59 -48.39 -15.31
C THR G 19 10.80 -47.91 -14.11
N ARG G 20 11.38 -46.99 -13.34
CA ARG G 20 10.74 -46.47 -12.15
C ARG G 20 9.73 -45.38 -12.49
N HIS G 21 9.66 -45.02 -13.77
CA HIS G 21 8.75 -43.99 -14.24
C HIS G 21 7.76 -44.55 -15.25
N GLY G 22 7.61 -45.86 -15.25
CA GLY G 22 6.59 -46.49 -16.08
C GLY G 22 6.99 -46.88 -17.49
N VAL G 23 8.27 -46.76 -17.80
CA VAL G 23 8.75 -47.18 -19.12
C VAL G 23 8.73 -48.71 -19.22
N ARG G 24 7.95 -49.21 -20.19
CA ARG G 24 7.87 -50.63 -20.48
C ARG G 24 8.37 -50.92 -21.89
N HIS G 25 7.86 -50.15 -22.84
CA HIS G 25 8.22 -50.33 -24.24
C HIS G 25 9.52 -49.63 -24.55
N ILE G 26 10.41 -50.33 -25.26
CA ILE G 26 11.61 -49.65 -25.72
C ILE G 26 11.80 -50.05 -27.18
N CYS G 27 12.05 -49.04 -28.01
CA CYS G 27 12.20 -49.23 -29.45
C CYS G 27 13.66 -49.06 -29.82
N ILE G 28 14.22 -50.07 -30.48
CA ILE G 28 15.66 -50.12 -30.71
C ILE G 28 16.00 -50.25 -32.18
N ALA G 29 16.89 -49.38 -32.66
CA ALA G 29 17.43 -49.50 -34.00
C ALA G 29 18.88 -49.96 -33.90
N PRO G 30 19.40 -50.55 -34.99
CA PRO G 30 20.73 -51.16 -34.90
C PRO G 30 21.88 -50.17 -34.99
N GLY G 31 23.00 -50.52 -34.36
CA GLY G 31 24.17 -49.68 -34.39
C GLY G 31 25.27 -50.24 -33.50
N SER G 32 26.44 -49.61 -33.56
CA SER G 32 27.54 -50.06 -32.71
C SER G 32 27.70 -49.11 -31.51
N ARG G 33 27.70 -47.81 -31.75
CA ARG G 33 27.90 -46.86 -30.66
C ARG G 33 26.80 -46.96 -29.59
N SER G 34 25.62 -47.45 -29.99
CA SER G 34 24.50 -47.64 -29.08
C SER G 34 24.61 -48.89 -28.20
N THR G 35 25.67 -49.67 -28.42
CA THR G 35 25.85 -50.94 -27.72
C THR G 35 25.63 -50.92 -26.20
N PRO G 36 26.23 -49.95 -25.48
CA PRO G 36 26.02 -49.99 -24.03
C PRO G 36 24.54 -49.87 -23.66
N LEU G 37 23.82 -49.03 -24.38
CA LEU G 37 22.39 -48.85 -24.14
C LEU G 37 21.57 -50.08 -24.53
N THR G 38 21.86 -50.59 -25.71
CA THR G 38 21.08 -51.72 -26.25
C THR G 38 21.29 -52.99 -25.44
N LEU G 39 22.54 -53.25 -25.02
CA LEU G 39 22.79 -54.42 -24.20
C LEU G 39 22.18 -54.25 -22.81
N ALA G 40 22.22 -53.04 -22.26
CA ALA G 40 21.58 -52.77 -20.97
C ALA G 40 20.08 -53.02 -21.06
N ALA G 41 19.48 -52.57 -22.15
CA ALA G 41 18.05 -52.76 -22.39
C ALA G 41 17.70 -54.24 -22.57
N ALA G 42 18.52 -54.95 -23.36
CA ALA G 42 18.24 -56.34 -23.67
C ALA G 42 18.23 -57.20 -22.41
N GLU G 43 19.09 -56.84 -21.45
CA GLU G 43 19.27 -57.59 -20.21
C GLU G 43 18.22 -57.29 -19.14
N ASN G 44 17.48 -56.21 -19.33
CA ASN G 44 16.51 -55.76 -18.33
C ASN G 44 15.10 -56.33 -18.58
N SER G 45 14.61 -57.16 -17.67
CA SER G 45 13.38 -57.91 -17.89
C SER G 45 12.12 -57.04 -17.83
N ALA G 46 12.27 -55.75 -17.51
CA ALA G 46 11.11 -54.88 -17.40
C ALA G 46 10.57 -54.50 -18.78
N PHE G 47 11.41 -54.62 -19.80
CA PHE G 47 11.06 -54.05 -21.10
C PHE G 47 10.41 -55.02 -22.06
N ILE G 48 9.54 -54.48 -22.88
CA ILE G 48 9.14 -55.10 -24.13
C ILE G 48 9.95 -54.43 -25.22
N HIS G 49 10.74 -55.21 -25.96
CA HIS G 49 11.64 -54.62 -26.97
C HIS G 49 11.04 -54.69 -28.36
N HIS G 50 11.04 -53.56 -29.06
CA HIS G 50 10.63 -53.54 -30.45
C HIS G 50 11.81 -53.09 -31.28
N THR G 51 12.00 -53.68 -32.46
CA THR G 51 13.11 -53.29 -33.30
C THR G 51 12.65 -52.86 -34.69
N HIS G 52 13.42 -52.00 -35.33
CA HIS G 52 13.16 -51.59 -36.71
C HIS G 52 14.41 -50.98 -37.31
N PHE G 53 14.54 -51.04 -38.64
CA PHE G 53 15.73 -50.58 -39.34
C PHE G 53 15.64 -49.12 -39.77
N ASP G 54 14.43 -48.56 -39.85
CA ASP G 54 14.24 -47.16 -40.25
C ASP G 54 14.01 -46.33 -39.00
N GLU G 55 14.95 -45.45 -38.65
CA GLU G 55 14.79 -44.70 -37.41
C GLU G 55 13.60 -43.73 -37.41
N ARG G 56 13.20 -43.24 -38.57
CA ARG G 56 12.02 -42.38 -38.64
C ARG G 56 10.79 -43.19 -38.28
N GLY G 57 10.69 -44.38 -38.84
CA GLY G 57 9.60 -45.29 -38.51
C GLY G 57 9.68 -45.74 -37.06
N LEU G 58 10.90 -45.91 -36.57
CA LEU G 58 11.10 -46.31 -35.18
C LEU G 58 10.50 -45.27 -34.24
N GLY G 59 10.77 -44.00 -34.54
CA GLY G 59 10.24 -42.92 -33.74
C GLY G 59 8.73 -42.92 -33.74
N HIS G 60 8.13 -43.20 -34.90
CA HIS G 60 6.66 -43.20 -35.00
C HIS G 60 6.05 -44.44 -34.36
N LEU G 61 6.77 -45.55 -34.41
CA LEU G 61 6.34 -46.75 -33.68
C LEU G 61 6.24 -46.42 -32.18
N ALA G 62 7.27 -45.77 -31.66
CA ALA G 62 7.27 -45.36 -30.26
C ALA G 62 6.12 -44.36 -29.98
N LEU G 63 5.90 -43.43 -30.90
CA LEU G 63 4.81 -42.48 -30.76
C LEU G 63 3.48 -43.21 -30.60
N GLY G 64 3.24 -44.20 -31.46
CA GLY G 64 2.00 -44.96 -31.40
C GLY G 64 1.87 -45.76 -30.11
N LEU G 65 2.96 -46.37 -29.68
CA LEU G 65 2.96 -47.09 -28.40
C LEU G 65 2.63 -46.15 -27.24
N ALA G 66 3.21 -44.95 -27.25
CA ALA G 66 2.99 -44.00 -26.16
C ALA G 66 1.58 -43.46 -26.18
N LYS G 67 1.07 -43.25 -27.40
CA LYS G 67 -0.24 -42.69 -27.65
C LYS G 67 -1.31 -43.55 -26.99
N VAL G 68 -1.15 -44.87 -27.12
CA VAL G 68 -2.14 -45.80 -26.59
C VAL G 68 -1.90 -46.11 -25.12
N SER G 69 -0.64 -46.33 -24.75
CA SER G 69 -0.31 -46.78 -23.41
C SER G 69 -0.37 -45.69 -22.35
N LYS G 70 -0.26 -44.43 -22.76
CA LYS G 70 -0.29 -43.31 -21.82
C LYS G 70 0.85 -43.37 -20.80
N GLN G 71 1.95 -44.03 -21.20
CA GLN G 71 3.18 -44.07 -20.43
C GLN G 71 4.35 -43.60 -21.29
N PRO G 72 5.47 -43.21 -20.67
CA PRO G 72 6.65 -42.88 -21.48
C PRO G 72 7.19 -44.14 -22.16
N VAL G 73 7.65 -43.96 -23.39
CA VAL G 73 8.21 -45.01 -24.21
C VAL G 73 9.64 -44.62 -24.59
N ALA G 74 10.57 -45.55 -24.45
CA ALA G 74 11.97 -45.25 -24.71
C ALA G 74 12.38 -45.67 -26.13
N VAL G 75 13.39 -44.98 -26.64
CA VAL G 75 13.95 -45.23 -27.97
C VAL G 75 15.46 -45.25 -27.85
N ILE G 76 16.12 -46.22 -28.47
CA ILE G 76 17.58 -46.24 -28.55
C ILE G 76 18.01 -46.21 -29.99
N VAL G 77 18.88 -45.26 -30.33
CA VAL G 77 19.50 -45.23 -31.66
C VAL G 77 20.99 -44.94 -31.54
N THR G 78 21.73 -45.27 -32.58
CA THR G 78 23.16 -44.99 -32.60
C THR G 78 23.40 -43.52 -33.01
N SER G 79 24.66 -43.11 -33.04
CA SER G 79 25.00 -41.72 -33.36
C SER G 79 24.79 -41.40 -34.85
N GLY G 80 24.70 -40.12 -35.20
CA GLY G 80 24.65 -39.72 -36.60
C GLY G 80 23.26 -39.39 -37.11
N THR G 81 23.00 -39.68 -38.39
CA THR G 81 21.69 -39.34 -38.96
C THR G 81 20.58 -40.20 -38.39
N ALA G 82 20.94 -41.34 -37.79
CA ALA G 82 19.94 -42.13 -37.06
C ALA G 82 19.19 -41.25 -36.08
N VAL G 83 19.93 -40.37 -35.41
CA VAL G 83 19.34 -39.47 -34.41
C VAL G 83 18.42 -38.44 -35.07
N ALA G 84 18.89 -37.86 -36.18
CA ALA G 84 18.11 -36.86 -36.89
C ALA G 84 16.77 -37.42 -37.33
N ASN G 85 16.73 -38.72 -37.64
CA ASN G 85 15.49 -39.32 -38.12
C ASN G 85 14.37 -39.40 -37.08
N LEU G 86 14.71 -39.19 -35.82
CA LEU G 86 13.72 -39.17 -34.73
C LEU G 86 12.95 -37.86 -34.66
N TYR G 87 13.38 -36.85 -35.42
CA TYR G 87 12.83 -35.50 -35.26
C TYR G 87 11.32 -35.44 -35.49
N PRO G 88 10.86 -36.06 -36.60
CA PRO G 88 9.42 -35.96 -36.87
C PRO G 88 8.54 -36.47 -35.71
N ALA G 89 8.83 -37.65 -35.17
CA ALA G 89 8.02 -38.17 -34.07
C ALA G 89 8.16 -37.29 -32.83
N LEU G 90 9.36 -36.77 -32.59
CA LEU G 90 9.61 -35.92 -31.45
C LEU G 90 8.77 -34.64 -31.52
N ILE G 91 8.67 -34.09 -32.72
CA ILE G 91 7.90 -32.87 -32.94
C ILE G 91 6.42 -33.12 -32.69
N GLU G 92 5.94 -34.23 -33.22
CA GLU G 92 4.53 -34.58 -33.06
C GLU G 92 4.23 -34.77 -31.57
N ALA G 93 5.12 -35.45 -30.85
CA ALA G 93 4.94 -35.65 -29.41
C ALA G 93 4.93 -34.32 -28.67
N GLY G 94 5.73 -33.36 -29.14
CA GLY G 94 5.75 -32.04 -28.51
C GLY G 94 4.38 -31.38 -28.58
N LEU G 95 3.66 -31.64 -29.64
CA LEU G 95 2.36 -31.02 -29.86
C LEU G 95 1.22 -31.78 -29.19
N THR G 96 1.27 -33.10 -29.17
CA THR G 96 0.11 -33.85 -28.69
C THR G 96 0.31 -34.54 -27.35
N GLY G 97 1.54 -34.55 -26.85
CA GLY G 97 1.81 -34.91 -25.47
C GLY G 97 2.46 -36.24 -25.17
N GLU G 98 2.62 -37.10 -26.18
CA GLU G 98 3.25 -38.41 -25.97
C GLU G 98 4.60 -38.24 -25.30
N LYS G 99 4.90 -39.10 -24.32
CA LYS G 99 6.19 -39.02 -23.64
C LYS G 99 7.20 -39.94 -24.29
N LEU G 100 8.02 -39.39 -25.17
CA LEU G 100 9.05 -40.17 -25.83
C LEU G 100 10.40 -39.86 -25.21
N ILE G 101 11.07 -40.91 -24.73
CA ILE G 101 12.37 -40.76 -24.11
C ILE G 101 13.43 -41.21 -25.12
N LEU G 102 14.16 -40.26 -25.70
CA LEU G 102 15.11 -40.57 -26.77
C LEU G 102 16.53 -40.71 -26.23
N LEU G 103 17.01 -41.94 -26.16
CA LEU G 103 18.38 -42.22 -25.72
C LEU G 103 19.24 -42.30 -26.95
N THR G 104 19.99 -41.23 -27.22
CA THR G 104 20.72 -41.16 -28.47
C THR G 104 22.22 -41.34 -28.20
N ALA G 105 22.77 -42.46 -28.64
CA ALA G 105 24.20 -42.71 -28.46
C ALA G 105 25.01 -41.65 -29.18
N ASP G 106 26.15 -41.30 -28.62
CA ASP G 106 27.01 -40.29 -29.23
C ASP G 106 28.46 -40.74 -29.15
N ARG G 107 29.28 -40.20 -30.04
CA ARG G 107 30.72 -40.26 -29.87
C ARG G 107 31.06 -39.44 -28.63
N PRO G 108 32.21 -39.73 -28.00
CA PRO G 108 32.65 -38.91 -26.88
C PRO G 108 33.18 -37.56 -27.38
N PRO G 109 33.31 -36.57 -26.48
CA PRO G 109 33.72 -35.22 -26.89
C PRO G 109 35.00 -35.18 -27.72
N GLU G 110 35.96 -36.05 -27.45
CA GLU G 110 37.23 -35.99 -28.15
C GLU G 110 37.08 -36.42 -29.61
N LEU G 111 35.92 -36.92 -30.02
CA LEU G 111 35.73 -37.31 -31.43
C LEU G 111 34.71 -36.46 -32.17
N ILE G 112 34.37 -35.29 -31.61
CA ILE G 112 33.45 -34.37 -32.28
C ILE G 112 34.21 -33.26 -33.02
N ASP G 113 33.73 -32.89 -34.21
CA ASP G 113 34.34 -31.82 -35.00
C ASP G 113 35.80 -32.10 -35.38
N CYS G 114 36.11 -33.33 -35.74
CA CYS G 114 37.46 -33.65 -36.14
C CYS G 114 37.48 -34.64 -37.30
N GLY G 115 36.38 -34.71 -38.03
CA GLY G 115 36.33 -35.56 -39.22
C GLY G 115 36.19 -37.05 -38.93
N ALA G 116 35.72 -37.38 -37.73
CA ALA G 116 35.46 -38.78 -37.37
C ALA G 116 34.18 -39.30 -38.02
N ASN G 117 34.23 -40.55 -38.49
CA ASN G 117 33.09 -41.13 -39.17
C ASN G 117 31.87 -41.18 -38.26
N GLN G 118 30.70 -40.78 -38.79
CA GLN G 118 29.43 -40.94 -38.10
C GLN G 118 29.38 -40.16 -36.79
N ALA G 119 30.20 -39.12 -36.68
CA ALA G 119 30.20 -38.26 -35.50
C ALA G 119 29.68 -36.89 -35.88
N ILE G 120 28.64 -36.44 -35.19
CA ILE G 120 28.06 -35.13 -35.45
C ILE G 120 27.80 -34.41 -34.12
N ARG G 121 27.46 -33.13 -34.19
CA ARG G 121 27.08 -32.37 -32.99
C ARG G 121 25.63 -32.67 -32.57
N GLN G 122 25.47 -33.41 -31.48
CA GLN G 122 24.13 -33.90 -31.11
C GLN G 122 23.46 -33.14 -29.97
N PRO G 123 24.21 -32.69 -28.95
CA PRO G 123 23.51 -31.91 -27.91
C PRO G 123 22.81 -30.71 -28.51
N GLY G 124 21.52 -30.55 -28.18
CA GLY G 124 20.74 -29.44 -28.67
C GLY G 124 20.25 -29.56 -30.11
N MET G 125 20.47 -30.71 -30.76
CA MET G 125 20.13 -30.78 -32.19
C MET G 125 18.62 -30.76 -32.46
N PHE G 126 17.80 -30.97 -31.42
CA PHE G 126 16.35 -30.89 -31.60
C PHE G 126 15.81 -29.55 -31.10
N ALA G 127 16.69 -28.60 -30.80
CA ALA G 127 16.31 -27.25 -30.46
C ALA G 127 15.27 -27.25 -29.33
N SER G 128 14.16 -26.53 -29.52
CA SER G 128 13.18 -26.38 -28.44
C SER G 128 12.10 -27.45 -28.41
N HIS G 129 12.23 -28.47 -29.24
CA HIS G 129 11.12 -29.40 -29.37
C HIS G 129 11.03 -30.42 -28.25
N PRO G 130 12.15 -30.89 -27.69
CA PRO G 130 11.98 -31.73 -26.49
C PRO G 130 11.47 -30.88 -25.32
N THR G 131 10.65 -31.48 -24.47
CA THR G 131 10.23 -30.82 -23.25
C THR G 131 11.43 -30.62 -22.33
N HIS G 132 12.28 -31.64 -22.26
N HIS G 132 12.33 -31.59 -22.33
CA HIS G 132 13.52 -31.63 -21.48
CA HIS G 132 13.52 -31.54 -21.50
C HIS G 132 14.66 -32.14 -22.33
C HIS G 132 14.67 -32.18 -22.24
N SER G 133 15.85 -31.56 -22.16
CA SER G 133 17.04 -32.08 -22.83
C SER G 133 18.15 -32.33 -21.82
N ILE G 134 18.70 -33.55 -21.83
CA ILE G 134 19.84 -33.90 -21.00
C ILE G 134 21.04 -34.26 -21.88
N SER G 135 22.12 -33.52 -21.75
N SER G 135 22.12 -33.51 -21.73
CA SER G 135 23.34 -33.86 -22.45
CA SER G 135 23.36 -33.82 -22.44
C SER G 135 24.29 -34.48 -21.44
C SER G 135 24.31 -34.48 -21.45
N LEU G 136 24.31 -35.81 -21.39
CA LEU G 136 25.11 -36.51 -20.40
C LEU G 136 26.58 -36.33 -20.67
N PRO G 137 27.36 -36.28 -19.59
CA PRO G 137 28.81 -36.17 -19.73
C PRO G 137 29.46 -37.49 -20.13
N ARG G 138 30.72 -37.39 -20.53
CA ARG G 138 31.55 -38.56 -20.79
C ARG G 138 31.56 -39.46 -19.54
N PRO G 139 31.21 -40.75 -19.69
CA PRO G 139 31.11 -41.60 -18.49
C PRO G 139 32.40 -41.63 -17.68
N THR G 140 32.26 -41.52 -16.36
CA THR G 140 33.41 -41.63 -15.46
C THR G 140 32.93 -41.99 -14.08
N GLN G 141 33.72 -42.78 -13.36
CA GLN G 141 33.36 -43.15 -12.00
C GLN G 141 33.51 -41.98 -11.04
N ASP G 142 34.11 -40.89 -11.52
CA ASP G 142 34.30 -39.73 -10.66
C ASP G 142 33.01 -38.91 -10.54
N ILE G 143 32.02 -39.22 -11.37
CA ILE G 143 30.66 -38.69 -11.22
C ILE G 143 29.82 -39.79 -10.59
N PRO G 144 29.22 -39.54 -9.42
CA PRO G 144 28.55 -40.63 -8.73
C PRO G 144 27.26 -41.08 -9.40
N ALA G 145 26.95 -42.36 -9.22
CA ALA G 145 25.72 -42.94 -9.77
C ALA G 145 24.51 -42.17 -9.29
N ARG G 146 24.56 -41.65 -8.07
N ARG G 146 24.56 -41.64 -8.07
CA ARG G 146 23.43 -40.90 -7.53
CA ARG G 146 23.41 -40.90 -7.55
C ARG G 146 23.15 -39.63 -8.34
C ARG G 146 23.15 -39.62 -8.33
N TRP G 147 24.18 -39.04 -8.93
CA TRP G 147 23.96 -37.88 -9.81
C TRP G 147 23.21 -38.32 -11.07
N LEU G 148 23.65 -39.41 -11.68
CA LEU G 148 23.08 -39.88 -12.93
C LEU G 148 21.61 -40.23 -12.76
N VAL G 149 21.29 -40.99 -11.72
CA VAL G 149 19.89 -41.38 -11.55
C VAL G 149 19.04 -40.15 -11.16
N SER G 150 19.59 -39.24 -10.37
CA SER G 150 18.83 -38.04 -9.98
C SER G 150 18.49 -37.18 -11.21
N THR G 151 19.44 -37.07 -12.13
CA THR G 151 19.23 -36.27 -13.35
C THR G 151 18.12 -36.88 -14.19
N ILE G 152 18.13 -38.19 -14.34
CA ILE G 152 17.06 -38.85 -15.06
C ILE G 152 15.74 -38.69 -14.32
N ASP G 153 15.77 -38.86 -13.00
CA ASP G 153 14.56 -38.78 -12.19
C ASP G 153 13.93 -37.39 -12.24
N HIS G 154 14.76 -36.36 -12.27
CA HIS G 154 14.23 -35.00 -12.42
C HIS G 154 13.49 -34.84 -13.75
N ALA G 155 14.12 -35.32 -14.84
CA ALA G 155 13.54 -35.17 -16.17
C ALA G 155 12.22 -35.90 -16.32
N LEU G 156 12.18 -37.14 -15.85
CA LEU G 156 10.97 -37.94 -15.99
C LEU G 156 9.90 -37.53 -14.99
N GLY G 157 10.33 -37.17 -13.78
CA GLY G 157 9.41 -36.82 -12.71
C GLY G 157 8.61 -35.58 -13.05
N THR G 158 9.29 -34.60 -13.65
CA THR G 158 8.70 -33.30 -13.96
C THR G 158 8.12 -33.23 -15.38
N LEU G 159 8.11 -34.36 -16.06
CA LEU G 159 7.61 -34.40 -17.44
C LEU G 159 6.07 -34.42 -17.48
N HIS G 160 5.47 -33.29 -17.84
CA HIS G 160 4.02 -33.21 -17.97
C HIS G 160 3.56 -33.90 -19.27
N ALA G 161 4.36 -33.73 -20.32
CA ALA G 161 4.03 -34.17 -21.66
C ALA G 161 5.21 -33.95 -22.58
N GLY G 162 5.26 -34.69 -23.68
CA GLY G 162 6.26 -34.47 -24.70
C GLY G 162 7.54 -35.26 -24.48
N GLY G 163 8.52 -34.98 -25.34
CA GLY G 163 9.74 -35.76 -25.42
C GLY G 163 10.87 -35.29 -24.54
N VAL G 164 11.76 -36.24 -24.24
CA VAL G 164 12.97 -35.95 -23.52
C VAL G 164 14.12 -36.44 -24.38
N HIS G 165 15.07 -35.55 -24.69
CA HIS G 165 16.26 -35.97 -25.40
C HIS G 165 17.38 -36.22 -24.40
N ILE G 166 17.82 -37.47 -24.32
CA ILE G 166 18.96 -37.81 -23.47
C ILE G 166 20.13 -38.23 -24.36
N ASN G 167 21.08 -37.32 -24.53
CA ASN G 167 22.24 -37.61 -25.34
C ASN G 167 23.28 -38.38 -24.51
N CYS G 168 23.77 -39.49 -25.06
CA CYS G 168 24.57 -40.46 -24.30
C CYS G 168 25.92 -40.78 -24.94
N PRO G 169 26.94 -39.97 -24.65
CA PRO G 169 28.27 -40.28 -25.18
C PRO G 169 28.87 -41.55 -24.57
N PHE G 170 29.51 -42.36 -25.42
CA PHE G 170 30.30 -43.50 -24.99
C PHE G 170 31.61 -43.55 -25.79
N ALA G 171 32.72 -43.77 -25.10
CA ALA G 171 33.99 -43.99 -25.77
C ALA G 171 34.24 -45.47 -25.96
N GLU G 172 34.93 -45.81 -27.04
CA GLU G 172 35.42 -47.16 -27.24
C GLU G 172 36.52 -47.44 -26.23
N PRO G 173 36.76 -48.71 -25.91
CA PRO G 173 36.11 -49.90 -26.47
C PRO G 173 34.65 -50.10 -26.04
N LEU G 174 33.84 -50.61 -26.94
CA LEU G 174 32.42 -50.85 -26.66
C LEU G 174 32.19 -52.32 -26.35
N TYR G 175 33.10 -53.17 -26.80
CA TYR G 175 32.93 -54.61 -26.69
C TYR G 175 33.99 -55.20 -25.77
N GLY G 176 33.77 -56.43 -25.32
CA GLY G 176 34.66 -57.08 -24.40
C GLY G 176 33.86 -57.72 -23.28
N GLU G 177 34.45 -58.71 -22.61
CA GLU G 177 33.74 -59.37 -21.52
C GLU G 177 33.56 -58.39 -20.38
N MET G 178 32.40 -58.44 -19.74
CA MET G 178 32.17 -57.61 -18.57
C MET G 178 32.94 -58.16 -17.38
N ASP G 179 33.59 -57.26 -16.66
CA ASP G 179 34.21 -57.58 -15.38
C ASP G 179 33.58 -56.71 -14.30
N ASP G 180 34.24 -56.61 -13.15
CA ASP G 180 33.64 -55.93 -12.00
C ASP G 180 33.83 -54.40 -12.06
N THR G 181 34.36 -53.89 -13.16
CA THR G 181 34.53 -52.44 -13.32
C THR G 181 33.18 -51.76 -13.16
N GLY G 182 33.08 -50.83 -12.21
CA GLY G 182 31.86 -50.08 -12.01
C GLY G 182 30.85 -50.72 -11.07
N LEU G 183 31.16 -51.92 -10.59
CA LEU G 183 30.23 -52.62 -9.72
C LEU G 183 30.08 -51.87 -8.39
N SER G 184 31.18 -51.50 -7.75
CA SER G 184 31.10 -50.79 -6.49
C SER G 184 30.45 -49.41 -6.69
N TRP G 185 30.72 -48.80 -7.84
CA TRP G 185 30.11 -47.53 -8.20
C TRP G 185 28.58 -47.66 -8.23
N GLN G 186 28.08 -48.72 -8.85
CA GLN G 186 26.64 -49.01 -8.86
C GLN G 186 26.08 -49.27 -7.46
N GLN G 187 26.86 -49.99 -6.67
CA GLN G 187 26.39 -50.44 -5.36
C GLN G 187 26.24 -49.29 -4.38
N ARG G 188 26.74 -48.12 -4.76
CA ARG G 188 26.52 -46.92 -3.95
C ARG G 188 25.04 -46.55 -3.87
N LEU G 189 24.23 -47.06 -4.80
CA LEU G 189 22.78 -46.81 -4.76
C LEU G 189 22.08 -47.76 -3.77
N GLY G 190 22.82 -48.72 -3.22
CA GLY G 190 22.26 -49.58 -2.20
C GLY G 190 21.03 -50.37 -2.67
N ASP G 191 19.99 -50.43 -1.85
CA ASP G 191 18.86 -51.28 -2.21
C ASP G 191 17.86 -50.55 -3.13
N TRP G 192 18.26 -49.40 -3.66
CA TRP G 192 17.48 -48.81 -4.73
C TRP G 192 17.34 -49.79 -5.89
N TRP G 193 18.35 -50.63 -6.08
CA TRP G 193 18.32 -51.61 -7.17
C TRP G 193 17.16 -52.61 -7.01
N GLN G 194 16.70 -52.82 -5.78
CA GLN G 194 15.59 -53.75 -5.54
C GLN G 194 14.27 -53.03 -5.30
N ASP G 195 14.30 -51.70 -5.43
CA ASP G 195 13.15 -50.85 -5.13
C ASP G 195 12.23 -50.71 -6.35
N ASP G 196 11.07 -50.12 -6.15
CA ASP G 196 10.14 -49.92 -7.26
C ASP G 196 9.80 -48.45 -7.49
N LYS G 197 10.54 -47.57 -6.83
CA LYS G 197 10.30 -46.14 -6.98
C LYS G 197 11.59 -45.44 -7.44
N PRO G 198 11.45 -44.21 -7.93
CA PRO G 198 12.63 -43.41 -8.28
C PRO G 198 13.57 -43.16 -7.09
N TRP G 199 14.84 -42.88 -7.38
CA TRP G 199 15.81 -42.43 -6.38
C TRP G 199 15.39 -41.09 -5.83
N LEU G 200 15.16 -40.13 -6.73
CA LEU G 200 14.61 -38.83 -6.37
C LEU G 200 13.17 -38.73 -6.86
N ARG G 201 12.24 -38.53 -5.94
CA ARG G 201 10.85 -38.35 -6.30
C ARG G 201 10.53 -36.86 -6.44
N GLU G 202 10.36 -36.42 -7.67
CA GLU G 202 10.07 -35.01 -7.95
C GLU G 202 8.98 -34.97 -8.99
N ALA G 203 7.75 -34.72 -8.56
CA ALA G 203 6.61 -34.83 -9.45
C ALA G 203 5.52 -33.83 -9.15
N PRO G 204 5.85 -32.53 -9.24
CA PRO G 204 4.85 -31.49 -9.01
C PRO G 204 3.74 -31.61 -10.06
N ARG G 205 2.50 -31.34 -9.67
CA ARG G 205 1.36 -31.40 -10.58
C ARG G 205 1.06 -30.01 -11.10
N LEU G 206 0.74 -29.94 -12.39
CA LEU G 206 0.39 -28.66 -13.01
C LEU G 206 -1.10 -28.68 -13.33
N GLU G 207 -1.86 -27.79 -12.73
CA GLU G 207 -3.30 -27.85 -12.86
C GLU G 207 -3.94 -26.51 -12.60
N SER G 208 -4.92 -26.14 -13.42
CA SER G 208 -5.69 -24.91 -13.17
C SER G 208 -6.64 -25.07 -11.98
N GLU G 209 -6.91 -23.97 -11.29
CA GLU G 209 -7.82 -23.97 -10.16
C GLU G 209 -9.27 -23.99 -10.60
N LYS G 210 -10.16 -24.37 -9.67
CA LYS G 210 -11.60 -24.34 -9.93
C LYS G 210 -12.03 -22.93 -10.32
N GLN G 211 -12.86 -22.82 -11.34
CA GLN G 211 -13.37 -21.53 -11.77
C GLN G 211 -14.56 -21.15 -10.90
N ARG G 212 -14.35 -20.18 -10.05
CA ARG G 212 -15.32 -19.88 -9.00
C ARG G 212 -16.62 -19.29 -9.54
N ASP G 213 -16.63 -18.82 -10.79
CA ASP G 213 -17.85 -18.23 -11.33
C ASP G 213 -18.59 -19.19 -12.27
N TRP G 214 -18.25 -20.47 -12.19
CA TRP G 214 -18.86 -21.46 -13.05
C TRP G 214 -20.39 -21.56 -12.86
N PHE G 215 -20.90 -21.38 -11.63
CA PHE G 215 -22.34 -21.48 -11.44
C PHE G 215 -23.09 -20.37 -12.19
N PHE G 216 -22.40 -19.26 -12.44
CA PHE G 216 -22.97 -18.23 -13.29
C PHE G 216 -22.93 -18.64 -14.77
N TRP G 217 -21.77 -19.07 -15.24
CA TRP G 217 -21.60 -19.33 -16.66
C TRP G 217 -22.38 -20.55 -17.16
N ARG G 218 -22.59 -21.52 -16.29
CA ARG G 218 -23.24 -22.76 -16.72
C ARG G 218 -24.74 -22.57 -16.99
N GLN G 219 -25.30 -21.43 -16.59
N GLN G 219 -25.28 -21.42 -16.61
CA GLN G 219 -26.70 -21.13 -16.88
CA GLN G 219 -26.69 -21.16 -16.88
C GLN G 219 -26.87 -20.31 -18.16
C GLN G 219 -26.84 -20.12 -17.99
N LYS G 220 -25.77 -19.86 -18.72
CA LYS G 220 -25.82 -18.97 -19.87
C LYS G 220 -26.01 -19.81 -21.14
N ARG G 221 -26.22 -19.15 -22.28
CA ARG G 221 -26.30 -19.86 -23.54
C ARG G 221 -24.90 -20.23 -23.99
N GLY G 222 -24.53 -21.49 -23.80
CA GLY G 222 -23.20 -21.95 -24.12
C GLY G 222 -23.18 -22.93 -25.29
N VAL G 223 -21.99 -23.16 -25.81
CA VAL G 223 -21.73 -24.16 -26.85
C VAL G 223 -20.59 -25.02 -26.37
N VAL G 224 -20.69 -26.34 -26.54
CA VAL G 224 -19.58 -27.22 -26.21
C VAL G 224 -18.92 -27.69 -27.49
N VAL G 225 -17.61 -27.49 -27.57
CA VAL G 225 -16.82 -28.00 -28.68
C VAL G 225 -15.89 -29.07 -28.13
N ALA G 226 -15.97 -30.26 -28.70
CA ALA G 226 -15.14 -31.38 -28.24
C ALA G 226 -14.12 -31.76 -29.29
N GLY G 227 -12.84 -31.56 -28.98
CA GLY G 227 -11.76 -31.96 -29.86
C GLY G 227 -11.17 -33.29 -29.42
N ARG G 228 -9.88 -33.50 -29.66
CA ARG G 228 -9.23 -34.75 -29.33
C ARG G 228 -9.20 -34.93 -27.82
N MET G 229 -9.65 -36.10 -27.37
CA MET G 229 -9.65 -36.49 -25.96
C MET G 229 -9.69 -38.02 -25.89
N SER G 230 -9.67 -38.58 -24.70
CA SER G 230 -9.76 -40.05 -24.61
C SER G 230 -11.18 -40.52 -24.88
N ALA G 231 -11.32 -41.81 -25.17
CA ALA G 231 -12.63 -42.41 -25.41
C ALA G 231 -13.58 -42.23 -24.22
N GLU G 232 -13.06 -42.43 -23.02
CA GLU G 232 -13.85 -42.29 -21.80
C GLU G 232 -14.23 -40.84 -21.57
N GLU G 233 -13.30 -39.93 -21.89
CA GLU G 233 -13.58 -38.50 -21.76
C GLU G 233 -14.69 -38.08 -22.72
N GLY G 234 -14.68 -38.65 -23.93
CA GLY G 234 -15.71 -38.34 -24.91
C GLY G 234 -17.12 -38.63 -24.40
N LYS G 235 -17.31 -39.78 -23.77
CA LYS G 235 -18.62 -40.15 -23.25
C LYS G 235 -19.04 -39.20 -22.12
N LYS G 236 -18.08 -38.79 -21.30
CA LYS G 236 -18.38 -37.90 -20.18
C LYS G 236 -18.74 -36.50 -20.65
N VAL G 237 -18.03 -36.01 -21.66
CA VAL G 237 -18.31 -34.69 -22.23
C VAL G 237 -19.69 -34.69 -22.89
N ALA G 238 -20.03 -35.76 -23.58
CA ALA G 238 -21.34 -35.89 -24.20
C ALA G 238 -22.48 -35.76 -23.17
N LEU G 239 -22.36 -36.47 -22.04
CA LEU G 239 -23.40 -36.41 -21.01
C LEU G 239 -23.49 -35.03 -20.38
N TRP G 240 -22.32 -34.42 -20.16
CA TRP G 240 -22.22 -33.10 -19.56
C TRP G 240 -22.90 -32.03 -20.42
N ALA G 241 -22.59 -32.04 -21.71
CA ALA G 241 -23.20 -31.09 -22.65
C ALA G 241 -24.70 -31.27 -22.71
N GLN G 242 -25.15 -32.52 -22.75
CA GLN G 242 -26.57 -32.83 -22.84
C GLN G 242 -27.31 -32.27 -21.64
N THR G 243 -26.72 -32.44 -20.45
CA THR G 243 -27.32 -31.96 -19.22
C THR G 243 -27.45 -30.44 -19.21
N LEU G 244 -26.38 -29.75 -19.64
CA LEU G 244 -26.41 -28.30 -19.73
C LEU G 244 -27.44 -27.76 -20.73
N GLY G 245 -27.83 -28.61 -21.67
CA GLY G 245 -28.71 -28.21 -22.78
C GLY G 245 -27.97 -27.41 -23.84
N TRP G 246 -26.65 -27.58 -23.89
CA TRP G 246 -25.84 -26.89 -24.89
C TRP G 246 -25.56 -27.78 -26.09
N PRO G 247 -25.57 -27.19 -27.30
CA PRO G 247 -25.22 -27.97 -28.48
C PRO G 247 -23.77 -28.44 -28.36
N LEU G 248 -23.53 -29.68 -28.76
CA LEU G 248 -22.20 -30.25 -28.73
C LEU G 248 -21.71 -30.42 -30.16
N ILE G 249 -20.66 -29.67 -30.51
CA ILE G 249 -20.00 -29.89 -31.78
C ILE G 249 -18.85 -30.84 -31.49
N GLY G 250 -18.96 -32.06 -31.99
CA GLY G 250 -18.02 -33.12 -31.66
C GLY G 250 -17.14 -33.49 -32.84
N ASP G 251 -15.84 -33.41 -32.63
CA ASP G 251 -14.86 -33.76 -33.66
C ASP G 251 -14.80 -35.27 -33.87
N VAL G 252 -14.31 -35.68 -35.03
CA VAL G 252 -14.03 -37.10 -35.26
C VAL G 252 -13.12 -37.69 -34.18
N LEU G 253 -12.24 -36.86 -33.62
CA LEU G 253 -11.30 -37.33 -32.60
C LEU G 253 -11.88 -37.34 -31.19
N SER G 254 -13.14 -36.93 -31.02
CA SER G 254 -13.71 -36.70 -29.69
C SER G 254 -14.33 -37.94 -29.03
N GLN G 255 -14.81 -38.88 -29.83
CA GLN G 255 -15.51 -40.07 -29.34
C GLN G 255 -16.72 -39.72 -28.50
N THR G 256 -17.37 -38.61 -28.84
CA THR G 256 -18.55 -38.14 -28.12
C THR G 256 -19.83 -38.79 -28.64
N GLY G 257 -19.73 -39.46 -29.78
CA GLY G 257 -20.89 -39.99 -30.46
C GLY G 257 -21.48 -38.98 -31.43
N GLN G 258 -20.92 -37.77 -31.43
CA GLN G 258 -21.33 -36.71 -32.37
C GLN G 258 -22.85 -36.53 -32.53
N PRO G 259 -23.51 -36.10 -31.46
CA PRO G 259 -24.99 -35.96 -31.48
C PRO G 259 -25.53 -34.99 -32.54
N LEU G 260 -24.69 -34.05 -32.98
CA LEU G 260 -25.03 -33.12 -34.07
C LEU G 260 -24.06 -33.36 -35.22
N PRO G 261 -24.22 -34.50 -35.90
CA PRO G 261 -23.22 -34.95 -36.87
C PRO G 261 -23.18 -34.08 -38.13
N CYS G 262 -22.12 -34.26 -38.93
CA CYS G 262 -21.95 -33.53 -40.18
C CYS G 262 -21.84 -32.04 -39.94
N ALA G 263 -21.21 -31.65 -38.84
CA ALA G 263 -21.01 -30.23 -38.54
C ALA G 263 -20.25 -29.50 -39.66
N ASP G 264 -19.33 -30.19 -40.34
CA ASP G 264 -18.57 -29.54 -41.42
C ASP G 264 -19.53 -29.12 -42.54
N LEU G 265 -20.69 -29.76 -42.59
CA LEU G 265 -21.72 -29.39 -43.56
C LEU G 265 -22.69 -28.36 -43.00
N TRP G 266 -23.29 -28.62 -41.83
CA TRP G 266 -24.36 -27.72 -41.38
C TRP G 266 -23.83 -26.39 -40.83
N LEU G 267 -22.55 -26.34 -40.45
CA LEU G 267 -21.97 -25.07 -40.04
C LEU G 267 -21.89 -24.11 -41.23
N GLY G 268 -22.05 -24.64 -42.44
CA GLY G 268 -22.05 -23.82 -43.63
C GLY G 268 -23.39 -23.17 -43.90
N ASN G 269 -24.39 -23.51 -43.10
CA ASN G 269 -25.74 -22.98 -43.24
C ASN G 269 -25.97 -21.74 -42.37
N ALA G 270 -26.44 -20.66 -42.98
CA ALA G 270 -26.62 -19.38 -42.29
C ALA G 270 -27.54 -19.45 -41.08
N LYS G 271 -28.50 -20.37 -41.09
CA LYS G 271 -29.39 -20.54 -39.94
C LYS G 271 -28.62 -21.06 -38.73
N ALA G 272 -27.62 -21.90 -38.98
CA ALA G 272 -26.76 -22.42 -37.91
C ALA G 272 -25.90 -21.30 -37.33
N THR G 273 -25.31 -20.52 -38.22
CA THR G 273 -24.42 -19.45 -37.78
C THR G 273 -25.17 -18.38 -37.01
N SER G 274 -26.40 -18.11 -37.44
CA SER G 274 -27.26 -17.17 -36.75
C SER G 274 -27.57 -17.64 -35.35
N GLU G 275 -27.90 -18.92 -35.21
CA GLU G 275 -28.23 -19.46 -33.90
C GLU G 275 -27.01 -19.44 -33.00
N LEU G 276 -25.86 -19.84 -33.52
CA LEU G 276 -24.66 -19.89 -32.70
C LEU G 276 -24.19 -18.49 -32.28
N GLN G 277 -24.59 -17.47 -33.02
CA GLN G 277 -24.25 -16.09 -32.65
C GLN G 277 -24.86 -15.67 -31.33
N GLN G 278 -25.88 -16.41 -30.88
CA GLN G 278 -26.52 -16.13 -29.60
C GLN G 278 -25.69 -16.68 -28.43
N ALA G 279 -24.69 -17.51 -28.74
CA ALA G 279 -23.88 -18.11 -27.69
C ALA G 279 -23.06 -17.08 -26.91
N GLN G 280 -23.18 -17.11 -25.59
CA GLN G 280 -22.50 -16.18 -24.71
C GLN G 280 -21.16 -16.73 -24.20
N ILE G 281 -21.05 -18.05 -24.18
CA ILE G 281 -19.80 -18.71 -23.82
C ILE G 281 -19.59 -19.94 -24.69
N VAL G 282 -18.34 -20.20 -25.06
CA VAL G 282 -17.99 -21.45 -25.71
C VAL G 282 -17.00 -22.17 -24.81
N VAL G 283 -17.32 -23.40 -24.42
CA VAL G 283 -16.38 -24.23 -23.68
C VAL G 283 -15.87 -25.36 -24.59
N GLN G 284 -14.60 -25.29 -24.94
CA GLN G 284 -13.97 -26.30 -25.79
C GLN G 284 -13.15 -27.21 -24.90
N LEU G 285 -13.37 -28.51 -25.01
CA LEU G 285 -12.57 -29.50 -24.31
C LEU G 285 -11.78 -30.30 -25.35
N GLY G 286 -10.47 -30.41 -25.18
CA GLY G 286 -9.64 -31.06 -26.18
C GLY G 286 -9.25 -30.03 -27.22
N SER G 287 -8.44 -30.42 -28.20
CA SER G 287 -8.01 -29.47 -29.21
C SER G 287 -7.67 -30.16 -30.54
N SER G 288 -6.91 -29.49 -31.40
CA SER G 288 -6.64 -29.99 -32.76
C SER G 288 -7.94 -30.29 -33.52
N LEU G 289 -8.83 -29.31 -33.60
CA LEU G 289 -10.08 -29.47 -34.34
C LEU G 289 -9.82 -29.76 -35.82
N THR G 290 -10.64 -30.61 -36.42
CA THR G 290 -10.35 -31.17 -37.75
C THR G 290 -10.92 -30.36 -38.92
N GLY G 291 -12.22 -30.10 -38.87
CA GLY G 291 -12.94 -29.59 -40.03
C GLY G 291 -12.77 -28.12 -40.37
N LYS G 292 -12.82 -27.81 -41.66
CA LYS G 292 -12.64 -26.44 -42.12
C LYS G 292 -13.75 -25.53 -41.63
N ARG G 293 -15.00 -25.99 -41.71
CA ARG G 293 -16.10 -25.13 -41.28
C ARG G 293 -16.03 -24.87 -39.79
N LEU G 294 -15.63 -25.87 -39.02
CA LEU G 294 -15.51 -25.70 -37.57
C LEU G 294 -14.37 -24.73 -37.26
N LEU G 295 -13.24 -24.91 -37.94
CA LEU G 295 -12.11 -23.99 -37.71
C LEU G 295 -12.50 -22.58 -38.08
N GLN G 296 -13.25 -22.44 -39.17
CA GLN G 296 -13.73 -21.12 -39.61
C GLN G 296 -14.75 -20.54 -38.65
N TRP G 297 -15.70 -21.36 -38.18
CA TRP G 297 -16.67 -20.86 -37.20
C TRP G 297 -15.96 -20.45 -35.91
N GLN G 298 -15.03 -21.28 -35.45
CA GLN G 298 -14.30 -21.00 -34.24
C GLN G 298 -13.57 -19.66 -34.36
N ALA G 299 -12.96 -19.42 -35.52
CA ALA G 299 -12.20 -18.20 -35.74
C ALA G 299 -13.08 -16.95 -35.76
N SER G 300 -14.32 -17.11 -36.21
CA SER G 300 -15.21 -15.98 -36.42
C SER G 300 -16.12 -15.66 -35.22
N CYS G 301 -16.36 -16.65 -34.35
CA CYS G 301 -17.33 -16.46 -33.29
C CYS G 301 -16.84 -15.43 -32.26
N GLU G 302 -17.79 -14.75 -31.62
CA GLU G 302 -17.46 -13.70 -30.67
C GLU G 302 -18.29 -13.82 -29.39
N PRO G 303 -18.13 -14.94 -28.66
CA PRO G 303 -18.77 -15.07 -27.35
C PRO G 303 -18.11 -14.13 -26.36
N GLU G 304 -18.76 -13.85 -25.23
CA GLU G 304 -18.15 -13.04 -24.20
C GLU G 304 -16.86 -13.68 -23.73
N GLU G 305 -16.88 -15.00 -23.55
CA GLU G 305 -15.69 -15.76 -23.18
C GLU G 305 -15.56 -17.05 -23.96
N TYR G 306 -14.31 -17.41 -24.25
CA TYR G 306 -13.99 -18.65 -24.92
C TYR G 306 -13.08 -19.43 -23.98
N TRP G 307 -13.47 -20.64 -23.58
CA TRP G 307 -12.62 -21.46 -22.71
C TRP G 307 -12.08 -22.67 -23.45
N ILE G 308 -10.80 -22.98 -23.24
CA ILE G 308 -10.27 -24.25 -23.71
C ILE G 308 -9.71 -25.06 -22.56
N VAL G 309 -10.33 -26.21 -22.32
CA VAL G 309 -9.89 -27.18 -21.31
C VAL G 309 -9.13 -28.33 -21.97
N ASP G 310 -7.91 -28.60 -21.54
CA ASP G 310 -7.15 -29.73 -22.10
C ASP G 310 -5.99 -30.04 -21.17
N ASP G 311 -5.42 -31.25 -21.28
CA ASP G 311 -4.35 -31.64 -20.37
C ASP G 311 -2.97 -31.30 -20.92
N ILE G 312 -2.92 -30.64 -22.07
CA ILE G 312 -1.65 -30.12 -22.56
C ILE G 312 -1.55 -28.61 -22.33
N GLU G 313 -0.32 -28.11 -22.27
CA GLU G 313 -0.03 -26.72 -21.93
C GLU G 313 -0.07 -25.77 -23.13
N GLY G 314 -0.13 -24.48 -22.82
CA GLY G 314 0.05 -23.42 -23.80
C GLY G 314 -1.24 -22.97 -24.44
N ARG G 315 -1.16 -21.92 -25.23
CA ARG G 315 -2.35 -21.45 -25.93
C ARG G 315 -2.80 -22.49 -26.95
N LEU G 316 -4.11 -22.67 -27.06
CA LEU G 316 -4.66 -23.69 -27.97
C LEU G 316 -5.73 -23.11 -28.89
N ASP G 317 -5.96 -21.81 -28.77
CA ASP G 317 -6.93 -21.10 -29.58
C ASP G 317 -6.21 -20.26 -30.64
N PRO G 318 -6.23 -20.73 -31.90
CA PRO G 318 -5.50 -20.02 -32.97
C PRO G 318 -6.19 -18.72 -33.40
N ALA G 319 -7.33 -18.39 -32.78
CA ALA G 319 -8.03 -17.13 -33.05
C ALA G 319 -7.88 -16.12 -31.90
N HIS G 320 -7.21 -16.53 -30.84
CA HIS G 320 -6.81 -15.65 -29.74
C HIS G 320 -8.00 -14.94 -29.09
N HIS G 321 -9.08 -15.67 -28.82
CA HIS G 321 -10.23 -15.10 -28.11
C HIS G 321 -9.94 -14.65 -26.70
N ARG G 322 -10.68 -13.63 -26.28
CA ARG G 322 -10.77 -13.28 -24.87
C ARG G 322 -11.36 -14.48 -24.10
N GLY G 323 -10.73 -14.89 -23.01
CA GLY G 323 -11.24 -16.06 -22.32
C GLY G 323 -10.22 -16.72 -21.44
N ARG G 324 -10.25 -18.05 -21.41
CA ARG G 324 -9.49 -18.84 -20.46
C ARG G 324 -8.86 -20.05 -21.10
N ARG G 325 -7.65 -20.38 -20.63
CA ARG G 325 -6.92 -21.55 -21.06
C ARG G 325 -6.69 -22.36 -19.78
N LEU G 326 -7.45 -23.44 -19.65
CA LEU G 326 -7.54 -24.19 -18.40
C LEU G 326 -6.85 -25.53 -18.54
N ILE G 327 -5.80 -25.75 -17.75
CA ILE G 327 -5.00 -26.95 -17.84
C ILE G 327 -5.48 -27.97 -16.84
N ALA G 328 -5.97 -29.11 -17.33
CA ALA G 328 -6.56 -30.11 -16.45
C ALA G 328 -6.80 -31.43 -17.16
N ASN G 329 -6.85 -32.50 -16.39
CA ASN G 329 -7.43 -33.75 -16.88
C ASN G 329 -8.92 -33.48 -17.14
N ILE G 330 -9.41 -33.83 -18.32
CA ILE G 330 -10.77 -33.45 -18.71
C ILE G 330 -11.85 -34.06 -17.78
N ALA G 331 -11.68 -35.31 -17.40
CA ALA G 331 -12.62 -35.95 -16.49
C ALA G 331 -12.60 -35.24 -15.12
N ASP G 332 -11.41 -34.94 -14.60
CA ASP G 332 -11.31 -34.18 -13.35
C ASP G 332 -12.00 -32.83 -13.48
N TRP G 333 -11.79 -32.16 -14.61
CA TRP G 333 -12.31 -30.82 -14.80
C TRP G 333 -13.83 -30.83 -14.80
N LEU G 334 -14.41 -31.83 -15.44
CA LEU G 334 -15.87 -31.95 -15.46
C LEU G 334 -16.46 -32.19 -14.06
N GLU G 335 -15.75 -32.95 -13.24
CA GLU G 335 -16.21 -33.19 -11.87
C GLU G 335 -16.13 -31.92 -11.04
N LEU G 336 -15.13 -31.09 -11.34
CA LEU G 336 -14.91 -29.84 -10.63
C LEU G 336 -15.91 -28.77 -11.08
N HIS G 337 -16.40 -28.92 -12.30
CA HIS G 337 -17.36 -27.97 -12.85
C HIS G 337 -18.57 -28.71 -13.39
N PRO G 338 -19.37 -29.28 -12.49
CA PRO G 338 -20.48 -30.15 -12.90
C PRO G 338 -21.60 -29.41 -13.60
N ALA G 339 -22.36 -30.13 -14.42
CA ALA G 339 -23.52 -29.55 -15.09
C ALA G 339 -24.74 -29.54 -14.20
N GLU G 340 -25.59 -28.56 -14.41
CA GLU G 340 -26.92 -28.60 -13.81
C GLU G 340 -27.93 -28.69 -14.96
N LYS G 341 -28.95 -29.52 -14.79
CA LYS G 341 -29.92 -29.75 -15.84
C LYS G 341 -30.68 -28.49 -16.27
N ARG G 342 -30.59 -28.17 -17.55
CA ARG G 342 -31.32 -27.03 -18.09
C ARG G 342 -31.82 -27.36 -19.50
N GLN G 343 -32.95 -26.76 -19.87
CA GLN G 343 -33.56 -26.96 -21.18
C GLN G 343 -32.64 -26.49 -22.30
N PRO G 344 -32.55 -27.27 -23.37
CA PRO G 344 -31.75 -26.90 -24.55
C PRO G 344 -32.21 -25.58 -25.14
N TRP G 345 -31.28 -24.74 -25.58
CA TRP G 345 -31.64 -23.43 -26.11
C TRP G 345 -31.63 -23.38 -27.64
N CYS G 346 -30.98 -24.35 -28.28
CA CYS G 346 -30.95 -24.40 -29.75
C CYS G 346 -32.22 -25.00 -30.34
N VAL G 347 -32.72 -24.39 -31.41
CA VAL G 347 -33.92 -24.93 -32.06
C VAL G 347 -33.63 -25.36 -33.50
N GLU G 348 -32.84 -24.57 -34.23
CA GLU G 348 -32.60 -24.82 -35.64
C GLU G 348 -31.52 -25.86 -35.93
N ILE G 349 -30.46 -25.85 -35.12
CA ILE G 349 -29.29 -26.67 -35.43
C ILE G 349 -29.59 -28.18 -35.37
N PRO G 350 -30.30 -28.64 -34.33
CA PRO G 350 -30.61 -30.08 -34.33
C PRO G 350 -31.36 -30.56 -35.57
N ARG G 351 -32.28 -29.75 -36.09
CA ARG G 351 -32.99 -30.09 -37.32
C ARG G 351 -32.04 -30.15 -38.51
N LEU G 352 -31.19 -29.13 -38.61
CA LEU G 352 -30.23 -29.04 -39.71
C LEU G 352 -29.25 -30.18 -39.73
N ALA G 353 -28.77 -30.58 -38.55
CA ALA G 353 -27.81 -31.68 -38.49
C ALA G 353 -28.41 -32.99 -39.00
N GLU G 354 -29.67 -33.24 -38.65
CA GLU G 354 -30.37 -34.44 -39.11
C GLU G 354 -30.56 -34.37 -40.63
N GLN G 355 -30.94 -33.19 -41.11
CA GLN G 355 -31.13 -32.98 -42.54
C GLN G 355 -29.81 -33.16 -43.28
N ALA G 356 -28.71 -32.71 -42.67
CA ALA G 356 -27.39 -32.87 -43.26
C ALA G 356 -27.02 -34.35 -43.39
N MET G 357 -27.20 -35.12 -42.32
CA MET G 357 -26.90 -36.56 -42.40
C MET G 357 -27.79 -37.24 -43.44
N GLN G 358 -29.06 -36.86 -43.53
CA GLN G 358 -29.93 -37.43 -44.54
C GLN G 358 -29.39 -37.16 -45.95
N ALA G 359 -28.83 -35.97 -46.16
CA ALA G 359 -28.26 -35.60 -47.45
C ALA G 359 -27.08 -36.50 -47.80
N VAL G 360 -26.29 -36.85 -46.80
CA VAL G 360 -25.15 -37.73 -47.01
C VAL G 360 -25.63 -39.15 -47.27
N ILE G 361 -26.61 -39.61 -46.50
CA ILE G 361 -27.17 -40.95 -46.67
C ILE G 361 -27.71 -41.16 -48.08
N ALA G 362 -28.29 -40.09 -48.63
CA ALA G 362 -28.84 -40.13 -49.99
C ALA G 362 -27.78 -40.45 -51.04
N ARG G 363 -26.51 -40.23 -50.70
CA ARG G 363 -25.43 -40.44 -51.65
C ARG G 363 -24.50 -41.57 -51.26
N ARG G 364 -25.01 -42.51 -50.46
CA ARG G 364 -24.17 -43.54 -49.86
C ARG G 364 -23.79 -44.67 -50.82
N ASP G 365 -24.44 -44.74 -51.99
CA ASP G 365 -24.34 -45.94 -52.81
C ASP G 365 -23.05 -46.08 -53.61
N ALA G 366 -22.53 -44.98 -54.14
CA ALA G 366 -21.34 -45.03 -54.99
C ALA G 366 -20.13 -45.65 -54.27
N PHE G 367 -19.36 -46.45 -55.00
CA PHE G 367 -18.19 -47.08 -54.40
C PHE G 367 -16.99 -46.11 -54.45
N GLY G 368 -17.06 -45.06 -53.63
CA GLY G 368 -16.04 -44.01 -53.59
C GLY G 368 -15.53 -43.73 -52.17
N GLU G 369 -14.50 -42.88 -52.05
CA GLU G 369 -13.89 -42.66 -50.74
C GLU G 369 -14.79 -41.84 -49.81
N ALA G 370 -15.63 -40.98 -50.38
CA ALA G 370 -16.59 -40.24 -49.55
C ALA G 370 -17.57 -41.23 -48.91
N GLN G 371 -18.01 -42.20 -49.70
CA GLN G 371 -18.96 -43.18 -49.21
C GLN G 371 -18.33 -44.12 -48.20
N LEU G 372 -17.10 -44.53 -48.45
CA LEU G 372 -16.37 -45.34 -47.47
C LEU G 372 -16.29 -44.61 -46.13
N ALA G 373 -15.93 -43.34 -46.16
CA ALA G 373 -15.85 -42.55 -44.93
C ALA G 373 -17.21 -42.50 -44.22
N HIS G 374 -18.25 -42.20 -44.98
CA HIS G 374 -19.61 -42.13 -44.43
C HIS G 374 -20.03 -43.43 -43.76
N ARG G 375 -19.67 -44.55 -44.39
CA ARG G 375 -20.12 -45.88 -43.99
C ARG G 375 -19.13 -46.56 -43.02
N ILE G 376 -18.10 -45.84 -42.59
CA ILE G 376 -16.96 -46.50 -41.93
C ILE G 376 -17.37 -47.23 -40.63
N CYS G 377 -18.44 -46.77 -40.00
CA CYS G 377 -18.94 -47.46 -38.81
C CYS G 377 -19.21 -48.93 -39.08
N ASP G 378 -19.61 -49.25 -40.31
CA ASP G 378 -19.94 -50.63 -40.64
C ASP G 378 -18.73 -51.56 -40.59
N TYR G 379 -17.53 -50.98 -40.55
CA TYR G 379 -16.33 -51.78 -40.65
C TYR G 379 -15.47 -51.70 -39.40
N LEU G 380 -15.93 -50.96 -38.39
CA LEU G 380 -15.16 -50.88 -37.15
C LEU G 380 -15.15 -52.23 -36.46
N PRO G 381 -13.95 -52.72 -36.09
CA PRO G 381 -13.88 -53.99 -35.39
C PRO G 381 -14.48 -53.91 -33.99
N GLU G 382 -15.23 -54.93 -33.58
CA GLU G 382 -15.76 -54.94 -32.22
C GLU G 382 -14.63 -54.96 -31.20
N GLN G 383 -14.77 -54.11 -30.17
CA GLN G 383 -13.80 -53.95 -29.10
C GLN G 383 -12.44 -53.62 -29.66
N GLY G 384 -12.45 -52.90 -30.77
CA GLY G 384 -11.23 -52.52 -31.46
C GLY G 384 -10.97 -51.02 -31.38
N GLN G 385 -10.16 -50.54 -32.32
CA GLN G 385 -9.80 -49.13 -32.39
C GLN G 385 -9.57 -48.72 -33.83
N LEU G 386 -9.77 -47.43 -34.08
CA LEU G 386 -9.59 -46.85 -35.39
C LEU G 386 -8.36 -45.96 -35.38
N PHE G 387 -7.47 -46.15 -36.35
CA PHE G 387 -6.40 -45.19 -36.56
C PHE G 387 -6.68 -44.47 -37.87
N VAL G 388 -6.94 -43.18 -37.80
N VAL G 388 -6.94 -43.17 -37.79
CA VAL G 388 -7.30 -42.42 -38.98
CA VAL G 388 -7.29 -42.42 -38.99
C VAL G 388 -6.12 -41.60 -39.48
C VAL G 388 -6.11 -41.60 -39.48
N GLY G 389 -5.83 -41.73 -40.77
CA GLY G 389 -4.71 -41.04 -41.39
C GLY G 389 -5.01 -39.59 -41.66
N ASN G 390 -4.08 -38.93 -42.32
CA ASN G 390 -4.22 -37.51 -42.58
C ASN G 390 -4.68 -37.26 -44.01
N SER G 391 -4.87 -35.98 -44.33
CA SER G 391 -5.37 -35.50 -45.62
C SER G 391 -6.88 -35.75 -45.74
N LEU G 392 -7.37 -36.28 -46.86
CA LEU G 392 -8.82 -36.33 -47.05
C LEU G 392 -9.56 -37.26 -46.08
N VAL G 393 -8.95 -38.38 -45.70
CA VAL G 393 -9.70 -39.40 -44.96
C VAL G 393 -10.25 -38.88 -43.63
N VAL G 394 -9.43 -38.17 -42.87
CA VAL G 394 -9.88 -37.67 -41.56
C VAL G 394 -10.96 -36.59 -41.75
N ARG G 395 -10.82 -35.80 -42.81
CA ARG G 395 -11.81 -34.76 -43.11
C ARG G 395 -13.13 -35.38 -43.59
N LEU G 396 -13.03 -36.42 -44.41
CA LEU G 396 -14.24 -37.07 -44.91
C LEU G 396 -14.99 -37.78 -43.79
N ILE G 397 -14.28 -38.50 -42.93
CA ILE G 397 -14.95 -39.18 -41.83
C ILE G 397 -15.56 -38.13 -40.89
N ASP G 398 -14.81 -37.07 -40.62
CA ASP G 398 -15.33 -36.01 -39.75
C ASP G 398 -16.61 -35.39 -40.33
N ALA G 399 -16.64 -35.18 -41.65
CA ALA G 399 -17.77 -34.48 -42.26
C ALA G 399 -18.98 -35.37 -42.48
N LEU G 400 -18.74 -36.65 -42.74
CA LEU G 400 -19.77 -37.49 -43.32
C LEU G 400 -20.21 -38.67 -42.46
N SER G 401 -19.45 -38.96 -41.41
CA SER G 401 -19.77 -40.11 -40.57
C SER G 401 -20.12 -39.68 -39.15
N GLN G 402 -20.86 -40.55 -38.45
CA GLN G 402 -21.15 -40.37 -37.04
C GLN G 402 -20.55 -41.54 -36.27
N LEU G 403 -19.41 -41.31 -35.64
CA LEU G 403 -18.70 -42.38 -34.95
C LEU G 403 -19.27 -42.61 -33.55
N PRO G 404 -19.27 -43.87 -33.09
CA PRO G 404 -19.87 -44.26 -31.81
C PRO G 404 -19.20 -43.62 -30.62
N ALA G 405 -20.00 -43.20 -29.63
CA ALA G 405 -19.43 -42.68 -28.41
C ALA G 405 -18.53 -43.73 -27.76
N GLY G 406 -17.36 -43.30 -27.31
CA GLY G 406 -16.46 -44.20 -26.60
C GLY G 406 -15.68 -45.18 -27.46
N TYR G 407 -15.88 -45.18 -28.77
CA TYR G 407 -15.08 -46.03 -29.65
C TYR G 407 -13.73 -45.36 -29.93
N PRO G 408 -12.62 -46.00 -29.52
CA PRO G 408 -11.31 -45.32 -29.55
C PRO G 408 -10.85 -44.94 -30.94
N VAL G 409 -10.47 -43.67 -31.08
CA VAL G 409 -9.91 -43.15 -32.31
C VAL G 409 -8.51 -42.59 -32.01
N TYR G 410 -7.54 -42.95 -32.85
CA TYR G 410 -6.18 -42.45 -32.72
C TYR G 410 -5.76 -41.78 -34.01
N SER G 411 -4.80 -40.87 -33.92
CA SER G 411 -4.40 -40.08 -35.06
C SER G 411 -3.10 -39.37 -34.76
N ASN G 412 -2.49 -38.81 -35.80
CA ASN G 412 -1.36 -37.90 -35.68
C ASN G 412 -1.78 -36.50 -36.16
N ARG G 413 -2.52 -35.76 -35.33
CA ARG G 413 -3.07 -34.48 -35.78
C ARG G 413 -2.45 -33.27 -35.08
N GLY G 414 -1.26 -33.42 -34.52
CA GLY G 414 -0.55 -32.27 -34.00
C GLY G 414 -0.01 -31.48 -35.18
N ALA G 415 0.95 -32.07 -35.87
CA ALA G 415 1.52 -31.49 -37.07
C ALA G 415 0.92 -32.08 -38.34
N SER G 416 0.09 -33.11 -38.16
CA SER G 416 -0.62 -33.75 -39.25
C SER G 416 0.32 -34.21 -40.37
N GLY G 417 1.45 -34.78 -39.98
CA GLY G 417 2.41 -35.31 -40.94
C GLY G 417 1.90 -36.55 -41.66
N ILE G 418 2.24 -36.68 -42.94
CA ILE G 418 1.93 -37.91 -43.65
C ILE G 418 3.12 -38.84 -43.70
N ASP G 419 4.12 -38.60 -42.84
CA ASP G 419 5.38 -39.31 -42.93
C ASP G 419 5.54 -40.55 -42.02
N GLY G 420 4.60 -40.79 -41.11
CA GLY G 420 4.78 -41.91 -40.21
C GLY G 420 3.52 -42.67 -39.85
N LEU G 421 2.54 -42.67 -40.75
CA LEU G 421 1.21 -43.16 -40.38
C LEU G 421 1.16 -44.68 -40.22
N LEU G 422 1.88 -45.44 -41.06
CA LEU G 422 1.87 -46.90 -40.92
C LEU G 422 2.61 -47.38 -39.67
N SER G 423 3.78 -46.81 -39.41
CA SER G 423 4.53 -47.21 -38.24
C SER G 423 3.80 -46.77 -36.96
N THR G 424 3.15 -45.61 -37.00
CA THR G 424 2.37 -45.17 -35.83
C THR G 424 1.25 -46.17 -35.60
N ALA G 425 0.58 -46.56 -36.68
CA ALA G 425 -0.52 -47.51 -36.57
C ALA G 425 -0.06 -48.84 -35.97
N ALA G 426 1.12 -49.31 -36.37
CA ALA G 426 1.68 -50.53 -35.81
C ALA G 426 1.86 -50.42 -34.29
N GLY G 427 2.36 -49.26 -33.85
CA GLY G 427 2.57 -49.03 -32.43
C GLY G 427 1.25 -48.98 -31.67
N VAL G 428 0.26 -48.35 -32.27
CA VAL G 428 -1.07 -48.28 -31.67
C VAL G 428 -1.62 -49.70 -31.47
N GLN G 429 -1.49 -50.53 -32.49
CA GLN G 429 -1.95 -51.91 -32.41
C GLN G 429 -1.19 -52.67 -31.31
N ARG G 430 0.13 -52.60 -31.34
CA ARG G 430 0.94 -53.42 -30.43
C ARG G 430 0.71 -53.05 -28.97
N ALA G 431 0.52 -51.77 -28.70
CA ALA G 431 0.35 -51.31 -27.32
C ALA G 431 -0.91 -51.88 -26.66
N SER G 432 -2.02 -51.89 -27.40
CA SER G 432 -3.30 -52.27 -26.81
C SER G 432 -3.67 -53.72 -27.04
N GLY G 433 -3.07 -54.33 -28.06
CA GLY G 433 -3.40 -55.70 -28.39
C GLY G 433 -4.80 -55.86 -28.99
N LYS G 434 -5.39 -54.75 -29.43
CA LYS G 434 -6.75 -54.74 -29.97
C LYS G 434 -6.80 -54.86 -31.49
N PRO G 435 -7.89 -55.45 -32.03
CA PRO G 435 -8.09 -55.42 -33.47
C PRO G 435 -8.17 -53.97 -33.93
N THR G 436 -7.51 -53.69 -35.05
CA THR G 436 -7.30 -52.31 -35.48
C THR G 436 -7.67 -52.10 -36.95
N LEU G 437 -8.42 -51.03 -37.20
CA LEU G 437 -8.67 -50.57 -38.57
C LEU G 437 -7.86 -49.30 -38.77
N ALA G 438 -7.00 -49.32 -39.77
CA ALA G 438 -6.18 -48.15 -40.11
C ALA G 438 -6.50 -47.72 -41.52
N ILE G 439 -6.68 -46.43 -41.72
CA ILE G 439 -7.02 -45.92 -43.05
C ILE G 439 -6.11 -44.76 -43.43
N VAL G 440 -5.44 -44.90 -44.57
CA VAL G 440 -4.52 -43.89 -45.06
C VAL G 440 -4.66 -43.69 -46.57
N GLY G 441 -4.14 -42.58 -47.06
CA GLY G 441 -4.13 -42.32 -48.49
C GLY G 441 -2.92 -42.95 -49.20
N ASP G 442 -2.87 -42.86 -50.52
CA ASP G 442 -1.82 -43.56 -51.28
C ASP G 442 -0.44 -42.92 -51.09
N LEU G 443 -0.36 -41.59 -51.08
CA LEU G 443 0.97 -40.98 -50.86
C LEU G 443 1.44 -41.28 -49.45
N SER G 444 0.51 -41.26 -48.49
CA SER G 444 0.82 -41.63 -47.11
C SER G 444 1.39 -43.05 -47.01
N ALA G 445 0.80 -43.99 -47.74
CA ALA G 445 1.27 -45.37 -47.73
C ALA G 445 2.66 -45.48 -48.36
N LEU G 446 2.89 -44.73 -49.43
CA LEU G 446 4.20 -44.72 -50.06
C LEU G 446 5.27 -44.17 -49.15
N TYR G 447 4.93 -43.08 -48.46
CA TYR G 447 5.85 -42.36 -47.59
C TYR G 447 6.43 -43.31 -46.55
N ASP G 448 5.54 -44.07 -45.91
CA ASP G 448 5.97 -44.97 -44.84
C ASP G 448 5.89 -46.42 -45.29
N LEU G 449 6.20 -46.66 -46.57
CA LEU G 449 6.07 -48.00 -47.16
C LEU G 449 6.85 -49.10 -46.40
N ASN G 450 8.07 -48.82 -45.96
CA ASN G 450 8.85 -49.89 -45.33
C ASN G 450 8.33 -50.25 -43.93
N ALA G 451 7.35 -49.49 -43.43
CA ALA G 451 6.73 -49.85 -42.16
C ALA G 451 5.84 -51.08 -42.33
N LEU G 452 5.57 -51.49 -43.58
CA LEU G 452 4.88 -52.77 -43.79
C LEU G 452 5.69 -53.90 -43.15
N ALA G 453 7.00 -53.73 -43.00
CA ALA G 453 7.82 -54.70 -42.28
C ALA G 453 7.34 -54.87 -40.84
N LEU G 454 6.97 -53.76 -40.19
CA LEU G 454 6.47 -53.79 -38.81
C LEU G 454 5.10 -54.47 -38.71
N LEU G 455 4.27 -54.25 -39.72
CA LEU G 455 2.90 -54.78 -39.73
C LEU G 455 2.88 -56.29 -39.99
N ARG G 456 4.06 -56.87 -40.22
CA ARG G 456 4.16 -58.33 -40.28
C ARG G 456 4.03 -58.93 -38.88
N GLN G 457 4.13 -58.08 -37.86
CA GLN G 457 3.97 -58.53 -36.48
C GLN G 457 2.94 -57.69 -35.74
N VAL G 458 1.71 -58.18 -35.73
CA VAL G 458 0.64 -57.57 -34.95
C VAL G 458 0.04 -58.67 -34.07
N SER G 459 -0.54 -58.30 -32.93
CA SER G 459 -1.03 -59.28 -31.95
C SER G 459 -2.52 -59.58 -32.10
N ALA G 460 -3.16 -58.84 -33.01
CA ALA G 460 -4.56 -59.01 -33.32
C ALA G 460 -4.71 -58.53 -34.76
N PRO G 461 -5.84 -58.86 -35.40
CA PRO G 461 -5.95 -58.43 -36.80
C PRO G 461 -5.86 -56.92 -36.97
N LEU G 462 -5.14 -56.51 -38.00
CA LEU G 462 -5.09 -55.12 -38.38
C LEU G 462 -5.43 -55.04 -39.86
N VAL G 463 -6.48 -54.28 -40.17
CA VAL G 463 -6.83 -54.00 -41.56
C VAL G 463 -6.27 -52.63 -41.93
N LEU G 464 -5.44 -52.62 -42.96
CA LEU G 464 -4.91 -51.36 -43.49
C LEU G 464 -5.59 -51.04 -44.80
N ILE G 465 -6.51 -50.08 -44.78
CA ILE G 465 -7.11 -49.61 -46.01
C ILE G 465 -6.24 -48.52 -46.60
N VAL G 466 -5.84 -48.69 -47.86
CA VAL G 466 -5.14 -47.67 -48.59
C VAL G 466 -6.09 -47.15 -49.65
N VAL G 467 -6.53 -45.90 -49.48
CA VAL G 467 -7.37 -45.25 -50.47
C VAL G 467 -6.48 -44.70 -51.56
N ASN G 468 -6.59 -45.29 -52.74
CA ASN G 468 -5.72 -44.90 -53.84
C ASN G 468 -6.50 -44.05 -54.85
N ASN G 469 -6.36 -42.73 -54.75
CA ASN G 469 -6.96 -41.80 -55.69
C ASN G 469 -5.86 -41.13 -56.54
N ASN G 470 -4.69 -41.78 -56.58
CA ASN G 470 -3.59 -41.41 -57.46
C ASN G 470 -3.13 -39.97 -57.25
N GLY G 471 -2.57 -39.72 -56.07
CA GLY G 471 -2.02 -38.42 -55.74
C GLY G 471 -2.58 -37.89 -54.43
N GLY G 472 -2.16 -36.69 -54.06
CA GLY G 472 -2.68 -36.02 -52.87
C GLY G 472 -3.89 -35.19 -53.21
N GLN G 473 -5.06 -35.83 -53.22
CA GLN G 473 -6.25 -35.19 -53.77
C GLN G 473 -6.85 -34.13 -52.84
N ILE G 474 -6.29 -33.97 -51.65
CA ILE G 474 -6.67 -32.80 -50.85
C ILE G 474 -6.38 -31.53 -51.66
N PHE G 475 -5.44 -31.60 -52.59
CA PHE G 475 -5.11 -30.43 -53.40
C PHE G 475 -6.07 -30.26 -54.58
N SER G 476 -7.03 -31.17 -54.71
CA SER G 476 -8.17 -30.96 -55.61
C SER G 476 -9.33 -30.34 -54.83
N LEU G 477 -9.24 -30.41 -53.51
CA LEU G 477 -10.25 -29.79 -52.64
C LEU G 477 -9.88 -28.32 -52.41
N LEU G 478 -8.61 -28.09 -52.09
CA LEU G 478 -8.07 -26.73 -52.01
C LEU G 478 -8.06 -26.09 -53.39
N PRO G 479 -8.20 -24.76 -53.44
CA PRO G 479 -8.24 -23.99 -54.69
C PRO G 479 -6.87 -23.77 -55.30
N THR G 480 -6.12 -24.85 -55.47
CA THR G 480 -4.80 -24.79 -56.08
C THR G 480 -4.94 -24.46 -57.57
N PRO G 481 -3.91 -23.81 -58.14
CA PRO G 481 -4.00 -23.45 -59.57
C PRO G 481 -4.00 -24.68 -60.48
N GLN G 482 -4.93 -24.69 -61.44
CA GLN G 482 -5.12 -25.85 -62.30
C GLN G 482 -3.88 -26.17 -63.15
N SER G 483 -3.17 -25.14 -63.60
CA SER G 483 -2.02 -25.34 -64.47
C SER G 483 -0.88 -26.14 -63.80
N GLU G 484 -0.63 -25.85 -62.54
CA GLU G 484 0.46 -26.49 -61.80
C GLU G 484 0.00 -27.65 -60.92
N ARG G 485 -1.31 -27.88 -60.88
CA ARG G 485 -1.87 -28.79 -59.88
C ARG G 485 -1.31 -30.21 -59.93
N GLU G 486 -1.26 -30.81 -61.11
CA GLU G 486 -0.83 -32.21 -61.18
C GLU G 486 0.65 -32.37 -60.83
N ARG G 487 1.50 -31.60 -61.49
CA ARG G 487 2.94 -31.80 -61.33
C ARG G 487 3.42 -31.37 -59.95
N PHE G 488 2.90 -30.26 -59.44
CA PHE G 488 3.48 -29.66 -58.24
C PHE G 488 2.66 -29.79 -56.96
N TYR G 489 1.45 -30.33 -57.07
CA TYR G 489 0.61 -30.55 -55.91
C TYR G 489 0.17 -32.00 -55.77
N LEU G 490 -0.62 -32.49 -56.74
CA LEU G 490 -1.18 -33.84 -56.63
C LEU G 490 -0.09 -34.91 -56.61
N MET G 491 0.88 -34.75 -57.50
CA MET G 491 1.99 -35.68 -57.67
C MET G 491 1.55 -37.15 -57.70
N PRO G 492 0.68 -37.51 -58.65
CA PRO G 492 0.30 -38.92 -58.82
C PRO G 492 1.54 -39.78 -59.02
N GLN G 493 1.58 -40.94 -58.35
CA GLN G 493 2.75 -41.82 -58.49
C GLN G 493 2.42 -43.03 -59.35
N ASN G 494 1.14 -43.19 -59.68
CA ASN G 494 0.69 -44.25 -60.57
C ASN G 494 1.19 -45.64 -60.17
N VAL G 495 0.88 -46.02 -58.95
CA VAL G 495 1.25 -47.33 -58.43
C VAL G 495 0.04 -48.04 -57.85
N HIS G 496 0.20 -49.34 -57.61
CA HIS G 496 -0.74 -50.08 -56.78
C HIS G 496 0.05 -50.75 -55.68
N PHE G 497 -0.64 -51.42 -54.77
CA PHE G 497 0.02 -51.92 -53.58
C PHE G 497 0.02 -53.45 -53.41
N GLU G 498 -0.40 -54.19 -54.45
CA GLU G 498 -0.41 -55.66 -54.34
C GLU G 498 1.02 -56.19 -54.13
N HIS G 499 1.95 -55.60 -54.87
CA HIS G 499 3.33 -56.05 -54.76
C HIS G 499 3.95 -55.65 -53.43
N ALA G 500 3.53 -54.51 -52.87
CA ALA G 500 4.00 -54.13 -51.55
C ALA G 500 3.56 -55.17 -50.51
N ALA G 501 2.29 -55.54 -50.57
CA ALA G 501 1.77 -56.58 -49.67
C ALA G 501 2.50 -57.89 -49.86
N ALA G 502 2.69 -58.27 -51.13
CA ALA G 502 3.34 -59.53 -51.45
C ALA G 502 4.77 -59.58 -50.91
N MET G 503 5.47 -58.46 -51.01
CA MET G 503 6.85 -58.35 -50.52
C MET G 503 6.96 -58.68 -49.03
N PHE G 504 5.97 -58.29 -48.26
CA PHE G 504 6.03 -58.49 -46.83
C PHE G 504 5.08 -59.62 -46.40
N GLU G 505 4.63 -60.39 -47.39
CA GLU G 505 3.81 -61.59 -47.17
C GLU G 505 2.53 -61.29 -46.39
N LEU G 506 1.92 -60.17 -46.76
CA LEU G 506 0.66 -59.75 -46.17
C LEU G 506 -0.49 -60.04 -47.12
N LYS G 507 -1.61 -60.52 -46.59
CA LYS G 507 -2.80 -60.72 -47.40
C LYS G 507 -3.23 -59.40 -48.04
N TYR G 508 -3.78 -59.52 -49.26
CA TYR G 508 -4.14 -58.35 -50.05
C TYR G 508 -5.47 -58.53 -50.76
N HIS G 509 -6.31 -57.49 -50.72
CA HIS G 509 -7.56 -57.47 -51.47
C HIS G 509 -7.68 -56.14 -52.21
N ARG G 510 -8.19 -56.19 -53.44
CA ARG G 510 -8.53 -54.97 -54.16
C ARG G 510 -10.01 -55.05 -54.55
N PRO G 511 -10.90 -54.79 -53.59
CA PRO G 511 -12.35 -54.95 -53.78
C PRO G 511 -12.94 -53.98 -54.82
N GLN G 512 -13.90 -54.46 -55.62
CA GLN G 512 -14.45 -53.66 -56.71
C GLN G 512 -15.85 -53.14 -56.39
N ASN G 513 -16.42 -53.62 -55.28
CA ASN G 513 -17.76 -53.23 -54.85
C ASN G 513 -17.94 -53.46 -53.35
N TRP G 514 -19.11 -53.10 -52.82
CA TRP G 514 -19.31 -53.20 -51.38
C TRP G 514 -19.28 -54.65 -50.89
N GLN G 515 -19.79 -55.58 -51.69
CA GLN G 515 -19.79 -56.98 -51.30
C GLN G 515 -18.35 -57.51 -51.15
N GLU G 516 -17.50 -57.17 -52.12
CA GLU G 516 -16.10 -57.62 -52.07
C GLU G 516 -15.37 -56.99 -50.90
N LEU G 517 -15.74 -55.76 -50.55
CA LEU G 517 -15.16 -55.10 -49.39
C LEU G 517 -15.56 -55.85 -48.11
N GLU G 518 -16.84 -56.17 -48.00
CA GLU G 518 -17.34 -56.89 -46.83
C GLU G 518 -16.68 -58.26 -46.73
N THR G 519 -16.50 -58.92 -47.87
CA THR G 519 -15.84 -60.21 -47.92
C THR G 519 -14.39 -60.10 -47.46
N ALA G 520 -13.73 -59.04 -47.90
CA ALA G 520 -12.33 -58.78 -47.52
C ALA G 520 -12.17 -58.62 -46.01
N PHE G 521 -13.07 -57.82 -45.41
CA PHE G 521 -13.06 -57.64 -43.95
C PHE G 521 -13.28 -58.97 -43.22
N ALA G 522 -14.26 -59.74 -43.66
CA ALA G 522 -14.56 -61.01 -43.00
C ALA G 522 -13.32 -61.90 -42.95
N ASP G 523 -12.60 -61.96 -44.06
CA ASP G 523 -11.34 -62.70 -44.14
C ASP G 523 -10.35 -62.13 -43.14
N ALA G 524 -10.24 -60.82 -43.11
CA ALA G 524 -9.18 -60.16 -42.36
C ALA G 524 -9.27 -60.37 -40.84
N TRP G 525 -10.47 -60.35 -40.28
CA TRP G 525 -10.59 -60.41 -38.83
C TRP G 525 -10.31 -61.81 -38.28
N ARG G 526 -10.08 -62.79 -39.15
CA ARG G 526 -9.98 -64.18 -38.72
C ARG G 526 -8.64 -64.57 -38.09
N THR G 527 -7.59 -63.81 -38.39
CA THR G 527 -6.26 -64.13 -37.85
C THR G 527 -5.56 -62.87 -37.37
N PRO G 528 -4.63 -63.03 -36.41
CA PRO G 528 -3.83 -61.91 -35.88
C PRO G 528 -2.74 -61.48 -36.85
N THR G 529 -3.18 -61.00 -38.01
CA THR G 529 -2.25 -60.53 -39.03
C THR G 529 -2.76 -59.26 -39.70
N THR G 530 -1.88 -58.62 -40.46
CA THR G 530 -2.27 -57.44 -41.20
C THR G 530 -2.75 -57.79 -42.60
N THR G 531 -3.94 -57.30 -42.94
CA THR G 531 -4.48 -57.40 -44.30
C THR G 531 -4.52 -56.01 -44.94
N VAL G 532 -3.97 -55.91 -46.14
CA VAL G 532 -3.97 -54.67 -46.91
C VAL G 532 -5.17 -54.68 -47.85
N ILE G 533 -6.05 -53.70 -47.72
CA ILE G 533 -7.18 -53.55 -48.61
C ILE G 533 -7.00 -52.26 -49.40
N GLU G 534 -6.75 -52.40 -50.69
CA GLU G 534 -6.54 -51.24 -51.54
C GLU G 534 -7.86 -50.85 -52.19
N MET G 535 -8.35 -49.65 -51.88
CA MET G 535 -9.57 -49.16 -52.52
C MET G 535 -9.20 -48.13 -53.59
N VAL G 536 -9.32 -48.57 -54.85
CA VAL G 536 -9.00 -47.71 -55.98
C VAL G 536 -10.22 -46.91 -56.39
N VAL G 537 -10.08 -45.59 -56.39
CA VAL G 537 -11.19 -44.69 -56.66
C VAL G 537 -10.78 -43.64 -57.67
N ASN G 538 -11.77 -43.04 -58.34
CA ASN G 538 -11.52 -41.96 -59.28
C ASN G 538 -10.97 -40.75 -58.56
N ASP G 539 -9.90 -40.17 -59.09
CA ASP G 539 -9.14 -39.13 -58.42
C ASP G 539 -9.95 -38.10 -57.62
N THR G 540 -10.84 -37.37 -58.27
CA THR G 540 -11.45 -36.22 -57.62
C THR G 540 -12.87 -36.42 -57.09
N ASP G 541 -13.40 -37.64 -57.19
CA ASP G 541 -14.78 -37.87 -56.79
C ASP G 541 -15.02 -37.52 -55.30
N GLY G 542 -14.09 -37.91 -54.45
CA GLY G 542 -14.24 -37.66 -53.01
C GLY G 542 -14.29 -36.17 -52.71
N ALA G 543 -13.31 -35.45 -53.23
CA ALA G 543 -13.27 -34.00 -53.03
C ALA G 543 -14.54 -33.34 -53.56
N GLN G 544 -14.95 -33.73 -54.77
CA GLN G 544 -16.10 -33.10 -55.40
C GLN G 544 -17.39 -33.44 -54.64
N THR G 545 -17.49 -34.66 -54.14
CA THR G 545 -18.69 -35.06 -53.39
C THR G 545 -18.81 -34.25 -52.12
N LEU G 546 -17.68 -34.03 -51.43
CA LEU G 546 -17.71 -33.19 -50.23
C LEU G 546 -18.14 -31.77 -50.58
N GLN G 547 -17.59 -31.25 -51.67
CA GLN G 547 -17.92 -29.89 -52.09
C GLN G 547 -19.40 -29.79 -52.42
N GLN G 548 -19.93 -30.82 -53.06
CA GLN G 548 -21.33 -30.83 -53.44
C GLN G 548 -22.26 -30.89 -52.23
N LEU G 549 -21.90 -31.69 -51.24
CA LEU G 549 -22.70 -31.81 -50.02
C LEU G 549 -22.66 -30.51 -49.20
N LEU G 550 -21.50 -29.88 -49.15
CA LEU G 550 -21.40 -28.57 -48.49
C LEU G 550 -22.38 -27.59 -49.13
N ALA G 551 -22.38 -27.53 -50.46
CA ALA G 551 -23.27 -26.62 -51.17
C ALA G 551 -24.73 -26.98 -50.91
N GLN G 552 -25.05 -28.26 -50.97
CA GLN G 552 -26.43 -28.68 -50.78
C GLN G 552 -26.95 -28.29 -49.39
N VAL G 553 -26.17 -28.60 -48.36
CA VAL G 553 -26.61 -28.35 -47.00
C VAL G 553 -26.69 -26.85 -46.71
N SER G 554 -25.84 -26.05 -47.35
CA SER G 554 -25.86 -24.61 -47.11
C SER G 554 -27.18 -23.97 -47.56
N HIS G 555 -27.92 -24.66 -48.44
CA HIS G 555 -29.15 -24.12 -48.99
C HIS G 555 -30.41 -24.65 -48.31
N LEU G 556 -30.23 -25.50 -47.30
CA LEU G 556 -31.37 -26.02 -46.54
C LEU G 556 -32.07 -24.91 -45.75
N MET H 1 -2.64 -4.55 -50.94
CA MET H 1 -3.94 -5.11 -51.27
C MET H 1 -3.96 -6.62 -51.09
N SER H 2 -3.62 -7.37 -52.15
CA SER H 2 -3.72 -8.82 -52.12
C SER H 2 -2.56 -9.50 -51.43
N VAL H 3 -2.84 -10.15 -50.30
CA VAL H 3 -1.82 -10.88 -49.57
C VAL H 3 -1.29 -12.04 -50.41
N SER H 4 -2.19 -12.71 -51.11
CA SER H 4 -1.78 -13.86 -51.91
C SER H 4 -0.82 -13.41 -53.02
N ALA H 5 -1.13 -12.30 -53.67
CA ALA H 5 -0.27 -11.78 -54.73
C ALA H 5 1.10 -11.36 -54.16
N PHE H 6 1.10 -10.63 -53.05
CA PHE H 6 2.38 -10.17 -52.51
C PHE H 6 3.25 -11.33 -52.01
N ASN H 7 2.63 -12.36 -51.43
CA ASN H 7 3.37 -13.55 -51.03
C ASN H 7 4.18 -14.06 -52.20
N ARG H 8 3.53 -14.09 -53.36
CA ARG H 8 4.15 -14.64 -54.56
C ARG H 8 5.21 -13.70 -55.11
N ARG H 9 5.02 -12.39 -54.94
CA ARG H 9 6.05 -11.42 -55.35
C ARG H 9 7.30 -11.52 -54.48
N TRP H 10 7.08 -11.67 -53.18
CA TRP H 10 8.13 -11.87 -52.18
C TRP H 10 8.91 -13.15 -52.49
N ALA H 11 8.19 -14.25 -52.68
CA ALA H 11 8.80 -15.52 -53.04
C ALA H 11 9.57 -15.43 -54.37
N ALA H 12 9.04 -14.68 -55.35
CA ALA H 12 9.73 -14.55 -56.65
C ALA H 12 11.11 -13.90 -56.51
N VAL H 13 11.25 -12.95 -55.60
CA VAL H 13 12.55 -12.33 -55.37
C VAL H 13 13.52 -13.37 -54.80
N ILE H 14 13.05 -14.16 -53.84
CA ILE H 14 13.88 -15.20 -53.25
C ILE H 14 14.41 -16.18 -54.31
N LEU H 15 13.50 -16.68 -55.14
N LEU H 15 13.51 -16.66 -55.16
CA LEU H 15 13.88 -17.69 -56.12
CA LEU H 15 13.90 -17.69 -56.12
C LEU H 15 14.79 -17.13 -57.23
C LEU H 15 14.78 -17.13 -57.24
N GLU H 16 14.47 -15.93 -57.71
CA GLU H 16 15.28 -15.33 -58.75
C GLU H 16 16.67 -15.06 -58.21
N ALA H 17 16.76 -14.66 -56.94
CA ALA H 17 18.05 -14.39 -56.31
C ALA H 17 18.95 -15.62 -56.37
N LEU H 18 18.38 -16.79 -56.12
CA LEU H 18 19.15 -18.03 -56.12
C LEU H 18 19.75 -18.33 -57.48
N THR H 19 19.06 -17.95 -58.55
CA THR H 19 19.57 -18.20 -59.90
C THR H 19 20.88 -17.48 -60.16
N ARG H 20 21.14 -16.41 -59.42
CA ARG H 20 22.36 -15.62 -59.63
C ARG H 20 23.57 -16.26 -58.96
N HIS H 21 23.33 -17.35 -58.22
CA HIS H 21 24.39 -18.06 -57.52
C HIS H 21 24.57 -19.49 -58.02
N GLY H 22 24.07 -19.75 -59.22
CA GLY H 22 24.30 -21.03 -59.87
C GLY H 22 23.29 -22.12 -59.55
N VAL H 23 22.21 -21.78 -58.86
CA VAL H 23 21.15 -22.77 -58.60
C VAL H 23 20.38 -23.06 -59.88
N ARG H 24 20.41 -24.31 -60.32
CA ARG H 24 19.70 -24.76 -61.52
C ARG H 24 18.65 -25.78 -61.14
N HIS H 25 19.04 -26.71 -60.28
CA HIS H 25 18.13 -27.75 -59.81
C HIS H 25 17.33 -27.30 -58.60
N ILE H 26 16.03 -27.57 -58.62
CA ILE H 26 15.23 -27.34 -57.43
C ILE H 26 14.36 -28.56 -57.18
N CYS H 27 14.36 -29.02 -55.93
CA CYS H 27 13.61 -30.22 -55.53
C CYS H 27 12.41 -29.81 -54.68
N ILE H 28 11.22 -30.23 -55.10
CA ILE H 28 9.97 -29.76 -54.53
C ILE H 28 9.10 -30.91 -54.04
N ALA H 29 8.64 -30.79 -52.79
CA ALA H 29 7.64 -31.70 -52.25
C ALA H 29 6.32 -30.96 -52.14
N PRO H 30 5.21 -31.72 -52.09
CA PRO H 30 3.88 -31.10 -52.16
C PRO H 30 3.43 -30.47 -50.84
N GLY H 31 2.60 -29.46 -50.94
CA GLY H 31 2.10 -28.77 -49.75
C GLY H 31 1.27 -27.56 -50.12
N SER H 32 0.65 -26.96 -49.12
CA SER H 32 -0.15 -25.77 -49.36
C SER H 32 0.59 -24.53 -48.92
N ARG H 33 1.15 -24.58 -47.71
CA ARG H 33 1.81 -23.39 -47.17
C ARG H 33 3.02 -22.98 -48.03
N SER H 34 3.59 -23.94 -48.75
CA SER H 34 4.71 -23.70 -49.65
C SER H 34 4.29 -23.09 -50.99
N THR H 35 3.00 -22.90 -51.20
CA THR H 35 2.49 -22.40 -52.49
C THR H 35 3.25 -21.18 -53.07
N PRO H 36 3.53 -20.16 -52.24
CA PRO H 36 4.21 -19.01 -52.86
C PRO H 36 5.57 -19.37 -53.46
N LEU H 37 6.32 -20.22 -52.76
CA LEU H 37 7.64 -20.67 -53.21
C LEU H 37 7.53 -21.58 -54.42
N THR H 38 6.62 -22.54 -54.35
CA THR H 38 6.47 -23.52 -55.40
C THR H 38 5.96 -22.88 -56.72
N LEU H 39 5.00 -21.95 -56.63
CA LEU H 39 4.53 -21.28 -57.83
C LEU H 39 5.61 -20.36 -58.40
N ALA H 40 6.36 -19.70 -57.53
CA ALA H 40 7.48 -18.87 -58.01
C ALA H 40 8.49 -19.74 -58.74
N ALA H 41 8.76 -20.93 -58.20
CA ALA H 41 9.71 -21.86 -58.80
C ALA H 41 9.19 -22.39 -60.13
N ALA H 42 7.92 -22.76 -60.17
CA ALA H 42 7.35 -23.35 -61.38
C ALA H 42 7.39 -22.37 -62.53
N GLU H 43 7.23 -21.08 -62.20
CA GLU H 43 7.15 -20.02 -63.20
C GLU H 43 8.51 -19.57 -63.70
N ASN H 44 9.56 -19.96 -62.99
CA ASN H 44 10.91 -19.49 -63.30
C ASN H 44 11.62 -20.46 -64.25
N SER H 45 11.91 -19.96 -65.45
CA SER H 45 12.44 -20.78 -66.53
C SER H 45 13.90 -21.19 -66.32
N ALA H 46 14.51 -20.69 -65.26
CA ALA H 46 15.91 -21.00 -64.98
C ALA H 46 16.11 -22.39 -64.42
N PHE H 47 15.04 -22.96 -63.85
CA PHE H 47 15.15 -24.19 -63.05
C PHE H 47 14.83 -25.50 -63.77
N ILE H 48 15.51 -26.56 -63.33
CA ILE H 48 15.10 -27.94 -63.58
C ILE H 48 14.39 -28.41 -62.32
N HIS H 49 13.11 -28.78 -62.43
CA HIS H 49 12.32 -29.13 -61.26
C HIS H 49 12.25 -30.63 -61.06
N HIS H 50 12.52 -31.07 -59.83
CA HIS H 50 12.33 -32.46 -59.46
C HIS H 50 11.30 -32.51 -58.35
N THR H 51 10.46 -33.54 -58.35
CA THR H 51 9.47 -33.71 -57.29
C THR H 51 9.59 -35.07 -56.63
N HIS H 52 9.14 -35.12 -55.38
CA HIS H 52 9.07 -36.38 -54.65
C HIS H 52 8.13 -36.19 -53.47
N PHE H 53 7.51 -37.28 -53.01
CA PHE H 53 6.53 -37.22 -51.93
C PHE H 53 7.14 -37.41 -50.53
N ASP H 54 8.34 -38.00 -50.46
CA ASP H 54 9.02 -38.23 -49.20
C ASP H 54 10.09 -37.15 -49.05
N GLU H 55 9.91 -36.28 -48.06
CA GLU H 55 10.83 -35.15 -47.91
C GLU H 55 12.24 -35.58 -47.48
N ARG H 56 12.36 -36.72 -46.80
CA ARG H 56 13.69 -37.23 -46.44
C ARG H 56 14.40 -37.65 -47.71
N GLY H 57 13.69 -38.36 -48.56
CA GLY H 57 14.23 -38.74 -49.87
C GLY H 57 14.48 -37.53 -50.75
N LEU H 58 13.62 -36.52 -50.63
CA LEU H 58 13.79 -35.28 -51.39
C LEU H 58 15.11 -34.59 -51.06
N GLY H 59 15.42 -34.52 -49.76
CA GLY H 59 16.67 -33.93 -49.30
C GLY H 59 17.87 -34.69 -49.84
N HIS H 60 17.76 -36.02 -49.90
CA HIS H 60 18.88 -36.81 -50.40
C HIS H 60 19.04 -36.76 -51.93
N LEU H 61 17.91 -36.61 -52.62
CA LEU H 61 17.94 -36.37 -54.06
C LEU H 61 18.72 -35.08 -54.33
N ALA H 62 18.40 -34.03 -53.57
CA ALA H 62 19.11 -32.75 -53.72
C ALA H 62 20.59 -32.92 -53.40
N LEU H 63 20.88 -33.70 -52.36
CA LEU H 63 22.26 -34.00 -51.97
C LEU H 63 23.04 -34.62 -53.12
N GLY H 64 22.42 -35.60 -53.78
CA GLY H 64 23.05 -36.27 -54.90
C GLY H 64 23.26 -35.34 -56.09
N LEU H 65 22.26 -34.51 -56.37
CA LEU H 65 22.38 -33.52 -57.44
C LEU H 65 23.55 -32.57 -57.18
N ALA H 66 23.67 -32.10 -55.95
CA ALA H 66 24.72 -31.17 -55.55
C ALA H 66 26.10 -31.82 -55.52
N LYS H 67 26.11 -33.08 -55.10
CA LYS H 67 27.34 -33.87 -54.97
C LYS H 67 28.06 -33.97 -56.31
N VAL H 68 27.31 -34.21 -57.37
CA VAL H 68 27.88 -34.40 -58.69
C VAL H 68 28.10 -33.07 -59.41
N SER H 69 27.10 -32.19 -59.33
CA SER H 69 27.12 -30.95 -60.09
C SER H 69 28.03 -29.87 -59.51
N LYS H 70 28.33 -29.96 -58.22
CA LYS H 70 29.16 -28.96 -57.56
C LYS H 70 28.53 -27.56 -57.62
N GLN H 71 27.20 -27.54 -57.68
CA GLN H 71 26.40 -26.32 -57.70
C GLN H 71 25.51 -26.33 -56.46
N PRO H 72 25.06 -25.15 -56.01
CA PRO H 72 24.03 -25.20 -54.95
C PRO H 72 22.75 -25.74 -55.54
N VAL H 73 22.01 -26.52 -54.75
CA VAL H 73 20.74 -27.08 -55.14
C VAL H 73 19.67 -26.63 -54.16
N ALA H 74 18.52 -26.20 -54.66
CA ALA H 74 17.45 -25.69 -53.80
C ALA H 74 16.42 -26.79 -53.50
N VAL H 75 15.77 -26.64 -52.35
CA VAL H 75 14.73 -27.57 -51.91
C VAL H 75 13.55 -26.74 -51.40
N ILE H 76 12.32 -27.10 -51.77
CA ILE H 76 11.14 -26.44 -51.22
C ILE H 76 10.27 -27.47 -50.52
N VAL H 77 9.92 -27.20 -49.26
CA VAL H 77 8.96 -28.04 -48.56
C VAL H 77 7.95 -27.19 -47.80
N THR H 78 6.81 -27.79 -47.45
CA THR H 78 5.82 -27.08 -46.68
C THR H 78 6.20 -27.11 -45.19
N SER H 79 5.40 -26.46 -44.36
CA SER H 79 5.70 -26.38 -42.93
C SER H 79 5.45 -27.69 -42.22
N GLY H 80 6.03 -27.83 -41.02
CA GLY H 80 5.73 -28.98 -40.18
C GLY H 80 6.79 -30.06 -40.24
N THR H 81 6.40 -31.33 -40.10
CA THR H 81 7.41 -32.40 -40.11
C THR H 81 8.10 -32.57 -41.46
N ALA H 82 7.48 -32.07 -42.53
CA ALA H 82 8.16 -32.05 -43.83
C ALA H 82 9.55 -31.40 -43.67
N VAL H 83 9.60 -30.34 -42.88
CA VAL H 83 10.86 -29.64 -42.69
C VAL H 83 11.86 -30.50 -41.91
N ALA H 84 11.39 -31.15 -40.85
CA ALA H 84 12.26 -31.99 -40.02
C ALA H 84 12.90 -33.12 -40.83
N ASN H 85 12.16 -33.61 -41.83
CA ASN H 85 12.65 -34.70 -42.67
C ASN H 85 13.88 -34.33 -43.52
N LEU H 86 14.16 -33.03 -43.60
CA LEU H 86 15.35 -32.59 -44.35
C LEU H 86 16.62 -32.74 -43.52
N TYR H 87 16.49 -33.07 -42.24
CA TYR H 87 17.64 -33.03 -41.33
C TYR H 87 18.77 -33.94 -41.75
N PRO H 88 18.47 -35.20 -42.10
CA PRO H 88 19.55 -36.11 -42.45
C PRO H 88 20.42 -35.60 -43.61
N ALA H 89 19.79 -35.16 -44.69
CA ALA H 89 20.56 -34.65 -45.84
C ALA H 89 21.33 -33.40 -45.48
N LEU H 90 20.72 -32.54 -44.66
CA LEU H 90 21.37 -31.31 -44.24
C LEU H 90 22.64 -31.59 -43.43
N ILE H 91 22.56 -32.58 -42.55
CA ILE H 91 23.68 -32.95 -41.70
C ILE H 91 24.81 -33.52 -42.57
N GLU H 92 24.46 -34.38 -43.52
CA GLU H 92 25.46 -34.97 -44.40
C GLU H 92 26.16 -33.86 -45.22
N ALA H 93 25.38 -32.92 -45.73
CA ALA H 93 25.89 -31.79 -46.50
C ALA H 93 26.85 -30.94 -45.68
N GLY H 94 26.56 -30.82 -44.38
CA GLY H 94 27.42 -30.09 -43.46
C GLY H 94 28.78 -30.73 -43.33
N LEU H 95 28.83 -32.06 -43.46
CA LEU H 95 30.10 -32.78 -43.28
C LEU H 95 30.93 -32.89 -44.55
N THR H 96 30.28 -33.04 -45.70
CA THR H 96 31.04 -33.29 -46.92
C THR H 96 31.00 -32.12 -47.91
N GLY H 97 30.17 -31.12 -47.65
CA GLY H 97 30.27 -29.84 -48.34
C GLY H 97 29.21 -29.45 -49.36
N GLU H 98 28.30 -30.37 -49.69
CA GLU H 98 27.24 -30.06 -50.64
C GLU H 98 26.48 -28.80 -50.22
N LYS H 99 26.19 -27.95 -51.21
CA LYS H 99 25.44 -26.73 -50.93
C LYS H 99 23.96 -26.95 -51.17
N LEU H 100 23.23 -27.18 -50.08
CA LEU H 100 21.79 -27.37 -50.14
C LEU H 100 21.10 -26.12 -49.64
N ILE H 101 20.21 -25.55 -50.45
CA ILE H 101 19.47 -24.36 -50.03
C ILE H 101 18.06 -24.78 -49.70
N LEU H 102 17.74 -24.78 -48.41
CA LEU H 102 16.47 -25.32 -47.94
C LEU H 102 15.48 -24.20 -47.73
N LEU H 103 14.50 -24.09 -48.63
CA LEU H 103 13.45 -23.08 -48.50
C LEU H 103 12.29 -23.70 -47.78
N THR H 104 12.12 -23.39 -46.50
CA THR H 104 11.11 -24.08 -45.71
C THR H 104 9.94 -23.16 -45.38
N ALA H 105 8.80 -23.44 -45.99
CA ALA H 105 7.60 -22.63 -45.74
C ALA H 105 7.22 -22.72 -44.28
N ASP H 106 6.69 -21.63 -43.75
CA ASP H 106 6.28 -21.60 -42.34
C ASP H 106 4.93 -20.90 -42.23
N ARG H 107 4.21 -21.18 -41.15
CA ARG H 107 3.09 -20.33 -40.74
C ARG H 107 3.66 -18.98 -40.32
N PRO H 108 2.82 -17.93 -40.36
CA PRO H 108 3.22 -16.59 -39.91
C PRO H 108 3.32 -16.57 -38.38
N PRO H 109 3.99 -15.56 -37.82
CA PRO H 109 4.20 -15.53 -36.36
C PRO H 109 2.91 -15.67 -35.55
N GLU H 110 1.79 -15.12 -36.04
CA GLU H 110 0.57 -15.13 -35.25
C GLU H 110 -0.07 -16.51 -35.13
N LEU H 111 0.47 -17.51 -35.85
CA LEU H 111 -0.08 -18.86 -35.77
C LEU H 111 0.90 -19.88 -35.15
N ILE H 112 1.92 -19.38 -34.47
CA ILE H 112 2.88 -20.24 -33.78
C ILE H 112 2.56 -20.35 -32.29
N ASP H 113 2.67 -21.56 -31.75
CA ASP H 113 2.45 -21.78 -30.32
C ASP H 113 1.03 -21.43 -29.87
N CYS H 114 0.04 -21.75 -30.70
CA CYS H 114 -1.34 -21.48 -30.33
C CYS H 114 -2.27 -22.60 -30.78
N GLY H 115 -1.69 -23.77 -30.98
CA GLY H 115 -2.48 -24.95 -31.31
C GLY H 115 -2.98 -25.00 -32.75
N ALA H 116 -2.34 -24.25 -33.64
CA ALA H 116 -2.70 -24.25 -35.04
C ALA H 116 -2.19 -25.51 -35.74
N ASN H 117 -3.01 -26.07 -36.62
CA ASN H 117 -2.62 -27.30 -37.32
C ASN H 117 -1.35 -27.10 -38.15
N GLN H 118 -0.43 -28.05 -38.03
CA GLN H 118 0.76 -28.11 -38.87
C GLN H 118 1.67 -26.90 -38.66
N ALA H 119 1.58 -26.28 -37.49
CA ALA H 119 2.42 -25.15 -37.16
C ALA H 119 3.38 -25.55 -36.06
N ILE H 120 4.67 -25.40 -36.32
CA ILE H 120 5.70 -25.73 -35.33
C ILE H 120 6.73 -24.60 -35.28
N ARG H 121 7.61 -24.67 -34.29
CA ARG H 121 8.71 -23.71 -34.18
C ARG H 121 9.85 -24.07 -35.13
N GLN H 122 10.02 -23.31 -36.20
CA GLN H 122 10.95 -23.69 -37.26
C GLN H 122 12.29 -22.95 -37.26
N PRO H 123 12.30 -21.64 -36.93
CA PRO H 123 13.60 -20.96 -36.85
C PRO H 123 14.55 -21.66 -35.89
N GLY H 124 15.78 -21.92 -36.35
CA GLY H 124 16.75 -22.58 -35.52
C GLY H 124 16.53 -24.07 -35.29
N MET H 125 15.55 -24.69 -35.95
CA MET H 125 15.25 -26.08 -35.65
C MET H 125 16.35 -27.05 -36.12
N PHE H 126 17.27 -26.58 -36.96
CA PHE H 126 18.43 -27.41 -37.37
C PHE H 126 19.71 -27.04 -36.61
N ALA H 127 19.56 -26.20 -35.59
CA ALA H 127 20.64 -25.90 -34.66
C ALA H 127 21.91 -25.46 -35.40
N SER H 128 23.05 -26.08 -35.09
CA SER H 128 24.31 -25.65 -35.68
C SER H 128 24.66 -26.31 -37.02
N HIS H 129 23.76 -27.09 -37.57
CA HIS H 129 24.14 -27.87 -38.74
C HIS H 129 24.13 -27.12 -40.08
N PRO H 130 23.20 -26.18 -40.28
CA PRO H 130 23.36 -25.40 -41.52
C PRO H 130 24.56 -24.47 -41.37
N THR H 131 25.26 -24.21 -42.47
CA THR H 131 26.34 -23.22 -42.45
C THR H 131 25.80 -21.83 -42.15
N HIS H 132 24.66 -21.52 -42.76
N HIS H 132 24.63 -21.53 -42.70
CA HIS H 132 23.96 -20.25 -42.59
CA HIS H 132 24.01 -20.23 -42.48
C HIS H 132 22.50 -20.51 -42.32
C HIS H 132 22.51 -20.40 -42.40
N SER H 133 21.90 -19.69 -41.46
CA SER H 133 20.45 -19.74 -41.25
C SER H 133 19.86 -18.37 -41.43
N ILE H 134 18.82 -18.28 -42.25
CA ILE H 134 18.06 -17.06 -42.42
C ILE H 134 16.63 -17.31 -41.94
N SER H 135 16.20 -16.54 -40.95
CA SER H 135 14.80 -16.60 -40.53
C SER H 135 14.09 -15.38 -41.08
N LEU H 136 13.41 -15.54 -42.22
CA LEU H 136 12.76 -14.40 -42.86
C LEU H 136 11.57 -13.94 -42.04
N PRO H 137 11.33 -12.63 -42.06
CA PRO H 137 10.21 -12.02 -41.35
C PRO H 137 8.92 -12.22 -42.13
N ARG H 138 7.80 -11.95 -41.48
CA ARG H 138 6.50 -11.92 -42.12
C ARG H 138 6.54 -10.97 -43.32
N PRO H 139 6.14 -11.43 -44.51
CA PRO H 139 6.23 -10.54 -45.67
C PRO H 139 5.50 -9.22 -45.48
N THR H 140 6.13 -8.12 -45.90
CA THR H 140 5.50 -6.83 -45.88
C THR H 140 6.21 -5.92 -46.88
N GLN H 141 5.45 -5.06 -47.54
CA GLN H 141 6.05 -4.10 -48.46
C GLN H 141 6.84 -3.03 -47.72
N ASP H 142 6.71 -2.99 -46.39
CA ASP H 142 7.44 -2.01 -45.60
C ASP H 142 8.90 -2.39 -45.39
N ILE H 143 9.23 -3.63 -45.75
CA ILE H 143 10.64 -4.06 -45.87
C ILE H 143 10.97 -4.09 -47.35
N PRO H 144 12.02 -3.35 -47.77
CA PRO H 144 12.26 -3.23 -49.21
C PRO H 144 12.83 -4.50 -49.83
N ALA H 145 12.52 -4.72 -51.10
CA ALA H 145 13.04 -5.87 -51.82
C ALA H 145 14.57 -5.94 -51.77
N ARG H 146 15.23 -4.80 -51.75
N ARG H 146 15.22 -4.79 -51.74
CA ARG H 146 16.69 -4.80 -51.72
CA ARG H 146 16.69 -4.79 -51.73
C ARG H 146 17.24 -5.45 -50.45
C ARG H 146 17.26 -5.42 -50.45
N TRP H 147 16.51 -5.37 -49.35
CA TRP H 147 16.94 -6.06 -48.13
C TRP H 147 16.86 -7.57 -48.33
N LEU H 148 15.72 -8.02 -48.86
CA LEU H 148 15.46 -9.44 -49.05
C LEU H 148 16.52 -10.07 -49.97
N VAL H 149 16.81 -9.45 -51.10
CA VAL H 149 17.80 -10.04 -52.01
C VAL H 149 19.20 -9.94 -51.41
N SER H 150 19.47 -8.86 -50.68
CA SER H 150 20.79 -8.71 -50.05
C SER H 150 21.04 -9.80 -49.02
N THR H 151 20.00 -10.14 -48.27
CA THR H 151 20.16 -11.16 -47.22
C THR H 151 20.44 -12.52 -47.84
N ILE H 152 19.72 -12.84 -48.91
CA ILE H 152 19.96 -14.08 -49.63
C ILE H 152 21.35 -14.06 -50.27
N ASP H 153 21.73 -12.92 -50.87
CA ASP H 153 23.03 -12.81 -51.52
C ASP H 153 24.19 -12.98 -50.56
N HIS H 154 24.05 -12.46 -49.34
CA HIS H 154 25.07 -12.68 -48.32
C HIS H 154 25.24 -14.16 -48.01
N ALA H 155 24.11 -14.83 -47.79
CA ALA H 155 24.13 -16.23 -47.40
C ALA H 155 24.75 -17.10 -48.50
N LEU H 156 24.37 -16.87 -49.76
CA LEU H 156 24.90 -17.69 -50.85
C LEU H 156 26.33 -17.29 -51.26
N GLY H 157 26.60 -16.00 -51.25
CA GLY H 157 27.90 -15.51 -51.66
C GLY H 157 29.01 -15.99 -50.73
N THR H 158 28.72 -16.02 -49.43
CA THR H 158 29.74 -16.40 -48.44
C THR H 158 29.72 -17.89 -48.11
N LEU H 159 28.91 -18.64 -48.83
CA LEU H 159 28.78 -20.08 -48.58
C LEU H 159 29.95 -20.88 -49.16
N HIS H 160 30.86 -21.32 -48.29
CA HIS H 160 32.01 -22.13 -48.72
C HIS H 160 31.57 -23.57 -49.00
N ALA H 161 30.64 -24.05 -48.18
CA ALA H 161 30.21 -25.45 -48.19
C ALA H 161 29.03 -25.61 -47.25
N GLY H 162 28.24 -26.67 -47.44
CA GLY H 162 27.17 -27.00 -46.51
C GLY H 162 25.83 -26.36 -46.82
N GLY H 163 24.88 -26.54 -45.92
CA GLY H 163 23.51 -26.12 -46.16
C GLY H 163 23.17 -24.72 -45.69
N VAL H 164 22.12 -24.16 -46.30
CA VAL H 164 21.57 -22.89 -45.84
C VAL H 164 20.10 -23.12 -45.55
N HIS H 165 19.67 -22.81 -44.33
CA HIS H 165 18.26 -22.91 -43.96
C HIS H 165 17.62 -21.54 -44.11
N ILE H 166 16.68 -21.41 -45.04
CA ILE H 166 15.93 -20.18 -45.21
C ILE H 166 14.48 -20.43 -44.83
N ASN H 167 14.10 -19.97 -43.64
CA ASN H 167 12.73 -20.16 -43.19
C ASN H 167 11.83 -19.06 -43.74
N CYS H 168 10.69 -19.47 -44.32
CA CYS H 168 9.87 -18.56 -45.11
C CYS H 168 8.42 -18.52 -44.66
N PRO H 169 8.10 -17.63 -43.71
CA PRO H 169 6.70 -17.50 -43.28
C PRO H 169 5.81 -16.87 -44.36
N PHE H 170 4.60 -17.39 -44.50
CA PHE H 170 3.57 -16.79 -45.36
C PHE H 170 2.22 -16.86 -44.66
N ALA H 171 1.48 -15.75 -44.67
CA ALA H 171 0.11 -15.75 -44.15
C ALA H 171 -0.87 -16.03 -45.27
N GLU H 172 -1.97 -16.70 -44.94
CA GLU H 172 -3.10 -16.83 -45.85
C GLU H 172 -3.74 -15.46 -46.02
N PRO H 173 -4.43 -15.22 -47.16
CA PRO H 173 -4.70 -16.17 -48.25
C PRO H 173 -3.46 -16.51 -49.07
N LEU H 174 -3.39 -17.76 -49.51
CA LEU H 174 -2.29 -18.26 -50.33
C LEU H 174 -2.67 -18.35 -51.81
N TYR H 175 -3.98 -18.42 -52.06
CA TYR H 175 -4.48 -18.65 -53.42
C TYR H 175 -5.25 -17.44 -53.93
N GLY H 176 -5.49 -17.40 -55.23
CA GLY H 176 -6.16 -16.25 -55.81
C GLY H 176 -5.42 -15.74 -57.02
N GLU H 177 -6.12 -15.00 -57.87
CA GLU H 177 -5.54 -14.43 -59.07
C GLU H 177 -4.47 -13.40 -58.72
N MET H 178 -3.41 -13.35 -59.52
CA MET H 178 -2.39 -12.34 -59.34
C MET H 178 -2.91 -10.97 -59.76
N ASP H 179 -2.66 -9.96 -58.93
CA ASP H 179 -2.86 -8.58 -59.36
C ASP H 179 -1.54 -7.84 -59.22
N ASP H 180 -1.58 -6.51 -59.30
CA ASP H 180 -0.35 -5.73 -59.33
C ASP H 180 0.22 -5.45 -57.93
N THR H 181 -0.38 -6.06 -56.90
CA THR H 181 0.11 -5.89 -55.54
C THR H 181 1.57 -6.32 -55.49
N GLY H 182 2.45 -5.40 -55.07
CA GLY H 182 3.86 -5.72 -54.94
C GLY H 182 4.71 -5.51 -56.19
N LEU H 183 4.09 -5.12 -57.30
CA LEU H 183 4.83 -4.93 -58.53
C LEU H 183 5.82 -3.76 -58.42
N SER H 184 5.35 -2.63 -57.90
CA SER H 184 6.22 -1.48 -57.76
C SER H 184 7.33 -1.76 -56.74
N TRP H 185 6.99 -2.56 -55.74
CA TRP H 185 7.94 -2.99 -54.74
C TRP H 185 9.07 -3.79 -55.40
N GLN H 186 8.71 -4.73 -56.27
CA GLN H 186 9.72 -5.48 -57.04
C GLN H 186 10.54 -4.59 -57.95
N GLN H 187 9.87 -3.62 -58.55
CA GLN H 187 10.51 -2.77 -59.55
C GLN H 187 11.54 -1.83 -58.95
N ARG H 188 11.57 -1.72 -57.62
CA ARG H 188 12.63 -0.95 -56.97
C ARG H 188 14.01 -1.57 -57.22
N LEU H 189 14.04 -2.83 -57.64
CA LEU H 189 15.33 -3.47 -57.97
C LEU H 189 15.78 -3.11 -59.39
N GLY H 190 14.94 -2.38 -60.13
CA GLY H 190 15.35 -1.88 -61.43
C GLY H 190 15.77 -2.97 -62.39
N ASP H 191 16.87 -2.77 -63.12
CA ASP H 191 17.21 -3.74 -64.16
C ASP H 191 18.01 -4.94 -63.61
N TRP H 192 18.06 -5.07 -62.29
CA TRP H 192 18.57 -6.31 -61.69
C TRP H 192 17.78 -7.49 -62.20
N TRP H 193 16.49 -7.27 -62.48
CA TRP H 193 15.63 -8.34 -62.96
C TRP H 193 16.09 -8.90 -64.32
N GLN H 194 16.83 -8.11 -65.09
CA GLN H 194 17.34 -8.56 -66.39
C GLN H 194 18.83 -8.92 -66.33
N ASP H 195 19.41 -8.83 -65.14
CA ASP H 195 20.83 -9.04 -64.94
C ASP H 195 21.13 -10.53 -64.74
N ASP H 196 22.40 -10.90 -64.73
CA ASP H 196 22.79 -12.29 -64.47
C ASP H 196 23.71 -12.39 -63.25
N LYS H 197 23.78 -11.31 -62.47
CA LYS H 197 24.65 -11.24 -61.30
C LYS H 197 23.83 -11.01 -60.03
N PRO H 198 24.41 -11.34 -58.86
CA PRO H 198 23.73 -11.01 -57.61
C PRO H 198 23.54 -9.50 -57.46
N TRP H 199 22.58 -9.11 -56.62
CA TRP H 199 22.39 -7.71 -56.23
C TRP H 199 23.59 -7.27 -55.42
N LEU H 200 23.91 -8.04 -54.38
CA LEU H 200 25.12 -7.81 -53.59
C LEU H 200 26.14 -8.92 -53.84
N ARG H 201 27.32 -8.54 -54.34
CA ARG H 201 28.38 -9.51 -54.55
C ARG H 201 29.32 -9.52 -53.35
N GLU H 202 29.22 -10.60 -52.58
CA GLU H 202 30.04 -10.81 -51.40
C GLU H 202 30.54 -12.24 -51.44
N ALA H 203 31.81 -12.42 -51.83
CA ALA H 203 32.32 -13.75 -52.07
C ALA H 203 33.80 -13.88 -51.73
N PRO H 204 34.17 -13.59 -50.48
CA PRO H 204 35.57 -13.76 -50.08
C PRO H 204 36.00 -15.21 -50.18
N ARG H 205 37.25 -15.42 -50.59
CA ARG H 205 37.80 -16.76 -50.71
C ARG H 205 38.53 -17.14 -49.43
N LEU H 206 38.35 -18.39 -49.02
CA LEU H 206 39.04 -18.91 -47.84
C LEU H 206 40.08 -19.92 -48.30
N GLU H 207 41.34 -19.65 -48.00
CA GLU H 207 42.38 -20.51 -48.53
C GLU H 207 43.64 -20.39 -47.69
N SER H 208 44.27 -21.52 -47.41
CA SER H 208 45.55 -21.49 -46.72
C SER H 208 46.66 -20.97 -47.62
N GLU H 209 47.65 -20.35 -47.00
CA GLU H 209 48.81 -19.81 -47.71
C GLU H 209 49.80 -20.88 -48.10
N LYS H 210 50.67 -20.57 -49.06
CA LYS H 210 51.74 -21.47 -49.46
C LYS H 210 52.62 -21.83 -48.26
N GLN H 211 52.96 -23.11 -48.14
CA GLN H 211 53.83 -23.56 -47.07
C GLN H 211 55.29 -23.32 -47.48
N ARG H 212 55.92 -22.33 -46.86
CA ARG H 212 57.22 -21.83 -47.27
C ARG H 212 58.37 -22.82 -47.05
N ASP H 213 58.14 -23.84 -46.25
CA ASP H 213 59.17 -24.84 -45.98
C ASP H 213 58.88 -26.16 -46.71
N TRP H 214 58.05 -26.11 -47.75
CA TRP H 214 57.73 -27.31 -48.51
C TRP H 214 58.97 -27.92 -49.18
N PHE H 215 59.90 -27.09 -49.63
CA PHE H 215 61.10 -27.65 -50.29
C PHE H 215 61.93 -28.46 -49.30
N PHE H 216 61.81 -28.14 -48.02
CA PHE H 216 62.45 -28.94 -46.96
C PHE H 216 61.72 -30.27 -46.74
N TRP H 217 60.41 -30.20 -46.57
CA TRP H 217 59.66 -31.40 -46.21
C TRP H 217 59.54 -32.41 -47.34
N ARG H 218 59.55 -31.95 -48.59
CA ARG H 218 59.40 -32.88 -49.70
C ARG H 218 60.66 -33.72 -49.89
N GLN H 219 61.74 -33.38 -49.20
CA GLN H 219 62.97 -34.16 -49.27
C GLN H 219 63.01 -35.28 -48.23
N LYS H 220 62.02 -35.26 -47.34
CA LYS H 220 61.92 -36.21 -46.24
C LYS H 220 61.28 -37.51 -46.72
N ARG H 221 61.30 -38.53 -45.87
CA ARG H 221 60.56 -39.75 -46.13
C ARG H 221 59.09 -39.50 -45.81
N GLY H 222 58.27 -39.31 -46.84
CA GLY H 222 56.87 -39.01 -46.63
C GLY H 222 55.98 -40.16 -47.08
N VAL H 223 54.73 -40.08 -46.65
CA VAL H 223 53.67 -40.99 -47.07
C VAL H 223 52.51 -40.12 -47.55
N VAL H 224 51.91 -40.49 -48.67
CA VAL H 224 50.72 -39.81 -49.14
C VAL H 224 49.49 -40.66 -48.86
N VAL H 225 48.50 -40.07 -48.21
CA VAL H 225 47.22 -40.72 -47.97
C VAL H 225 46.15 -39.97 -48.76
N ALA H 226 45.42 -40.68 -49.60
CA ALA H 226 44.39 -40.04 -50.43
C ALA H 226 43.00 -40.51 -50.03
N GLY H 227 42.21 -39.58 -49.51
CA GLY H 227 40.81 -39.84 -49.15
C GLY H 227 39.91 -39.36 -50.27
N ARG H 228 38.70 -38.92 -49.90
CA ARG H 228 37.71 -38.49 -50.88
C ARG H 228 38.14 -37.21 -51.57
N MET H 229 38.10 -37.24 -52.89
CA MET H 229 38.46 -36.10 -53.73
C MET H 229 37.80 -36.28 -55.08
N SER H 230 37.99 -35.33 -55.99
CA SER H 230 37.38 -35.47 -57.31
C SER H 230 38.15 -36.47 -58.14
N ALA H 231 37.52 -36.97 -59.20
CA ALA H 231 38.16 -37.94 -60.10
C ALA H 231 39.47 -37.38 -60.69
N GLU H 232 39.43 -36.12 -61.10
CA GLU H 232 40.61 -35.48 -61.68
C GLU H 232 41.70 -35.27 -60.63
N GLU H 233 41.29 -34.93 -59.40
CA GLU H 233 42.24 -34.76 -58.32
C GLU H 233 42.96 -36.07 -57.99
N GLY H 234 42.22 -37.17 -58.03
CA GLY H 234 42.82 -38.48 -57.79
C GLY H 234 43.96 -38.78 -58.76
N LYS H 235 43.77 -38.44 -60.02
CA LYS H 235 44.81 -38.69 -61.02
C LYS H 235 46.03 -37.81 -60.72
N LYS H 236 45.79 -36.56 -60.32
CA LYS H 236 46.89 -35.65 -60.03
C LYS H 236 47.66 -36.08 -58.80
N VAL H 237 46.95 -36.56 -57.78
CA VAL H 237 47.61 -37.02 -56.56
C VAL H 237 48.48 -38.25 -56.84
N ALA H 238 47.97 -39.16 -57.67
CA ALA H 238 48.74 -40.34 -58.04
C ALA H 238 50.09 -39.96 -58.67
N LEU H 239 50.07 -39.05 -59.64
CA LEU H 239 51.32 -38.69 -60.32
C LEU H 239 52.29 -37.98 -59.38
N TRP H 240 51.76 -37.12 -58.51
CA TRP H 240 52.54 -36.35 -57.54
C TRP H 240 53.26 -37.26 -56.56
N ALA H 241 52.53 -38.21 -55.98
CA ALA H 241 53.12 -39.17 -55.06
C ALA H 241 54.18 -40.00 -55.77
N GLN H 242 53.88 -40.41 -57.00
CA GLN H 242 54.81 -41.23 -57.77
C GLN H 242 56.12 -40.49 -57.99
N THR H 243 56.03 -39.22 -58.34
CA THR H 243 57.22 -38.41 -58.58
C THR H 243 58.05 -38.23 -57.31
N LEU H 244 57.39 -37.95 -56.20
CA LEU H 244 58.07 -37.82 -54.90
C LEU H 244 58.73 -39.13 -54.45
N GLY H 245 58.26 -40.26 -54.95
CA GLY H 245 58.74 -41.55 -54.50
C GLY H 245 58.15 -41.96 -53.15
N TRP H 246 57.01 -41.37 -52.80
CA TRP H 246 56.36 -41.70 -51.55
C TRP H 246 55.27 -42.73 -51.78
N PRO H 247 55.10 -43.67 -50.85
CA PRO H 247 54.01 -44.64 -51.01
C PRO H 247 52.66 -43.94 -50.97
N LEU H 248 51.73 -44.36 -51.83
CA LEU H 248 50.40 -43.77 -51.84
C LEU H 248 49.41 -44.78 -51.31
N ILE H 249 48.79 -44.46 -50.17
CA ILE H 249 47.70 -45.27 -49.67
C ILE H 249 46.43 -44.60 -50.17
N GLY H 250 45.76 -45.26 -51.11
CA GLY H 250 44.63 -44.66 -51.80
C GLY H 250 43.30 -45.28 -51.40
N ASP H 251 42.39 -44.44 -50.92
CA ASP H 251 41.06 -44.88 -50.53
C ASP H 251 40.22 -45.24 -51.74
N VAL H 252 39.21 -46.09 -51.53
CA VAL H 252 38.23 -46.36 -52.56
C VAL H 252 37.59 -45.07 -53.09
N LEU H 253 37.49 -44.05 -52.24
CA LEU H 253 36.89 -42.80 -52.66
C LEU H 253 37.87 -41.87 -53.39
N SER H 254 39.13 -42.30 -53.54
CA SER H 254 40.15 -41.38 -54.03
C SER H 254 40.30 -41.30 -55.57
N GLN H 255 39.95 -42.36 -56.28
CA GLN H 255 40.12 -42.43 -57.73
C GLN H 255 41.57 -42.22 -58.15
N THR H 256 42.50 -42.66 -57.30
CA THR H 256 43.93 -42.58 -57.59
C THR H 256 44.43 -43.75 -58.43
N GLY H 257 43.60 -44.79 -58.57
CA GLY H 257 44.04 -46.00 -59.22
C GLY H 257 44.67 -46.96 -58.21
N GLN H 258 44.79 -46.51 -56.97
CA GLN H 258 45.27 -47.36 -55.86
C GLN H 258 46.48 -48.21 -56.24
N PRO H 259 47.63 -47.55 -56.50
CA PRO H 259 48.83 -48.27 -56.93
C PRO H 259 49.35 -49.30 -55.92
N LEU H 260 48.99 -49.13 -54.64
CA LEU H 260 49.30 -50.12 -53.60
C LEU H 260 47.98 -50.66 -53.06
N PRO H 261 47.30 -51.49 -53.86
CA PRO H 261 45.93 -51.88 -53.54
C PRO H 261 45.84 -52.81 -52.32
N CYS H 262 44.62 -52.98 -51.81
CA CYS H 262 44.37 -53.85 -50.67
C CYS H 262 45.10 -53.38 -49.42
N ALA H 263 45.22 -52.07 -49.24
CA ALA H 263 45.88 -51.54 -48.06
C ALA H 263 45.23 -52.03 -46.77
N ASP H 264 43.91 -52.23 -46.79
CA ASP H 264 43.22 -52.71 -45.59
C ASP H 264 43.77 -54.07 -45.18
N LEU H 265 44.35 -54.78 -46.13
CA LEU H 265 44.97 -56.06 -45.86
C LEU H 265 46.44 -55.91 -45.51
N TRP H 266 47.21 -55.23 -46.35
CA TRP H 266 48.66 -55.25 -46.12
C TRP H 266 49.08 -54.33 -44.96
N LEU H 267 48.24 -53.38 -44.58
CA LEU H 267 48.52 -52.56 -43.40
C LEU H 267 48.48 -53.41 -42.12
N GLY H 268 47.92 -54.61 -42.22
CA GLY H 268 47.87 -55.52 -41.08
C GLY H 268 49.15 -56.30 -40.89
N ASN H 269 50.07 -56.15 -41.84
CA ASN H 269 51.34 -56.85 -41.82
C ASN H 269 52.41 -56.02 -41.10
N ALA H 270 53.07 -56.63 -40.11
CA ALA H 270 54.05 -55.94 -39.29
C ALA H 270 55.21 -55.34 -40.08
N LYS H 271 55.54 -55.97 -41.20
CA LYS H 271 56.61 -55.50 -42.07
C LYS H 271 56.26 -54.15 -42.70
N ALA H 272 54.99 -53.99 -43.03
CA ALA H 272 54.51 -52.75 -43.60
C ALA H 272 54.53 -51.63 -42.56
N THR H 273 54.04 -51.94 -41.37
CA THR H 273 53.96 -50.94 -40.30
C THR H 273 55.38 -50.57 -39.84
N SER H 274 56.30 -51.53 -39.87
CA SER H 274 57.69 -51.26 -39.54
C SER H 274 58.29 -50.24 -40.51
N GLU H 275 58.02 -50.45 -41.79
CA GLU H 275 58.52 -49.57 -42.83
C GLU H 275 57.91 -48.17 -42.73
N LEU H 276 56.60 -48.13 -42.49
CA LEU H 276 55.90 -46.85 -42.40
C LEU H 276 56.33 -46.04 -41.17
N GLN H 277 56.88 -46.74 -40.17
CA GLN H 277 57.36 -46.05 -38.98
C GLN H 277 58.52 -45.10 -39.29
N GLN H 278 59.15 -45.29 -40.45
CA GLN H 278 60.25 -44.43 -40.87
C GLN H 278 59.78 -43.10 -41.44
N ALA H 279 58.47 -42.99 -41.70
CA ALA H 279 57.92 -41.79 -42.30
C ALA H 279 58.08 -40.62 -41.36
N GLN H 280 58.64 -39.52 -41.87
CA GLN H 280 58.86 -38.31 -41.07
C GLN H 280 57.71 -37.32 -41.24
N ILE H 281 57.01 -37.44 -42.35
CA ILE H 281 55.81 -36.65 -42.62
C ILE H 281 54.75 -37.49 -43.32
N VAL H 282 53.49 -37.24 -42.99
CA VAL H 282 52.38 -37.81 -43.73
C VAL H 282 51.59 -36.66 -44.33
N VAL H 283 51.40 -36.67 -45.64
CA VAL H 283 50.54 -35.69 -46.28
C VAL H 283 49.28 -36.40 -46.73
N GLN H 284 48.16 -36.07 -46.08
CA GLN H 284 46.86 -36.63 -46.41
C GLN H 284 46.11 -35.61 -47.26
N LEU H 285 45.63 -36.03 -48.41
CA LEU H 285 44.79 -35.18 -49.25
C LEU H 285 43.39 -35.78 -49.31
N GLY H 286 42.39 -34.97 -48.99
CA GLY H 286 41.03 -35.49 -48.89
C GLY H 286 40.78 -36.07 -47.50
N SER H 287 39.58 -36.57 -47.23
CA SER H 287 39.27 -37.08 -45.90
C SER H 287 38.22 -38.19 -45.92
N SER H 288 37.60 -38.46 -44.77
CA SER H 288 36.67 -39.58 -44.63
C SER H 288 37.30 -40.90 -45.06
N LEU H 289 38.45 -41.24 -44.48
CA LEU H 289 39.11 -42.50 -44.82
C LEU H 289 38.21 -43.69 -44.47
N THR H 290 38.24 -44.71 -45.31
CA THR H 290 37.25 -45.80 -45.22
C THR H 290 37.65 -46.99 -44.35
N GLY H 291 38.83 -47.55 -44.61
CA GLY H 291 39.22 -48.83 -44.02
C GLY H 291 39.67 -48.82 -42.57
N LYS H 292 39.39 -49.92 -41.87
CA LYS H 292 39.72 -50.03 -40.46
C LYS H 292 41.24 -50.00 -40.23
N ARG H 293 41.97 -50.76 -41.05
CA ARG H 293 43.41 -50.81 -40.87
C ARG H 293 44.04 -49.44 -41.16
N LEU H 294 43.52 -48.73 -42.15
CA LEU H 294 44.04 -47.40 -42.45
C LEU H 294 43.73 -46.44 -41.30
N LEU H 295 42.50 -46.48 -40.80
CA LEU H 295 42.14 -45.62 -39.68
C LEU H 295 43.00 -45.93 -38.46
N GLN H 296 43.28 -47.21 -38.24
CA GLN H 296 44.11 -47.61 -37.11
C GLN H 296 45.55 -47.18 -37.26
N TRP H 297 46.10 -47.35 -38.46
CA TRP H 297 47.46 -46.89 -38.70
C TRP H 297 47.55 -45.37 -38.56
N GLN H 298 46.58 -44.66 -39.11
CA GLN H 298 46.57 -43.20 -39.05
C GLN H 298 46.59 -42.76 -37.59
N ALA H 299 45.81 -43.46 -36.77
CA ALA H 299 45.72 -43.12 -35.35
C ALA H 299 47.00 -43.41 -34.59
N SER H 300 47.73 -44.43 -35.02
CA SER H 300 48.90 -44.87 -34.27
C SER H 300 50.20 -44.23 -34.76
N CYS H 301 50.21 -43.71 -35.99
CA CYS H 301 51.48 -43.24 -36.56
C CYS H 301 51.97 -41.99 -35.86
N GLU H 302 53.30 -41.82 -35.84
CA GLU H 302 53.93 -40.72 -35.11
C GLU H 302 54.97 -40.01 -35.97
N PRO H 303 54.56 -39.45 -37.11
CA PRO H 303 55.47 -38.64 -37.91
C PRO H 303 55.79 -37.34 -37.20
N GLU H 304 56.85 -36.65 -37.61
CA GLU H 304 57.13 -35.33 -37.06
C GLU H 304 55.94 -34.39 -37.32
N GLU H 305 55.41 -34.44 -38.53
CA GLU H 305 54.22 -33.67 -38.87
C GLU H 305 53.21 -34.45 -39.70
N TYR H 306 51.94 -34.13 -39.45
CA TYR H 306 50.82 -34.69 -40.18
C TYR H 306 50.08 -33.53 -40.84
N TRP H 307 49.96 -33.55 -42.16
CA TRP H 307 49.23 -32.51 -42.87
C TRP H 307 47.94 -33.06 -43.46
N ILE H 308 46.85 -32.32 -43.33
CA ILE H 308 45.65 -32.69 -44.10
C ILE H 308 45.24 -31.54 -45.00
N VAL H 309 45.25 -31.82 -46.31
CA VAL H 309 44.80 -30.90 -47.35
C VAL H 309 43.40 -31.26 -47.84
N ASP H 310 42.47 -30.32 -47.77
CA ASP H 310 41.11 -30.57 -48.24
C ASP H 310 40.39 -29.25 -48.42
N ASP H 311 39.32 -29.26 -49.22
CA ASP H 311 38.61 -28.01 -49.46
C ASP H 311 37.50 -27.80 -48.45
N ILE H 312 37.36 -28.70 -47.48
CA ILE H 312 36.40 -28.46 -46.41
C ILE H 312 37.13 -27.92 -45.17
N GLU H 313 36.41 -27.18 -44.35
CA GLU H 313 37.00 -26.49 -43.20
C GLU H 313 37.05 -27.36 -41.96
N GLY H 314 37.86 -26.92 -41.00
CA GLY H 314 37.87 -27.52 -39.67
C GLY H 314 38.85 -28.67 -39.52
N ARG H 315 38.98 -29.17 -38.30
CA ARG H 315 39.87 -30.30 -38.06
C ARG H 315 39.36 -31.56 -38.75
N LEU H 316 40.28 -32.32 -39.33
CA LEU H 316 39.91 -33.53 -40.07
C LEU H 316 40.70 -34.76 -39.64
N ASP H 317 41.52 -34.59 -38.61
CA ASP H 317 42.36 -35.66 -38.07
C ASP H 317 41.81 -36.13 -36.73
N PRO H 318 41.15 -37.30 -36.71
CA PRO H 318 40.52 -37.74 -35.48
C PRO H 318 41.52 -38.23 -34.43
N ALA H 319 42.80 -38.21 -34.78
CA ALA H 319 43.86 -38.61 -33.87
C ALA H 319 44.68 -37.41 -33.34
N HIS H 320 44.33 -36.22 -33.83
CA HIS H 320 44.86 -34.95 -33.30
C HIS H 320 46.38 -34.84 -33.35
N HIS H 321 46.99 -35.23 -34.48
CA HIS H 321 48.45 -35.10 -34.63
C HIS H 321 48.95 -33.66 -34.62
N ARG H 322 50.17 -33.49 -34.15
CA ARG H 322 50.91 -32.27 -34.40
C ARG H 322 51.11 -32.12 -35.90
N GLY H 323 50.80 -30.95 -36.43
CA GLY H 323 50.89 -30.77 -37.87
C GLY H 323 50.09 -29.58 -38.38
N ARG H 324 49.48 -29.76 -39.55
CA ARG H 324 48.87 -28.66 -40.27
C ARG H 324 47.53 -29.07 -40.87
N ARG H 325 46.60 -28.13 -40.88
CA ARG H 325 45.27 -28.31 -41.47
C ARG H 325 45.17 -27.24 -42.57
N LEU H 326 45.28 -27.67 -43.82
CA LEU H 326 45.42 -26.75 -44.95
C LEU H 326 44.16 -26.74 -45.82
N ILE H 327 43.52 -25.58 -45.91
CA ILE H 327 42.26 -25.46 -46.64
C ILE H 327 42.53 -25.00 -48.06
N ALA H 328 42.21 -25.85 -49.03
CA ALA H 328 42.52 -25.55 -50.42
C ALA H 328 41.83 -26.51 -51.36
N ASN H 329 41.64 -26.07 -52.60
CA ASN H 329 41.35 -27.00 -53.67
C ASN H 329 42.57 -27.88 -53.86
N ILE H 330 42.38 -29.19 -53.86
CA ILE H 330 43.51 -30.12 -53.89
C ILE H 330 44.38 -29.96 -55.14
N ALA H 331 43.76 -29.77 -56.30
CA ALA H 331 44.54 -29.59 -57.53
C ALA H 331 45.39 -28.32 -57.45
N ASP H 332 44.78 -27.24 -56.97
CA ASP H 332 45.49 -25.99 -56.75
C ASP H 332 46.64 -26.18 -55.77
N TRP H 333 46.40 -26.94 -54.70
CA TRP H 333 47.40 -27.11 -53.65
C TRP H 333 48.63 -27.82 -54.20
N LEU H 334 48.40 -28.82 -55.04
CA LEU H 334 49.51 -29.58 -55.64
C LEU H 334 50.37 -28.71 -56.53
N GLU H 335 49.74 -27.80 -57.27
CA GLU H 335 50.50 -26.90 -58.13
C GLU H 335 51.31 -25.91 -57.30
N LEU H 336 50.75 -25.53 -56.15
CA LEU H 336 51.39 -24.60 -55.26
C LEU H 336 52.53 -25.28 -54.51
N HIS H 337 52.44 -26.59 -54.37
CA HIS H 337 53.45 -27.39 -53.68
C HIS H 337 53.86 -28.56 -54.55
N PRO H 338 54.58 -28.29 -55.63
CA PRO H 338 54.90 -29.32 -56.63
C PRO H 338 55.88 -30.38 -56.11
N ALA H 339 55.84 -31.55 -56.74
CA ALA H 339 56.75 -32.64 -56.41
C ALA H 339 58.10 -32.43 -57.07
N GLU H 340 59.14 -32.95 -56.44
CA GLU H 340 60.44 -33.09 -57.08
C GLU H 340 60.76 -34.57 -57.16
N LYS H 341 61.35 -34.99 -58.28
CA LYS H 341 61.67 -36.41 -58.48
C LYS H 341 62.65 -36.94 -57.46
N ARG H 342 62.24 -37.98 -56.74
CA ARG H 342 63.11 -38.64 -55.78
C ARG H 342 62.86 -40.14 -55.84
N GLN H 343 63.89 -40.94 -55.62
CA GLN H 343 63.77 -42.39 -55.63
C GLN H 343 62.90 -42.89 -54.49
N PRO H 344 62.01 -43.84 -54.78
CA PRO H 344 61.15 -44.43 -53.75
C PRO H 344 61.96 -44.99 -52.60
N TRP H 345 61.49 -44.78 -51.38
CA TRP H 345 62.19 -45.21 -50.19
C TRP H 345 61.59 -46.49 -49.63
N CYS H 346 60.36 -46.79 -50.02
CA CYS H 346 59.70 -48.02 -49.57
C CYS H 346 60.11 -49.20 -50.43
N VAL H 347 60.45 -50.31 -49.79
CA VAL H 347 60.84 -51.52 -50.51
C VAL H 347 59.91 -52.69 -50.24
N GLU H 348 59.47 -52.83 -48.99
CA GLU H 348 58.70 -54.00 -48.57
C GLU H 348 57.24 -53.91 -48.99
N ILE H 349 56.67 -52.70 -48.92
CA ILE H 349 55.25 -52.52 -49.12
C ILE H 349 54.77 -52.79 -50.55
N PRO H 350 55.51 -52.31 -51.57
CA PRO H 350 55.06 -52.64 -52.93
C PRO H 350 54.95 -54.15 -53.17
N ARG H 351 55.88 -54.92 -52.63
CA ARG H 351 55.82 -56.39 -52.71
C ARG H 351 54.62 -56.95 -51.96
N LEU H 352 54.39 -56.47 -50.73
CA LEU H 352 53.27 -56.94 -49.92
C LEU H 352 51.93 -56.67 -50.60
N ALA H 353 51.81 -55.49 -51.21
CA ALA H 353 50.58 -55.10 -51.87
C ALA H 353 50.27 -56.02 -53.06
N GLU H 354 51.32 -56.40 -53.79
CA GLU H 354 51.17 -57.33 -54.90
C GLU H 354 50.71 -58.70 -54.38
N GLN H 355 51.34 -59.16 -53.31
CA GLN H 355 50.97 -60.44 -52.70
C GLN H 355 49.56 -60.43 -52.17
N ALA H 356 49.16 -59.29 -51.59
CA ALA H 356 47.83 -59.13 -51.04
C ALA H 356 46.80 -59.28 -52.14
N MET H 357 46.99 -58.58 -53.25
CA MET H 357 46.04 -58.68 -54.36
C MET H 357 46.00 -60.11 -54.92
N GLN H 358 47.16 -60.76 -55.01
CA GLN H 358 47.21 -62.14 -55.48
C GLN H 358 46.39 -63.07 -54.57
N ALA H 359 46.43 -62.83 -53.27
CA ALA H 359 45.66 -63.63 -52.32
C ALA H 359 44.16 -63.46 -52.55
N VAL H 360 43.75 -62.23 -52.87
CA VAL H 360 42.33 -61.96 -53.13
C VAL H 360 41.92 -62.61 -54.44
N ILE H 361 42.77 -62.47 -55.46
CA ILE H 361 42.49 -63.06 -56.76
C ILE H 361 42.31 -64.58 -56.62
N ALA H 362 43.09 -65.19 -55.74
CA ALA H 362 42.97 -66.64 -55.51
C ALA H 362 41.57 -67.04 -55.02
N ARG H 363 40.82 -66.09 -54.47
CA ARG H 363 39.51 -66.40 -53.93
C ARG H 363 38.36 -65.78 -54.73
N ARG H 364 38.61 -65.45 -55.99
CA ARG H 364 37.64 -64.70 -56.77
C ARG H 364 36.46 -65.53 -57.28
N ASP H 365 36.53 -66.86 -57.16
CA ASP H 365 35.58 -67.72 -57.85
C ASP H 365 34.20 -67.85 -57.17
N ALA H 366 34.17 -67.94 -55.84
CA ALA H 366 32.91 -68.12 -55.12
C ALA H 366 31.93 -66.99 -55.43
N PHE H 367 30.66 -67.32 -55.56
CA PHE H 367 29.65 -66.32 -55.89
C PHE H 367 29.15 -65.57 -54.63
N GLY H 368 30.01 -64.73 -54.04
CA GLY H 368 29.70 -64.04 -52.81
C GLY H 368 29.94 -62.54 -52.90
N GLU H 369 29.56 -61.79 -51.85
CA GLU H 369 29.67 -60.34 -51.91
C GLU H 369 31.13 -59.86 -51.86
N ALA H 370 31.99 -60.63 -51.20
CA ALA H 370 33.40 -60.27 -51.19
C ALA H 370 33.96 -60.36 -52.60
N GLN H 371 33.60 -61.43 -53.31
CA GLN H 371 34.07 -61.64 -54.67
C GLN H 371 33.48 -60.60 -55.62
N LEU H 372 32.21 -60.25 -55.43
CA LEU H 372 31.59 -59.18 -56.22
C LEU H 372 32.37 -57.88 -56.07
N ALA H 373 32.69 -57.52 -54.84
CA ALA H 373 33.45 -56.32 -54.55
C ALA H 373 34.81 -56.36 -55.25
N HIS H 374 35.49 -57.49 -55.12
CA HIS H 374 36.80 -57.66 -55.75
C HIS H 374 36.71 -57.47 -57.27
N ARG H 375 35.65 -57.99 -57.87
CA ARG H 375 35.51 -58.00 -59.32
C ARG H 375 34.79 -56.80 -59.88
N ILE H 376 34.46 -55.82 -59.04
CA ILE H 376 33.51 -54.80 -59.44
C ILE H 376 34.01 -53.98 -60.64
N CYS H 377 35.33 -53.88 -60.81
CA CYS H 377 35.87 -53.18 -61.99
C CYS H 377 35.33 -53.75 -63.29
N ASP H 378 35.03 -55.05 -63.29
CA ASP H 378 34.54 -55.72 -64.48
C ASP H 378 33.14 -55.27 -64.90
N TYR H 379 32.43 -54.59 -64.00
CA TYR H 379 31.03 -54.26 -64.26
C TYR H 379 30.78 -52.75 -64.34
N LEU H 380 31.83 -51.95 -64.18
CA LEU H 380 31.68 -50.49 -64.25
C LEU H 380 31.29 -50.07 -65.67
N PRO H 381 30.25 -49.24 -65.79
CA PRO H 381 29.82 -48.79 -67.12
C PRO H 381 30.84 -47.88 -67.78
N GLU H 382 31.05 -48.05 -69.08
CA GLU H 382 31.99 -47.20 -69.81
C GLU H 382 31.52 -45.75 -69.73
N GLN H 383 32.44 -44.84 -69.41
CA GLN H 383 32.12 -43.42 -69.27
C GLN H 383 31.01 -43.19 -68.25
N GLY H 384 30.95 -44.06 -67.24
CA GLY H 384 29.92 -43.96 -66.23
C GLY H 384 30.47 -43.54 -64.88
N GLN H 385 29.72 -43.86 -63.83
CA GLN H 385 30.10 -43.54 -62.46
C GLN H 385 29.60 -44.60 -61.50
N LEU H 386 30.29 -44.71 -60.37
CA LEU H 386 29.94 -45.65 -59.33
C LEU H 386 29.38 -44.92 -58.12
N PHE H 387 28.24 -45.37 -57.63
CA PHE H 387 27.77 -44.90 -56.33
C PHE H 387 27.83 -46.06 -55.34
N VAL H 388 28.67 -45.94 -54.32
CA VAL H 388 28.87 -47.01 -53.37
C VAL H 388 28.14 -46.73 -52.06
N GLY H 389 27.35 -47.70 -51.61
CA GLY H 389 26.57 -47.55 -50.41
C GLY H 389 27.44 -47.72 -49.18
N ASN H 390 26.81 -47.73 -48.02
CA ASN H 390 27.55 -47.83 -46.78
C ASN H 390 27.51 -49.23 -46.19
N SER H 391 28.18 -49.42 -45.05
CA SER H 391 28.31 -50.71 -44.38
C SER H 391 29.32 -51.59 -45.12
N LEU H 392 29.01 -52.87 -45.36
CA LEU H 392 30.04 -53.77 -45.88
C LEU H 392 30.54 -53.46 -47.29
N VAL H 393 29.66 -53.00 -48.19
CA VAL H 393 30.06 -52.88 -49.60
C VAL H 393 31.23 -51.92 -49.79
N VAL H 394 31.21 -50.76 -49.15
CA VAL H 394 32.29 -49.80 -49.34
C VAL H 394 33.59 -50.37 -48.76
N ARG H 395 33.48 -51.11 -47.65
CA ARG H 395 34.65 -51.68 -47.01
C ARG H 395 35.25 -52.82 -47.84
N LEU H 396 34.37 -53.63 -48.43
CA LEU H 396 34.85 -54.73 -49.25
C LEU H 396 35.50 -54.23 -50.55
N ILE H 397 34.90 -53.24 -51.20
CA ILE H 397 35.48 -52.71 -52.43
C ILE H 397 36.83 -52.06 -52.07
N ASP H 398 36.86 -51.28 -50.99
CA ASP H 398 38.10 -50.65 -50.57
C ASP H 398 39.22 -51.65 -50.26
N ALA H 399 38.87 -52.76 -49.60
CA ALA H 399 39.88 -53.72 -49.18
C ALA H 399 40.31 -54.65 -50.32
N LEU H 400 39.39 -54.96 -51.23
CA LEU H 400 39.59 -56.11 -52.12
C LEU H 400 39.71 -55.77 -53.59
N SER H 401 39.36 -54.54 -53.96
CA SER H 401 39.36 -54.14 -55.36
C SER H 401 40.36 -53.02 -55.64
N GLN H 402 40.78 -52.91 -56.88
CA GLN H 402 41.61 -51.80 -57.33
C GLN H 402 40.85 -51.03 -58.40
N LEU H 403 40.27 -49.89 -58.01
CA LEU H 403 39.44 -49.11 -58.92
C LEU H 403 40.31 -48.24 -59.82
N PRO H 404 39.86 -48.03 -61.07
CA PRO H 404 40.64 -47.30 -62.08
C PRO H 404 40.88 -45.85 -61.68
N ALA H 405 42.07 -45.34 -61.98
CA ALA H 405 42.37 -43.93 -61.74
C ALA H 405 41.39 -43.08 -62.54
N GLY H 406 40.85 -42.05 -61.90
CA GLY H 406 39.96 -41.11 -62.57
C GLY H 406 38.54 -41.59 -62.83
N TYR H 407 38.21 -42.83 -62.47
CA TYR H 407 36.82 -43.28 -62.64
C TYR H 407 35.98 -42.79 -61.47
N PRO H 408 34.93 -41.98 -61.74
CA PRO H 408 34.21 -41.28 -60.67
C PRO H 408 33.51 -42.20 -59.68
N VAL H 409 33.77 -41.96 -58.40
CA VAL H 409 33.12 -42.67 -57.31
C VAL H 409 32.39 -41.65 -56.43
N TYR H 410 31.15 -41.94 -56.10
CA TYR H 410 30.35 -41.10 -55.21
C TYR H 410 29.84 -41.92 -54.03
N SER H 411 29.56 -41.25 -52.92
CA SER H 411 29.18 -41.93 -51.69
C SER H 411 28.62 -40.93 -50.70
N ASN H 412 28.02 -41.44 -49.63
CA ASN H 412 27.62 -40.63 -48.48
C ASN H 412 28.42 -41.03 -47.26
N ARG H 413 29.68 -40.59 -47.18
CA ARG H 413 30.58 -41.06 -46.11
C ARG H 413 30.94 -39.98 -45.09
N GLY H 414 30.13 -38.93 -45.00
CA GLY H 414 30.31 -37.97 -43.93
C GLY H 414 29.79 -38.57 -42.65
N ALA H 415 28.47 -38.75 -42.59
CA ALA H 415 27.83 -39.38 -41.47
C ALA H 415 27.57 -40.87 -41.74
N SER H 416 27.81 -41.29 -42.98
CA SER H 416 27.68 -42.69 -43.39
C SER H 416 26.32 -43.28 -43.05
N GLY H 417 25.26 -42.49 -43.28
CA GLY H 417 23.90 -42.95 -43.04
C GLY H 417 23.44 -43.99 -44.06
N ILE H 418 22.65 -44.96 -43.61
CA ILE H 418 22.04 -45.90 -44.55
C ILE H 418 20.61 -45.47 -44.88
N ASP H 419 20.27 -44.20 -44.59
CA ASP H 419 18.90 -43.74 -44.71
C ASP H 419 18.51 -43.05 -46.02
N GLY H 420 19.47 -42.76 -46.90
CA GLY H 420 19.14 -42.01 -48.11
C GLY H 420 19.91 -42.42 -49.36
N LEU H 421 20.31 -43.69 -49.43
CA LEU H 421 21.25 -44.10 -50.46
C LEU H 421 20.62 -44.21 -51.86
N LEU H 422 19.38 -44.69 -51.93
CA LEU H 422 18.72 -44.83 -53.23
C LEU H 422 18.38 -43.45 -53.80
N SER H 423 17.86 -42.56 -52.96
CA SER H 423 17.51 -41.22 -53.43
C SER H 423 18.74 -40.42 -53.80
N THR H 424 19.83 -40.61 -53.06
CA THR H 424 21.08 -39.92 -53.40
C THR H 424 21.57 -40.44 -54.76
N ALA H 425 21.51 -41.75 -54.97
CA ALA H 425 21.92 -42.33 -56.23
C ALA H 425 21.11 -41.78 -57.41
N ALA H 426 19.80 -41.59 -57.22
CA ALA H 426 18.97 -41.01 -58.27
C ALA H 426 19.46 -39.59 -58.62
N GLY H 427 19.82 -38.81 -57.60
CA GLY H 427 20.34 -37.47 -57.83
C GLY H 427 21.68 -37.46 -58.52
N VAL H 428 22.55 -38.39 -58.10
CA VAL H 428 23.87 -38.55 -58.72
C VAL H 428 23.71 -38.85 -60.22
N GLN H 429 22.78 -39.74 -60.55
CA GLN H 429 22.53 -40.07 -61.94
C GLN H 429 22.01 -38.86 -62.73
N ARG H 430 20.99 -38.20 -62.21
CA ARG H 430 20.35 -37.11 -62.94
C ARG H 430 21.29 -35.94 -63.17
N ALA H 431 22.15 -35.67 -62.20
CA ALA H 431 23.06 -34.53 -62.31
C ALA H 431 24.04 -34.67 -63.49
N SER H 432 24.59 -35.86 -63.70
CA SER H 432 25.61 -36.02 -64.74
C SER H 432 25.05 -36.62 -66.02
N GLY H 433 23.91 -37.29 -65.94
CA GLY H 433 23.34 -37.95 -67.10
C GLY H 433 24.15 -39.18 -67.54
N LYS H 434 25.01 -39.68 -66.64
CA LYS H 434 25.88 -40.81 -66.98
C LYS H 434 25.27 -42.15 -66.56
N PRO H 435 25.64 -43.21 -67.28
CA PRO H 435 25.29 -44.56 -66.84
C PRO H 435 25.87 -44.77 -65.47
N THR H 436 25.09 -45.39 -64.58
CA THR H 436 25.44 -45.43 -63.18
C THR H 436 25.35 -46.81 -62.59
N LEU H 437 26.38 -47.22 -61.86
CA LEU H 437 26.29 -48.45 -61.07
C LEU H 437 26.16 -48.05 -59.60
N ALA H 438 25.08 -48.50 -58.96
CA ALA H 438 24.86 -48.24 -57.55
C ALA H 438 24.77 -49.55 -56.78
N ILE H 439 25.48 -49.65 -55.67
CA ILE H 439 25.48 -50.88 -54.89
C ILE H 439 25.19 -50.61 -53.42
N VAL H 440 24.18 -51.29 -52.89
CA VAL H 440 23.75 -51.12 -51.52
C VAL H 440 23.40 -52.45 -50.87
N GLY H 441 23.31 -52.47 -49.54
CA GLY H 441 22.88 -53.65 -48.81
C GLY H 441 21.35 -53.72 -48.65
N ASP H 442 20.87 -54.83 -48.08
CA ASP H 442 19.43 -55.06 -48.00
C ASP H 442 18.72 -54.12 -47.02
N LEU H 443 19.29 -53.86 -45.84
CA LEU H 443 18.65 -52.93 -44.93
C LEU H 443 18.65 -51.52 -45.51
N SER H 444 19.74 -51.15 -46.19
CA SER H 444 19.84 -49.86 -46.86
C SER H 444 18.75 -49.70 -47.91
N ALA H 445 18.53 -50.74 -48.71
CA ALA H 445 17.50 -50.67 -49.74
C ALA H 445 16.09 -50.56 -49.12
N LEU H 446 15.86 -51.30 -48.04
CA LEU H 446 14.60 -51.22 -47.32
C LEU H 446 14.39 -49.83 -46.73
N TYR H 447 15.45 -49.26 -46.16
CA TYR H 447 15.37 -47.96 -45.49
C TYR H 447 14.81 -46.92 -46.48
N ASP H 448 15.36 -46.90 -47.69
CA ASP H 448 14.97 -45.90 -48.68
C ASP H 448 14.18 -46.53 -49.80
N LEU H 449 13.38 -47.52 -49.45
CA LEU H 449 12.65 -48.30 -50.42
C LEU H 449 11.79 -47.44 -51.35
N ASN H 450 11.12 -46.42 -50.81
CA ASN H 450 10.17 -45.68 -51.66
C ASN H 450 10.89 -44.79 -52.68
N ALA H 451 12.22 -44.71 -52.60
CA ALA H 451 12.98 -43.98 -53.60
C ALA H 451 13.07 -44.74 -54.93
N LEU H 452 12.62 -45.99 -54.94
CA LEU H 452 12.47 -46.68 -56.21
C LEU H 452 11.54 -45.89 -57.13
N ALA H 453 10.66 -45.09 -56.53
CA ALA H 453 9.78 -44.22 -57.30
C ALA H 453 10.59 -43.23 -58.14
N LEU H 454 11.66 -42.70 -57.55
CA LEU H 454 12.55 -41.77 -58.24
C LEU H 454 13.34 -42.46 -59.35
N LEU H 455 13.73 -43.71 -59.11
CA LEU H 455 14.57 -44.44 -60.06
C LEU H 455 13.79 -44.86 -61.31
N ARG H 456 12.49 -44.57 -61.33
CA ARG H 456 11.68 -44.73 -62.55
C ARG H 456 12.02 -43.66 -63.57
N GLN H 457 12.73 -42.62 -63.15
CA GLN H 457 13.17 -41.56 -64.06
C GLN H 457 14.67 -41.30 -63.96
N VAL H 458 15.42 -41.96 -64.84
CA VAL H 458 16.85 -41.74 -65.01
C VAL H 458 17.13 -41.45 -66.49
N SER H 459 18.20 -40.70 -66.77
CA SER H 459 18.48 -40.25 -68.14
C SER H 459 19.46 -41.18 -68.85
N ALA H 460 19.94 -42.16 -68.11
CA ALA H 460 20.84 -43.18 -68.64
C ALA H 460 20.63 -44.41 -67.79
N PRO H 461 21.10 -45.57 -68.27
CA PRO H 461 20.87 -46.79 -67.47
C PRO H 461 21.49 -46.69 -66.08
N LEU H 462 20.75 -47.16 -65.08
CA LEU H 462 21.28 -47.25 -63.73
C LEU H 462 21.08 -48.68 -63.26
N VAL H 463 22.16 -49.33 -62.88
CA VAL H 463 22.05 -50.65 -62.29
C VAL H 463 22.13 -50.51 -60.78
N LEU H 464 21.08 -50.95 -60.10
CA LEU H 464 21.07 -50.96 -58.65
C LEU H 464 21.27 -52.38 -58.18
N ILE H 465 22.46 -52.68 -57.69
CA ILE H 465 22.71 -53.99 -57.08
C ILE H 465 22.31 -53.92 -55.62
N VAL H 466 21.42 -54.82 -55.20
CA VAL H 466 21.11 -54.97 -53.79
C VAL H 466 21.72 -56.27 -53.32
N VAL H 467 22.73 -56.17 -52.48
CA VAL H 467 23.35 -57.34 -51.87
C VAL H 467 22.52 -57.77 -50.68
N ASN H 468 21.87 -58.91 -50.81
CA ASN H 468 20.98 -59.39 -49.76
C ASN H 468 21.64 -60.50 -48.96
N ASN H 469 22.19 -60.14 -47.80
CA ASN H 469 22.77 -61.10 -46.88
C ASN H 469 21.94 -61.21 -45.61
N ASN H 470 20.69 -60.75 -45.71
CA ASN H 470 19.68 -60.89 -44.66
C ASN H 470 20.10 -60.28 -43.33
N GLY H 471 20.21 -58.96 -43.32
CA GLY H 471 20.51 -58.23 -42.10
C GLY H 471 21.70 -57.29 -42.29
N GLY H 472 22.08 -56.57 -41.24
CA GLY H 472 23.24 -55.70 -41.31
C GLY H 472 24.46 -56.51 -40.93
N GLN H 473 25.04 -57.20 -41.91
CA GLN H 473 26.07 -58.18 -41.59
C GLN H 473 27.41 -57.51 -41.22
N ILE H 474 27.48 -56.18 -41.30
CA ILE H 474 28.62 -55.48 -40.71
C ILE H 474 28.75 -55.84 -39.23
N PHE H 475 27.63 -56.20 -38.60
CA PHE H 475 27.65 -56.55 -37.19
C PHE H 475 28.05 -58.00 -36.96
N SER H 476 28.35 -58.71 -38.05
CA SER H 476 29.02 -60.00 -37.97
C SER H 476 30.52 -59.81 -38.13
N LEU H 477 30.91 -58.64 -38.62
CA LEU H 477 32.32 -58.28 -38.76
C LEU H 477 32.83 -57.70 -37.44
N LEU H 478 32.06 -56.78 -36.87
CA LEU H 478 32.32 -56.26 -35.53
C LEU H 478 32.14 -57.37 -34.49
N PRO H 479 32.86 -57.27 -33.36
CA PRO H 479 32.81 -58.27 -32.28
C PRO H 479 31.59 -58.14 -31.39
N THR H 480 30.41 -58.09 -31.99
CA THR H 480 29.17 -57.99 -31.24
C THR H 480 28.90 -59.30 -30.49
N PRO H 481 28.23 -59.22 -29.34
CA PRO H 481 27.96 -60.42 -28.54
C PRO H 481 27.01 -61.39 -29.24
N GLN H 482 27.38 -62.67 -29.25
CA GLN H 482 26.66 -63.68 -30.02
C GLN H 482 25.19 -63.83 -29.59
N SER H 483 24.94 -63.73 -28.30
CA SER H 483 23.61 -63.94 -27.73
C SER H 483 22.57 -62.93 -28.23
N GLU H 484 22.98 -61.68 -28.35
CA GLU H 484 22.08 -60.60 -28.74
C GLU H 484 22.20 -60.23 -30.22
N ARG H 485 23.15 -60.85 -30.92
CA ARG H 485 23.52 -60.36 -32.25
C ARG H 485 22.38 -60.34 -33.26
N GLU H 486 21.62 -61.44 -33.36
CA GLU H 486 20.59 -61.48 -34.42
C GLU H 486 19.48 -60.47 -34.18
N ARG H 487 18.89 -60.49 -32.98
CA ARG H 487 17.73 -59.65 -32.70
C ARG H 487 18.08 -58.16 -32.61
N PHE H 488 19.21 -57.85 -32.00
CA PHE H 488 19.50 -56.46 -31.66
C PHE H 488 20.56 -55.78 -32.51
N TYR H 489 21.20 -56.55 -33.39
CA TYR H 489 22.18 -55.97 -34.30
C TYR H 489 21.87 -56.28 -35.76
N LEU H 490 21.90 -57.57 -36.13
CA LEU H 490 21.72 -57.97 -37.52
C LEU H 490 20.36 -57.58 -38.06
N MET H 491 19.33 -57.84 -37.26
CA MET H 491 17.94 -57.55 -37.62
C MET H 491 17.58 -57.98 -39.04
N PRO H 492 17.73 -59.29 -39.32
CA PRO H 492 17.31 -59.81 -40.63
C PRO H 492 15.83 -59.52 -40.87
N GLN H 493 15.47 -59.10 -42.08
CA GLN H 493 14.06 -58.80 -42.36
C GLN H 493 13.43 -59.87 -43.24
N ASN H 494 14.25 -60.82 -43.72
CA ASN H 494 13.74 -61.96 -44.49
C ASN H 494 12.83 -61.55 -45.64
N VAL H 495 13.36 -60.72 -46.52
CA VAL H 495 12.65 -60.26 -47.70
C VAL H 495 13.47 -60.51 -48.96
N HIS H 496 12.81 -60.40 -50.10
CA HIS H 496 13.49 -60.24 -51.37
C HIS H 496 12.93 -59.01 -52.07
N PHE H 497 13.50 -58.64 -53.21
CA PHE H 497 13.18 -57.36 -53.79
C PHE H 497 12.50 -57.42 -55.16
N GLU H 498 12.11 -58.63 -55.59
CA GLU H 498 11.43 -58.77 -56.87
C GLU H 498 10.09 -58.01 -56.87
N HIS H 499 9.36 -58.06 -55.77
CA HIS H 499 8.08 -57.36 -55.71
C HIS H 499 8.26 -55.85 -55.63
N ALA H 500 9.35 -55.42 -54.98
CA ALA H 500 9.69 -54.01 -54.94
C ALA H 500 9.96 -53.50 -56.35
N ALA H 501 10.74 -54.24 -57.13
CA ALA H 501 11.00 -53.83 -58.50
C ALA H 501 9.70 -53.79 -59.29
N ALA H 502 8.89 -54.83 -59.12
CA ALA H 502 7.65 -54.94 -59.87
C ALA H 502 6.69 -53.77 -59.59
N MET H 503 6.63 -53.36 -58.33
CA MET H 503 5.74 -52.27 -57.93
C MET H 503 6.02 -50.99 -58.71
N PHE H 504 7.30 -50.75 -58.99
CA PHE H 504 7.70 -49.53 -59.67
C PHE H 504 8.08 -49.80 -61.11
N GLU H 505 7.66 -50.97 -61.60
CA GLU H 505 7.83 -51.34 -63.00
C GLU H 505 9.28 -51.25 -63.46
N LEU H 506 10.17 -51.71 -62.59
CA LEU H 506 11.59 -51.77 -62.89
C LEU H 506 12.00 -53.21 -63.21
N LYS H 507 12.84 -53.37 -64.22
CA LYS H 507 13.37 -54.68 -64.56
C LYS H 507 14.13 -55.29 -63.37
N TYR H 508 14.05 -56.60 -63.22
CA TYR H 508 14.64 -57.27 -62.07
C TYR H 508 15.34 -58.56 -62.45
N HIS H 509 16.52 -58.78 -61.86
CA HIS H 509 17.26 -60.03 -62.02
C HIS H 509 17.71 -60.54 -60.67
N ARG H 510 17.66 -61.85 -60.46
CA ARG H 510 18.27 -62.46 -59.27
C ARG H 510 19.27 -63.52 -59.74
N PRO H 511 20.45 -63.07 -60.17
CA PRO H 511 21.45 -63.95 -60.78
C PRO H 511 21.99 -64.98 -59.79
N GLN H 512 22.21 -66.21 -60.25
CA GLN H 512 22.62 -67.29 -59.38
C GLN H 512 24.10 -67.64 -59.59
N ASN H 513 24.71 -67.06 -60.62
CA ASN H 513 26.13 -67.29 -60.91
C ASN H 513 26.72 -66.14 -61.73
N TRP H 514 28.03 -66.19 -61.97
CA TRP H 514 28.71 -65.10 -62.66
C TRP H 514 28.20 -64.89 -64.08
N GLN H 515 27.87 -65.97 -64.77
CA GLN H 515 27.34 -65.86 -66.12
C GLN H 515 25.99 -65.13 -66.14
N GLU H 516 25.11 -65.48 -65.20
CA GLU H 516 23.81 -64.82 -65.12
C GLU H 516 23.94 -63.35 -64.72
N LEU H 517 24.93 -63.05 -63.88
CA LEU H 517 25.19 -61.67 -63.51
C LEU H 517 25.63 -60.86 -64.73
N GLU H 518 26.53 -61.42 -65.53
CA GLU H 518 27.01 -60.74 -66.73
C GLU H 518 25.87 -60.52 -67.73
N THR H 519 24.99 -61.51 -67.84
CA THR H 519 23.82 -61.41 -68.71
C THR H 519 22.88 -60.29 -68.26
N ALA H 520 22.66 -60.21 -66.96
CA ALA H 520 21.81 -59.18 -66.38
C ALA H 520 22.34 -57.77 -66.69
N PHE H 521 23.65 -57.57 -66.53
CA PHE H 521 24.27 -56.28 -66.85
C PHE H 521 24.09 -55.92 -68.33
N ALA H 522 24.36 -56.87 -69.22
CA ALA H 522 24.25 -56.62 -70.65
C ALA H 522 22.84 -56.14 -71.02
N ASP H 523 21.83 -56.77 -70.44
CA ASP H 523 20.45 -56.36 -70.62
C ASP H 523 20.26 -54.95 -70.11
N ALA H 524 20.80 -54.69 -68.92
CA ALA H 524 20.55 -53.43 -68.21
C ALA H 524 21.10 -52.19 -68.93
N TRP H 525 22.28 -52.30 -69.55
CA TRP H 525 22.87 -51.10 -70.13
C TRP H 525 22.21 -50.67 -71.43
N ARG H 526 21.24 -51.45 -71.91
CA ARG H 526 20.65 -51.19 -73.22
C ARG H 526 19.62 -50.05 -73.25
N THR H 527 19.03 -49.72 -72.11
CA THR H 527 18.02 -48.67 -72.07
C THR H 527 18.25 -47.72 -70.90
N PRO H 528 17.74 -46.48 -71.04
CA PRO H 528 17.83 -45.43 -70.03
C PRO H 528 16.85 -45.71 -68.90
N THR H 529 17.01 -46.83 -68.22
CA THR H 529 16.12 -47.20 -67.14
C THR H 529 16.91 -47.83 -66.00
N THR H 530 16.28 -47.94 -64.85
CA THR H 530 16.90 -48.60 -63.71
C THR H 530 16.58 -50.09 -63.71
N THR H 531 17.62 -50.90 -63.60
CA THR H 531 17.46 -52.33 -63.43
C THR H 531 17.89 -52.71 -62.02
N VAL H 532 17.05 -53.48 -61.33
CA VAL H 532 17.38 -53.97 -60.01
C VAL H 532 17.99 -55.37 -60.11
N ILE H 533 19.21 -55.51 -59.61
CA ILE H 533 19.87 -56.82 -59.57
C ILE H 533 20.05 -57.23 -58.12
N GLU H 534 19.34 -58.25 -57.69
CA GLU H 534 19.47 -58.72 -56.31
C GLU H 534 20.46 -59.89 -56.24
N MET H 535 21.54 -59.69 -55.49
CA MET H 535 22.51 -60.76 -55.28
C MET H 535 22.30 -61.34 -53.89
N VAL H 536 21.74 -62.54 -53.84
CA VAL H 536 21.45 -63.21 -52.58
C VAL H 536 22.65 -64.04 -52.17
N VAL H 537 23.18 -63.76 -50.99
CA VAL H 537 24.38 -64.43 -50.50
C VAL H 537 24.19 -64.91 -49.07
N ASN H 538 25.01 -65.88 -48.67
CA ASN H 538 24.98 -66.40 -47.29
C ASN H 538 25.39 -65.34 -46.30
N ASP H 539 24.64 -65.20 -45.22
CA ASP H 539 24.80 -64.09 -44.27
C ASP H 539 26.23 -63.64 -44.00
N THR H 540 27.06 -64.53 -43.48
CA THR H 540 28.37 -64.11 -42.95
C THR H 540 29.58 -64.39 -43.84
N ASP H 541 29.37 -64.91 -45.04
CA ASP H 541 30.49 -65.29 -45.91
C ASP H 541 31.38 -64.08 -46.24
N GLY H 542 30.76 -62.93 -46.51
CA GLY H 542 31.51 -61.74 -46.86
C GLY H 542 32.42 -61.28 -45.72
N ALA H 543 31.82 -61.14 -44.54
CA ALA H 543 32.57 -60.73 -43.36
C ALA H 543 33.71 -61.69 -43.07
N GLN H 544 33.41 -62.98 -43.12
CA GLN H 544 34.41 -63.99 -42.80
C GLN H 544 35.54 -64.03 -43.83
N THR H 545 35.19 -63.84 -45.11
CA THR H 545 36.18 -63.84 -46.18
C THR H 545 37.16 -62.67 -45.98
N LEU H 546 36.63 -61.51 -45.60
CA LEU H 546 37.49 -60.35 -45.33
C LEU H 546 38.42 -60.66 -44.15
N GLN H 547 37.87 -61.26 -43.11
CA GLN H 547 38.66 -61.59 -41.93
C GLN H 547 39.75 -62.59 -42.27
N GLN H 548 39.40 -63.58 -43.10
CA GLN H 548 40.37 -64.60 -43.48
C GLN H 548 41.52 -63.99 -44.31
N LEU H 549 41.18 -63.10 -45.24
CA LEU H 549 42.20 -62.46 -46.07
C LEU H 549 43.08 -61.52 -45.25
N LEU H 550 42.49 -60.82 -44.29
CA LEU H 550 43.27 -60.00 -43.36
C LEU H 550 44.32 -60.86 -42.66
N ALA H 551 43.87 -61.99 -42.13
CA ALA H 551 44.76 -62.90 -41.41
C ALA H 551 45.87 -63.43 -42.31
N GLN H 552 45.50 -63.85 -43.51
CA GLN H 552 46.47 -64.41 -44.45
C GLN H 552 47.55 -63.39 -44.81
N VAL H 553 47.14 -62.18 -45.15
CA VAL H 553 48.09 -61.16 -45.58
C VAL H 553 48.97 -60.69 -44.42
N SER H 554 48.40 -60.66 -43.22
CA SER H 554 49.13 -60.18 -42.06
C SER H 554 50.31 -61.09 -41.71
N HIS H 555 50.25 -62.32 -42.17
CA HIS H 555 51.27 -63.32 -41.83
C HIS H 555 52.29 -63.54 -42.93
N LEU H 556 52.15 -62.82 -44.04
CA LEU H 556 53.08 -62.93 -45.15
C LEU H 556 54.47 -62.42 -44.73
N1' TPP I . -32.04 4.02 15.66
C2' TPP I . -30.69 3.87 15.45
CM2 TPP I . -29.88 4.92 14.76
N3' TPP I . -30.06 2.73 15.86
C4' TPP I . -30.75 1.73 16.50
N4' TPP I . -30.05 0.67 16.88
C5' TPP I . -32.12 1.85 16.73
C6' TPP I . -32.75 3.02 16.30
C7' TPP I . -32.92 0.77 17.42
N3 TPP I . -33.00 -0.46 16.65
C2 TPP I . -32.22 -1.58 16.86
S1 TPP I . -32.50 -2.79 15.84
C5 TPP I . -33.63 -1.93 15.07
C4 TPP I . -33.83 -0.66 15.60
CM4 TPP I . -34.82 0.34 15.07
C6 TPP I . -34.33 -2.63 13.92
C7 TPP I . -33.52 -2.75 12.64
O7 TPP I . -34.37 -3.19 11.58
PA TPP I . -33.79 -4.05 10.35
O1A TPP I . -34.92 -4.33 9.38
O2A TPP I . -32.64 -3.29 9.74
O3A TPP I . -33.26 -5.35 11.11
PB TPP I . -34.07 -6.60 11.76
O1B TPP I . -33.09 -7.74 11.80
O2B TPP I . -35.28 -6.96 10.90
O3B TPP I . -34.45 -6.16 13.15
HM21 TPP I . -29.43 4.51 13.86
HM22 TPP I . -29.09 5.28 15.43
HM23 TPP I . -30.52 5.76 14.49
HN41 TPP I . -30.53 -0.10 17.37
HN42 TPP I . -29.06 0.61 16.70
H6' TPP I . -33.82 3.15 16.47
H7'1 TPP I . -33.92 1.13 17.62
H7'2 TPP I . -32.46 0.55 18.38
H2 TPP I . -31.97 -2.00 17.82
HM41 TPP I . -35.81 -0.07 15.13
HM42 TPP I . -34.76 1.25 15.68
HM43 TPP I . -34.57 0.58 14.04
H61 TPP I . -34.62 -3.63 14.25
H62 TPP I . -35.25 -2.09 13.70
H71 TPP I . -32.70 -3.46 12.77
H72 TPP I . -33.08 -1.78 12.38
MN MN J . -35.91 -6.19 9.03
C1 GOL K . -15.67 9.95 -4.48
O1 GOL K . -14.38 10.02 -3.90
C2 GOL K . -16.43 8.79 -3.85
O2 GOL K . -16.57 8.98 -2.46
C3 GOL K . -17.79 8.68 -4.51
O3 GOL K . -18.23 7.34 -4.38
H11 GOL K . -16.20 10.88 -4.33
H12 GOL K . -15.57 9.77 -5.56
HO1 GOL K . -13.86 10.72 -4.34
H2 GOL K . -15.87 7.87 -4.04
HO2 GOL K . -17.09 9.80 -2.29
H31 GOL K . -18.50 9.35 -4.05
H32 GOL K . -17.72 8.94 -5.58
HO3 GOL K . -17.62 6.75 -4.86
C FMT L . -21.36 27.34 2.82
O1 FMT L . -21.44 26.19 3.21
O2 FMT L . -21.08 28.29 3.56
H FMT L . -21.57 27.58 1.77
HO2 FMT L . -20.87 28.13 4.50
C FMT M . -32.88 -0.43 22.05
O1 FMT M . -33.43 0.43 21.37
O2 FMT M . -32.58 -0.24 23.23
H FMT M . -32.65 -1.41 21.62
HO2 FMT M . -32.77 0.62 23.65
N1' TPP N . -24.59 20.40 4.14
C2' TPP N . -25.81 20.72 4.72
CM2 TPP N . -26.50 19.79 5.65
N3' TPP N . -26.39 21.92 4.42
C4' TPP N . -25.80 22.81 3.56
N4' TPP N . -26.41 23.96 3.34
C5' TPP N . -24.57 22.50 2.97
C6' TPP N . -23.98 21.28 3.27
C7' TPP N . -23.90 23.46 2.02
N3 TPP N . -24.66 23.59 0.78
C2 TPP N . -25.50 24.65 0.46
S1 TPP N . -26.20 24.52 -0.98
C5 TPP N . -25.47 23.12 -1.28
C4 TPP N . -24.63 22.71 -0.25
CM4 TPP N . -23.83 21.44 -0.28
C6 TPP N . -25.75 22.47 -2.63
C7 TPP N . -27.15 21.90 -2.79
O7 TPP N . -27.25 21.19 -4.02
PA TPP N . -28.70 21.05 -4.75
O1A TPP N . -28.52 20.16 -5.95
O2A TPP N . -29.68 20.48 -3.79
O3A TPP N . -29.10 22.57 -5.08
PB TPP N . -28.47 23.56 -6.18
O1B TPP N . -28.16 22.80 -7.45
O2B TPP N . -29.49 24.65 -6.40
O3B TPP N . -27.21 24.14 -5.60
HM21 TPP N . -27.48 19.53 5.25
HM22 TPP N . -26.63 20.28 6.62
HM23 TPP N . -25.91 18.88 5.78
HN41 TPP N . -26.00 24.65 2.71
HN42 TPP N . -27.30 24.17 3.78
H6' TPP N . -23.02 21.02 2.81
H7'1 TPP N . -22.89 23.11 1.79
H7'2 TPP N . -23.81 24.45 2.49
H2 TPP N . -25.31 25.70 0.66
HM41 TPP N . -23.15 21.46 -1.14
HM42 TPP N . -23.26 21.34 0.64
HM43 TPP N . -24.51 20.58 -0.38
H61 TPP N . -25.58 23.20 -3.41
H62 TPP N . -25.03 21.66 -2.77
H71 TPP N . -27.88 22.71 -2.77
H72 TPP N . -27.38 21.23 -1.95
MN MN O . -28.48 20.75 -8.01
C1 GOL P . -46.99 6.95 9.96
O1 GOL P . -47.48 7.69 11.05
C2 GOL P . -46.36 7.88 8.96
O2 GOL P . -45.41 8.75 9.55
C3 GOL P . -45.72 7.05 7.87
O3 GOL P . -45.59 7.88 6.75
H11 GOL P . -46.25 6.23 10.32
H12 GOL P . -47.81 6.39 9.50
HO1 GOL P . -47.95 7.10 11.67
H2 GOL P . -47.16 8.48 8.51
HO2 GOL P . -44.68 8.23 9.92
H31 GOL P . -44.74 6.69 8.18
H32 GOL P . -46.35 6.19 7.63
HO3 GOL P . -46.48 8.20 6.48
N1' TPP Q . -5.08 37.56 42.68
C2' TPP Q . -4.66 36.27 42.92
CM2 TPP Q . -5.53 35.27 43.60
N3' TPP Q . -3.41 35.88 42.52
C4' TPP Q . -2.57 36.78 41.89
N4' TPP Q . -1.37 36.34 41.52
C5' TPP Q . -2.98 38.09 41.66
C6' TPP Q . -4.26 38.47 42.06
C7' TPP Q . -2.06 39.08 40.96
N3 TPP Q . -0.90 39.41 41.79
C2 TPP Q . 0.37 38.90 41.62
S1 TPP Q . 1.44 39.45 42.69
C5 TPP Q . 0.32 40.36 43.43
C4 TPP Q . -0.93 40.27 42.84
CM4 TPP Q . -2.14 41.02 43.34
C6 TPP Q . 0.71 41.22 44.60
C7 TPP Q . 1.11 40.46 45.85
O7 TPP Q . 1.45 41.41 46.87
PA TPP Q . 2.39 40.96 48.11
O1A TPP Q . 1.84 39.67 48.67
O2A TPP Q . 2.41 42.12 49.09
O3A TPP Q . 3.83 40.65 47.44
PB TPP Q . 4.81 41.74 46.74
O1B TPP Q . 6.15 41.08 46.60
O2B TPP Q . 4.89 42.99 47.60
O3B TPP Q . 4.27 42.18 45.41
HM21 TPP Q . -5.04 34.92 44.51
HM22 TPP Q . -5.71 34.42 42.94
HM23 TPP Q . -6.48 35.73 43.85
HN41 TPP Q . -0.72 36.97 41.05
HN42 TPP Q . -1.09 35.38 41.70
H6' TPP Q . -4.55 39.53 42.01
H7'1 TPP Q . -2.62 39.99 40.75
H7'2 TPP Q . -1.72 38.66 40.02
H2 TPP Q . 0.88 38.76 40.67
HM41 TPP Q . -1.94 42.10 43.29
HM42 TPP Q . -2.99 40.78 42.71
HM43 TPP Q . -2.34 40.73 44.36
H61 TPP Q . 1.55 41.85 44.29
H62 TPP Q . -0.11 41.88 44.83
H71 TPP Q . 1.97 39.83 45.65
H72 TPP Q . 0.29 39.83 46.19
MN MN R . 3.99 43.47 49.44
C1 GOL S . -7.85 20.29 62.83
O1 GOL S . -7.23 19.07 62.53
C2 GOL S . -6.92 21.40 62.39
O2 GOL S . -7.07 21.61 61.00
C3 GOL S . -7.17 22.71 63.12
O3 GOL S . -6.03 23.51 62.95
H11 GOL S . -8.81 20.37 62.31
H12 GOL S . -8.04 20.36 63.90
HO1 GOL S . -7.78 18.33 62.86
H2 GOL S . -5.90 21.09 62.58
HO2 GOL S . -7.98 21.93 60.82
H31 GOL S . -8.05 23.21 62.72
H32 GOL S . -7.34 22.52 64.18
HO3 GOL S . -5.23 23.00 63.22
C FMT T . -26.06 22.50 55.31
O1 FMT T . -24.84 22.59 55.24
O2 FMT T . -26.69 21.74 54.59
H FMT T . -26.63 23.11 56.02
HO2 FMT T . -26.23 21.17 53.95
C FMT U . -0.93 39.12 36.29
O1 FMT U . -1.88 39.61 36.90
O2 FMT U . -0.96 38.92 35.09
H FMT U . -0.01 38.85 36.83
HO2 FMT U . -1.77 39.15 34.57
N1' TPP V . -19.72 27.02 54.23
C2' TPP V . -20.31 28.09 53.60
CM2 TPP V . -19.55 28.96 52.65
N3' TPP V . -21.63 28.37 53.87
C4' TPP V . -22.35 27.59 54.74
N4' TPP V . -23.64 27.91 54.94
C5' TPP V . -21.77 26.51 55.38
C6' TPP V . -20.43 26.23 55.11
C7' TPP V . -22.58 25.67 56.35
N3 TPP V . -22.88 26.40 57.57
C2 TPP V . -24.09 27.00 57.87
S1 TPP V . -24.13 27.73 59.28
C5 TPP V . -22.59 27.36 59.59
C4 TPP V . -22.00 26.60 58.59
CM4 TPP V . -20.58 26.13 58.64
C6 TPP V . -22.02 27.80 60.90
C7 TPP V . -21.76 29.30 61.01
O7 TPP V . -21.14 29.51 62.26
PA TPP V . -21.28 30.90 63.05
O1A TPP V . -20.93 32.04 62.13
O2A TPP V . -20.41 30.89 64.28
O3A TPP V . -22.85 31.04 63.36
PB TPP V . -23.68 30.18 64.44
O1B TPP V . -23.95 28.82 63.86
O2B TPP V . -24.98 30.91 64.68
O3B TPP V . -22.87 30.05 65.72
HM21 TPP V . -19.54 29.98 53.03
HM22 TPP V . -20.03 28.94 51.68
HM23 TPP V . -18.53 28.59 52.55
HN41 TPP V . -24.20 27.35 55.58
HN42 TPP V . -24.05 28.70 54.46
H6' TPP V . -19.95 25.38 55.60
H7'1 TPP V . -22.02 24.76 56.60
H7'2 TPP V . -23.51 25.36 55.87
H2 TPP V . -25.07 26.56 57.68
HM41 TPP V . -20.45 25.49 59.51
HM42 TPP V . -20.36 25.56 57.74
HM43 TPP V . -19.91 26.99 58.71
H61 TPP V . -22.71 27.51 61.70
H62 TPP V . -21.08 27.27 61.07
H71 TPP V . -22.69 29.85 60.94
H72 TPP V . -21.09 29.62 60.20
MN MN W . -20.99 30.81 66.30
C1 GOL X . -11.16 51.58 48.35
O1 GOL X . -12.05 52.06 47.37
C2 GOL X . -11.95 50.74 49.35
O2 GOL X . -12.56 49.65 48.70
C3 GOL X . -11.04 50.23 50.46
O3 GOL X . -11.85 49.93 51.58
H11 GOL X . -10.38 50.97 47.89
H12 GOL X . -10.68 52.40 48.87
HO1 GOL X . -11.55 52.65 46.76
H2 GOL X . -12.72 51.38 49.79
HO2 GOL X . -11.87 49.07 48.32
H31 GOL X . -10.52 49.34 50.14
H32 GOL X . -10.32 51.00 50.72
HO3 GOL X . -12.23 50.76 51.94
N1' TPP Y . 32.57 -11.65 -9.44
C2' TPP Y . 31.22 -11.62 -9.17
CM2 TPP Y . 30.26 -10.81 -9.98
N3' TPP Y . 30.72 -12.35 -8.11
C4' TPP Y . 31.54 -13.11 -7.32
N4' TPP Y . 30.99 -13.80 -6.33
C5' TPP Y . 32.92 -13.15 -7.58
C6' TPP Y . 33.41 -12.40 -8.66
C7' TPP Y . 33.87 -13.97 -6.73
N3 TPP Y . 34.00 -13.43 -5.38
C2 TPP Y . 33.30 -13.88 -4.28
S1 TPP Y . 33.64 -13.09 -2.91
C5 TPP Y . 34.69 -12.13 -3.68
C4 TPP Y . 34.82 -12.40 -5.04
CM4 TPP Y . 35.73 -11.67 -5.97
C6 TPP Y . 35.40 -11.10 -2.83
C7 TPP Y . 34.49 -9.97 -2.36
O7 TPP Y . 35.27 -8.96 -1.75
PA TPP Y . 34.65 -7.99 -0.62
O1A TPP Y . 33.40 -7.34 -1.13
O2A TPP Y . 35.66 -6.94 -0.21
O3A TPP Y . 34.23 -9.01 0.55
PB TPP Y . 35.21 -9.82 1.54
O1B TPP Y . 35.72 -11.04 0.82
O2B TPP Y . 34.38 -10.19 2.75
O3B TPP Y . 36.35 -8.91 1.97
HM21 TPP Y . 29.77 -10.07 -9.36
HM22 TPP Y . 29.51 -11.47 -10.42
HM23 TPP Y . 30.80 -10.30 -10.78
HN41 TPP Y . 31.58 -14.38 -5.74
HN42 TPP Y . 29.99 -13.76 -6.16
H6' TPP Y . 34.48 -12.43 -8.88
H7'1 TPP Y . 34.84 -13.99 -7.21
H7'2 TPP Y . 33.50 -14.99 -6.67
H2 TPP Y . 33.10 -14.92 -4.02
HM41 TPP Y . 36.76 -11.77 -5.64
HM42 TPP Y . 35.64 -12.08 -6.98
HM43 TPP Y . 35.45 -10.61 -5.99
H61 TPP Y . 35.83 -11.60 -1.96
H62 TPP Y . 36.23 -10.68 -3.40
H71 TPP Y . 33.76 -10.36 -1.65
H72 TPP Y . 33.94 -9.57 -3.21
MN MN Z . 36.86 -6.93 1.57
C1 GOL AA . 14.33 7.81 -9.89
O1 GOL AA . 13.07 7.17 -9.94
C2 GOL AA . 15.24 7.00 -8.99
O2 GOL AA . 15.45 5.70 -9.50
C3 GOL AA . 16.57 7.70 -8.81
O3 GOL AA . 17.09 7.27 -7.58
H11 GOL AA . 14.75 7.87 -10.89
H12 GOL AA . 14.22 8.83 -9.50
HO1 GOL AA . 12.45 7.73 -10.47
H2 GOL AA . 14.77 6.93 -8.01
HO2 GOL AA . 15.91 5.75 -10.36
H31 GOL AA . 17.25 7.44 -9.63
H32 GOL AA . 16.43 8.78 -8.81
HO3 GOL AA . 16.55 7.65 -6.85
C FMT BA . 18.84 4.52 -28.99
O1 FMT BA . 19.15 4.09 -27.87
O2 FMT BA . 18.70 3.80 -29.97
H FMT BA . 18.67 5.59 -29.12
HO2 FMT BA . 18.85 2.83 -29.89
C FMT CA . 34.13 -18.75 -6.51
O1 FMT CA . 34.67 -17.89 -7.21
O2 FMT CA . 33.95 -19.89 -6.91
H FMT CA . 33.81 -18.49 -5.50
HO2 FMT CA . 34.23 -20.14 -7.80
N1' TPP DA . 22.96 2.25 -22.48
C2' TPP DA . 24.16 1.86 -23.03
CM2 TPP DA . 25.03 0.84 -22.39
N3' TPP DA . 24.58 2.42 -24.21
C4' TPP DA . 23.82 3.36 -24.85
N4' TPP DA . 24.28 3.86 -26.00
C5' TPP DA . 22.61 3.77 -24.30
C6' TPP DA . 22.19 3.20 -23.10
C7' TPP DA . 21.78 4.83 -24.99
N3 TPP DA . 22.44 6.13 -24.90
C2 TPP DA . 23.17 6.69 -25.92
S1 TPP DA . 23.79 8.14 -25.55
C5 TPP DA . 23.16 8.10 -24.08
C4 TPP DA . 22.42 6.94 -23.82
CM4 TPP DA . 21.73 6.66 -22.51
C6 TPP DA . 23.41 9.29 -23.18
C7 TPP DA . 24.84 9.42 -22.68
O7 TPP DA . 24.91 10.55 -21.81
PA TPP DA . 26.28 11.38 -21.61
O1A TPP DA . 27.39 10.42 -21.33
O2A TPP DA . 26.09 12.32 -20.47
O3A TPP DA . 26.56 12.08 -23.05
PB TPP DA . 25.72 13.28 -23.72
O1B TPP DA . 26.62 13.79 -24.81
O2B TPP DA . 25.47 14.35 -22.68
O3B TPP DA . 24.42 12.79 -24.29
HM21 TPP DA . 26.00 1.27 -22.15
HM22 TPP DA . 25.17 -0.01 -23.06
HM23 TPP DA . 24.57 0.48 -21.47
HN41 TPP DA . 23.76 4.56 -26.50
HN42 TPP DA . 25.18 3.54 -26.37
H6' TPP DA . 21.24 3.52 -22.66
H7'1 TPP DA . 20.80 4.88 -24.53
H7'2 TPP DA . 21.64 4.56 -26.04
H2 TPP DA . 22.90 6.71 -26.98
HM41 TPP DA . 21.00 7.44 -22.31
HM42 TPP DA . 21.22 5.69 -22.57
HM43 TPP DA . 22.47 6.63 -21.71
H61 TPP DA . 23.15 10.20 -23.72
H62 TPP DA . 22.75 9.23 -22.31
H71 TPP DA . 25.53 9.55 -23.52
H72 TPP DA . 25.14 8.51 -22.14
MN MN EA . 25.86 14.46 -20.62
C1 GOL FA . 46.73 -4.23 -12.18
O1 GOL FA . 47.24 -5.08 -13.17
C2 GOL FA . 45.95 -3.12 -12.87
O2 GOL FA . 44.96 -3.65 -13.73
C3 GOL FA . 45.31 -2.22 -11.81
O3 GOL FA . 45.16 -0.95 -12.40
H11 GOL FA . 46.08 -4.77 -11.50
H12 GOL FA . 47.56 -3.79 -11.61
HO1 GOL FA . 47.81 -5.76 -12.75
H2 GOL FA . 46.65 -2.51 -13.45
HO2 GOL FA . 44.32 -4.17 -13.21
H31 GOL FA . 44.34 -2.62 -11.51
H32 GOL FA . 45.96 -2.16 -10.93
HO3 GOL FA . 46.05 -0.56 -12.54
N1' TPP GA . 4.78 -33.68 -45.86
C2' TPP GA . 4.50 -34.22 -44.61
CM2 TPP GA . 5.52 -35.01 -43.83
N3' TPP GA . 3.28 -34.00 -44.04
C4' TPP GA . 2.31 -33.28 -44.70
N4' TPP GA . 1.13 -33.08 -44.10
C5' TPP GA . 2.56 -32.75 -45.96
C6' TPP GA . 3.81 -32.96 -46.53
C7' TPP GA . 1.50 -31.97 -46.70
N3 TPP GA . 0.39 -32.80 -47.13
C2 TPP GA . -0.84 -32.88 -46.49
S1 TPP GA . -1.87 -33.89 -47.20
C5 TPP GA . -0.81 -34.27 -48.35
C4 TPP GA . 0.40 -33.61 -48.22
CM4 TPP GA . 1.55 -33.78 -49.17
C6 TPP GA . -1.27 -35.25 -49.42
C7 TPP GA . -1.40 -36.69 -48.92
O7 TPP GA . -1.74 -37.54 -50.01
PA TPP GA . -2.59 -38.91 -49.79
O1A TPP GA . -2.62 -39.70 -51.09
O2A TPP GA . -1.93 -39.68 -48.69
O3A TPP GA . -4.02 -38.46 -49.25
PB TPP GA . -5.15 -37.64 -50.05
O1B TPP GA . -5.29 -38.25 -51.43
O2B TPP GA . -6.40 -37.82 -49.24
O3B TPP GA . -4.75 -36.19 -50.20
HM21 TPP GA . 5.12 -36.00 -43.65
HM22 TPP GA . 5.72 -34.52 -42.90
HM23 TPP GA . 6.43 -35.09 -44.42
HN41 TPP GA . 0.41 -32.55 -44.58
HN42 TPP GA . 0.95 -33.48 -43.19
H6' TPP GA . 4.02 -32.57 -47.52
H7'1 TPP GA . 1.94 -31.49 -47.57
H7'2 TPP GA . 1.12 -31.17 -46.05
H2 TPP GA . -1.41 -32.04 -46.08
HM41 TPP GA . 1.24 -33.50 -50.18
HM42 TPP GA . 2.38 -33.15 -48.86
HM43 TPP GA . 1.86 -34.83 -49.18
H61 TPP GA . -2.24 -34.92 -49.80
H62 TPP GA . -0.57 -35.21 -50.25
H71 TPP GA . -2.16 -36.75 -48.15
H72 TPP GA . -0.44 -37.01 -48.49
MN MN HA . -4.30 -39.83 -52.37
C1 GOL IA . 9.63 -56.90 -33.54
O1 GOL IA . 10.25 -56.51 -32.33
C2 GOL IA . 10.01 -55.89 -34.61
O2 GOL IA . 9.47 -54.64 -34.25
C3 GOL IA . 9.59 -56.33 -36.01
O3 GOL IA . 8.18 -56.29 -36.19
H11 GOL IA . 8.55 -56.93 -33.41
H12 GOL IA . 9.97 -57.90 -33.82
HO1 GOL IA . 9.98 -57.11 -31.62
H2 GOL IA . 11.10 -55.82 -34.61
HO2 GOL IA . 9.76 -53.97 -34.89
H31 GOL IA . 10.06 -55.68 -36.75
H32 GOL IA . 9.94 -57.34 -36.20
HO3 GOL IA . 7.97 -55.76 -36.99
C FMT JA . 27.81 -47.34 -35.13
O1 FMT JA . 26.62 -47.20 -35.36
O2 FMT JA . 28.44 -46.53 -34.45
H FMT JA . 28.36 -48.20 -35.52
HO2 FMT JA . 27.99 -45.75 -34.08
C FMT KA . -0.05 -27.39 -45.93
O1 FMT KA . 0.95 -27.92 -46.39
O2 FMT KA . -0.01 -26.28 -45.40
H FMT KA . -1.01 -27.88 -45.99
HO2 FMT KA . 0.85 -25.80 -45.32
N1' TPP LA . 21.06 -45.80 -38.97
C2' TPP LA . 21.45 -44.98 -40.01
CM2 TPP LA . 20.54 -43.95 -40.61
N3' TPP LA . 22.73 -45.08 -40.49
C4' TPP LA . 23.61 -45.99 -39.98
N4' TPP LA . 24.84 -46.04 -40.50
C5' TPP LA . 23.22 -46.85 -38.94
C6' TPP LA . 21.92 -46.73 -38.44
C7' TPP LA . 24.19 -47.86 -38.38
N3 TPP LA . 24.51 -48.88 -39.37
C2 TPP LA . 25.68 -48.95 -40.08
S1 TPP LA . 25.75 -50.18 -41.10
C5 TPP LA . 24.28 -50.68 -40.70
C4 TPP LA . 23.68 -49.89 -39.72
CM4 TPP LA . 22.31 -50.13 -39.15
C6 TPP LA . 23.76 -51.93 -41.38
C7 TPP LA . 23.34 -51.76 -42.83
O7 TPP LA . 22.80 -53.01 -43.27
PA TPP LA . 22.89 -53.46 -44.82
O1A TPP LA . 22.12 -54.74 -44.99
O2A TPP LA . 22.39 -52.39 -45.75
O3A TPP LA . 24.48 -53.62 -45.07
PB TPP LA . 25.44 -54.82 -44.59
O1B TPP LA . 26.64 -54.73 -45.47
O2B TPP LA . 24.77 -56.17 -44.71
O3B TPP LA . 25.83 -54.59 -43.14
HM21 TPP LA . 20.41 -44.16 -41.67
HM22 TPP LA . 20.97 -42.96 -40.47
HM23 TPP LA . 19.57 -43.99 -40.12
HN41 TPP LA . 25.52 -46.71 -40.13
HN42 TPP LA . 25.10 -45.41 -41.25
H6' TPP LA . 21.60 -47.37 -37.62
H7'1 TPP LA . 23.75 -48.33 -37.50
H7'2 TPP LA . 25.10 -47.36 -38.06
H2 TPP LA . 26.69 -48.78 -39.68
HM41 TPP LA . 22.28 -51.12 -38.68
HM42 TPP LA . 22.10 -49.36 -38.40
HM43 TPP LA . 21.57 -50.08 -39.94
H61 TPP LA . 24.54 -52.69 -41.34
H62 TPP LA . 22.91 -52.31 -40.81
H71 TPP LA . 24.19 -51.48 -43.44
H72 TPP LA . 22.57 -50.98 -42.91
MN MN MA . 22.85 -56.69 -45.40
C1 GOL NA . 9.90 -35.78 -61.18
O1 GOL NA . 10.67 -34.62 -61.46
C2 GOL NA . 10.81 -36.88 -60.68
O2 GOL NA . 11.51 -36.47 -59.52
C3 GOL NA . 10.00 -38.14 -60.37
O3 GOL NA . 10.87 -39.24 -60.39
H11 GOL NA . 9.16 -35.55 -60.41
H12 GOL NA . 9.39 -36.10 -62.08
HO1 GOL NA . 10.08 -33.93 -61.84
H2 GOL NA . 11.54 -37.12 -61.46
HO2 GOL NA . 10.86 -36.29 -58.80
H31 GOL NA . 9.53 -38.05 -59.40
H32 GOL NA . 9.22 -38.26 -61.12
HO3 GOL NA . 11.37 -39.25 -61.24
#